data_9FXL
#
_entry.id   9FXL
#
_cell.length_a   1.00
_cell.length_b   1.00
_cell.length_c   1.00
_cell.angle_alpha   90.00
_cell.angle_beta   90.00
_cell.angle_gamma   90.00
#
_symmetry.space_group_name_H-M   'P 1'
#
loop_
_entity.id
_entity.type
_entity.pdbx_description
1 polymer 'Transient receptor potential cation channel subfamily c member 4a'
2 non-polymer (E)-7-(4-chlorobenzyl)-1-(3-hydroxypropyl)-3-methyl-8-(4-(phenyldiazenyl)-3-(trifluoromethoxy)phenoxy)-3,7-dihydro-1H-purine-2,6-dione
#
_entity_poly.entity_id   1
_entity_poly.type   'polypeptide(L)'
_entity_poly.pdbx_seq_one_letter_code
;MGHHHHHHHHGGSENLYFQGGSQLYFRRTDNSSYRDRIPLRIVRAESELSTQEKSYLSAVEKGDYASVKLALEEAEIYFK
ININCIDPLGRTALLIAIENENLEIIELLLSFNVYVGDALLHAIRKEVVGAVELLLNHKKPSGEKQVPPILLDKQFSDFT
PDITPIILAAHTNNYEIIKMLVQKGVSVPQPHEVRCNCVECVSSSDVDSLRHSRSRLNIYKALASPSLIALSSEDPFLTA
FQLSWELQELSKVENEFKAEYEELSHQCKHFAKDLLDQTRSSRELELILNFRDDMNLLQDEANNELARLKLAIKYRQKEF
VAQPNCQQLLASRWYDEFPGWRRRHWAGKLITCVFIGLMFPLLSLCYLVAPKSRYGLFIRKPFIKFICHTASYLTFLFLL
LLASQHIVSNNPDRQGPKPTTVEWMILPWVLGFIWTEIKQMWDGGFQDYIHDWWNLMDFVMNSLYLATISLKIVAYVKYS
GCKPRDTWEMWHPTLVAEAVFAIANIFSSLRLISLFTANSHLGPLQISLGRMLLDILKFLFIYCLVLLAFANGLNQLYFY
YENSEGMTCKGIRCERQNNAFSTLFETLQSLFWSIFGLISLYVTNVKADHKFTEFVGATMFGTYNVISLVVLLNMLIAMM
NNSYQHIADHADIEWKFARTKLWMSYFEEGGTLPPPFNIIPSPKSICYLITWIKVHVFKRRSKRTETFGTLGRRAAENVR
LNHQYQEVLRNLVKRYVAAMIRDAKTEEGLTEENFKELKQDISSFRYEVIGMMKGNRKSTRANKSDTSASDVSHPEGSLQ
YSSALKQNSKLHLYDVTTALQQQNSEEAKASLGCLANGSAVVLTEPILKDKARSDFPKDFTDFGLFPKKQNPNKIYSLAE
EATESDPDILDWGKEDKPLAGKVEQDVNESKCLMEEDERVLEEQEMEHIASSHEHLEVLFQ
;
_entity_poly.pdbx_strand_id   A,B,C,D
#
# COMPACT_ATOMS: atom_id res chain seq x y z
N PRO A 39 -18.56 16.70 -41.00
CA PRO A 39 -17.12 16.78 -41.22
C PRO A 39 -16.66 15.89 -42.36
N LEU A 40 -16.15 16.50 -43.44
CA LEU A 40 -15.63 15.78 -44.59
C LEU A 40 -14.12 15.69 -44.46
N ARG A 41 -13.60 14.47 -44.47
CA ARG A 41 -12.19 14.20 -44.23
C ARG A 41 -11.53 13.63 -45.48
N ILE A 42 -10.28 14.02 -45.71
CA ILE A 42 -9.48 13.58 -46.84
C ILE A 42 -8.13 13.09 -46.33
N VAL A 43 -7.26 12.72 -47.26
CA VAL A 43 -5.91 12.26 -46.94
C VAL A 43 -4.95 13.43 -47.12
N ARG A 44 -4.13 13.69 -46.10
CA ARG A 44 -3.23 14.83 -46.10
C ARG A 44 -1.86 14.39 -46.60
N ALA A 45 -1.64 14.59 -47.90
CA ALA A 45 -0.33 14.44 -48.54
C ALA A 45 0.23 13.03 -48.37
N GLU A 46 -0.48 12.05 -48.93
CA GLU A 46 0.02 10.69 -49.01
C GLU A 46 -0.28 10.13 -50.40
N SER A 47 0.63 9.28 -50.88
CA SER A 47 0.60 8.81 -52.26
C SER A 47 0.12 7.37 -52.34
N GLU A 48 -0.10 6.92 -53.57
CA GLU A 48 -0.52 5.56 -53.87
C GLU A 48 0.65 4.80 -54.51
N LEU A 49 0.70 3.49 -54.24
CA LEU A 49 1.87 2.71 -54.67
C LEU A 49 1.79 2.29 -56.13
N SER A 50 0.87 1.37 -56.43
CA SER A 50 0.72 0.81 -57.78
C SER A 50 -0.41 -0.22 -57.80
N THR A 51 -0.63 -0.81 -58.97
CA THR A 51 -1.46 -2.01 -59.08
C THR A 51 -0.63 -3.27 -59.30
N GLN A 52 0.52 -3.16 -59.98
CA GLN A 52 1.36 -4.32 -60.26
C GLN A 52 2.17 -4.73 -59.03
N GLU A 53 2.68 -3.76 -58.26
CA GLU A 53 3.57 -4.06 -57.14
C GLU A 53 2.85 -4.70 -55.96
N LYS A 54 1.52 -4.66 -55.93
CA LYS A 54 0.79 -5.30 -54.83
C LYS A 54 1.04 -6.80 -54.82
N SER A 55 1.00 -7.43 -55.99
CA SER A 55 1.26 -8.86 -56.07
C SER A 55 2.68 -9.19 -55.64
N TYR A 56 3.64 -8.37 -56.06
CA TYR A 56 5.04 -8.59 -55.67
C TYR A 56 5.20 -8.50 -54.15
N LEU A 57 4.62 -7.47 -53.55
CA LEU A 57 4.75 -7.29 -52.11
C LEU A 57 4.05 -8.40 -51.34
N SER A 58 2.87 -8.82 -51.81
CA SER A 58 2.16 -9.91 -51.15
C SER A 58 2.91 -11.23 -51.29
N ALA A 59 3.57 -11.45 -52.43
CA ALA A 59 4.38 -12.66 -52.59
C ALA A 59 5.59 -12.63 -51.67
N VAL A 60 6.23 -11.47 -51.52
CA VAL A 60 7.34 -11.34 -50.58
C VAL A 60 6.87 -11.61 -49.15
N GLU A 61 5.68 -11.13 -48.81
CA GLU A 61 5.13 -11.34 -47.47
C GLU A 61 4.85 -12.83 -47.25
N LYS A 62 3.94 -13.41 -48.04
CA LYS A 62 3.48 -14.77 -47.82
C LYS A 62 4.60 -15.81 -47.96
N GLY A 63 5.69 -15.47 -48.64
CA GLY A 63 6.82 -16.36 -48.71
C GLY A 63 6.86 -17.28 -49.92
N ASP A 64 6.06 -17.01 -50.94
CA ASP A 64 6.10 -17.82 -52.16
C ASP A 64 7.43 -17.60 -52.86
N TYR A 65 8.30 -18.61 -52.78
CA TYR A 65 9.65 -18.49 -53.35
C TYR A 65 9.59 -18.31 -54.86
N ALA A 66 8.70 -19.04 -55.54
CA ALA A 66 8.66 -19.01 -57.00
C ALA A 66 8.15 -17.66 -57.51
N SER A 67 7.12 -17.10 -56.88
CA SER A 67 6.52 -15.87 -57.39
C SER A 67 7.48 -14.69 -57.25
N VAL A 68 8.17 -14.57 -56.11
CA VAL A 68 9.10 -13.47 -55.92
C VAL A 68 10.26 -13.56 -56.90
N LYS A 69 10.79 -14.77 -57.10
CA LYS A 69 11.87 -14.95 -58.06
C LYS A 69 11.42 -14.63 -59.48
N LEU A 70 10.23 -15.10 -59.86
CA LEU A 70 9.73 -14.84 -61.21
C LEU A 70 9.49 -13.36 -61.44
N ALA A 71 8.91 -12.67 -60.46
CA ALA A 71 8.69 -11.24 -60.59
C ALA A 71 10.00 -10.46 -60.65
N LEU A 72 11.06 -11.01 -60.08
CA LEU A 72 12.37 -10.38 -60.11
C LEU A 72 13.13 -10.65 -61.40
N GLU A 73 12.69 -11.61 -62.23
CA GLU A 73 13.41 -11.92 -63.45
C GLU A 73 13.43 -10.75 -64.42
N GLU A 74 12.43 -9.87 -64.34
CA GLU A 74 12.39 -8.67 -65.18
C GLU A 74 13.36 -7.64 -64.63
N ALA A 75 14.65 -7.96 -64.74
CA ALA A 75 15.72 -7.12 -64.24
C ALA A 75 16.09 -6.08 -65.30
N GLU A 76 17.19 -5.37 -65.07
CA GLU A 76 17.68 -4.30 -65.95
C GLU A 76 16.57 -3.26 -66.06
N ILE A 77 15.96 -3.06 -67.22
CA ILE A 77 14.83 -2.14 -67.33
C ILE A 77 13.63 -2.75 -66.61
N TYR A 78 13.07 -2.01 -65.67
CA TYR A 78 11.97 -2.54 -64.86
C TYR A 78 10.68 -2.62 -65.67
N PHE A 79 9.78 -3.50 -65.23
CA PHE A 79 8.46 -3.62 -65.83
C PHE A 79 7.50 -2.62 -65.18
N LYS A 80 7.89 -1.34 -65.31
CA LYS A 80 7.13 -0.21 -64.75
C LYS A 80 6.87 -0.40 -63.26
N ILE A 81 7.81 -1.07 -62.58
CA ILE A 81 7.68 -1.36 -61.16
C ILE A 81 8.97 -0.95 -60.44
N ASN A 82 8.87 -0.85 -59.13
CA ASN A 82 9.99 -0.47 -58.28
C ASN A 82 10.35 -1.64 -57.37
N ILE A 83 11.57 -2.17 -57.52
CA ILE A 83 12.04 -3.20 -56.60
C ILE A 83 12.24 -2.63 -55.21
N ASN A 84 12.68 -1.38 -55.12
CA ASN A 84 12.87 -0.69 -53.84
C ASN A 84 11.64 0.10 -53.41
N CYS A 85 10.46 -0.31 -53.84
CA CYS A 85 9.24 0.44 -53.54
C CYS A 85 8.91 0.36 -52.05
N ILE A 86 8.33 1.45 -51.55
CA ILE A 86 7.95 1.55 -50.15
C ILE A 86 6.63 0.81 -49.93
N ASP A 87 6.26 0.63 -48.67
CA ASP A 87 5.02 0.01 -48.23
C ASP A 87 4.14 1.07 -47.57
N PRO A 88 2.80 0.99 -47.71
CA PRO A 88 1.92 1.96 -47.05
C PRO A 88 2.16 2.13 -45.55
N LEU A 89 2.91 1.22 -44.95
CA LEU A 89 3.37 1.37 -43.57
C LEU A 89 4.84 1.77 -43.49
N GLY A 90 5.44 2.16 -44.61
CA GLY A 90 6.82 2.60 -44.64
C GLY A 90 7.85 1.50 -44.86
N ARG A 91 7.43 0.25 -44.97
CA ARG A 91 8.36 -0.85 -45.09
C ARG A 91 8.85 -1.00 -46.53
N THR A 92 9.80 -1.91 -46.72
CA THR A 92 10.38 -2.23 -48.01
C THR A 92 10.42 -3.74 -48.16
N ALA A 93 10.48 -4.20 -49.41
CA ALA A 93 10.51 -5.64 -49.68
C ALA A 93 11.63 -6.33 -48.93
N LEU A 94 12.81 -5.72 -48.88
CA LEU A 94 13.90 -6.27 -48.08
C LEU A 94 13.55 -6.26 -46.59
N LEU A 95 12.92 -5.19 -46.12
N LEU A 95 12.92 -5.19 -46.12
CA LEU A 95 12.57 -5.08 -44.70
CA LEU A 95 12.57 -5.09 -44.71
C LEU A 95 11.38 -5.96 -44.32
C LEU A 95 11.44 -6.04 -44.32
N ILE A 96 10.63 -6.47 -45.29
CA ILE A 96 9.56 -7.41 -44.98
C ILE A 96 10.10 -8.83 -44.84
N ALA A 97 11.08 -9.21 -45.68
CA ALA A 97 11.72 -10.50 -45.52
C ALA A 97 12.45 -10.60 -44.20
N ILE A 98 13.07 -9.49 -43.76
CA ILE A 98 13.77 -9.48 -42.48
C ILE A 98 12.78 -9.69 -41.33
N GLU A 99 11.56 -9.15 -41.47
CA GLU A 99 10.57 -9.26 -40.40
C GLU A 99 10.28 -10.72 -40.05
N ASN A 100 10.10 -11.56 -41.07
CA ASN A 100 9.92 -12.99 -40.87
C ASN A 100 11.21 -13.77 -41.00
N GLU A 101 12.34 -13.08 -41.21
CA GLU A 101 13.67 -13.67 -41.39
C GLU A 101 13.63 -14.94 -42.25
N ASN A 102 13.16 -14.75 -43.48
CA ASN A 102 13.22 -15.80 -44.50
C ASN A 102 14.55 -15.64 -45.23
N LEU A 103 15.56 -16.38 -44.76
CA LEU A 103 16.93 -16.16 -45.21
C LEU A 103 17.09 -16.41 -46.72
N GLU A 104 16.41 -17.45 -47.23
CA GLU A 104 16.50 -17.74 -48.65
C GLU A 104 15.96 -16.59 -49.48
N ILE A 105 14.81 -16.04 -49.10
CA ILE A 105 14.26 -14.89 -49.82
C ILE A 105 15.14 -13.67 -49.63
N ILE A 106 15.74 -13.52 -48.44
CA ILE A 106 16.64 -12.40 -48.19
C ILE A 106 17.81 -12.44 -49.16
N GLU A 107 18.44 -13.60 -49.31
CA GLU A 107 19.56 -13.71 -50.24
C GLU A 107 19.10 -13.63 -51.69
N LEU A 108 17.87 -14.04 -51.98
CA LEU A 108 17.33 -13.88 -53.33
C LEU A 108 17.23 -12.41 -53.70
N LEU A 109 16.66 -11.60 -52.81
CA LEU A 109 16.60 -10.16 -53.06
C LEU A 109 17.98 -9.54 -53.09
N LEU A 110 18.87 -9.97 -52.19
CA LEU A 110 20.20 -9.38 -52.14
C LEU A 110 21.02 -9.68 -53.39
N SER A 111 20.80 -10.85 -54.00
CA SER A 111 21.51 -11.20 -55.21
C SER A 111 21.14 -10.32 -56.40
N PHE A 112 19.98 -9.66 -56.35
CA PHE A 112 19.53 -8.77 -57.41
C PHE A 112 19.91 -7.32 -57.16
N ASN A 113 20.82 -7.06 -56.21
CA ASN A 113 21.33 -5.73 -55.92
C ASN A 113 20.21 -4.79 -55.48
N VAL A 114 19.39 -5.26 -54.54
CA VAL A 114 18.38 -4.40 -53.93
C VAL A 114 19.06 -3.47 -52.94
N TYR A 115 18.75 -2.18 -53.05
CA TYR A 115 19.36 -1.18 -52.18
C TYR A 115 18.95 -1.45 -50.72
N VAL A 116 19.95 -1.52 -49.84
CA VAL A 116 19.70 -1.88 -48.45
C VAL A 116 19.50 -0.65 -47.57
N GLY A 117 20.40 0.32 -47.65
CA GLY A 117 20.26 1.55 -46.89
C GLY A 117 20.59 1.40 -45.42
N ASP A 118 19.70 0.75 -44.67
CA ASP A 118 19.90 0.57 -43.24
C ASP A 118 19.42 -0.80 -42.73
N ALA A 119 19.27 -1.78 -43.63
CA ALA A 119 18.70 -3.07 -43.25
C ALA A 119 19.54 -3.78 -42.19
N LEU A 120 20.85 -3.48 -42.14
CA LEU A 120 21.68 -4.07 -41.10
C LEU A 120 21.24 -3.64 -39.72
N LEU A 121 20.90 -2.36 -39.56
CA LEU A 121 20.44 -1.87 -38.27
C LEU A 121 19.10 -2.50 -37.88
N HIS A 122 18.19 -2.66 -38.86
CA HIS A 122 16.92 -3.31 -38.57
C HIS A 122 17.12 -4.77 -38.16
N ALA A 123 18.02 -5.48 -38.85
CA ALA A 123 18.30 -6.86 -38.49
C ALA A 123 18.90 -6.95 -37.09
N ILE A 124 19.80 -6.02 -36.75
CA ILE A 124 20.40 -6.00 -35.42
C ILE A 124 19.32 -5.74 -34.37
N ARG A 125 18.41 -4.80 -34.64
CA ARG A 125 17.33 -4.52 -33.70
C ARG A 125 16.42 -5.72 -33.51
N LYS A 126 16.15 -6.46 -34.59
CA LYS A 126 15.26 -7.62 -34.51
C LYS A 126 15.91 -8.84 -33.88
N GLU A 127 17.20 -8.75 -33.51
CA GLU A 127 17.91 -9.83 -32.82
C GLU A 127 17.91 -11.12 -33.64
N VAL A 128 18.11 -10.99 -34.94
CA VAL A 128 18.33 -12.13 -35.82
C VAL A 128 19.82 -12.22 -36.13
N VAL A 129 20.28 -13.42 -36.45
CA VAL A 129 21.70 -13.68 -36.66
C VAL A 129 22.02 -13.95 -38.13
N GLY A 130 21.17 -14.72 -38.81
CA GLY A 130 21.43 -15.04 -40.20
C GLY A 130 21.46 -13.83 -41.10
N ALA A 131 20.51 -12.90 -40.89
CA ALA A 131 20.48 -11.69 -41.70
C ALA A 131 21.72 -10.83 -41.45
N VAL A 132 22.14 -10.73 -40.19
CA VAL A 132 23.34 -9.96 -39.89
C VAL A 132 24.57 -10.59 -40.55
N GLU A 133 24.66 -11.92 -40.51
CA GLU A 133 25.77 -12.60 -41.17
C GLU A 133 25.74 -12.36 -42.67
N LEU A 134 24.55 -12.40 -43.29
CA LEU A 134 24.45 -12.19 -44.73
C LEU A 134 24.82 -10.76 -45.11
N LEU A 135 24.35 -9.77 -44.34
CA LEU A 135 24.58 -8.38 -44.70
C LEU A 135 25.94 -7.85 -44.23
N LEU A 136 26.65 -8.58 -43.39
CA LEU A 136 27.94 -8.10 -42.92
C LEU A 136 28.99 -8.20 -44.03
N ASN A 137 29.17 -9.38 -44.61
CA ASN A 137 30.13 -9.59 -45.69
C ASN A 137 29.45 -9.34 -47.02
N HIS A 138 29.39 -8.06 -47.40
CA HIS A 138 28.82 -7.66 -48.68
C HIS A 138 29.43 -6.33 -49.11
N GLN A 155 15.00 11.30 -48.20
CA GLN A 155 15.85 10.71 -47.18
C GLN A 155 15.11 10.64 -45.83
N PHE A 156 14.58 9.47 -45.52
CA PHE A 156 13.90 9.23 -44.24
C PHE A 156 14.49 7.99 -43.59
N SER A 157 14.86 8.10 -42.33
CA SER A 157 15.38 6.98 -41.54
C SER A 157 14.69 6.96 -40.19
N ASP A 158 14.35 5.76 -39.73
CA ASP A 158 13.72 5.58 -38.43
C ASP A 158 14.75 5.41 -37.31
N PHE A 159 15.98 5.87 -37.53
CA PHE A 159 17.06 5.76 -36.56
C PHE A 159 17.70 7.12 -36.37
N THR A 160 18.06 7.43 -35.13
CA THR A 160 18.76 8.67 -34.84
C THR A 160 20.11 8.68 -35.55
N PRO A 161 20.49 9.77 -36.21
CA PRO A 161 21.72 9.79 -37.01
C PRO A 161 23.01 9.59 -36.22
N ASP A 162 22.94 9.46 -34.90
CA ASP A 162 24.13 9.23 -34.08
C ASP A 162 24.26 7.78 -33.63
N ILE A 163 23.49 6.87 -34.21
CA ILE A 163 23.50 5.46 -33.83
C ILE A 163 24.28 4.67 -34.86
N THR A 164 25.26 3.92 -34.40
CA THR A 164 26.05 3.00 -35.20
C THR A 164 25.64 1.56 -34.90
N PRO A 165 25.95 0.61 -35.79
CA PRO A 165 25.54 -0.78 -35.53
C PRO A 165 26.07 -1.35 -34.22
N ILE A 166 27.30 -0.98 -33.83
CA ILE A 166 27.85 -1.50 -32.58
C ILE A 166 27.07 -0.97 -31.38
N ILE A 167 26.73 0.31 -31.38
CA ILE A 167 26.00 0.90 -30.26
C ILE A 167 24.63 0.26 -30.11
N LEU A 168 23.92 0.12 -31.22
CA LEU A 168 22.59 -0.48 -31.17
C LEU A 168 22.66 -1.96 -30.78
N ALA A 169 23.69 -2.67 -31.26
CA ALA A 169 23.86 -4.07 -30.87
C ALA A 169 24.12 -4.19 -29.37
N ALA A 170 24.96 -3.30 -28.82
CA ALA A 170 25.18 -3.30 -27.38
C ALA A 170 23.91 -2.95 -26.61
N HIS A 171 23.08 -2.07 -27.18
CA HIS A 171 21.78 -1.80 -26.57
C HIS A 171 20.91 -3.05 -26.54
N THR A 172 20.92 -3.83 -27.62
CA THR A 172 20.11 -5.04 -27.67
C THR A 172 20.62 -6.11 -26.70
N ASN A 173 21.92 -6.07 -26.37
CA ASN A 173 22.52 -7.00 -25.42
C ASN A 173 22.44 -8.44 -25.92
N ASN A 174 22.98 -8.66 -27.12
CA ASN A 174 23.05 -9.97 -27.75
C ASN A 174 24.52 -10.39 -27.81
N TYR A 175 24.83 -11.55 -27.23
CA TYR A 175 26.22 -11.97 -27.13
C TYR A 175 26.79 -12.38 -28.48
N GLU A 176 26.01 -13.09 -29.29
CA GLU A 176 26.51 -13.57 -30.57
C GLU A 176 26.74 -12.41 -31.55
N ILE A 177 25.79 -11.49 -31.64
CA ILE A 177 25.90 -10.38 -32.58
C ILE A 177 27.06 -9.48 -32.20
N ILE A 178 27.21 -9.18 -30.90
CA ILE A 178 28.32 -8.35 -30.46
C ILE A 178 29.65 -9.02 -30.74
N LYS A 179 29.72 -10.35 -30.52
CA LYS A 179 30.95 -11.08 -30.81
C LYS A 179 31.30 -10.99 -32.29
N MET A 180 30.33 -11.25 -33.17
CA MET A 180 30.60 -11.24 -34.60
C MET A 180 30.85 -9.83 -35.13
N LEU A 181 30.40 -8.80 -34.40
CA LEU A 181 30.72 -7.43 -34.82
C LEU A 181 32.10 -7.00 -34.36
N VAL A 182 32.48 -7.35 -33.12
CA VAL A 182 33.80 -7.00 -32.63
C VAL A 182 34.88 -7.80 -33.35
N GLN A 183 34.56 -9.01 -33.81
CA GLN A 183 35.55 -9.80 -34.53
C GLN A 183 36.03 -9.09 -35.79
N LYS A 184 35.11 -8.46 -36.53
CA LYS A 184 35.50 -7.71 -37.72
C LYS A 184 36.31 -6.47 -37.36
N GLY A 185 36.02 -5.84 -36.23
CA GLY A 185 36.75 -4.66 -35.80
C GLY A 185 35.90 -3.40 -35.81
N VAL A 186 35.45 -2.98 -34.63
CA VAL A 186 34.63 -1.80 -34.46
C VAL A 186 35.21 -0.94 -33.34
N SER A 187 34.54 0.17 -33.05
CA SER A 187 34.97 1.06 -31.99
C SER A 187 33.78 1.87 -31.51
N VAL A 188 33.93 2.46 -30.33
CA VAL A 188 32.91 3.30 -29.71
C VAL A 188 33.55 4.63 -29.34
N PRO A 189 32.96 5.76 -29.69
CA PRO A 189 33.57 7.05 -29.36
C PRO A 189 33.68 7.24 -27.85
N GLN A 190 34.75 7.91 -27.43
CA GLN A 190 34.99 8.16 -26.02
C GLN A 190 34.14 9.34 -25.56
N PRO A 191 33.29 9.16 -24.55
CA PRO A 191 32.52 10.31 -24.03
C PRO A 191 33.43 11.31 -23.34
N HIS A 192 33.10 12.59 -23.50
CA HIS A 192 33.88 13.65 -22.89
C HIS A 192 33.60 13.67 -21.39
N VAL A 207 25.40 25.45 -29.51
CA VAL A 207 25.31 24.55 -30.65
C VAL A 207 23.93 23.90 -30.67
N ASP A 208 23.89 22.58 -30.92
CA ASP A 208 22.66 21.81 -30.91
C ASP A 208 22.63 21.03 -29.61
N SER A 209 21.89 21.55 -28.62
CA SER A 209 21.88 20.95 -27.28
C SER A 209 21.02 19.70 -27.20
N LEU A 210 20.14 19.45 -28.17
CA LEU A 210 19.33 18.24 -28.16
C LEU A 210 20.07 17.04 -28.74
N ARG A 211 20.90 17.25 -29.76
CA ARG A 211 21.67 16.15 -30.33
C ARG A 211 22.81 15.75 -29.42
N HIS A 212 23.47 16.72 -28.79
CA HIS A 212 24.62 16.42 -27.94
C HIS A 212 24.22 15.72 -26.64
N SER A 213 22.98 15.90 -26.19
CA SER A 213 22.52 15.28 -24.95
C SER A 213 22.02 13.87 -25.15
N ARG A 214 21.62 13.50 -26.35
CA ARG A 214 21.17 12.14 -26.64
C ARG A 214 22.32 11.23 -27.05
N SER A 215 23.32 11.77 -27.76
CA SER A 215 24.47 10.97 -28.14
C SER A 215 25.23 10.48 -26.91
N ARG A 216 25.38 11.35 -25.90
CA ARG A 216 26.09 10.95 -24.69
C ARG A 216 25.36 9.83 -23.97
N LEU A 217 24.02 9.90 -23.90
CA LEU A 217 23.25 8.87 -23.23
C LEU A 217 23.28 7.55 -24.01
N ASN A 218 23.33 7.62 -25.34
CA ASN A 218 23.38 6.41 -26.14
C ASN A 218 24.71 5.69 -25.96
N ILE A 219 25.82 6.43 -25.88
CA ILE A 219 27.12 5.82 -25.67
C ILE A 219 27.19 5.18 -24.28
N TYR A 220 26.70 5.88 -23.26
CA TYR A 220 26.74 5.34 -21.90
C TYR A 220 25.83 4.13 -21.75
N LYS A 221 24.73 4.07 -22.51
CA LYS A 221 23.86 2.91 -22.47
C LYS A 221 24.47 1.70 -23.17
N ALA A 222 25.42 1.92 -24.07
CA ALA A 222 26.14 0.82 -24.71
C ALA A 222 27.36 0.40 -23.92
N LEU A 223 28.06 1.36 -23.31
CA LEU A 223 29.22 1.04 -22.49
C LEU A 223 28.85 0.27 -21.23
N ALA A 224 27.59 0.33 -20.80
CA ALA A 224 27.13 -0.28 -19.56
C ALA A 224 26.34 -1.56 -19.82
N SER A 225 26.70 -2.32 -20.83
CA SER A 225 26.00 -3.58 -21.09
C SER A 225 26.82 -4.75 -20.57
N PRO A 226 26.21 -5.67 -19.83
CA PRO A 226 26.99 -6.79 -19.25
C PRO A 226 27.72 -7.63 -20.28
N SER A 227 27.14 -7.85 -21.45
CA SER A 227 27.74 -8.74 -22.43
C SER A 227 28.88 -8.10 -23.22
N LEU A 228 29.03 -6.79 -23.16
CA LEU A 228 30.18 -6.13 -23.77
C LEU A 228 31.35 -5.99 -22.80
N ILE A 229 31.06 -5.79 -21.51
CA ILE A 229 32.11 -5.80 -20.51
C ILE A 229 32.74 -7.18 -20.41
N ALA A 230 31.93 -8.24 -20.48
CA ALA A 230 32.43 -9.59 -20.42
C ALA A 230 33.22 -9.99 -21.65
N LEU A 231 33.20 -9.18 -22.71
CA LEU A 231 33.85 -9.52 -23.98
C LEU A 231 35.10 -8.71 -24.26
N SER A 232 35.16 -7.44 -23.85
CA SER A 232 36.27 -6.58 -24.26
C SER A 232 36.78 -5.71 -23.11
N SER A 233 36.73 -6.21 -21.88
CA SER A 233 37.24 -5.48 -20.73
C SER A 233 38.38 -6.26 -20.10
N GLU A 234 39.50 -5.58 -19.84
CA GLU A 234 40.64 -6.23 -19.21
C GLU A 234 40.31 -6.69 -17.81
N ASP A 235 39.61 -5.86 -17.04
CA ASP A 235 39.19 -6.20 -15.68
C ASP A 235 37.70 -5.90 -15.54
N PRO A 236 36.83 -6.88 -15.75
CA PRO A 236 35.38 -6.63 -15.66
C PRO A 236 34.93 -6.19 -14.28
N PHE A 237 35.69 -6.49 -13.22
CA PHE A 237 35.30 -6.07 -11.88
C PHE A 237 35.57 -4.59 -11.65
N LEU A 238 36.59 -4.03 -12.30
CA LEU A 238 36.99 -2.65 -12.07
C LEU A 238 36.28 -1.66 -12.99
N THR A 239 35.84 -2.08 -14.16
CA THR A 239 35.10 -1.20 -15.05
C THR A 239 33.60 -1.19 -14.75
N ALA A 240 33.13 -2.05 -13.85
CA ALA A 240 31.79 -1.93 -13.32
C ALA A 240 31.75 -1.06 -12.07
N PHE A 241 32.85 -1.00 -11.32
CA PHE A 241 32.94 -0.08 -10.19
C PHE A 241 33.10 1.36 -10.67
N GLN A 242 33.97 1.57 -11.66
CA GLN A 242 34.26 2.93 -12.11
C GLN A 242 33.10 3.52 -12.91
N LEU A 243 32.50 2.72 -13.80
CA LEU A 243 31.45 3.22 -14.66
C LEU A 243 30.13 3.43 -13.92
N SER A 244 29.91 2.70 -12.82
CA SER A 244 28.73 2.94 -12.00
C SER A 244 28.89 4.15 -11.08
N TRP A 245 30.10 4.69 -10.96
CA TRP A 245 30.35 5.89 -10.18
C TRP A 245 30.10 7.16 -10.98
N GLU A 246 30.66 7.23 -12.20
CA GLU A 246 30.46 8.41 -13.03
C GLU A 246 29.04 8.50 -13.58
N LEU A 247 28.31 7.39 -13.63
CA LEU A 247 26.91 7.43 -14.04
C LEU A 247 26.01 8.00 -12.95
N GLN A 248 26.36 7.77 -11.68
CA GLN A 248 25.57 8.31 -10.58
C GLN A 248 25.77 9.81 -10.43
N GLU A 249 27.02 10.28 -10.56
CA GLU A 249 27.30 11.71 -10.46
C GLU A 249 27.00 12.48 -11.73
N LEU A 250 26.71 11.79 -12.83
CA LEU A 250 26.26 12.44 -14.05
C LEU A 250 24.75 12.64 -14.07
N SER A 251 24.02 12.02 -13.14
CA SER A 251 22.59 12.23 -13.01
C SER A 251 22.25 13.51 -12.24
N LYS A 252 23.25 14.18 -11.68
CA LYS A 252 23.05 15.44 -10.98
C LYS A 252 23.29 16.66 -11.86
N VAL A 253 24.23 16.57 -12.81
CA VAL A 253 24.46 17.66 -13.75
C VAL A 253 23.55 17.58 -14.96
N GLU A 254 22.83 16.47 -15.14
CA GLU A 254 21.90 16.26 -16.25
C GLU A 254 20.52 15.89 -15.70
N ASN A 255 20.04 16.70 -14.75
CA ASN A 255 18.83 16.37 -14.01
C ASN A 255 17.59 16.29 -14.91
N GLU A 256 17.65 16.86 -16.12
CA GLU A 256 16.53 16.71 -17.05
C GLU A 256 16.32 15.24 -17.40
N PHE A 257 17.39 14.51 -17.66
CA PHE A 257 17.36 13.06 -17.83
C PHE A 257 18.09 12.47 -16.63
N LYS A 258 17.37 12.29 -15.52
CA LYS A 258 17.94 11.79 -14.30
C LYS A 258 17.50 10.38 -13.95
N ALA A 259 16.25 10.01 -14.26
CA ALA A 259 15.81 8.65 -14.04
C ALA A 259 16.53 7.66 -14.95
N GLU A 260 16.94 8.09 -16.14
CA GLU A 260 17.66 7.20 -17.04
C GLU A 260 19.09 6.94 -16.56
N TYR A 261 19.80 7.99 -16.15
CA TYR A 261 21.15 7.83 -15.64
C TYR A 261 21.17 7.07 -14.32
N GLU A 262 20.20 7.37 -13.44
CA GLU A 262 20.18 6.73 -12.14
C GLU A 262 19.85 5.25 -12.23
N GLU A 263 19.03 4.85 -13.20
CA GLU A 263 18.74 3.43 -13.41
C GLU A 263 19.84 2.73 -14.19
N LEU A 264 20.56 3.45 -15.05
CA LEU A 264 21.71 2.87 -15.73
C LEU A 264 22.81 2.51 -14.74
N SER A 265 23.03 3.37 -13.75
CA SER A 265 24.05 3.09 -12.74
C SER A 265 23.64 1.95 -11.82
N HIS A 266 22.33 1.77 -11.60
CA HIS A 266 21.87 0.70 -10.72
C HIS A 266 22.05 -0.68 -11.33
N GLN A 267 22.07 -0.79 -12.66
CA GLN A 267 22.28 -2.07 -13.31
C GLN A 267 23.74 -2.46 -13.38
N CYS A 268 24.67 -1.50 -13.26
CA CYS A 268 26.09 -1.83 -13.20
C CYS A 268 26.50 -2.35 -11.83
N LYS A 269 25.71 -2.08 -10.80
CA LYS A 269 26.01 -2.59 -9.47
C LYS A 269 25.55 -4.03 -9.28
N HIS A 270 24.55 -4.47 -10.05
CA HIS A 270 24.13 -5.86 -9.99
C HIS A 270 25.02 -6.78 -10.82
N PHE A 271 25.67 -6.23 -11.85
CA PHE A 271 26.56 -7.03 -12.68
C PHE A 271 27.75 -7.54 -11.88
N ALA A 272 28.34 -6.68 -11.05
CA ALA A 272 29.48 -7.11 -10.23
C ALA A 272 29.07 -8.18 -9.23
N LYS A 273 27.91 -8.01 -8.59
CA LYS A 273 27.43 -9.01 -7.64
C LYS A 273 27.16 -10.33 -8.33
N ASP A 274 26.55 -10.30 -9.52
CA ASP A 274 26.29 -11.53 -10.24
C ASP A 274 27.59 -12.19 -10.71
N LEU A 275 28.59 -11.40 -11.07
CA LEU A 275 29.89 -11.95 -11.45
C LEU A 275 30.56 -12.64 -10.27
N LEU A 276 30.56 -11.99 -9.11
CA LEU A 276 31.18 -12.61 -7.94
C LEU A 276 30.33 -13.74 -7.37
N ASP A 277 29.06 -13.84 -7.78
CA ASP A 277 28.20 -14.93 -7.31
C ASP A 277 28.62 -16.28 -7.88
N GLN A 278 29.39 -16.30 -8.95
CA GLN A 278 29.74 -17.53 -9.64
C GLN A 278 30.94 -18.25 -9.04
N THR A 279 31.49 -17.75 -7.93
CA THR A 279 32.59 -18.44 -7.27
C THR A 279 32.12 -19.79 -6.75
N ARG A 280 32.95 -20.82 -6.97
CA ARG A 280 32.58 -22.19 -6.61
C ARG A 280 33.22 -22.68 -5.33
N SER A 281 34.41 -22.18 -4.99
CA SER A 281 35.13 -22.62 -3.81
C SER A 281 35.66 -21.42 -3.05
N SER A 282 35.94 -21.63 -1.76
CA SER A 282 36.43 -20.56 -0.90
C SER A 282 37.83 -20.09 -1.28
N ARG A 283 38.59 -20.90 -2.01
CA ARG A 283 39.91 -20.45 -2.45
C ARG A 283 39.81 -19.37 -3.52
N GLU A 284 38.80 -19.44 -4.39
CA GLU A 284 38.60 -18.41 -5.39
C GLU A 284 38.13 -17.11 -4.76
N LEU A 285 37.17 -17.20 -3.83
CA LEU A 285 36.63 -16.00 -3.19
C LEU A 285 37.71 -15.26 -2.39
N GLU A 286 38.55 -16.00 -1.67
CA GLU A 286 39.64 -15.39 -0.92
C GLU A 286 40.70 -14.78 -1.82
N LEU A 287 40.73 -15.15 -3.11
CA LEU A 287 41.68 -14.59 -4.05
C LEU A 287 41.18 -13.31 -4.71
N ILE A 288 39.88 -13.22 -4.98
CA ILE A 288 39.32 -12.01 -5.58
C ILE A 288 39.33 -10.86 -4.58
N LEU A 289 38.92 -11.12 -3.34
CA LEU A 289 38.81 -10.07 -2.34
C LEU A 289 40.15 -9.59 -1.82
N ASN A 290 41.23 -10.34 -2.05
CA ASN A 290 42.55 -9.99 -1.54
C ASN A 290 43.48 -9.45 -2.62
N PHE A 291 42.94 -9.10 -3.78
CA PHE A 291 43.78 -8.65 -4.89
C PHE A 291 44.44 -7.32 -4.56
N ARG A 292 45.68 -7.17 -5.01
CA ARG A 292 46.48 -5.96 -4.80
C ARG A 292 46.62 -5.63 -3.31
N ASN A 304 46.44 -3.57 2.72
CA ASN A 304 47.06 -4.88 2.77
C ASN A 304 46.02 -5.98 2.51
N GLU A 305 45.60 -6.66 3.56
CA GLU A 305 44.60 -7.71 3.43
C GLU A 305 43.24 -7.11 3.07
N LEU A 306 42.47 -7.87 2.29
CA LEU A 306 41.14 -7.45 1.83
C LEU A 306 41.21 -6.13 1.07
N ALA A 307 42.27 -5.96 0.28
CA ALA A 307 42.48 -4.70 -0.42
C ALA A 307 41.43 -4.43 -1.49
N ARG A 308 40.78 -5.48 -2.00
CA ARG A 308 39.74 -5.29 -3.01
C ARG A 308 38.37 -5.04 -2.41
N LEU A 309 38.08 -5.64 -1.25
CA LEU A 309 36.82 -5.36 -0.58
C LEU A 309 36.79 -3.95 -0.01
N LYS A 310 37.94 -3.43 0.42
CA LYS A 310 38.02 -2.05 0.87
C LYS A 310 37.82 -1.06 -0.28
N LEU A 311 38.11 -1.48 -1.52
CA LEU A 311 37.85 -0.63 -2.67
C LEU A 311 36.38 -0.58 -3.04
N ALA A 312 35.65 -1.67 -2.83
CA ALA A 312 34.22 -1.69 -3.11
C ALA A 312 33.42 -0.90 -2.09
N ILE A 313 33.96 -0.68 -0.89
CA ILE A 313 33.30 0.17 0.09
C ILE A 313 33.45 1.63 -0.28
N LYS A 314 34.63 2.01 -0.80
CA LYS A 314 34.85 3.39 -1.23
C LYS A 314 33.95 3.75 -2.40
N TYR A 315 33.63 2.79 -3.26
CA TYR A 315 32.78 3.01 -4.42
C TYR A 315 31.31 2.81 -4.12
N ARG A 316 30.95 2.55 -2.86
CA ARG A 316 29.56 2.42 -2.42
C ARG A 316 28.83 1.33 -3.19
N GLN A 317 29.48 0.19 -3.40
CA GLN A 317 28.85 -0.98 -4.02
C GLN A 317 28.21 -1.79 -2.90
N LYS A 318 26.97 -1.45 -2.59
CA LYS A 318 26.27 -2.09 -1.47
C LYS A 318 25.84 -3.51 -1.80
N GLU A 319 25.54 -3.80 -3.06
CA GLU A 319 25.12 -5.15 -3.44
C GLU A 319 26.30 -6.11 -3.42
N PHE A 320 27.46 -5.66 -3.89
CA PHE A 320 28.65 -6.51 -3.90
C PHE A 320 29.09 -6.89 -2.49
N VAL A 321 29.06 -5.93 -1.57
CA VAL A 321 29.53 -6.19 -0.21
C VAL A 321 28.59 -7.12 0.53
N ALA A 322 27.29 -6.90 0.40
CA ALA A 322 26.29 -7.66 1.15
C ALA A 322 25.85 -8.92 0.41
N GLN A 323 26.81 -9.76 0.04
CA GLN A 323 26.52 -11.04 -0.59
C GLN A 323 26.77 -12.17 0.40
N PRO A 324 25.96 -13.23 0.40
CA PRO A 324 26.11 -14.27 1.43
C PRO A 324 27.50 -14.89 1.51
N ASN A 325 28.17 -15.11 0.39
CA ASN A 325 29.51 -15.71 0.45
C ASN A 325 30.52 -14.75 1.05
N CYS A 326 30.53 -13.51 0.57
CA CYS A 326 31.46 -12.51 1.13
C CYS A 326 31.12 -12.22 2.59
N GLN A 327 29.84 -12.15 2.92
CA GLN A 327 29.43 -11.92 4.31
C GLN A 327 29.87 -13.07 5.20
N GLN A 328 29.72 -14.31 4.72
CA GLN A 328 30.14 -15.47 5.50
C GLN A 328 31.65 -15.48 5.70
N LEU A 329 32.41 -15.11 4.66
CA LEU A 329 33.86 -15.02 4.81
C LEU A 329 34.26 -13.93 5.80
N LEU A 330 33.56 -12.79 5.76
CA LEU A 330 33.88 -11.69 6.65
C LEU A 330 33.54 -12.03 8.10
N ALA A 331 32.43 -12.75 8.32
CA ALA A 331 32.03 -13.11 9.67
C ALA A 331 33.00 -14.06 10.35
N SER A 332 33.82 -14.77 9.59
CA SER A 332 34.80 -15.68 10.18
C SER A 332 35.97 -14.94 10.82
N ARG A 333 36.31 -13.75 10.31
CA ARG A 333 37.34 -12.94 10.95
C ARG A 333 36.83 -12.27 12.22
N TRP A 334 35.54 -11.93 12.26
CA TRP A 334 34.98 -11.24 13.42
C TRP A 334 35.05 -12.11 14.68
N TYR A 335 34.62 -13.36 14.56
CA TYR A 335 34.61 -14.26 15.71
C TYR A 335 35.92 -15.01 15.91
N ASP A 336 36.74 -15.11 14.86
CA ASP A 336 38.04 -15.77 14.93
C ASP A 336 37.95 -17.19 15.48
N ARG A 344 25.85 -21.43 21.76
CA ARG A 344 25.41 -20.41 22.70
C ARG A 344 23.96 -20.00 22.45
N HIS A 345 23.25 -19.70 23.52
CA HIS A 345 21.85 -19.26 23.44
C HIS A 345 21.75 -17.83 23.98
N TRP A 346 20.51 -17.33 24.07
CA TRP A 346 20.30 -15.94 24.45
C TRP A 346 20.82 -15.65 25.84
N ALA A 347 20.59 -16.55 26.79
CA ALA A 347 21.01 -16.36 28.18
C ALA A 347 22.41 -16.86 28.45
N GLY A 348 23.17 -17.22 27.42
CA GLY A 348 24.52 -17.72 27.60
C GLY A 348 25.58 -16.86 26.96
N LYS A 349 25.21 -16.11 25.92
CA LYS A 349 26.17 -15.25 25.23
C LYS A 349 26.38 -13.93 25.93
N LEU A 350 25.30 -13.31 26.44
CA LEU A 350 25.46 -12.06 27.17
C LEU A 350 26.24 -12.28 28.46
N ILE A 351 26.15 -13.47 29.05
CA ILE A 351 26.88 -13.77 30.28
C ILE A 351 28.38 -13.72 30.02
N THR A 352 28.85 -14.40 28.97
CA THR A 352 30.27 -14.37 28.67
C THR A 352 30.71 -13.02 28.13
N CYS A 353 29.83 -12.31 27.42
CA CYS A 353 30.17 -10.95 26.99
C CYS A 353 30.42 -10.04 28.20
N VAL A 354 29.53 -10.10 29.19
CA VAL A 354 29.72 -9.31 30.40
C VAL A 354 30.98 -9.76 31.14
N PHE A 355 31.19 -11.07 31.23
CA PHE A 355 32.35 -11.61 31.93
C PHE A 355 33.65 -11.10 31.32
N ILE A 356 33.73 -11.06 29.99
CA ILE A 356 34.85 -10.43 29.32
C ILE A 356 34.87 -8.93 29.62
N GLY A 357 33.69 -8.32 29.74
CA GLY A 357 33.64 -6.89 29.99
C GLY A 357 34.27 -6.47 31.31
N LEU A 358 34.11 -7.30 32.35
CA LEU A 358 34.69 -6.95 33.64
C LEU A 358 36.21 -6.81 33.56
N MET A 359 36.87 -7.76 32.91
CA MET A 359 38.33 -7.73 32.80
C MET A 359 38.81 -7.00 31.55
N PHE A 360 38.26 -5.81 31.33
CA PHE A 360 38.74 -4.98 30.24
C PHE A 360 40.11 -4.36 30.56
N PRO A 361 40.43 -4.01 31.83
CA PRO A 361 41.81 -3.56 32.10
C PRO A 361 42.78 -4.70 32.30
N LEU A 362 42.28 -5.84 32.77
CA LEU A 362 43.14 -6.97 33.09
C LEU A 362 43.89 -7.47 31.86
N LEU A 363 43.15 -7.74 30.78
CA LEU A 363 43.78 -8.21 29.55
C LEU A 363 44.36 -7.08 28.71
N SER A 364 44.00 -5.82 29.00
CA SER A 364 44.65 -4.70 28.33
C SER A 364 46.03 -4.43 28.91
N LEU A 365 46.23 -4.73 30.19
CA LEU A 365 47.56 -4.60 30.79
C LEU A 365 48.54 -5.60 30.19
N CYS A 366 48.07 -6.80 29.86
CA CYS A 366 48.94 -7.81 29.25
C CYS A 366 49.45 -7.36 27.88
N TYR A 367 48.65 -6.57 27.16
CA TYR A 367 49.10 -6.07 25.86
C TYR A 367 50.30 -5.14 25.97
N LEU A 368 50.51 -4.54 27.15
CA LEU A 368 51.68 -3.70 27.38
C LEU A 368 52.77 -4.41 28.15
N VAL A 369 52.42 -5.41 28.97
CA VAL A 369 53.43 -6.14 29.73
C VAL A 369 54.16 -7.13 28.83
N ALA A 370 53.42 -8.07 28.25
CA ALA A 370 54.01 -9.10 27.38
C ALA A 370 52.95 -9.57 26.41
N PRO A 371 52.98 -9.09 25.16
CA PRO A 371 52.01 -9.57 24.16
C PRO A 371 52.30 -11.01 23.75
N LYS A 372 51.94 -11.96 24.60
CA LYS A 372 52.26 -13.36 24.38
C LYS A 372 50.97 -14.19 24.30
N SER A 373 51.12 -15.51 24.25
CA SER A 373 50.03 -16.41 23.96
C SER A 373 49.05 -16.60 25.13
N ARG A 374 49.49 -16.35 26.36
CA ARG A 374 48.63 -16.64 27.51
C ARG A 374 47.38 -15.78 27.49
N TYR A 375 47.54 -14.46 27.57
CA TYR A 375 46.41 -13.54 27.50
C TYR A 375 46.71 -12.29 26.70
N GLY A 376 47.94 -12.10 26.20
CA GLY A 376 48.28 -10.90 25.45
C GLY A 376 47.77 -10.89 24.03
N LEU A 377 47.43 -12.05 23.48
CA LEU A 377 46.89 -12.14 22.13
C LEU A 377 45.39 -12.34 22.12
N PHE A 378 44.76 -12.47 23.29
CA PHE A 378 43.31 -12.64 23.35
C PHE A 378 42.57 -11.35 23.02
N ILE A 379 43.22 -10.20 23.16
CA ILE A 379 42.57 -8.92 22.89
C ILE A 379 42.53 -8.60 21.40
N ARG A 380 43.41 -9.20 20.60
CA ARG A 380 43.51 -8.85 19.19
C ARG A 380 42.37 -9.41 18.34
N LYS A 381 41.57 -10.32 18.88
CA LYS A 381 40.40 -10.79 18.15
C LYS A 381 39.39 -9.66 18.01
N PRO A 382 38.87 -9.39 16.81
CA PRO A 382 38.01 -8.21 16.63
C PRO A 382 36.79 -8.17 17.53
N PHE A 383 36.14 -9.31 17.76
CA PHE A 383 34.96 -9.32 18.61
C PHE A 383 35.30 -8.99 20.06
N ILE A 384 36.42 -9.52 20.56
CA ILE A 384 36.84 -9.22 21.93
C ILE A 384 37.25 -7.76 22.04
N LYS A 385 37.96 -7.24 21.02
CA LYS A 385 38.32 -5.83 21.02
C LYS A 385 37.10 -4.93 21.01
N PHE A 386 36.03 -5.35 20.32
CA PHE A 386 34.79 -4.57 20.32
C PHE A 386 34.18 -4.51 21.71
N ILE A 387 34.20 -5.64 22.43
CA ILE A 387 33.63 -5.66 23.77
C ILE A 387 34.46 -4.83 24.74
N CYS A 388 35.78 -4.88 24.61
CA CYS A 388 36.65 -4.11 25.50
C CYS A 388 36.48 -2.62 25.30
N HIS A 389 36.25 -2.18 24.06
CA HIS A 389 35.99 -0.77 23.82
C HIS A 389 34.63 -0.34 24.31
N THR A 390 33.62 -1.22 24.23
CA THR A 390 32.29 -0.88 24.73
C THR A 390 32.27 -0.80 26.25
N ALA A 391 32.93 -1.75 26.92
CA ALA A 391 32.98 -1.74 28.38
C ALA A 391 33.74 -0.52 28.89
N SER A 392 34.73 -0.06 28.14
CA SER A 392 35.44 1.16 28.52
C SER A 392 34.57 2.41 28.38
N TYR A 393 33.76 2.47 27.32
CA TYR A 393 32.90 3.63 27.13
C TYR A 393 31.77 3.67 28.15
N LEU A 394 31.25 2.51 28.55
CA LEU A 394 30.22 2.47 29.58
C LEU A 394 30.75 2.83 30.96
N THR A 395 32.06 2.64 31.20
CA THR A 395 32.67 3.11 32.43
C THR A 395 32.79 4.63 32.46
N PHE A 396 33.10 5.23 31.30
CA PHE A 396 33.14 6.68 31.21
C PHE A 396 31.78 7.29 31.52
N LEU A 397 30.71 6.69 31.00
CA LEU A 397 29.38 7.21 31.26
C LEU A 397 28.95 7.02 32.71
N PHE A 398 29.49 5.99 33.39
CA PHE A 398 29.07 5.72 34.76
C PHE A 398 29.60 6.78 35.72
N LEU A 399 30.88 7.13 35.61
CA LEU A 399 31.44 8.17 36.46
C LEU A 399 31.12 9.57 35.97
N LEU A 400 30.70 9.72 34.69
CA LEU A 400 30.11 10.98 34.26
C LEU A 400 28.78 11.21 34.95
N LEU A 401 27.98 10.16 35.11
CA LEU A 401 26.73 10.21 35.86
C LEU A 401 26.96 10.28 37.37
N LEU A 402 28.14 9.88 37.84
CA LEU A 402 28.47 9.91 39.26
C LEU A 402 29.13 11.21 39.68
N ALA A 403 29.41 12.10 38.73
CA ALA A 403 30.04 13.38 39.05
C ALA A 403 29.07 14.40 39.61
N SER A 404 27.77 14.16 39.48
CA SER A 404 26.74 15.08 39.99
C SER A 404 26.12 14.59 41.29
N GLN A 405 26.88 13.86 42.09
CA GLN A 405 26.41 13.36 43.38
C GLN A 405 26.69 14.38 44.48
N HIS A 406 25.78 14.48 45.43
CA HIS A 406 25.92 15.46 46.50
C HIS A 406 27.09 15.16 47.43
N ILE A 407 27.53 13.90 47.50
CA ILE A 407 28.67 13.56 48.35
C ILE A 407 29.94 14.21 47.84
N VAL A 408 30.18 14.11 46.53
CA VAL A 408 31.37 14.70 45.93
C VAL A 408 30.98 15.71 44.86
N ASN A 411 31.02 18.75 48.93
CA ASN A 411 31.59 19.90 48.22
C ASN A 411 30.69 21.12 48.33
N PRO A 412 31.20 22.19 48.94
CA PRO A 412 30.43 23.42 49.05
C PRO A 412 30.39 24.16 47.72
N ASP A 413 29.75 25.32 47.72
CA ASP A 413 29.63 26.18 46.55
C ASP A 413 30.55 27.38 46.73
N ARG A 414 31.61 27.44 45.93
CA ARG A 414 32.60 28.50 46.04
C ARG A 414 33.11 28.84 44.64
N GLN A 415 33.61 30.06 44.50
CA GLN A 415 34.08 30.55 43.21
C GLN A 415 35.42 29.93 42.85
N GLY A 416 35.53 29.42 41.64
CA GLY A 416 36.76 28.87 41.12
C GLY A 416 37.37 27.79 41.99
N PRO A 417 36.71 26.64 42.07
CA PRO A 417 37.24 25.54 42.88
C PRO A 417 38.19 24.65 42.10
N LYS A 418 39.03 23.94 42.85
CA LYS A 418 39.91 22.96 42.24
C LYS A 418 39.10 21.75 41.80
N PRO A 419 39.55 21.05 40.75
CA PRO A 419 38.81 19.87 40.29
C PRO A 419 38.74 18.80 41.36
N THR A 420 37.59 18.12 41.43
CA THR A 420 37.38 17.07 42.41
C THR A 420 38.08 15.79 41.97
N THR A 421 37.90 14.72 42.76
CA THR A 421 38.55 13.46 42.44
C THR A 421 37.95 12.80 41.20
N VAL A 422 36.67 13.05 40.93
CA VAL A 422 36.04 12.47 39.75
C VAL A 422 36.58 13.09 38.47
N GLU A 423 36.80 14.41 38.49
CA GLU A 423 37.31 15.10 37.30
C GLU A 423 38.69 14.59 36.92
N TRP A 424 39.54 14.31 37.91
CA TRP A 424 40.86 13.75 37.62
C TRP A 424 40.74 12.39 36.94
N MET A 425 39.77 11.57 37.36
CA MET A 425 39.53 10.30 36.70
C MET A 425 38.93 10.49 35.30
N ILE A 426 38.13 11.54 35.11
CA ILE A 426 37.52 11.79 33.82
C ILE A 426 38.56 12.25 32.80
N LEU A 427 39.56 13.01 33.23
CA LEU A 427 40.53 13.62 32.31
C LEU A 427 41.19 12.64 31.35
N PRO A 428 41.66 11.45 31.76
CA PRO A 428 42.26 10.54 30.77
C PRO A 428 41.33 10.15 29.65
N TRP A 429 40.04 9.95 29.93
CA TRP A 429 39.09 9.56 28.88
C TRP A 429 38.94 10.67 27.85
N VAL A 430 38.78 11.91 28.31
CA VAL A 430 38.64 13.04 27.39
C VAL A 430 39.92 13.23 26.58
N LEU A 431 41.07 13.12 27.23
CA LEU A 431 42.34 13.26 26.52
C LEU A 431 42.50 12.17 25.47
N GLY A 432 42.10 10.93 25.80
CA GLY A 432 42.18 9.85 24.83
C GLY A 432 41.25 10.08 23.65
N PHE A 433 40.04 10.56 23.90
CA PHE A 433 39.12 10.87 22.81
C PHE A 433 39.70 11.95 21.88
N ILE A 434 40.23 13.02 22.48
CA ILE A 434 40.81 14.10 21.68
C ILE A 434 42.01 13.59 20.88
N TRP A 435 42.86 12.78 21.50
CA TRP A 435 44.02 12.24 20.79
C TRP A 435 43.60 11.32 19.65
N THR A 436 42.56 10.50 19.88
CA THR A 436 42.07 9.62 18.82
C THR A 436 41.58 10.44 17.63
N GLU A 437 40.79 11.48 17.90
CA GLU A 437 40.32 12.33 16.80
C GLU A 437 41.47 13.04 16.11
N ILE A 438 42.47 13.49 16.88
CA ILE A 438 43.60 14.20 16.30
C ILE A 438 44.39 13.28 15.37
N LYS A 439 44.65 12.05 15.81
CA LYS A 439 45.38 11.11 14.98
C LYS A 439 44.56 10.61 13.81
N GLN A 440 43.23 10.65 13.92
CA GLN A 440 42.37 10.33 12.78
C GLN A 440 42.33 11.47 11.77
N MET A 441 42.57 12.71 12.20
CA MET A 441 42.46 13.86 11.30
C MET A 441 43.42 13.77 10.13
N TRP A 442 44.68 13.40 10.38
CA TRP A 442 45.68 13.41 9.31
C TRP A 442 45.37 12.37 8.24
N ASP A 443 44.98 11.16 8.65
CA ASP A 443 44.71 10.10 7.67
C ASP A 443 43.52 10.46 6.79
N GLY A 444 42.49 11.08 7.37
CA GLY A 444 41.36 11.51 6.56
C GLY A 444 41.73 12.62 5.58
N GLY A 445 42.61 13.52 5.99
CA GLY A 445 42.99 14.62 5.13
C GLY A 445 41.91 15.66 4.92
N PHE A 446 40.98 15.79 5.87
CA PHE A 446 39.83 16.69 5.85
C PHE A 446 38.81 16.32 4.77
N GLN A 447 39.06 15.27 3.99
CA GLN A 447 38.08 14.73 3.05
C GLN A 447 37.57 13.40 3.58
N ASP A 448 36.25 13.22 3.51
CA ASP A 448 35.54 12.05 4.05
C ASP A 448 35.73 11.89 5.55
N TYR A 449 36.32 12.88 6.23
CA TYR A 449 36.42 12.89 7.68
C TYR A 449 35.26 13.65 8.32
N ILE A 450 34.83 14.74 7.68
CA ILE A 450 33.63 15.45 8.10
C ILE A 450 32.40 14.99 7.34
N HIS A 451 32.56 14.09 6.38
CA HIS A 451 31.44 13.61 5.56
C HIS A 451 30.72 12.43 6.23
N ASP A 452 30.33 12.62 7.49
CA ASP A 452 29.60 11.59 8.21
C ASP A 452 28.84 12.22 9.36
N TRP A 453 27.72 11.59 9.72
CA TRP A 453 26.88 12.10 10.79
C TRP A 453 27.49 11.87 12.17
N TRP A 454 28.39 10.90 12.31
CA TRP A 454 28.91 10.50 13.61
C TRP A 454 30.29 11.09 13.90
N ASN A 455 30.74 12.07 13.13
CA ASN A 455 32.03 12.71 13.36
C ASN A 455 31.91 14.18 13.72
N LEU A 456 30.96 14.90 13.12
CA LEU A 456 30.73 16.29 13.52
C LEU A 456 30.27 16.37 14.97
N MET A 457 29.46 15.41 15.40
CA MET A 457 29.04 15.37 16.80
C MET A 457 30.22 15.17 17.73
N ASP A 458 31.14 14.28 17.36
CA ASP A 458 32.34 14.06 18.16
C ASP A 458 33.20 15.31 18.21
N PHE A 459 33.35 16.00 17.07
CA PHE A 459 34.10 17.25 17.05
C PHE A 459 33.48 18.28 17.98
N VAL A 460 32.14 18.41 17.94
CA VAL A 460 31.46 19.38 18.79
C VAL A 460 31.65 19.01 20.27
N MET A 461 31.53 17.72 20.60
CA MET A 461 31.71 17.28 21.97
C MET A 461 33.12 17.56 22.47
N ASN A 462 34.13 17.27 21.64
CA ASN A 462 35.51 17.54 22.04
C ASN A 462 35.75 19.03 22.22
N SER A 463 35.19 19.85 21.34
CA SER A 463 35.33 21.31 21.49
C SER A 463 34.69 21.78 22.79
N LEU A 464 33.51 21.24 23.12
CA LEU A 464 32.84 21.62 24.36
C LEU A 464 33.66 21.22 25.58
N TYR A 465 34.24 20.01 25.57
CA TYR A 465 35.06 19.58 26.69
C TYR A 465 36.32 20.44 26.82
N LEU A 466 36.94 20.79 25.70
CA LEU A 466 38.11 21.67 25.73
C LEU A 466 37.74 23.04 26.29
N ALA A 467 36.60 23.58 25.89
CA ALA A 467 36.14 24.86 26.43
C ALA A 467 35.88 24.77 27.92
N THR A 468 35.29 23.65 28.37
CA THR A 468 35.07 23.44 29.80
C THR A 468 36.39 23.47 30.56
N ILE A 469 37.38 22.74 30.07
CA ILE A 469 38.68 22.68 30.74
C ILE A 469 39.32 24.07 30.78
N SER A 470 39.28 24.78 29.65
CA SER A 470 39.89 26.10 29.58
C SER A 470 39.22 27.06 30.56
N LEU A 471 37.88 27.04 30.61
CA LEU A 471 37.16 27.92 31.54
C LEU A 471 37.48 27.57 32.98
N LYS A 472 37.54 26.28 33.30
CA LYS A 472 37.82 25.87 34.67
C LYS A 472 39.22 26.30 35.11
N ILE A 473 40.21 26.19 34.21
CA ILE A 473 41.55 26.61 34.60
C ILE A 473 41.68 28.13 34.59
N VAL A 474 40.87 28.83 33.79
CA VAL A 474 40.90 30.29 33.78
C VAL A 474 40.31 30.84 35.08
N ALA A 475 39.21 30.25 35.54
CA ALA A 475 38.51 30.74 36.72
C ALA A 475 39.20 30.35 38.02
N TYR A 476 40.41 29.78 37.97
CA TYR A 476 41.13 29.36 39.16
C TYR A 476 42.20 30.35 39.59
N VAL A 477 42.89 30.98 38.64
CA VAL A 477 43.99 31.88 38.97
C VAL A 477 43.55 33.31 39.20
N LYS A 478 42.26 33.61 39.03
CA LYS A 478 41.75 34.96 39.19
C LYS A 478 40.62 35.09 40.21
N TYR A 479 40.02 33.99 40.64
CA TYR A 479 38.91 34.04 41.58
C TYR A 479 39.19 33.12 42.77
N SER A 480 38.89 33.61 43.96
CA SER A 480 39.08 32.83 45.18
C SER A 480 38.20 33.43 46.27
N GLY A 481 37.72 32.56 47.16
CA GLY A 481 36.88 33.00 48.26
C GLY A 481 35.53 32.31 48.29
N CYS A 482 35.03 32.04 49.49
CA CYS A 482 33.74 31.39 49.66
C CYS A 482 32.65 32.45 49.73
N LYS A 483 31.84 32.53 48.68
CA LYS A 483 30.72 33.46 48.60
C LYS A 483 29.45 32.69 48.24
N PRO A 484 28.31 33.06 48.83
CA PRO A 484 27.06 32.35 48.51
C PRO A 484 26.75 32.43 47.02
N ARG A 485 26.19 31.33 46.49
CA ARG A 485 25.94 31.23 45.06
C ARG A 485 24.88 32.22 44.61
N ASP A 486 23.97 32.62 45.50
CA ASP A 486 22.92 33.57 45.14
C ASP A 486 23.49 34.96 44.85
N THR A 487 24.74 35.22 45.22
CA THR A 487 25.32 36.55 45.08
C THR A 487 26.07 36.71 43.77
N TRP A 488 26.58 35.62 43.20
CA TRP A 488 27.37 35.72 41.96
C TRP A 488 26.54 36.29 40.83
N GLU A 489 27.16 37.17 40.05
CA GLU A 489 26.52 37.71 38.86
C GLU A 489 26.58 36.67 37.73
N MET A 490 25.61 36.76 36.83
CA MET A 490 25.61 35.87 35.67
C MET A 490 26.74 36.25 34.72
N TRP A 491 27.08 35.32 33.82
CA TRP A 491 28.31 35.32 33.04
C TRP A 491 29.54 35.08 33.90
N HIS A 492 29.35 34.56 35.11
CA HIS A 492 30.47 34.13 35.94
C HIS A 492 31.19 32.98 35.23
N PRO A 493 32.51 33.04 35.04
CA PRO A 493 33.18 31.97 34.30
C PRO A 493 32.96 30.58 34.86
N THR A 494 32.94 30.44 36.20
CA THR A 494 32.64 29.13 36.78
C THR A 494 31.18 28.74 36.58
N LEU A 495 30.28 29.72 36.39
CA LEU A 495 28.90 29.41 36.10
C LEU A 495 28.72 28.92 34.67
N VAL A 496 29.44 29.53 33.72
CA VAL A 496 29.40 29.07 32.34
C VAL A 496 30.11 27.72 32.21
N ALA A 497 31.11 27.47 33.04
CA ALA A 497 31.87 26.23 32.95
C ALA A 497 30.99 25.01 33.17
N GLU A 498 30.21 25.01 34.26
CA GLU A 498 29.34 23.87 34.54
C GLU A 498 28.21 23.73 33.53
N ALA A 499 27.69 24.84 33.00
CA ALA A 499 26.66 24.77 31.97
C ALA A 499 27.18 24.14 30.68
N VAL A 500 28.35 24.59 30.22
CA VAL A 500 28.92 24.03 28.99
C VAL A 500 29.44 22.61 29.22
N PHE A 501 29.74 22.25 30.47
CA PHE A 501 30.10 20.87 30.77
C PHE A 501 28.87 19.96 30.78
N ALA A 502 27.75 20.46 31.30
CA ALA A 502 26.51 19.69 31.28
C ALA A 502 25.97 19.53 29.86
N ILE A 503 26.13 20.55 29.01
CA ILE A 503 25.72 20.41 27.63
C ILE A 503 26.56 19.35 26.92
N ALA A 504 27.86 19.30 27.22
CA ALA A 504 28.77 18.40 26.52
C ALA A 504 28.43 16.94 26.78
N ASN A 505 28.06 16.59 28.01
CA ASN A 505 27.86 15.19 28.35
C ASN A 505 26.51 14.65 27.91
N ILE A 506 25.62 15.50 27.38
CA ILE A 506 24.45 14.99 26.67
C ILE A 506 24.87 14.38 25.35
N PHE A 507 25.80 15.02 24.64
CA PHE A 507 26.30 14.49 23.38
C PHE A 507 27.04 13.17 23.60
N SER A 508 27.83 13.09 24.67
CA SER A 508 28.62 11.90 24.92
C SER A 508 27.74 10.67 25.15
N SER A 509 26.66 10.84 25.91
CA SER A 509 25.74 9.73 26.14
C SER A 509 24.85 9.43 24.94
N LEU A 510 24.78 10.34 23.96
CA LEU A 510 24.02 10.09 22.75
C LEU A 510 24.85 9.43 21.66
N ARG A 511 26.18 9.44 21.78
CA ARG A 511 27.04 8.76 20.82
C ARG A 511 26.89 7.24 20.90
N LEU A 512 26.36 6.72 22.00
CA LEU A 512 26.17 5.29 22.23
C LEU A 512 25.11 4.68 21.32
N ILE A 513 24.46 5.48 20.47
CA ILE A 513 23.49 4.94 19.52
C ILE A 513 24.18 4.29 18.32
N SER A 514 25.35 4.79 17.92
CA SER A 514 26.04 4.26 16.74
C SER A 514 26.44 2.81 16.92
N LEU A 515 26.48 2.31 18.16
CA LEU A 515 26.77 0.90 18.41
C LEU A 515 25.60 -0.01 18.08
N PHE A 516 24.43 0.54 17.75
CA PHE A 516 23.28 -0.28 17.42
C PHE A 516 23.46 -1.02 16.10
N THR A 517 24.36 -0.57 15.23
CA THR A 517 24.60 -1.28 13.98
C THR A 517 25.54 -2.44 14.20
N ALA A 518 25.27 -3.25 15.22
CA ALA A 518 25.94 -4.52 15.44
C ALA A 518 25.00 -5.63 15.86
N ASN A 519 23.77 -5.33 16.27
CA ASN A 519 22.79 -6.31 16.66
C ASN A 519 21.82 -6.54 15.50
N SER A 520 21.48 -7.81 15.27
CA SER A 520 20.62 -8.16 14.15
C SER A 520 19.19 -7.67 14.33
N HIS A 521 18.81 -7.22 15.52
CA HIS A 521 17.46 -6.76 15.80
C HIS A 521 17.34 -5.24 15.79
N LEU A 522 18.18 -4.54 16.56
CA LEU A 522 18.16 -3.10 16.59
C LEU A 522 18.96 -2.46 15.45
N GLY A 523 19.69 -3.26 14.68
CA GLY A 523 20.48 -2.76 13.59
C GLY A 523 19.64 -2.18 12.46
N PRO A 524 18.82 -3.02 11.82
CA PRO A 524 17.95 -2.51 10.75
C PRO A 524 17.00 -1.42 11.20
N LEU A 525 16.55 -1.45 12.46
CA LEU A 525 15.62 -0.44 12.93
C LEU A 525 16.24 0.95 12.96
N GLN A 526 17.53 1.04 13.30
CA GLN A 526 18.20 2.34 13.33
C GLN A 526 18.53 2.84 11.93
N ILE A 527 18.80 1.93 11.00
CA ILE A 527 19.11 2.34 9.63
C ILE A 527 17.87 2.92 8.96
N SER A 528 16.71 2.30 9.18
CA SER A 528 15.44 2.81 8.65
C SER A 528 14.86 3.93 9.51
N LEU A 529 15.67 4.50 10.39
CA LEU A 529 15.26 5.59 11.26
C LEU A 529 16.00 6.89 10.99
N GLY A 530 17.29 6.84 10.69
CA GLY A 530 18.08 8.01 10.37
C GLY A 530 18.05 8.44 8.93
N ARG A 531 17.40 7.68 8.05
CA ARG A 531 17.26 8.06 6.65
C ARG A 531 15.91 8.69 6.34
N MET A 532 14.86 8.31 7.06
CA MET A 532 13.58 9.01 6.99
C MET A 532 13.51 10.16 7.99
N LEU A 533 14.54 10.35 8.81
CA LEU A 533 14.73 11.57 9.55
C LEU A 533 15.17 12.72 8.66
N LEU A 534 15.63 12.43 7.45
CA LEU A 534 15.99 13.47 6.48
C LEU A 534 14.76 14.16 5.91
N ASP A 535 13.59 13.51 5.96
CA ASP A 535 12.36 14.15 5.50
C ASP A 535 11.85 15.18 6.49
N ILE A 536 12.19 15.02 7.77
CA ILE A 536 11.78 15.99 8.78
C ILE A 536 12.44 17.34 8.52
N LEU A 537 13.70 17.32 8.07
CA LEU A 537 14.43 18.56 7.82
C LEU A 537 13.85 19.37 6.67
N LYS A 538 12.99 18.78 5.85
CA LYS A 538 12.30 19.52 4.80
C LYS A 538 10.97 20.08 5.27
N PHE A 539 10.32 19.42 6.23
CA PHE A 539 9.05 19.90 6.76
C PHE A 539 9.22 20.97 7.84
N LEU A 540 10.44 21.21 8.30
CA LEU A 540 10.68 22.29 9.26
C LEU A 540 10.99 23.62 8.58
N PHE A 541 11.39 23.58 7.30
CA PHE A 541 11.61 24.82 6.56
C PHE A 541 10.32 25.64 6.43
N ILE A 542 9.17 24.97 6.42
CA ILE A 542 7.90 25.67 6.35
C ILE A 542 7.36 26.00 7.75
N TYR A 543 7.66 25.18 8.75
CA TYR A 543 7.25 25.49 10.11
C TYR A 543 7.96 26.74 10.62
N CYS A 544 9.25 26.89 10.28
CA CYS A 544 9.98 28.10 10.66
C CYS A 544 9.34 29.34 10.05
N LEU A 545 8.96 29.26 8.77
CA LEU A 545 8.33 30.40 8.11
C LEU A 545 6.98 30.73 8.74
N VAL A 546 6.18 29.70 9.05
CA VAL A 546 4.88 29.94 9.69
C VAL A 546 5.07 30.58 11.06
N LEU A 547 6.03 30.08 11.84
CA LEU A 547 6.30 30.64 13.16
C LEU A 547 6.72 32.10 13.07
N LEU A 548 7.62 32.41 12.13
CA LEU A 548 8.05 33.80 11.96
C LEU A 548 6.90 34.68 11.52
N ALA A 549 6.06 34.19 10.61
CA ALA A 549 4.93 34.98 10.11
C ALA A 549 3.97 35.32 11.24
N PHE A 550 3.65 34.35 12.10
CA PHE A 550 2.70 34.65 13.17
C PHE A 550 3.31 35.46 14.29
N ALA A 551 4.61 35.26 14.59
CA ALA A 551 5.26 36.09 15.59
C ALA A 551 5.33 37.54 15.15
N ASN A 552 5.62 37.79 13.86
CA ASN A 552 5.70 39.15 13.34
C ASN A 552 4.39 39.90 13.53
N GLY A 553 3.26 39.21 13.56
CA GLY A 553 1.99 39.86 13.76
C GLY A 553 1.63 39.99 15.24
N LEU A 554 1.83 38.92 16.00
CA LEU A 554 1.47 38.95 17.42
C LEU A 554 2.29 39.98 18.18
N ASN A 555 3.61 40.01 17.96
CA ASN A 555 4.45 40.98 18.66
C ASN A 555 4.10 42.40 18.23
N GLN A 556 3.83 42.61 16.94
CA GLN A 556 3.44 43.94 16.48
C GLN A 556 2.15 44.40 17.15
N LEU A 557 1.18 43.49 17.29
CA LEU A 557 -0.08 43.86 17.94
C LEU A 557 0.12 44.16 19.42
N TYR A 558 0.94 43.37 20.11
CA TYR A 558 0.99 43.42 21.57
C TYR A 558 2.15 44.23 22.14
N PHE A 559 3.01 44.82 21.31
CA PHE A 559 4.20 45.46 21.86
C PHE A 559 3.91 46.78 22.57
N TYR A 560 2.72 47.35 22.40
CA TYR A 560 2.40 48.63 23.03
C TYR A 560 1.80 48.49 24.43
N TYR A 561 1.56 47.26 24.89
CA TYR A 561 0.89 47.02 26.17
C TYR A 561 1.81 46.36 27.18
N GLU A 562 3.12 46.58 27.06
CA GLU A 562 4.07 45.94 27.95
C GLU A 562 4.19 46.71 29.26
N ASN A 563 4.18 45.97 30.37
CA ASN A 563 4.32 46.55 31.70
C ASN A 563 5.33 45.74 32.50
N SER A 564 5.94 46.41 33.49
CA SER A 564 6.91 45.74 34.35
C SER A 564 6.79 46.17 35.81
N GLU A 565 5.69 46.82 36.19
CA GLU A 565 5.51 47.28 37.56
C GLU A 565 4.81 46.20 38.39
N GLY A 566 5.22 46.09 39.64
CA GLY A 566 4.65 45.09 40.53
C GLY A 566 4.87 43.67 40.07
N MET A 567 6.04 43.39 39.48
CA MET A 567 6.33 42.06 38.97
C MET A 567 7.84 41.82 39.12
N THR A 568 8.21 41.04 40.14
CA THR A 568 9.60 40.63 40.28
C THR A 568 10.02 39.74 39.13
N CYS A 569 9.14 38.83 38.70
CA CYS A 569 9.40 37.91 37.61
C CYS A 569 8.74 38.42 36.33
N LYS A 570 9.37 38.10 35.20
CA LYS A 570 8.95 38.63 33.91
C LYS A 570 9.17 37.58 32.83
N GLY A 571 8.10 37.14 32.19
CA GLY A 571 8.18 36.20 31.09
C GLY A 571 7.15 35.10 31.24
N ILE A 572 7.24 34.11 30.36
CA ILE A 572 6.33 32.96 30.39
C ILE A 572 6.87 31.80 31.20
N ARG A 573 8.14 31.82 31.58
CA ARG A 573 8.69 30.78 32.45
C ARG A 573 8.48 31.17 33.92
N CYS A 574 7.21 31.35 34.27
CA CYS A 574 6.84 31.89 35.57
C CYS A 574 5.54 31.27 36.02
N GLU A 575 5.26 31.40 37.32
CA GLU A 575 3.99 30.92 37.85
C GLU A 575 2.83 31.75 37.33
N ARG A 576 3.03 33.04 37.14
CA ARG A 576 2.03 33.94 36.56
C ARG A 576 2.61 34.50 35.26
N GLN A 577 2.17 33.95 34.13
CA GLN A 577 2.64 34.40 32.84
C GLN A 577 2.05 35.77 32.52
N ASN A 578 2.91 36.73 32.18
CA ASN A 578 2.48 38.12 32.09
C ASN A 578 2.92 38.86 30.84
N ASN A 579 3.99 38.45 30.17
CA ASN A 579 4.56 39.22 29.06
C ASN A 579 4.88 38.31 27.89
N ALA A 580 3.90 37.50 27.49
CA ALA A 580 4.13 36.50 26.45
C ALA A 580 4.52 37.13 25.12
N PHE A 581 3.83 38.20 24.72
CA PHE A 581 4.00 38.78 23.40
C PHE A 581 4.54 40.21 23.46
N SER A 582 5.29 40.54 24.51
CA SER A 582 5.80 41.89 24.68
C SER A 582 7.07 42.18 23.89
N THR A 583 7.74 41.14 23.38
CA THR A 583 8.96 41.33 22.61
C THR A 583 9.13 40.16 21.65
N LEU A 584 10.01 40.35 20.66
CA LEU A 584 10.16 39.36 19.60
C LEU A 584 10.71 38.04 20.12
N PHE A 585 11.69 38.09 21.02
CA PHE A 585 12.28 36.87 21.55
C PHE A 585 11.27 36.08 22.37
N GLU A 586 10.55 36.75 23.26
CA GLU A 586 9.54 36.08 24.07
C GLU A 586 8.37 35.61 23.23
N THR A 587 7.99 36.37 22.21
CA THR A 587 6.94 35.92 21.30
C THR A 587 7.38 34.67 20.54
N LEU A 588 8.64 34.63 20.11
CA LEU A 588 9.15 33.48 19.38
C LEU A 588 9.19 32.23 20.25
N GLN A 589 9.62 32.37 21.50
CA GLN A 589 9.72 31.21 22.38
C GLN A 589 8.42 30.92 23.13
N SER A 590 7.39 31.76 22.97
CA SER A 590 6.07 31.45 23.51
C SER A 590 5.16 30.79 22.49
N LEU A 591 5.43 31.00 21.20
CA LEU A 591 4.73 30.25 20.16
C LEU A 591 5.22 28.82 20.07
N PHE A 592 6.49 28.58 20.42
CA PHE A 592 7.03 27.23 20.41
C PHE A 592 6.48 26.41 21.56
N TRP A 593 6.44 26.99 22.76
CA TRP A 593 5.95 26.27 23.94
C TRP A 593 4.46 26.00 23.89
N SER A 594 3.72 26.64 22.98
CA SER A 594 2.30 26.40 22.85
C SER A 594 1.98 25.14 22.05
N ILE A 595 2.98 24.55 21.39
CA ILE A 595 2.76 23.27 20.71
C ILE A 595 2.47 22.17 21.71
N PHE A 596 3.12 22.22 22.86
CA PHE A 596 2.95 21.23 23.91
C PHE A 596 1.88 21.62 24.93
N GLY A 597 1.21 22.75 24.74
CA GLY A 597 0.14 23.14 25.64
C GLY A 597 0.59 23.73 26.95
N LEU A 598 1.75 24.37 26.98
CA LEU A 598 2.29 24.93 28.22
C LEU A 598 2.12 26.44 28.31
N ILE A 599 1.29 27.04 27.46
CA ILE A 599 1.00 28.46 27.50
C ILE A 599 -0.47 28.64 27.83
N SER A 600 -0.75 29.43 28.87
CA SER A 600 -2.11 29.61 29.35
C SER A 600 -2.86 30.63 28.48
N LEU A 601 -4.18 30.66 28.66
CA LEU A 601 -5.05 31.50 27.84
C LEU A 601 -5.14 32.95 28.33
N TYR A 602 -4.68 33.25 29.54
CA TYR A 602 -4.78 34.60 30.06
C TYR A 602 -3.60 35.48 29.67
N VAL A 603 -2.68 34.98 28.85
CA VAL A 603 -1.56 35.79 28.38
C VAL A 603 -1.96 36.74 27.25
N THR A 604 -3.16 36.57 26.69
CA THR A 604 -3.65 37.45 25.64
C THR A 604 -4.31 38.71 26.18
N ASN A 605 -4.55 38.79 27.49
CA ASN A 605 -5.19 39.94 28.09
C ASN A 605 -4.21 41.09 28.24
N VAL A 606 -4.77 42.29 28.41
CA VAL A 606 -4.00 43.50 28.66
C VAL A 606 -4.62 44.22 29.85
N LYS A 607 -3.84 45.10 30.46
CA LYS A 607 -4.29 45.86 31.62
C LYS A 607 -5.07 47.10 31.18
N ALA A 608 -6.16 46.84 30.46
CA ALA A 608 -7.04 47.88 29.95
C ALA A 608 -8.33 47.22 29.50
N ASP A 609 -9.37 48.05 29.34
CA ASP A 609 -10.66 47.57 28.87
C ASP A 609 -10.79 47.67 27.35
N HIS A 610 -9.82 47.10 26.65
CA HIS A 610 -9.79 47.08 25.19
C HIS A 610 -10.16 45.67 24.73
N LYS A 611 -11.46 45.43 24.55
CA LYS A 611 -11.95 44.10 24.20
C LYS A 611 -11.86 43.81 22.71
N PHE A 612 -11.40 44.75 21.89
CA PHE A 612 -11.23 44.49 20.47
C PHE A 612 -9.85 43.97 20.13
N THR A 613 -8.79 44.55 20.71
CA THR A 613 -7.45 44.06 20.45
C THR A 613 -7.23 42.69 21.06
N GLU A 614 -7.82 42.44 22.24
CA GLU A 614 -7.68 41.14 22.88
C GLU A 614 -8.29 40.03 22.02
N PHE A 615 -9.46 40.29 21.43
CA PHE A 615 -10.08 39.29 20.57
C PHE A 615 -9.25 39.02 19.33
N VAL A 616 -8.65 40.05 18.75
CA VAL A 616 -7.81 39.86 17.57
C VAL A 616 -6.57 39.05 17.93
N GLY A 617 -5.95 39.36 19.07
CA GLY A 617 -4.79 38.58 19.50
C GLY A 617 -5.13 37.13 19.78
N ALA A 618 -6.26 36.88 20.45
CA ALA A 618 -6.68 35.51 20.69
C ALA A 618 -7.01 34.78 19.40
N THR A 619 -7.59 35.47 18.42
CA THR A 619 -7.86 34.86 17.13
C THR A 619 -6.56 34.51 16.41
N MET A 620 -5.55 35.38 16.49
CA MET A 620 -4.25 35.06 15.90
C MET A 620 -3.65 33.83 16.57
N PHE A 621 -3.71 33.77 17.90
CA PHE A 621 -3.16 32.64 18.63
C PHE A 621 -3.87 31.34 18.26
N GLY A 622 -5.20 31.38 18.18
CA GLY A 622 -5.95 30.19 17.81
C GLY A 622 -5.70 29.76 16.37
N THR A 623 -5.58 30.72 15.46
CA THR A 623 -5.28 30.39 14.08
C THR A 623 -3.90 29.76 13.95
N TYR A 624 -2.92 30.26 14.71
CA TYR A 624 -1.61 29.63 14.72
C TYR A 624 -1.69 28.22 15.28
N ASN A 625 -2.49 28.01 16.33
CA ASN A 625 -2.63 26.68 16.91
C ASN A 625 -3.26 25.71 15.91
N VAL A 626 -4.26 26.17 15.15
CA VAL A 626 -4.93 25.30 14.19
C VAL A 626 -3.98 24.92 13.05
N ILE A 627 -3.22 25.89 12.54
CA ILE A 627 -2.37 25.64 11.38
C ILE A 627 -1.27 24.65 11.72
N SER A 628 -0.65 24.79 12.88
CA SER A 628 0.53 24.00 13.22
C SER A 628 0.19 22.65 13.84
N LEU A 629 -0.78 22.61 14.76
CA LEU A 629 -1.04 21.42 15.54
C LEU A 629 -2.00 20.45 14.86
N VAL A 630 -2.89 20.95 14.02
CA VAL A 630 -3.90 20.12 13.36
C VAL A 630 -3.65 19.96 11.87
N VAL A 631 -2.95 20.89 11.22
CA VAL A 631 -2.73 20.85 9.79
C VAL A 631 -1.27 20.55 9.46
N LEU A 632 -0.32 21.24 10.09
CA LEU A 632 1.08 21.11 9.72
C LEU A 632 1.75 19.89 10.35
N LEU A 633 1.54 19.66 11.65
CA LEU A 633 2.08 18.50 12.32
C LEU A 633 1.24 17.25 12.09
N ASN A 634 0.40 17.27 11.07
CA ASN A 634 -0.51 16.19 10.74
C ASN A 634 -0.22 15.54 9.40
N MET A 635 0.31 16.29 8.43
CA MET A 635 0.79 15.72 7.19
C MET A 635 2.27 15.40 7.23
N LEU A 636 2.97 15.77 8.30
CA LEU A 636 4.34 15.30 8.48
C LEU A 636 4.37 13.80 8.69
N ILE A 637 3.44 13.28 9.51
CA ILE A 637 3.31 11.84 9.67
C ILE A 637 2.71 11.20 8.42
N ALA A 638 1.91 11.94 7.66
CA ALA A 638 1.27 11.39 6.47
C ALA A 638 2.27 11.02 5.38
N MET A 639 3.45 11.63 5.36
CA MET A 639 4.49 11.24 4.43
C MET A 639 5.56 10.38 5.07
N MET A 640 5.61 10.32 6.41
CA MET A 640 6.57 9.47 7.09
C MET A 640 6.35 8.01 6.71
N ASN A 641 5.10 7.56 6.73
CA ASN A 641 4.76 6.20 6.36
C ASN A 641 4.57 6.02 4.86
N ASN A 642 4.51 7.10 4.10
CA ASN A 642 4.52 7.03 2.64
C ASN A 642 5.93 7.12 2.06
N SER A 643 6.93 7.43 2.89
CA SER A 643 8.33 7.32 2.52
C SER A 643 9.01 6.13 3.17
N TYR A 644 8.44 5.60 4.26
CA TYR A 644 8.96 4.39 4.88
C TYR A 644 8.76 3.15 4.02
N GLN A 645 7.83 3.21 3.06
CA GLN A 645 7.61 2.07 2.17
C GLN A 645 8.85 1.77 1.34
N HIS A 646 9.40 2.80 0.69
CA HIS A 646 10.60 2.59 -0.13
C HIS A 646 11.83 2.40 0.73
N ILE A 647 11.86 3.01 1.91
CA ILE A 647 13.03 2.92 2.78
C ILE A 647 13.23 1.51 3.32
N ALA A 648 12.17 0.70 3.35
CA ALA A 648 12.25 -0.68 3.80
C ALA A 648 12.37 -1.68 2.65
N ASP A 649 12.35 -1.20 1.41
CA ASP A 649 12.52 -2.11 0.27
C ASP A 649 13.90 -2.75 0.27
N HIS A 650 14.94 -1.95 0.54
CA HIS A 650 16.32 -2.43 0.57
C HIS A 650 16.98 -2.04 1.88
N ALA A 651 16.27 -2.24 2.99
CA ALA A 651 16.82 -1.94 4.31
C ALA A 651 17.78 -3.01 4.81
N ASP A 652 17.72 -4.22 4.23
CA ASP A 652 18.63 -5.28 4.65
C ASP A 652 20.02 -5.08 4.10
N ILE A 653 20.13 -4.57 2.86
CA ILE A 653 21.43 -4.35 2.25
C ILE A 653 22.16 -3.19 2.94
N GLU A 654 21.43 -2.12 3.25
CA GLU A 654 22.05 -0.96 3.89
C GLU A 654 22.58 -1.32 5.28
N TRP A 655 21.80 -2.09 6.05
CA TRP A 655 22.26 -2.49 7.38
C TRP A 655 23.50 -3.35 7.28
N LYS A 656 23.55 -4.29 6.34
CA LYS A 656 24.74 -5.12 6.18
C LYS A 656 25.94 -4.30 5.76
N PHE A 657 25.74 -3.32 4.86
CA PHE A 657 26.83 -2.44 4.46
C PHE A 657 27.39 -1.69 5.66
N ALA A 658 26.51 -1.11 6.48
CA ALA A 658 26.95 -0.39 7.67
C ALA A 658 27.65 -1.34 8.65
N ARG A 659 27.13 -2.56 8.80
CA ARG A 659 27.72 -3.51 9.74
C ARG A 659 29.12 -3.91 9.31
N THR A 660 29.33 -4.17 8.03
CA THR A 660 30.68 -4.49 7.57
C THR A 660 31.60 -3.28 7.69
N LYS A 661 31.08 -2.08 7.42
CA LYS A 661 31.91 -0.88 7.56
C LYS A 661 32.34 -0.67 9.00
N LEU A 662 31.48 -1.03 9.95
CA LEU A 662 31.85 -0.95 11.36
C LEU A 662 32.79 -2.09 11.76
N TRP A 663 32.57 -3.29 11.20
CA TRP A 663 33.41 -4.44 11.51
C TRP A 663 34.84 -4.22 11.08
N MET A 664 35.05 -3.68 9.88
CA MET A 664 36.39 -3.57 9.32
C MET A 664 37.22 -2.47 9.97
N SER A 665 36.73 -1.85 11.04
CA SER A 665 37.53 -0.90 11.81
C SER A 665 38.24 -1.53 12.99
N TYR A 666 37.83 -2.74 13.39
CA TYR A 666 38.46 -3.47 14.48
C TYR A 666 39.37 -4.58 13.98
N PHE A 667 39.61 -4.66 12.67
CA PHE A 667 40.35 -5.76 12.08
C PHE A 667 41.86 -5.58 12.12
N GLU A 668 42.35 -4.35 11.98
CA GLU A 668 43.77 -4.08 11.78
C GLU A 668 44.41 -3.53 13.04
N GLU A 669 45.75 -3.46 12.99
CA GLU A 669 46.51 -2.87 14.09
C GLU A 669 46.20 -1.39 14.22
N GLY A 670 46.33 -0.88 15.44
CA GLY A 670 46.06 0.52 15.70
C GLY A 670 44.73 0.71 16.41
N GLY A 671 44.76 1.31 17.59
CA GLY A 671 43.57 1.49 18.39
C GLY A 671 43.16 0.29 19.20
N THR A 672 44.05 -0.69 19.38
CA THR A 672 43.72 -1.85 20.19
C THR A 672 43.49 -1.46 21.64
N LEU A 673 44.30 -0.55 22.16
CA LEU A 673 44.19 -0.13 23.55
C LEU A 673 43.02 0.85 23.70
N PRO A 674 42.15 0.65 24.69
CA PRO A 674 41.00 1.54 24.87
C PRO A 674 41.44 2.94 25.29
N PRO A 675 40.54 3.92 25.22
CA PRO A 675 40.92 5.31 25.51
C PRO A 675 41.52 5.51 26.90
N PRO A 676 41.07 4.78 27.96
CA PRO A 676 41.71 4.96 29.26
C PRO A 676 43.22 4.79 29.23
N PHE A 677 43.71 3.62 28.82
CA PHE A 677 45.14 3.40 28.65
C PHE A 677 45.51 3.58 27.17
N ASN A 678 45.40 4.82 26.71
CA ASN A 678 45.71 5.16 25.32
C ASN A 678 46.83 6.18 25.23
N ILE A 679 46.77 7.25 26.02
CA ILE A 679 47.80 8.28 25.99
C ILE A 679 49.07 7.79 26.69
N ASN A 718 53.86 -8.18 -8.12
CA ASN A 718 52.58 -8.78 -8.46
C ASN A 718 52.69 -9.65 -9.72
N VAL A 719 53.90 -10.13 -9.98
CA VAL A 719 54.13 -10.95 -11.17
C VAL A 719 53.46 -12.31 -11.02
N ARG A 720 53.60 -12.94 -9.85
CA ARG A 720 52.99 -14.24 -9.61
C ARG A 720 51.58 -14.14 -9.00
N LEU A 721 51.14 -12.95 -8.61
CA LEU A 721 49.81 -12.74 -8.06
C LEU A 721 48.79 -12.35 -9.13
N ASN A 722 49.22 -12.22 -10.39
CA ASN A 722 48.32 -11.84 -11.47
C ASN A 722 47.89 -13.01 -12.34
N HIS A 723 48.76 -14.01 -12.52
CA HIS A 723 48.41 -15.17 -13.34
C HIS A 723 47.22 -15.90 -12.77
N GLN A 724 47.24 -16.20 -11.47
CA GLN A 724 46.15 -16.92 -10.84
C GLN A 724 44.86 -16.10 -10.87
N TYR A 725 44.97 -14.78 -10.65
CA TYR A 725 43.79 -13.92 -10.70
C TYR A 725 43.16 -13.92 -12.08
N GLN A 726 43.97 -13.81 -13.13
CA GLN A 726 43.43 -13.87 -14.49
C GLN A 726 42.82 -15.23 -14.78
N GLU A 727 43.46 -16.30 -14.28
CA GLU A 727 42.94 -17.64 -14.51
C GLU A 727 41.56 -17.85 -13.88
N VAL A 728 41.38 -17.38 -12.63
CA VAL A 728 40.07 -17.54 -12.00
C VAL A 728 39.05 -16.59 -12.63
N LEU A 729 39.49 -15.39 -13.02
CA LEU A 729 38.58 -14.42 -13.63
C LEU A 729 38.04 -14.92 -14.96
N ARG A 730 38.88 -15.59 -15.75
CA ARG A 730 38.42 -16.15 -17.02
C ARG A 730 37.30 -17.14 -16.80
N ASN A 731 37.48 -18.05 -15.84
CA ASN A 731 36.44 -19.02 -15.52
C ASN A 731 35.18 -18.34 -15.02
N LEU A 732 35.33 -17.32 -14.17
CA LEU A 732 34.18 -16.61 -13.64
C LEU A 732 33.36 -15.97 -14.76
N VAL A 733 34.04 -15.26 -15.67
CA VAL A 733 33.34 -14.59 -16.77
C VAL A 733 32.69 -15.61 -17.69
N LYS A 734 33.41 -16.71 -17.99
CA LYS A 734 32.87 -17.70 -18.91
C LYS A 734 31.65 -18.41 -18.35
N ARG A 735 31.67 -18.79 -17.06
CA ARG A 735 30.50 -19.42 -16.48
C ARG A 735 29.41 -18.43 -16.12
N TYR A 736 29.72 -17.13 -16.08
CA TYR A 736 28.65 -16.13 -16.00
C TYR A 736 27.92 -16.01 -17.33
N VAL A 737 28.67 -16.00 -18.44
CA VAL A 737 28.05 -15.93 -19.76
C VAL A 737 27.25 -17.19 -20.03
N ALA A 738 27.83 -18.36 -19.71
CA ALA A 738 27.16 -19.65 -19.94
C ALA A 738 25.94 -19.84 -19.06
N ALA A 739 25.63 -18.91 -18.16
CA ALA A 739 24.40 -18.92 -17.39
C ALA A 739 23.47 -17.76 -17.72
N MET A 740 24.02 -16.63 -18.16
CA MET A 740 23.17 -15.50 -18.56
C MET A 740 22.54 -15.73 -19.93
N ILE A 741 23.25 -16.39 -20.85
CA ILE A 741 22.63 -16.67 -22.14
C ILE A 741 21.52 -17.71 -22.00
N ARG A 742 21.62 -18.59 -21.01
CA ARG A 742 20.57 -19.61 -20.80
C ARG A 742 19.27 -19.01 -20.30
N ASP A 743 19.32 -17.87 -19.60
CA ASP A 743 18.13 -17.30 -19.00
C ASP A 743 17.29 -16.49 -19.98
N ALA A 744 17.76 -16.29 -21.21
CA ALA A 744 17.00 -15.59 -22.23
C ALA A 744 16.35 -16.55 -23.22
N LYS A 745 17.13 -17.48 -23.78
CA LYS A 745 16.57 -18.45 -24.71
C LYS A 745 15.57 -19.38 -24.02
N THR A 746 15.89 -19.82 -22.80
CA THR A 746 14.99 -20.68 -22.05
C THR A 746 13.92 -19.90 -21.29
N GLU A 747 14.20 -18.65 -20.94
CA GLU A 747 13.25 -17.84 -20.20
C GLU A 747 13.25 -16.39 -20.72
N THR A 751 8.15 -18.92 -21.72
CA THR A 751 7.42 -19.62 -22.77
C THR A 751 8.20 -19.61 -24.08
N GLU A 752 9.41 -19.05 -24.04
CA GLU A 752 10.27 -19.02 -25.22
C GLU A 752 11.06 -20.31 -25.41
N GLU A 753 11.31 -21.05 -24.33
CA GLU A 753 12.02 -22.33 -24.46
C GLU A 753 11.21 -23.32 -25.28
N ASN A 754 9.91 -23.44 -24.99
CA ASN A 754 9.04 -24.34 -25.73
C ASN A 754 8.38 -23.62 -26.91
N PHE A 755 9.20 -22.94 -27.69
CA PHE A 755 8.76 -22.30 -28.93
C PHE A 755 9.65 -22.65 -30.10
N LYS A 756 10.96 -22.78 -29.87
CA LYS A 756 11.87 -23.13 -30.96
C LYS A 756 11.74 -24.59 -31.37
N GLU A 757 11.29 -25.45 -30.45
CA GLU A 757 11.04 -26.84 -30.81
C GLU A 757 9.89 -26.95 -31.81
N LEU A 758 8.85 -26.13 -31.64
CA LEU A 758 7.73 -26.13 -32.57
C LEU A 758 8.13 -25.64 -33.95
N LYS A 759 9.11 -24.75 -34.03
CA LYS A 759 9.64 -24.33 -35.32
C LYS A 759 10.72 -25.27 -35.85
N GLN A 760 11.27 -26.14 -35.00
CA GLN A 760 12.32 -27.07 -35.41
C GLN A 760 11.76 -28.37 -35.97
N ASP A 761 10.71 -28.91 -35.35
CA ASP A 761 10.13 -30.15 -35.87
C ASP A 761 9.46 -29.91 -37.21
N ILE A 762 8.88 -28.72 -37.42
CA ILE A 762 8.32 -28.38 -38.73
C ILE A 762 9.41 -28.36 -39.79
N SER A 763 10.56 -27.75 -39.47
CA SER A 763 11.66 -27.72 -40.42
C SER A 763 12.22 -29.12 -40.69
N SER A 764 12.26 -29.96 -39.66
CA SER A 764 12.71 -31.34 -39.86
C SER A 764 11.76 -32.09 -40.78
N PHE A 765 10.45 -31.92 -40.59
CA PHE A 765 9.48 -32.54 -41.48
C PHE A 765 9.61 -32.00 -42.90
N ARG A 766 9.84 -30.70 -43.05
CA ARG A 766 10.05 -30.12 -44.36
C ARG A 766 11.27 -30.71 -45.05
N TYR A 767 12.38 -30.86 -44.31
CA TYR A 767 13.59 -31.43 -44.89
C TYR A 767 13.37 -32.88 -45.30
N GLU A 768 12.68 -33.65 -44.46
CA GLU A 768 12.38 -35.04 -44.81
C GLU A 768 11.50 -35.13 -46.05
N VAL A 769 10.48 -34.27 -46.15
CA VAL A 769 9.61 -34.29 -47.32
C VAL A 769 10.38 -33.90 -48.57
N ILE A 770 11.23 -32.87 -48.47
CA ILE A 770 12.01 -32.43 -49.63
C ILE A 770 12.97 -33.52 -50.08
N GLY A 771 13.61 -34.20 -49.14
CA GLY A 771 14.52 -35.27 -49.48
C GLY A 771 13.87 -36.59 -49.81
N MET A 772 12.56 -36.70 -49.63
CA MET A 772 11.83 -37.92 -49.97
C MET A 772 11.32 -37.92 -51.41
N MET A 773 10.68 -36.84 -51.83
CA MET A 773 10.15 -36.75 -53.19
C MET A 773 11.29 -36.69 -54.22
N PRO B 39 38.02 3.90 -28.09
CA PRO B 39 38.56 2.63 -27.61
C PRO B 39 38.60 1.55 -28.69
N LEU B 40 39.79 1.25 -29.19
CA LEU B 40 39.97 0.20 -30.20
C LEU B 40 39.86 -1.14 -29.48
N ARG B 41 38.63 -1.63 -29.35
CA ARG B 41 38.37 -2.83 -28.57
C ARG B 41 38.76 -4.09 -29.34
N ILE B 42 39.03 -5.15 -28.58
CA ILE B 42 39.37 -6.46 -29.13
C ILE B 42 38.70 -7.53 -28.29
N VAL B 43 38.67 -8.75 -28.84
CA VAL B 43 38.12 -9.90 -28.15
C VAL B 43 39.25 -10.53 -27.32
N ARG B 44 39.13 -10.44 -26.00
CA ARG B 44 40.16 -10.93 -25.10
C ARG B 44 39.79 -12.31 -24.56
N ALA B 45 40.78 -13.19 -24.49
CA ALA B 45 40.66 -14.50 -23.87
C ALA B 45 39.55 -15.33 -24.52
N GLU B 46 39.72 -15.59 -25.81
CA GLU B 46 38.80 -16.44 -26.57
C GLU B 46 39.58 -17.07 -27.72
N SER B 47 38.86 -17.71 -28.63
CA SER B 47 39.47 -18.40 -29.76
C SER B 47 38.47 -18.47 -30.90
N GLU B 48 38.79 -19.28 -31.92
CA GLU B 48 37.92 -19.49 -33.06
C GLU B 48 37.73 -20.99 -33.26
N LEU B 49 36.54 -21.38 -33.72
CA LEU B 49 36.20 -22.80 -33.74
C LEU B 49 36.77 -23.51 -34.97
N SER B 50 36.30 -23.14 -36.16
CA SER B 50 36.73 -23.78 -37.41
C SER B 50 36.09 -23.13 -38.62
N THR B 51 36.42 -23.64 -39.81
CA THR B 51 35.76 -23.24 -41.04
C THR B 51 34.79 -24.29 -41.59
N GLN B 52 34.86 -25.52 -41.10
CA GLN B 52 34.03 -26.61 -41.59
C GLN B 52 32.93 -27.02 -40.62
N GLU B 53 33.27 -27.18 -39.34
CA GLU B 53 32.30 -27.67 -38.36
C GLU B 53 31.18 -26.69 -38.07
N LYS B 54 31.31 -25.42 -38.48
CA LYS B 54 30.23 -24.46 -38.30
C LYS B 54 28.99 -24.89 -39.08
N SER B 55 29.16 -25.31 -40.33
CA SER B 55 28.04 -25.79 -41.12
C SER B 55 27.46 -27.08 -40.56
N TYR B 56 28.31 -27.97 -40.03
CA TYR B 56 27.80 -29.19 -39.41
C TYR B 56 26.96 -28.88 -38.17
N LEU B 57 27.41 -27.93 -37.35
CA LEU B 57 26.62 -27.51 -36.20
C LEU B 57 25.30 -26.88 -36.64
N SER B 58 25.34 -26.08 -37.71
CA SER B 58 24.10 -25.49 -38.23
C SER B 58 23.14 -26.57 -38.70
N ALA B 59 23.65 -27.59 -39.40
CA ALA B 59 22.81 -28.68 -39.87
C ALA B 59 22.22 -29.46 -38.70
N VAL B 60 23.02 -29.66 -37.65
CA VAL B 60 22.50 -30.31 -36.44
C VAL B 60 21.38 -29.47 -35.84
N GLU B 61 21.56 -28.16 -35.78
CA GLU B 61 20.55 -27.28 -35.20
C GLU B 61 19.25 -27.30 -36.01
N LYS B 62 19.36 -27.29 -37.34
CA LYS B 62 18.16 -27.25 -38.18
C LYS B 62 17.40 -28.57 -38.17
N GLY B 63 17.95 -29.63 -37.60
CA GLY B 63 17.26 -30.91 -37.56
C GLY B 63 17.36 -31.72 -38.83
N ASP B 64 18.37 -31.46 -39.68
CA ASP B 64 18.55 -32.20 -40.92
C ASP B 64 19.17 -33.56 -40.57
N TYR B 65 18.40 -34.63 -40.76
CA TYR B 65 18.90 -35.96 -40.41
C TYR B 65 19.96 -36.44 -41.40
N ALA B 66 19.71 -36.25 -42.70
CA ALA B 66 20.63 -36.80 -43.71
C ALA B 66 21.99 -36.11 -43.68
N SER B 67 22.00 -34.78 -43.54
CA SER B 67 23.27 -34.05 -43.60
C SER B 67 24.18 -34.42 -42.44
N VAL B 68 23.62 -34.48 -41.22
CA VAL B 68 24.43 -34.85 -40.07
C VAL B 68 24.74 -36.34 -40.04
N LYS B 69 23.95 -37.17 -40.74
CA LYS B 69 24.28 -38.57 -40.85
C LYS B 69 25.47 -38.79 -41.79
N LEU B 70 25.47 -38.10 -42.94
CA LEU B 70 26.59 -38.22 -43.86
C LEU B 70 27.84 -37.54 -43.33
N ALA B 71 27.68 -36.46 -42.55
CA ALA B 71 28.83 -35.80 -41.97
C ALA B 71 29.54 -36.69 -40.97
N LEU B 72 28.79 -37.47 -40.19
CA LEU B 72 29.37 -38.35 -39.18
C LEU B 72 29.88 -39.65 -39.77
N GLU B 73 29.65 -39.93 -41.05
CA GLU B 73 30.04 -41.20 -41.66
C GLU B 73 31.54 -41.32 -41.88
N GLU B 74 32.34 -40.41 -41.33
CA GLU B 74 33.79 -40.48 -41.44
C GLU B 74 34.38 -41.44 -40.40
N ALA B 75 33.84 -42.66 -40.36
CA ALA B 75 34.22 -43.65 -39.35
C ALA B 75 35.69 -44.01 -39.43
N GLU B 76 36.46 -43.64 -38.40
CA GLU B 76 37.87 -43.99 -38.24
C GLU B 76 38.77 -43.33 -39.27
N ILE B 77 38.19 -42.58 -40.21
CA ILE B 77 38.94 -41.80 -41.19
C ILE B 77 38.24 -40.45 -41.28
N TYR B 78 38.79 -39.45 -40.59
CA TYR B 78 38.20 -38.12 -40.54
C TYR B 78 39.12 -37.10 -41.19
N PHE B 79 38.52 -36.11 -41.84
CA PHE B 79 39.28 -35.02 -42.45
C PHE B 79 39.40 -33.83 -41.48
N LYS B 80 39.89 -34.13 -40.28
CA LYS B 80 40.13 -33.12 -39.24
C LYS B 80 38.85 -32.36 -38.88
N ILE B 81 37.74 -33.09 -38.75
CA ILE B 81 36.50 -32.55 -38.20
C ILE B 81 36.24 -33.22 -36.86
N ASN B 82 36.06 -32.41 -35.82
CA ASN B 82 35.82 -32.92 -34.48
C ASN B 82 34.32 -32.98 -34.21
N ILE B 83 33.85 -34.15 -33.77
CA ILE B 83 32.45 -34.34 -33.42
C ILE B 83 32.21 -33.80 -32.03
N ASN B 84 33.28 -33.39 -31.34
CA ASN B 84 33.20 -32.82 -30.01
C ASN B 84 33.45 -31.31 -30.02
N CYS B 85 33.16 -30.66 -31.14
CA CYS B 85 33.34 -29.23 -31.26
C CYS B 85 32.40 -28.48 -30.32
N ILE B 86 32.88 -27.35 -29.82
CA ILE B 86 32.14 -26.53 -28.85
C ILE B 86 31.86 -25.19 -29.48
N ASP B 87 30.59 -24.81 -29.53
CA ASP B 87 30.19 -23.53 -30.10
C ASP B 87 30.58 -22.38 -29.18
N PRO B 88 30.60 -21.14 -29.69
CA PRO B 88 31.09 -20.02 -28.86
C PRO B 88 30.30 -19.80 -27.57
N LEU B 89 29.07 -20.28 -27.48
CA LEU B 89 28.29 -20.18 -26.25
C LEU B 89 28.41 -21.43 -25.38
N GLY B 90 29.27 -22.37 -25.75
CA GLY B 90 29.50 -23.56 -24.96
C GLY B 90 28.64 -24.75 -25.32
N ARG B 91 27.66 -24.58 -26.20
CA ARG B 91 26.79 -25.70 -26.58
C ARG B 91 27.52 -26.65 -27.51
N THR B 92 27.26 -27.95 -27.32
CA THR B 92 27.85 -29.01 -28.12
C THR B 92 26.77 -29.64 -28.98
N ALA B 93 27.20 -30.33 -30.05
CA ALA B 93 26.25 -30.93 -30.99
C ALA B 93 25.34 -31.91 -30.30
N LEU B 94 25.89 -32.75 -29.40
CA LEU B 94 25.04 -33.63 -28.61
C LEU B 94 24.10 -32.84 -27.72
N LEU B 95 24.62 -31.78 -27.08
N LEU B 95 24.62 -31.78 -27.08
CA LEU B 95 23.78 -30.96 -26.21
CA LEU B 95 23.80 -30.95 -26.22
C LEU B 95 22.81 -30.08 -26.99
C LEU B 95 22.79 -30.11 -27.01
N ILE B 96 23.12 -29.78 -28.26
CA ILE B 96 22.19 -29.00 -29.08
C ILE B 96 20.91 -29.79 -29.34
N ALA B 97 21.05 -31.07 -29.67
CA ALA B 97 19.87 -31.90 -29.89
C ALA B 97 19.03 -32.05 -28.63
N ILE B 98 19.67 -32.06 -27.46
CA ILE B 98 18.92 -32.10 -26.21
C ILE B 98 18.07 -30.84 -26.05
N GLU B 99 18.61 -29.70 -26.48
CA GLU B 99 17.88 -28.44 -26.34
C GLU B 99 16.62 -28.41 -27.17
N ASN B 100 16.52 -29.23 -28.22
CA ASN B 100 15.30 -29.36 -29.01
C ASN B 100 14.60 -30.69 -28.75
N GLU B 101 15.08 -31.48 -27.80
CA GLU B 101 14.56 -32.80 -27.45
C GLU B 101 14.12 -33.59 -28.69
N ASN B 102 15.00 -33.62 -29.68
CA ASN B 102 14.75 -34.35 -30.92
C ASN B 102 15.61 -35.62 -30.84
N LEU B 103 14.93 -36.77 -30.75
CA LEU B 103 15.59 -38.01 -30.37
C LEU B 103 16.33 -38.70 -31.51
N GLU B 104 15.98 -38.40 -32.76
CA GLU B 104 16.61 -39.12 -33.87
C GLU B 104 18.10 -38.81 -33.96
N ILE B 105 18.47 -37.53 -34.00
CA ILE B 105 19.88 -37.17 -34.02
C ILE B 105 20.55 -37.54 -32.70
N ILE B 106 19.80 -37.54 -31.61
CA ILE B 106 20.36 -37.98 -30.33
C ILE B 106 20.84 -39.43 -30.44
N GLU B 107 19.98 -40.31 -30.95
CA GLU B 107 20.36 -41.71 -31.12
C GLU B 107 21.47 -41.86 -32.15
N LEU B 108 21.43 -41.08 -33.23
CA LEU B 108 22.48 -41.15 -34.24
C LEU B 108 23.84 -40.79 -33.65
N LEU B 109 23.89 -39.71 -32.85
CA LEU B 109 25.13 -39.31 -32.20
C LEU B 109 25.57 -40.36 -31.18
N LEU B 110 24.63 -40.91 -30.42
CA LEU B 110 24.98 -41.91 -29.42
C LEU B 110 25.54 -43.18 -30.06
N SER B 111 25.07 -43.52 -31.25
CA SER B 111 25.59 -44.71 -31.93
C SER B 111 27.04 -44.54 -32.38
N PHE B 112 27.54 -43.31 -32.46
CA PHE B 112 28.92 -43.05 -32.84
C PHE B 112 29.82 -42.77 -31.65
N ASN B 113 29.33 -43.01 -30.43
CA ASN B 113 30.13 -42.89 -29.21
C ASN B 113 30.70 -41.49 -29.03
N VAL B 114 29.83 -40.49 -29.17
CA VAL B 114 30.23 -39.13 -28.86
C VAL B 114 30.42 -38.98 -27.35
N TYR B 115 31.31 -38.07 -26.96
CA TYR B 115 31.60 -37.88 -25.55
C TYR B 115 30.42 -37.20 -24.85
N VAL B 116 29.94 -37.81 -23.77
CA VAL B 116 28.79 -37.28 -23.04
C VAL B 116 29.25 -36.38 -21.91
N GLY B 117 30.00 -36.94 -20.96
CA GLY B 117 30.50 -36.17 -19.84
C GLY B 117 29.43 -35.87 -18.80
N ASP B 118 28.53 -34.94 -19.13
CA ASP B 118 27.46 -34.58 -18.21
C ASP B 118 26.13 -34.33 -18.93
N ALA B 119 25.94 -34.93 -20.10
CA ALA B 119 24.70 -34.70 -20.86
C ALA B 119 23.47 -35.20 -20.09
N LEU B 120 23.64 -36.23 -19.27
CA LEU B 120 22.52 -36.73 -18.47
C LEU B 120 22.02 -35.66 -17.51
N LEU B 121 22.95 -34.92 -16.89
CA LEU B 121 22.55 -33.84 -15.99
C LEU B 121 21.78 -32.76 -16.74
N HIS B 122 22.23 -32.42 -17.95
CA HIS B 122 21.51 -31.41 -18.74
C HIS B 122 20.12 -31.90 -19.11
N ALA B 123 19.99 -33.17 -19.50
CA ALA B 123 18.68 -33.72 -19.82
C ALA B 123 17.76 -33.71 -18.61
N ILE B 124 18.31 -34.04 -17.43
CA ILE B 124 17.51 -34.00 -16.21
C ILE B 124 17.07 -32.58 -15.90
N ARG B 125 17.97 -31.61 -16.06
CA ARG B 125 17.63 -30.22 -15.75
C ARG B 125 16.57 -29.69 -16.70
N LYS B 126 16.64 -30.07 -17.98
CA LYS B 126 15.66 -29.61 -18.96
C LYS B 126 14.39 -30.44 -18.96
N GLU B 127 14.34 -31.52 -18.17
CA GLU B 127 13.14 -32.33 -17.99
C GLU B 127 12.68 -32.98 -19.30
N VAL B 128 13.55 -33.77 -19.92
CA VAL B 128 13.20 -34.54 -21.10
C VAL B 128 13.25 -36.02 -20.74
N VAL B 129 12.09 -36.68 -20.83
CA VAL B 129 12.01 -38.09 -20.43
C VAL B 129 12.76 -38.98 -21.41
N GLY B 130 12.62 -38.70 -22.71
CA GLY B 130 13.27 -39.55 -23.71
C GLY B 130 14.77 -39.48 -23.65
N ALA B 131 15.34 -38.28 -23.46
CA ALA B 131 16.78 -38.15 -23.37
C ALA B 131 17.33 -38.88 -22.15
N VAL B 132 16.64 -38.80 -21.02
CA VAL B 132 17.07 -39.51 -19.82
C VAL B 132 16.97 -41.02 -20.04
N GLU B 133 15.89 -41.47 -20.69
CA GLU B 133 15.76 -42.90 -21.00
C GLU B 133 16.91 -43.39 -21.87
N LEU B 134 17.28 -42.60 -22.89
CA LEU B 134 18.34 -43.02 -23.79
C LEU B 134 19.71 -42.99 -23.11
N LEU B 135 19.97 -41.96 -22.30
CA LEU B 135 21.28 -41.80 -21.67
C LEU B 135 21.44 -42.68 -20.43
N LEU B 136 20.36 -43.23 -19.88
CA LEU B 136 20.46 -44.07 -18.69
C LEU B 136 20.98 -45.47 -19.01
N ASN B 137 21.03 -45.86 -20.28
CA ASN B 137 21.54 -47.18 -20.69
C ASN B 137 22.41 -46.99 -21.93
N HIS B 138 23.70 -46.76 -21.71
CA HIS B 138 24.64 -46.57 -22.80
C HIS B 138 26.07 -46.84 -22.34
N GLN B 155 39.17 -27.94 -17.85
CA GLN B 155 38.09 -28.48 -17.04
C GLN B 155 37.02 -27.43 -16.78
N PHE B 156 35.82 -27.67 -17.31
CA PHE B 156 34.70 -26.75 -17.10
C PHE B 156 33.40 -27.54 -17.08
N SER B 157 32.64 -27.39 -16.01
CA SER B 157 31.30 -27.94 -15.90
C SER B 157 30.37 -26.88 -15.33
N ASP B 158 29.20 -26.72 -15.94
CA ASP B 158 28.23 -25.73 -15.48
C ASP B 158 27.40 -26.22 -14.31
N PHE B 159 27.85 -27.28 -13.62
CA PHE B 159 27.17 -27.82 -12.46
C PHE B 159 28.15 -27.90 -11.30
N THR B 160 27.64 -27.65 -10.09
CA THR B 160 28.47 -27.70 -8.91
C THR B 160 28.99 -29.12 -8.71
N PRO B 161 30.27 -29.28 -8.34
CA PRO B 161 30.88 -30.63 -8.34
C PRO B 161 30.17 -31.64 -7.43
N ASP B 162 29.52 -31.19 -6.35
CA ASP B 162 28.86 -32.13 -5.46
C ASP B 162 27.45 -32.49 -5.92
N ILE B 163 26.99 -31.94 -7.04
CA ILE B 163 25.65 -32.24 -7.54
C ILE B 163 25.66 -33.61 -8.21
N THR B 164 24.77 -34.49 -7.76
CA THR B 164 24.53 -35.79 -8.36
C THR B 164 23.23 -35.77 -9.13
N PRO B 165 23.04 -36.69 -10.09
CA PRO B 165 21.80 -36.67 -10.88
C PRO B 165 20.54 -36.78 -10.04
N ILE B 166 20.56 -37.55 -8.96
CA ILE B 166 19.38 -37.68 -8.12
C ILE B 166 19.06 -36.36 -7.42
N ILE B 167 20.09 -35.65 -6.96
CA ILE B 167 19.87 -34.37 -6.27
C ILE B 167 19.24 -33.36 -7.23
N LEU B 168 19.78 -33.25 -8.44
CA LEU B 168 19.23 -32.30 -9.40
C LEU B 168 17.83 -32.72 -9.83
N ALA B 169 17.59 -34.02 -9.99
CA ALA B 169 16.25 -34.49 -10.36
C ALA B 169 15.24 -34.14 -9.28
N ALA B 170 15.61 -34.31 -8.01
CA ALA B 170 14.73 -33.88 -6.93
C ALA B 170 14.55 -32.38 -6.90
N HIS B 171 15.58 -31.63 -7.32
CA HIS B 171 15.44 -30.17 -7.42
C HIS B 171 14.40 -29.79 -8.46
N THR B 172 14.42 -30.45 -9.63
CA THR B 172 13.46 -30.09 -10.68
C THR B 172 12.03 -30.49 -10.34
N ASN B 173 11.83 -31.34 -9.33
CA ASN B 173 10.50 -31.75 -8.89
C ASN B 173 9.70 -32.40 -10.02
N ASN B 174 10.37 -33.22 -10.82
CA ASN B 174 9.73 -33.98 -11.89
C ASN B 174 9.52 -35.41 -11.41
N TYR B 175 8.26 -35.85 -11.40
CA TYR B 175 7.94 -37.15 -10.81
C TYR B 175 8.51 -38.29 -11.64
N GLU B 176 8.49 -38.18 -12.97
CA GLU B 176 8.88 -39.30 -13.82
C GLU B 176 10.39 -39.58 -13.70
N ILE B 177 11.21 -38.54 -13.76
CA ILE B 177 12.66 -38.74 -13.73
C ILE B 177 13.11 -39.28 -12.38
N ILE B 178 12.52 -38.77 -11.29
CA ILE B 178 12.89 -39.25 -9.96
C ILE B 178 12.55 -40.73 -9.81
N LYS B 179 11.36 -41.12 -10.26
CA LYS B 179 10.97 -42.53 -10.19
C LYS B 179 11.89 -43.39 -11.06
N MET B 180 12.24 -42.89 -12.25
CA MET B 180 13.13 -43.63 -13.14
C MET B 180 14.49 -43.86 -12.49
N LEU B 181 15.03 -42.83 -11.84
CA LEU B 181 16.33 -42.99 -11.18
C LEU B 181 16.23 -43.90 -9.96
N VAL B 182 15.12 -43.81 -9.21
CA VAL B 182 14.97 -44.65 -8.02
C VAL B 182 14.84 -46.12 -8.41
N GLN B 183 14.19 -46.40 -9.54
CA GLN B 183 14.05 -47.79 -9.98
C GLN B 183 15.39 -48.43 -10.29
N LYS B 184 16.44 -47.63 -10.55
CA LYS B 184 17.76 -48.17 -10.79
C LYS B 184 18.57 -48.34 -9.51
N GLY B 185 18.27 -47.57 -8.48
CA GLY B 185 18.96 -47.68 -7.21
C GLY B 185 19.97 -46.57 -6.97
N VAL B 186 19.58 -45.56 -6.20
CA VAL B 186 20.43 -44.42 -5.86
C VAL B 186 20.28 -44.12 -4.37
N SER B 187 21.13 -43.24 -3.86
CA SER B 187 21.07 -42.83 -2.47
C SER B 187 21.64 -41.42 -2.34
N VAL B 188 20.93 -40.57 -1.61
CA VAL B 188 21.36 -39.20 -1.35
C VAL B 188 22.16 -39.18 -0.05
N PRO B 189 23.28 -38.47 0.01
CA PRO B 189 24.04 -38.41 1.28
C PRO B 189 23.21 -37.81 2.40
N GLN B 190 23.40 -38.35 3.60
CA GLN B 190 22.70 -37.84 4.77
C GLN B 190 23.29 -36.50 5.21
N PRO B 191 22.44 -35.60 5.73
CA PRO B 191 22.91 -34.23 6.02
C PRO B 191 23.84 -34.12 7.22
N HIS B 192 23.94 -35.17 8.04
CA HIS B 192 24.80 -35.15 9.23
C HIS B 192 24.45 -34.00 10.17
N ASP B 206 33.97 -26.20 7.63
CA ASP B 206 34.97 -27.22 7.93
C ASP B 206 35.83 -27.51 6.71
N VAL B 207 36.92 -26.76 6.56
CA VAL B 207 37.84 -26.86 5.43
C VAL B 207 37.10 -26.51 4.14
N ASP B 208 37.38 -25.32 3.59
CA ASP B 208 36.67 -24.78 2.43
C ASP B 208 35.18 -24.69 2.74
N SER B 209 34.86 -23.82 3.71
CA SER B 209 33.51 -23.71 4.23
C SER B 209 32.52 -23.17 3.22
N LEU B 210 33.00 -22.54 2.13
CA LEU B 210 32.08 -22.01 1.13
C LEU B 210 31.29 -23.12 0.46
N ARG B 211 31.96 -24.21 0.11
CA ARG B 211 31.29 -25.33 -0.54
C ARG B 211 30.76 -26.37 0.44
N HIS B 212 31.10 -26.26 1.73
CA HIS B 212 30.49 -27.13 2.73
C HIS B 212 29.06 -26.71 3.03
N SER B 213 28.81 -25.40 3.11
CA SER B 213 27.45 -24.92 3.34
C SER B 213 26.60 -25.04 2.08
N ARG B 214 27.20 -24.85 0.91
CA ARG B 214 26.46 -25.01 -0.33
C ARG B 214 26.04 -26.46 -0.55
N SER B 215 26.93 -27.40 -0.23
CA SER B 215 26.60 -28.81 -0.38
C SER B 215 25.49 -29.23 0.59
N ARG B 216 25.55 -28.74 1.83
CA ARG B 216 24.51 -29.08 2.80
C ARG B 216 23.16 -28.51 2.40
N LEU B 217 23.15 -27.30 1.84
CA LEU B 217 21.90 -26.70 1.40
C LEU B 217 21.28 -27.48 0.25
N ASN B 218 22.11 -27.97 -0.68
CA ASN B 218 21.59 -28.67 -1.85
C ASN B 218 20.89 -29.97 -1.47
N ILE B 219 21.46 -30.73 -0.53
CA ILE B 219 20.85 -32.00 -0.13
C ILE B 219 19.59 -31.78 0.70
N TYR B 220 19.47 -30.64 1.39
CA TYR B 220 18.22 -30.35 2.10
C TYR B 220 17.13 -29.89 1.14
N LYS B 221 17.50 -29.21 0.06
CA LYS B 221 16.52 -28.85 -0.96
C LYS B 221 16.00 -30.06 -1.70
N ALA B 222 16.85 -31.06 -1.94
CA ALA B 222 16.40 -32.30 -2.56
C ALA B 222 15.55 -33.13 -1.61
N LEU B 223 15.91 -33.12 -0.32
CA LEU B 223 15.13 -33.88 0.67
C LEU B 223 13.74 -33.28 0.85
N ALA B 224 13.63 -31.95 0.76
CA ALA B 224 12.36 -31.26 0.94
C ALA B 224 11.68 -31.01 -0.40
N SER B 225 11.32 -32.10 -1.07
CA SER B 225 10.63 -32.04 -2.35
C SER B 225 9.43 -32.98 -2.30
N PRO B 226 8.23 -32.51 -2.64
CA PRO B 226 7.04 -33.38 -2.53
C PRO B 226 7.12 -34.64 -3.37
N SER B 227 7.78 -34.59 -4.53
CA SER B 227 7.86 -35.78 -5.39
C SER B 227 8.69 -36.88 -4.73
N LEU B 228 9.85 -36.52 -4.16
CA LEU B 228 10.71 -37.52 -3.55
C LEU B 228 10.08 -38.11 -2.29
N ILE B 229 9.39 -37.27 -1.51
CA ILE B 229 8.77 -37.74 -0.28
C ILE B 229 7.62 -38.71 -0.60
N ALA B 230 6.90 -38.46 -1.70
CA ALA B 230 5.70 -39.22 -1.98
C ALA B 230 5.97 -40.68 -2.32
N LEU B 231 7.18 -41.02 -2.77
CA LEU B 231 7.47 -42.38 -3.22
C LEU B 231 8.59 -43.07 -2.45
N SER B 232 9.24 -42.39 -1.50
CA SER B 232 10.36 -42.99 -0.79
C SER B 232 10.33 -42.68 0.70
N SER B 233 9.14 -42.54 1.28
CA SER B 233 9.00 -42.27 2.71
C SER B 233 8.02 -43.27 3.32
N GLU B 234 8.38 -43.76 4.50
CA GLU B 234 7.50 -44.67 5.23
C GLU B 234 6.20 -43.97 5.64
N ASP B 235 6.31 -42.72 6.09
CA ASP B 235 5.15 -41.93 6.51
C ASP B 235 5.38 -40.49 6.10
N PRO B 236 4.83 -40.06 4.95
CA PRO B 236 5.03 -38.67 4.52
C PRO B 236 4.47 -37.63 5.47
N PHE B 237 3.50 -38.01 6.31
CA PHE B 237 2.95 -37.07 7.28
C PHE B 237 3.91 -36.82 8.44
N LEU B 238 4.89 -37.68 8.65
CA LEU B 238 5.85 -37.54 9.74
C LEU B 238 7.19 -36.99 9.28
N THR B 239 7.68 -37.41 8.12
CA THR B 239 8.94 -36.87 7.61
C THR B 239 8.82 -35.41 7.18
N ALA B 240 7.60 -34.88 7.08
CA ALA B 240 7.41 -33.47 6.79
C ALA B 240 7.37 -32.62 8.07
N PHE B 241 6.92 -33.20 9.18
CA PHE B 241 6.92 -32.47 10.45
C PHE B 241 8.33 -32.27 10.96
N GLN B 242 9.14 -33.32 10.97
CA GLN B 242 10.50 -33.23 11.50
C GLN B 242 11.40 -32.41 10.59
N LEU B 243 11.29 -32.61 9.27
CA LEU B 243 12.18 -31.91 8.34
C LEU B 243 11.86 -30.42 8.29
N SER B 244 10.59 -30.05 8.44
CA SER B 244 10.25 -28.64 8.53
C SER B 244 10.69 -28.02 9.84
N TRP B 245 10.72 -28.81 10.92
CA TRP B 245 11.19 -28.30 12.20
C TRP B 245 12.69 -28.03 12.17
N GLU B 246 13.47 -28.99 11.67
CA GLU B 246 14.92 -28.81 11.64
C GLU B 246 15.35 -27.79 10.60
N LEU B 247 14.54 -27.57 9.55
CA LEU B 247 14.85 -26.49 8.61
C LEU B 247 14.65 -25.12 9.23
N GLN B 248 13.68 -24.99 10.13
CA GLN B 248 13.44 -23.71 10.79
C GLN B 248 14.57 -23.38 11.77
N GLU B 249 15.02 -24.37 12.55
CA GLU B 249 16.09 -24.13 13.50
C GLU B 249 17.47 -24.10 12.87
N LEU B 250 17.61 -24.59 11.63
CA LEU B 250 18.88 -24.49 10.92
C LEU B 250 19.08 -23.11 10.29
N SER B 251 18.00 -22.32 10.16
CA SER B 251 18.12 -20.96 9.67
C SER B 251 18.61 -19.99 10.73
N LYS B 252 18.72 -20.43 11.98
CA LYS B 252 19.22 -19.58 13.05
C LYS B 252 20.72 -19.74 13.30
N VAL B 253 21.30 -20.89 12.92
CA VAL B 253 22.74 -21.08 13.05
C VAL B 253 23.50 -20.66 11.79
N GLU B 254 22.81 -20.56 10.65
CA GLU B 254 23.40 -20.09 9.41
C GLU B 254 22.62 -18.84 9.00
N ASN B 255 23.05 -17.69 9.53
CA ASN B 255 22.33 -16.44 9.32
C ASN B 255 22.52 -15.88 7.92
N GLU B 256 23.56 -16.28 7.21
CA GLU B 256 23.79 -15.78 5.86
C GLU B 256 22.84 -16.38 4.84
N PHE B 257 22.25 -17.54 5.14
CA PHE B 257 21.30 -18.19 4.25
C PHE B 257 19.96 -18.42 4.95
N LYS B 258 19.59 -17.52 5.86
CA LYS B 258 18.35 -17.69 6.61
C LYS B 258 17.12 -17.42 5.75
N ALA B 259 17.26 -16.65 4.67
CA ALA B 259 16.13 -16.39 3.80
C ALA B 259 15.77 -17.57 2.92
N GLU B 260 16.69 -18.52 2.72
CA GLU B 260 16.42 -19.70 1.92
C GLU B 260 16.07 -20.92 2.75
N TYR B 261 16.62 -21.05 3.96
CA TYR B 261 16.25 -22.17 4.82
C TYR B 261 14.83 -22.03 5.33
N GLU B 262 14.41 -20.82 5.68
CA GLU B 262 13.06 -20.62 6.21
C GLU B 262 12.00 -20.68 5.12
N GLU B 263 12.35 -20.31 3.88
CA GLU B 263 11.42 -20.47 2.77
C GLU B 263 11.32 -21.92 2.32
N LEU B 264 12.33 -22.73 2.63
CA LEU B 264 12.25 -24.17 2.37
C LEU B 264 11.36 -24.88 3.39
N SER B 265 11.38 -24.42 4.64
CA SER B 265 10.52 -25.00 5.66
C SER B 265 9.05 -24.64 5.43
N HIS B 266 8.79 -23.44 4.91
CA HIS B 266 7.41 -23.04 4.66
C HIS B 266 6.75 -23.90 3.61
N GLN B 267 7.51 -24.37 2.62
CA GLN B 267 6.96 -25.25 1.60
C GLN B 267 6.71 -26.67 2.12
N CYS B 268 7.39 -27.06 3.21
CA CYS B 268 7.12 -28.36 3.81
C CYS B 268 5.82 -28.36 4.59
N LYS B 269 5.45 -27.23 5.19
CA LYS B 269 4.17 -27.14 5.89
C LYS B 269 3.00 -27.17 4.92
N HIS B 270 3.16 -26.58 3.73
CA HIS B 270 2.10 -26.63 2.73
C HIS B 270 1.91 -28.04 2.20
N PHE B 271 2.96 -28.85 2.16
CA PHE B 271 2.85 -30.21 1.64
C PHE B 271 1.91 -31.05 2.50
N ALA B 272 2.03 -30.95 3.83
CA ALA B 272 1.16 -31.72 4.71
C ALA B 272 -0.30 -31.29 4.58
N LYS B 273 -0.54 -29.98 4.48
CA LYS B 273 -1.90 -29.48 4.31
C LYS B 273 -2.48 -29.95 2.99
N ASP B 274 -1.69 -29.91 1.92
CA ASP B 274 -2.18 -30.37 0.61
C ASP B 274 -2.45 -31.87 0.62
N LEU B 275 -1.61 -32.65 1.31
CA LEU B 275 -1.85 -34.08 1.42
C LEU B 275 -3.11 -34.37 2.22
N LEU B 276 -3.37 -33.58 3.26
CA LEU B 276 -4.60 -33.75 4.03
C LEU B 276 -5.83 -33.25 3.30
N ASP B 277 -5.65 -32.39 2.29
CA ASP B 277 -6.76 -31.85 1.52
C ASP B 277 -7.42 -32.88 0.61
N GLN B 278 -6.80 -34.03 0.40
CA GLN B 278 -7.27 -35.02 -0.55
C GLN B 278 -8.23 -36.04 0.05
N THR B 279 -8.61 -35.87 1.31
CA THR B 279 -9.57 -36.78 1.92
C THR B 279 -10.94 -36.63 1.26
N ARG B 280 -11.61 -37.77 1.07
CA ARG B 280 -12.92 -37.80 0.41
C ARG B 280 -14.08 -37.97 1.38
N SER B 281 -13.86 -38.64 2.52
CA SER B 281 -14.93 -38.91 3.46
C SER B 281 -14.42 -38.65 4.88
N SER B 282 -15.37 -38.41 5.78
CA SER B 282 -15.02 -38.18 7.18
C SER B 282 -14.44 -39.43 7.84
N ARG B 283 -14.66 -40.60 7.25
CA ARG B 283 -14.05 -41.82 7.79
C ARG B 283 -12.53 -41.76 7.70
N GLU B 284 -12.01 -41.24 6.58
CA GLU B 284 -10.56 -41.12 6.44
C GLU B 284 -9.98 -40.08 7.39
N LEU B 285 -10.66 -38.94 7.54
CA LEU B 285 -10.08 -37.83 8.31
C LEU B 285 -9.92 -38.20 9.78
N GLU B 286 -10.91 -38.87 10.36
CA GLU B 286 -10.80 -39.23 11.77
C GLU B 286 -9.78 -40.32 12.01
N LEU B 287 -9.38 -41.05 10.97
CA LEU B 287 -8.37 -42.09 11.10
C LEU B 287 -6.96 -41.56 10.96
N ILE B 288 -6.77 -40.48 10.19
CA ILE B 288 -5.46 -39.88 10.05
C ILE B 288 -5.04 -39.19 11.34
N LEU B 289 -5.95 -38.44 11.95
CA LEU B 289 -5.63 -37.65 13.13
C LEU B 289 -5.63 -38.46 14.42
N ASN B 290 -6.11 -39.69 14.40
CA ASN B 290 -6.18 -40.53 15.59
C ASN B 290 -5.08 -41.59 15.64
N PHE B 291 -4.13 -41.53 14.72
CA PHE B 291 -3.08 -42.54 14.68
C PHE B 291 -2.17 -42.44 15.90
N ARG B 292 -1.72 -43.58 16.39
CA ARG B 292 -0.82 -43.67 17.54
C ARG B 292 -1.40 -42.97 18.77
N ASN B 304 -4.44 -40.45 23.87
CA ASN B 304 -5.44 -41.48 23.57
C ASN B 304 -6.25 -41.11 22.34
N GLU B 305 -6.84 -39.92 22.37
CA GLU B 305 -7.64 -39.42 21.26
C GLU B 305 -6.96 -38.21 20.63
N LEU B 306 -7.05 -38.12 19.30
CA LEU B 306 -6.42 -37.04 18.53
C LEU B 306 -4.92 -36.97 18.82
N ALA B 307 -4.28 -38.16 18.83
CA ALA B 307 -2.86 -38.22 19.16
C ALA B 307 -2.01 -37.49 18.13
N ARG B 308 -2.30 -37.69 16.84
CA ARG B 308 -1.52 -37.04 15.80
C ARG B 308 -1.83 -35.56 15.67
N LEU B 309 -3.07 -35.16 15.99
CA LEU B 309 -3.42 -33.73 15.94
C LEU B 309 -2.64 -32.94 16.97
N LYS B 310 -2.46 -33.50 18.17
CA LYS B 310 -1.63 -32.83 19.17
C LYS B 310 -0.16 -32.84 18.79
N LEU B 311 0.28 -33.86 18.03
CA LEU B 311 1.66 -33.90 17.57
C LEU B 311 1.94 -32.79 16.56
N ALA B 312 0.97 -32.46 15.71
CA ALA B 312 1.16 -31.36 14.77
C ALA B 312 1.22 -30.01 15.49
N ILE B 313 0.48 -29.86 16.58
CA ILE B 313 0.54 -28.63 17.36
C ILE B 313 1.91 -28.46 18.00
N LYS B 314 2.52 -29.56 18.44
CA LYS B 314 3.84 -29.49 19.03
C LYS B 314 4.89 -29.01 18.03
N TYR B 315 4.75 -29.39 16.76
CA TYR B 315 5.68 -28.99 15.72
C TYR B 315 5.32 -27.66 15.09
N ARG B 316 4.30 -26.97 15.60
CA ARG B 316 3.90 -25.65 15.11
C ARG B 316 3.49 -25.68 13.64
N GLN B 317 2.63 -26.64 13.30
CA GLN B 317 2.10 -26.77 11.94
C GLN B 317 0.78 -26.01 11.87
N LYS B 318 0.90 -24.68 11.73
CA LYS B 318 -0.29 -23.84 11.72
C LYS B 318 -1.16 -24.11 10.50
N GLU B 319 -0.54 -24.29 9.32
CA GLU B 319 -1.32 -24.53 8.11
C GLU B 319 -2.07 -25.87 8.21
N PHE B 320 -1.40 -26.91 8.70
CA PHE B 320 -2.04 -28.21 8.82
C PHE B 320 -3.22 -28.17 9.79
N VAL B 321 -3.05 -27.51 10.94
CA VAL B 321 -4.09 -27.48 11.94
C VAL B 321 -5.27 -26.62 11.48
N ALA B 322 -4.99 -25.46 10.88
CA ALA B 322 -6.04 -24.54 10.46
C ALA B 322 -6.58 -24.93 9.08
N GLN B 323 -7.11 -26.14 9.00
CA GLN B 323 -7.73 -26.66 7.79
C GLN B 323 -9.23 -26.81 7.98
N PRO B 324 -10.03 -26.37 7.00
CA PRO B 324 -11.49 -26.35 7.21
C PRO B 324 -12.09 -27.72 7.52
N ASN B 325 -11.60 -28.78 6.88
CA ASN B 325 -12.20 -30.10 7.08
C ASN B 325 -11.98 -30.62 8.49
N CYS B 326 -10.79 -30.41 9.06
CA CYS B 326 -10.54 -30.79 10.44
C CYS B 326 -11.08 -29.76 11.43
N GLN B 327 -11.13 -28.49 11.02
CA GLN B 327 -11.77 -27.47 11.87
C GLN B 327 -13.24 -27.78 12.09
N GLN B 328 -13.91 -28.32 11.07
CA GLN B 328 -15.32 -28.70 11.23
C GLN B 328 -15.48 -29.80 12.26
N LEU B 329 -14.62 -30.82 12.21
CA LEU B 329 -14.69 -31.91 13.20
C LEU B 329 -14.37 -31.39 14.59
N LEU B 330 -13.37 -30.52 14.71
CA LEU B 330 -13.02 -29.97 16.01
C LEU B 330 -14.16 -29.13 16.59
N ALA B 331 -14.83 -28.33 15.74
CA ALA B 331 -15.98 -27.57 16.21
C ALA B 331 -17.15 -28.48 16.57
N SER B 332 -17.33 -29.58 15.84
CA SER B 332 -18.37 -30.54 16.20
C SER B 332 -18.12 -31.15 17.57
N ARG B 333 -16.85 -31.48 17.87
CA ARG B 333 -16.52 -31.96 19.20
C ARG B 333 -16.71 -30.88 20.25
N TRP B 334 -16.36 -29.63 19.92
CA TRP B 334 -16.46 -28.54 20.87
C TRP B 334 -17.92 -28.28 21.26
N TYR B 335 -18.79 -28.11 20.27
CA TYR B 335 -20.20 -27.81 20.53
C TYR B 335 -21.00 -29.05 20.89
N ASP B 336 -20.47 -30.24 20.64
CA ASP B 336 -21.14 -31.50 20.97
C ASP B 336 -22.53 -31.58 20.35
N ARG B 344 -30.39 -20.46 16.31
CA ARG B 344 -29.94 -19.51 17.32
C ARG B 344 -29.45 -18.23 16.66
N HIS B 345 -29.78 -17.09 17.26
CA HIS B 345 -29.36 -15.80 16.74
C HIS B 345 -28.65 -14.98 17.82
N TRP B 346 -28.39 -13.69 17.53
CA TRP B 346 -27.61 -12.87 18.45
C TRP B 346 -28.30 -12.75 19.81
N ALA B 347 -29.60 -12.49 19.80
CA ALA B 347 -30.35 -12.38 21.04
C ALA B 347 -30.80 -13.73 21.59
N GLY B 348 -30.58 -14.82 20.86
CA GLY B 348 -30.91 -16.15 21.29
C GLY B 348 -29.75 -16.96 21.83
N LYS B 349 -28.54 -16.41 21.82
CA LYS B 349 -27.36 -17.11 22.32
C LYS B 349 -26.77 -16.47 23.57
N LEU B 350 -26.66 -15.15 23.60
CA LEU B 350 -26.14 -14.48 24.79
C LEU B 350 -27.04 -14.70 25.99
N ILE B 351 -28.36 -14.67 25.78
CA ILE B 351 -29.30 -14.85 26.89
C ILE B 351 -29.17 -16.25 27.49
N THR B 352 -29.06 -17.28 26.64
CA THR B 352 -28.94 -18.63 27.18
C THR B 352 -27.55 -18.89 27.75
N CYS B 353 -26.52 -18.21 27.23
CA CYS B 353 -25.21 -18.30 27.85
C CYS B 353 -25.24 -17.72 29.27
N VAL B 354 -25.89 -16.56 29.44
CA VAL B 354 -26.02 -15.97 30.77
C VAL B 354 -26.85 -16.89 31.67
N PHE B 355 -27.93 -17.47 31.12
CA PHE B 355 -28.77 -18.36 31.89
C PHE B 355 -28.00 -19.58 32.37
N ILE B 356 -27.15 -20.15 31.52
CA ILE B 356 -26.32 -21.28 31.93
C ILE B 356 -25.30 -20.83 32.98
N GLY B 357 -24.69 -19.65 32.79
CA GLY B 357 -23.68 -19.19 33.71
C GLY B 357 -24.21 -18.78 35.07
N LEU B 358 -25.51 -18.49 35.17
CA LEU B 358 -26.07 -18.08 36.46
C LEU B 358 -25.95 -19.18 37.50
N MET B 359 -26.30 -20.41 37.14
CA MET B 359 -26.20 -21.53 38.06
C MET B 359 -24.86 -22.25 37.93
N PHE B 360 -23.77 -21.49 38.06
CA PHE B 360 -22.45 -22.08 38.08
C PHE B 360 -22.25 -23.07 39.23
N PRO B 361 -22.59 -22.76 40.48
CA PRO B 361 -22.31 -23.69 41.58
C PRO B 361 -23.33 -24.79 41.76
N LEU B 362 -24.24 -24.99 40.80
CA LEU B 362 -25.22 -26.08 40.90
C LEU B 362 -24.69 -27.35 40.23
N LEU B 363 -24.41 -27.27 38.92
CA LEU B 363 -23.79 -28.39 38.21
C LEU B 363 -22.27 -28.34 38.31
N SER B 364 -21.81 -28.09 39.54
CA SER B 364 -20.42 -28.27 39.92
C SER B 364 -20.42 -29.10 41.19
N LEU B 365 -21.41 -28.84 42.06
CA LEU B 365 -21.68 -29.71 43.19
C LEU B 365 -22.39 -30.98 42.73
N CYS B 366 -23.20 -30.91 41.67
CA CYS B 366 -23.80 -32.12 41.11
C CYS B 366 -22.73 -33.07 40.61
N TYR B 367 -21.63 -32.54 40.07
CA TYR B 367 -20.53 -33.38 39.62
C TYR B 367 -19.91 -34.15 40.78
N LEU B 368 -19.69 -33.49 41.92
CA LEU B 368 -19.11 -34.17 43.07
C LEU B 368 -20.09 -35.15 43.70
N VAL B 369 -21.38 -34.82 43.71
CA VAL B 369 -22.37 -35.66 44.37
C VAL B 369 -22.61 -36.93 43.56
N ALA B 370 -22.96 -36.79 42.28
CA ALA B 370 -23.27 -37.94 41.45
C ALA B 370 -23.00 -37.65 39.99
N PRO B 371 -21.94 -38.23 39.40
CA PRO B 371 -21.65 -38.01 37.98
C PRO B 371 -22.58 -38.80 37.07
N LYS B 372 -23.86 -38.39 37.05
CA LYS B 372 -24.87 -39.03 36.24
C LYS B 372 -25.07 -38.26 34.94
N SER B 373 -25.66 -38.95 33.96
CA SER B 373 -25.84 -38.35 32.64
C SER B 373 -26.76 -37.13 32.68
N ARG B 374 -27.64 -37.06 33.67
CA ARG B 374 -28.59 -35.94 33.74
C ARG B 374 -27.86 -34.63 34.05
N TYR B 375 -27.01 -34.63 35.07
CA TYR B 375 -26.33 -33.41 35.47
C TYR B 375 -24.82 -33.55 35.52
N GLY B 376 -24.30 -34.69 35.97
CA GLY B 376 -22.85 -34.85 36.05
C GLY B 376 -22.17 -34.83 34.70
N LEU B 377 -22.82 -35.39 33.69
CA LEU B 377 -22.26 -35.43 32.34
C LEU B 377 -22.59 -34.20 31.51
N PHE B 378 -23.46 -33.32 32.00
CA PHE B 378 -23.79 -32.12 31.24
C PHE B 378 -22.62 -31.15 31.20
N ILE B 379 -21.91 -30.99 32.32
CA ILE B 379 -20.75 -30.12 32.37
C ILE B 379 -19.56 -30.70 31.59
N ARG B 380 -19.63 -31.98 31.23
CA ARG B 380 -18.55 -32.59 30.46
C ARG B 380 -18.43 -32.02 29.06
N LYS B 381 -19.46 -31.37 28.56
CA LYS B 381 -19.37 -30.71 27.27
C LYS B 381 -18.35 -29.58 27.34
N PRO B 382 -17.41 -29.51 26.40
CA PRO B 382 -16.37 -28.47 26.49
C PRO B 382 -16.92 -27.06 26.50
N PHE B 383 -17.99 -26.79 25.74
CA PHE B 383 -18.57 -25.46 25.74
C PHE B 383 -19.16 -25.12 27.11
N ILE B 384 -19.84 -26.07 27.74
CA ILE B 384 -20.40 -25.83 29.07
C ILE B 384 -19.29 -25.65 30.09
N LYS B 385 -18.23 -26.45 30.01
CA LYS B 385 -17.11 -26.33 30.93
C LYS B 385 -16.42 -24.98 30.78
N PHE B 386 -16.29 -24.49 29.55
CA PHE B 386 -15.68 -23.18 29.33
C PHE B 386 -16.51 -22.07 29.95
N ILE B 387 -17.84 -22.15 29.84
CA ILE B 387 -18.70 -21.13 30.43
C ILE B 387 -18.62 -21.17 31.95
N CYS B 388 -18.55 -22.38 32.52
CA CYS B 388 -18.46 -22.50 33.97
C CYS B 388 -17.18 -21.87 34.50
N HIS B 389 -16.06 -22.10 33.82
CA HIS B 389 -14.79 -21.52 34.26
C HIS B 389 -14.74 -20.01 34.06
N THR B 390 -15.53 -19.47 33.13
CA THR B 390 -15.56 -18.03 32.89
C THR B 390 -16.47 -17.32 33.90
N ALA B 391 -17.66 -17.85 34.12
CA ALA B 391 -18.57 -17.25 35.11
C ALA B 391 -18.00 -17.34 36.51
N SER B 392 -17.30 -18.44 36.82
CA SER B 392 -16.63 -18.56 38.11
C SER B 392 -15.50 -17.56 38.26
N TYR B 393 -14.90 -17.12 37.16
CA TYR B 393 -13.84 -16.12 37.21
C TYR B 393 -14.40 -14.70 37.29
N LEU B 394 -15.51 -14.44 36.60
CA LEU B 394 -16.16 -13.14 36.72
C LEU B 394 -16.72 -12.92 38.12
N THR B 395 -17.16 -14.00 38.78
CA THR B 395 -17.57 -13.90 40.17
C THR B 395 -16.39 -13.50 41.05
N PHE B 396 -15.21 -14.07 40.79
CA PHE B 396 -14.02 -13.69 41.55
C PHE B 396 -13.70 -12.21 41.36
N LEU B 397 -13.83 -11.69 40.15
CA LEU B 397 -13.58 -10.28 39.90
C LEU B 397 -14.64 -9.37 40.51
N PHE B 398 -15.78 -9.93 40.93
CA PHE B 398 -16.83 -9.11 41.51
C PHE B 398 -16.56 -8.81 42.98
N LEU B 399 -16.43 -9.85 43.81
CA LEU B 399 -16.11 -9.61 45.21
C LEU B 399 -14.69 -9.13 45.41
N LEU B 400 -13.82 -9.24 44.39
CA LEU B 400 -12.57 -8.52 44.39
C LEU B 400 -12.80 -7.01 44.32
N LEU B 401 -13.79 -6.58 43.53
CA LEU B 401 -14.19 -5.18 43.49
C LEU B 401 -14.99 -4.77 44.71
N LEU B 402 -15.56 -5.73 45.44
CA LEU B 402 -16.36 -5.43 46.62
C LEU B 402 -15.53 -5.33 47.90
N ALA B 403 -14.23 -5.65 47.84
CA ALA B 403 -13.37 -5.57 49.01
C ALA B 403 -12.88 -4.16 49.29
N SER B 404 -13.10 -3.22 48.38
CA SER B 404 -12.69 -1.83 48.55
C SER B 404 -13.84 -0.93 49.00
N GLN B 405 -14.97 -1.51 49.37
CA GLN B 405 -16.12 -0.75 49.81
C GLN B 405 -15.97 -0.37 51.29
N HIS B 406 -16.51 0.80 51.63
CA HIS B 406 -16.42 1.27 53.01
C HIS B 406 -17.36 0.52 53.94
N ILE B 407 -18.36 -0.17 53.40
CA ILE B 407 -19.34 -0.89 54.21
C ILE B 407 -18.68 -2.07 54.91
N VAL B 408 -17.93 -2.87 54.15
CA VAL B 408 -17.29 -4.06 54.70
C VAL B 408 -16.00 -3.68 55.43
N ASN B 411 -12.50 -3.08 58.17
CA ASN B 411 -12.13 -3.01 59.58
C ASN B 411 -11.37 -1.70 59.87
N PRO B 412 -12.13 -0.59 59.98
CA PRO B 412 -11.57 0.77 59.99
C PRO B 412 -10.08 0.97 59.69
N ASP B 413 -9.50 1.96 60.34
CA ASP B 413 -8.06 2.22 60.27
C ASP B 413 -7.38 1.68 61.53
N ARG B 414 -7.44 0.36 61.73
CA ARG B 414 -6.79 -0.27 62.87
C ARG B 414 -5.50 -0.94 62.44
N GLN B 415 -4.56 -1.01 63.38
CA GLN B 415 -3.23 -1.52 63.11
C GLN B 415 -3.16 -3.02 63.44
N GLY B 416 -2.70 -3.81 62.48
CA GLY B 416 -2.65 -5.24 62.62
C GLY B 416 -4.03 -5.87 62.75
N PRO B 417 -4.83 -5.80 61.68
CA PRO B 417 -6.20 -6.32 61.75
C PRO B 417 -6.31 -7.76 61.28
N LYS B 418 -7.39 -8.40 61.72
CA LYS B 418 -7.73 -9.74 61.25
C LYS B 418 -8.41 -9.65 59.90
N PRO B 419 -8.34 -10.72 59.09
CA PRO B 419 -9.00 -10.70 57.78
C PRO B 419 -10.51 -10.53 57.92
N THR B 420 -11.08 -9.80 56.97
CA THR B 420 -12.52 -9.55 56.97
C THR B 420 -13.26 -10.73 56.37
N THR B 421 -14.58 -10.58 56.21
CA THR B 421 -15.40 -11.65 55.66
C THR B 421 -15.20 -11.82 54.16
N VAL B 422 -14.80 -10.76 53.45
CA VAL B 422 -14.54 -10.88 52.02
C VAL B 422 -13.28 -11.70 51.76
N GLU B 423 -12.20 -11.43 52.52
CA GLU B 423 -10.95 -12.13 52.31
C GLU B 423 -11.08 -13.63 52.56
N TRP B 424 -11.96 -14.01 53.49
CA TRP B 424 -12.20 -15.44 53.71
C TRP B 424 -12.81 -16.10 52.49
N MET B 425 -13.68 -15.37 51.77
CA MET B 425 -14.21 -15.86 50.51
C MET B 425 -13.18 -15.76 49.38
N ILE B 426 -12.26 -14.81 49.48
CA ILE B 426 -11.21 -14.68 48.48
C ILE B 426 -10.24 -15.85 48.54
N LEU B 427 -9.96 -16.32 49.76
CA LEU B 427 -8.93 -17.35 49.94
C LEU B 427 -9.14 -18.61 49.11
N PRO B 428 -10.34 -19.19 48.98
CA PRO B 428 -10.47 -20.39 48.14
C PRO B 428 -10.05 -20.19 46.69
N TRP B 429 -10.34 -19.02 46.11
CA TRP B 429 -9.95 -18.77 44.72
C TRP B 429 -8.43 -18.72 44.59
N VAL B 430 -7.76 -18.04 45.51
CA VAL B 430 -6.30 -17.96 45.47
C VAL B 430 -5.69 -19.35 45.66
N LEU B 431 -6.24 -20.13 46.61
CA LEU B 431 -5.73 -21.47 46.84
C LEU B 431 -5.92 -22.36 45.62
N GLY B 432 -7.06 -22.26 44.95
CA GLY B 432 -7.28 -23.04 43.75
C GLY B 432 -6.35 -22.64 42.62
N PHE B 433 -6.12 -21.33 42.44
CA PHE B 433 -5.18 -20.88 41.42
C PHE B 433 -3.77 -21.38 41.72
N ILE B 434 -3.35 -21.31 42.98
CA ILE B 434 -2.03 -21.79 43.36
C ILE B 434 -1.91 -23.29 43.14
N TRP B 435 -2.96 -24.04 43.47
CA TRP B 435 -2.94 -25.49 43.24
C TRP B 435 -2.85 -25.81 41.75
N THR B 436 -3.59 -25.08 40.92
CA THR B 436 -3.52 -25.31 39.48
C THR B 436 -2.13 -25.00 38.94
N GLU B 437 -1.53 -23.89 39.40
CA GLU B 437 -0.18 -23.55 38.95
C GLU B 437 0.84 -24.57 39.44
N ILE B 438 0.65 -25.11 40.64
CA ILE B 438 1.57 -26.13 41.16
C ILE B 438 1.47 -27.41 40.35
N LYS B 439 0.24 -27.86 40.05
CA LYS B 439 0.08 -29.08 39.28
C LYS B 439 0.48 -28.90 37.82
N GLN B 440 0.48 -27.67 37.33
CA GLN B 440 1.01 -27.40 35.99
C GLN B 440 2.52 -27.19 35.98
N MET B 441 3.12 -26.87 37.13
CA MET B 441 4.55 -26.59 37.18
C MET B 441 5.38 -27.84 36.89
N TRP B 442 5.08 -28.94 37.58
CA TRP B 442 5.85 -30.16 37.41
C TRP B 442 5.42 -30.98 36.20
N ASP B 443 4.27 -30.65 35.60
CA ASP B 443 3.81 -31.39 34.43
C ASP B 443 4.69 -31.14 33.21
N GLY B 444 5.48 -30.06 33.21
CA GLY B 444 6.31 -29.73 32.07
C GLY B 444 7.78 -29.59 32.39
N GLY B 445 8.10 -29.37 33.66
CA GLY B 445 9.49 -29.13 34.04
C GLY B 445 10.05 -27.83 33.53
N PHE B 446 9.28 -26.75 33.60
CA PHE B 446 9.68 -25.37 33.27
C PHE B 446 10.30 -25.25 31.88
N GLN B 447 10.11 -26.25 31.01
CA GLN B 447 10.49 -26.14 29.61
C GLN B 447 9.23 -25.95 28.77
N ASP B 448 9.19 -24.87 27.99
CA ASP B 448 8.05 -24.46 27.19
C ASP B 448 6.82 -24.13 28.04
N TYR B 449 6.97 -24.15 29.36
CA TYR B 449 5.88 -23.85 30.30
C TYR B 449 5.90 -22.41 30.79
N ILE B 450 7.10 -21.88 31.08
CA ILE B 450 7.25 -20.47 31.46
C ILE B 450 7.69 -19.61 30.29
N HIS B 451 7.95 -20.21 29.13
CA HIS B 451 8.44 -19.45 27.97
C HIS B 451 7.36 -18.58 27.36
N ASP B 452 6.08 -18.86 27.61
CA ASP B 452 4.99 -18.08 27.06
C ASP B 452 4.66 -16.91 27.99
N TRP B 453 4.09 -15.86 27.41
CA TRP B 453 3.78 -14.65 28.17
C TRP B 453 2.61 -14.84 29.11
N TRP B 454 1.73 -15.81 28.85
CA TRP B 454 0.54 -16.02 29.67
C TRP B 454 0.78 -16.95 30.85
N ASN B 455 2.03 -17.15 31.25
CA ASN B 455 2.31 -17.98 32.41
C ASN B 455 3.20 -17.23 33.40
N LEU B 456 4.09 -16.38 32.88
CA LEU B 456 4.90 -15.54 33.75
C LEU B 456 4.05 -14.56 34.53
N MET B 457 3.03 -13.98 33.87
CA MET B 457 2.11 -13.10 34.56
C MET B 457 1.36 -13.83 35.67
N ASP B 458 0.92 -15.05 35.40
CA ASP B 458 0.25 -15.85 36.43
C ASP B 458 1.18 -16.13 37.60
N PHE B 459 2.43 -16.49 37.31
CA PHE B 459 3.40 -16.74 38.36
C PHE B 459 3.62 -15.50 39.21
N VAL B 460 3.73 -14.33 38.58
CA VAL B 460 3.87 -13.09 39.33
C VAL B 460 2.64 -12.84 40.19
N MET B 461 1.45 -13.15 39.66
CA MET B 461 0.22 -12.93 40.41
C MET B 461 0.18 -13.79 41.66
N ASN B 462 0.46 -15.09 41.53
CA ASN B 462 0.45 -15.95 42.72
C ASN B 462 1.57 -15.59 43.68
N SER B 463 2.73 -15.16 43.16
CA SER B 463 3.80 -14.71 44.06
C SER B 463 3.37 -13.49 44.88
N LEU B 464 2.69 -12.55 44.23
CA LEU B 464 2.21 -11.36 44.94
C LEU B 464 1.15 -11.74 45.97
N TYR B 465 0.25 -12.67 45.62
CA TYR B 465 -0.76 -13.10 46.58
C TYR B 465 -0.12 -13.79 47.79
N LEU B 466 0.88 -14.64 47.54
CA LEU B 466 1.58 -15.31 48.63
C LEU B 466 2.30 -14.30 49.51
N ALA B 467 2.94 -13.29 48.90
CA ALA B 467 3.58 -12.24 49.69
C ALA B 467 2.55 -11.49 50.52
N THR B 468 1.36 -11.23 49.95
CA THR B 468 0.33 -10.54 50.69
C THR B 468 -0.09 -11.31 51.93
N ILE B 469 -0.40 -12.60 51.76
CA ILE B 469 -0.88 -13.38 52.90
C ILE B 469 0.23 -13.56 53.93
N SER B 470 1.48 -13.74 53.48
CA SER B 470 2.59 -13.86 54.40
C SER B 470 2.78 -12.58 55.21
N LEU B 471 2.72 -11.43 54.55
CA LEU B 471 2.86 -10.16 55.26
C LEU B 471 1.72 -9.96 56.24
N LYS B 472 0.50 -10.33 55.86
CA LYS B 472 -0.65 -10.17 56.76
C LYS B 472 -0.48 -11.04 58.01
N ILE B 473 -0.12 -12.31 57.83
CA ILE B 473 0.02 -13.19 58.99
C ILE B 473 1.22 -12.78 59.83
N VAL B 474 2.26 -12.21 59.22
CA VAL B 474 3.39 -11.73 60.01
C VAL B 474 2.98 -10.51 60.83
N ALA B 475 2.23 -9.59 60.25
CA ALA B 475 1.83 -8.38 60.96
C ALA B 475 0.78 -8.64 62.01
N TYR B 476 -0.03 -9.70 61.86
CA TYR B 476 -1.08 -9.95 62.84
C TYR B 476 -0.52 -10.42 64.18
N VAL B 477 0.60 -11.15 64.16
CA VAL B 477 1.12 -11.75 65.39
C VAL B 477 2.14 -10.88 66.11
N LYS B 478 2.59 -9.79 65.50
CA LYS B 478 3.55 -8.89 66.13
C LYS B 478 3.06 -7.45 66.23
N TYR B 479 1.77 -7.21 66.00
CA TYR B 479 1.25 -5.85 66.04
C TYR B 479 -0.18 -5.89 66.55
N SER B 480 -0.52 -4.98 67.46
CA SER B 480 -1.86 -4.90 68.02
C SER B 480 -2.08 -3.51 68.58
N GLY B 481 -3.35 -3.16 68.75
CA GLY B 481 -3.73 -1.87 69.28
C GLY B 481 -4.24 -0.91 68.22
N CYS B 482 -5.31 -0.18 68.54
CA CYS B 482 -5.89 0.78 67.61
C CYS B 482 -5.10 2.08 67.66
N LYS B 483 -4.57 2.50 66.51
CA LYS B 483 -3.77 3.71 66.39
C LYS B 483 -4.23 4.47 65.16
N PRO B 484 -4.20 5.81 65.21
CA PRO B 484 -4.53 6.59 64.02
C PRO B 484 -3.61 6.25 62.86
N ARG B 485 -4.19 6.20 61.65
CA ARG B 485 -3.43 5.78 60.48
C ARG B 485 -2.37 6.80 60.07
N ASP B 486 -2.61 8.08 60.35
CA ASP B 486 -1.67 9.12 59.96
C ASP B 486 -0.35 9.02 60.71
N THR B 487 -0.33 8.39 61.87
CA THR B 487 0.87 8.33 62.71
C THR B 487 1.76 7.12 62.42
N TRP B 488 1.32 6.21 61.55
CA TRP B 488 2.14 5.05 61.22
C TRP B 488 3.36 5.47 60.43
N GLU B 489 4.51 4.87 60.76
CA GLU B 489 5.72 5.07 60.00
C GLU B 489 5.65 4.27 58.70
N MET B 490 6.24 4.81 57.63
CA MET B 490 6.26 4.11 56.36
C MET B 490 7.13 2.86 56.48
N TRP B 491 6.93 1.95 55.51
CA TRP B 491 7.43 0.57 55.53
C TRP B 491 6.73 -0.28 56.59
N HIS B 492 5.60 0.17 57.10
CA HIS B 492 4.83 -0.64 58.03
C HIS B 492 4.30 -1.88 57.32
N PRO B 493 4.33 -3.05 57.98
CA PRO B 493 3.94 -4.29 57.27
C PRO B 493 2.52 -4.26 56.72
N THR B 494 1.59 -3.64 57.44
CA THR B 494 0.22 -3.56 56.94
C THR B 494 0.14 -2.73 55.65
N LEU B 495 0.84 -1.60 55.62
CA LEU B 495 0.83 -0.74 54.44
C LEU B 495 1.40 -1.46 53.23
N VAL B 496 2.54 -2.14 53.41
CA VAL B 496 3.15 -2.88 52.32
C VAL B 496 2.23 -4.02 51.87
N ALA B 497 1.55 -4.66 52.83
CA ALA B 497 0.63 -5.74 52.49
C ALA B 497 -0.50 -5.25 51.60
N GLU B 498 -1.14 -4.13 51.99
CA GLU B 498 -2.23 -3.64 51.16
C GLU B 498 -1.74 -3.07 49.83
N ALA B 499 -0.54 -2.48 49.79
CA ALA B 499 -0.01 -2.02 48.50
C ALA B 499 0.25 -3.20 47.57
N VAL B 500 0.83 -4.28 48.08
CA VAL B 500 1.09 -5.45 47.25
C VAL B 500 -0.22 -6.10 46.81
N PHE B 501 -1.22 -6.12 47.69
CA PHE B 501 -2.53 -6.64 47.30
C PHE B 501 -3.17 -5.80 46.22
N ALA B 502 -3.03 -4.47 46.30
CA ALA B 502 -3.56 -3.59 45.26
C ALA B 502 -2.84 -3.82 43.94
N ILE B 503 -1.53 -4.04 43.97
CA ILE B 503 -0.80 -4.34 42.73
C ILE B 503 -1.22 -5.70 42.19
N ALA B 504 -1.50 -6.66 43.09
CA ALA B 504 -1.72 -8.04 42.67
C ALA B 504 -2.98 -8.18 41.82
N ASN B 505 -4.06 -7.48 42.19
CA ASN B 505 -5.33 -7.67 41.51
C ASN B 505 -5.46 -6.85 40.23
N ILE B 506 -4.46 -6.03 39.90
CA ILE B 506 -4.44 -5.41 38.58
C ILE B 506 -4.12 -6.45 37.52
N PHE B 507 -3.15 -7.33 37.81
CA PHE B 507 -2.83 -8.41 36.87
C PHE B 507 -3.95 -9.42 36.76
N SER B 508 -4.71 -9.63 37.84
CA SER B 508 -5.80 -10.59 37.81
C SER B 508 -6.88 -10.17 36.80
N SER B 509 -7.21 -8.88 36.78
CA SER B 509 -8.21 -8.39 35.84
C SER B 509 -7.68 -8.29 34.41
N LEU B 510 -6.38 -8.02 34.26
CA LEU B 510 -5.80 -7.94 32.93
C LEU B 510 -5.61 -9.31 32.28
N ARG B 511 -5.57 -10.38 33.08
CA ARG B 511 -5.46 -11.72 32.53
C ARG B 511 -6.72 -12.13 31.77
N LEU B 512 -7.87 -11.54 32.10
CA LEU B 512 -9.13 -11.86 31.45
C LEU B 512 -9.13 -11.52 29.96
N ILE B 513 -8.18 -10.71 29.50
CA ILE B 513 -8.09 -10.39 28.08
C ILE B 513 -7.72 -11.60 27.24
N SER B 514 -7.23 -12.67 27.86
CA SER B 514 -6.84 -13.86 27.12
C SER B 514 -8.05 -14.65 26.61
N LEU B 515 -9.26 -14.34 27.07
CA LEU B 515 -10.46 -15.01 26.62
C LEU B 515 -11.02 -14.42 25.33
N PHE B 516 -10.43 -13.34 24.82
CA PHE B 516 -10.90 -12.73 23.59
C PHE B 516 -10.67 -13.63 22.38
N THR B 517 -9.76 -14.60 22.48
CA THR B 517 -9.42 -15.45 21.34
C THR B 517 -10.50 -16.46 21.00
N ALA B 518 -11.51 -16.63 21.85
CA ALA B 518 -12.60 -17.56 21.59
C ALA B 518 -13.73 -16.94 20.79
N ASN B 519 -13.72 -15.63 20.58
CA ASN B 519 -14.76 -14.93 19.84
C ASN B 519 -14.27 -14.58 18.45
N SER B 520 -15.12 -14.81 17.45
CA SER B 520 -14.73 -14.62 16.05
C SER B 520 -14.49 -13.17 15.69
N HIS B 521 -14.94 -12.21 16.49
CA HIS B 521 -14.78 -10.80 16.21
C HIS B 521 -13.58 -10.18 16.92
N LEU B 522 -13.42 -10.47 18.22
CA LEU B 522 -12.28 -9.97 18.98
C LEU B 522 -11.08 -10.91 18.93
N GLY B 523 -11.23 -12.09 18.35
CA GLY B 523 -10.15 -13.05 18.25
C GLY B 523 -9.01 -12.57 17.36
N PRO B 524 -9.28 -12.41 16.07
CA PRO B 524 -8.23 -11.92 15.16
C PRO B 524 -7.69 -10.57 15.55
N LEU B 525 -8.52 -9.70 16.11
CA LEU B 525 -8.06 -8.37 16.52
C LEU B 525 -7.08 -8.46 17.69
N GLN B 526 -7.35 -9.36 18.65
CA GLN B 526 -6.46 -9.49 19.80
C GLN B 526 -5.17 -10.23 19.45
N ILE B 527 -5.26 -11.24 18.57
CA ILE B 527 -4.07 -11.98 18.18
C ILE B 527 -3.09 -11.08 17.44
N SER B 528 -3.60 -10.27 16.52
CA SER B 528 -2.75 -9.32 15.80
C SER B 528 -2.42 -8.09 16.64
N LEU B 529 -2.99 -7.96 17.83
CA LEU B 529 -2.68 -6.87 18.74
C LEU B 529 -1.39 -7.10 19.51
N GLY B 530 -1.22 -8.31 20.06
CA GLY B 530 -0.01 -8.66 20.77
C GLY B 530 1.15 -9.09 19.90
N ARG B 531 0.94 -9.19 18.59
CA ARG B 531 2.01 -9.52 17.67
C ARG B 531 2.75 -8.29 17.17
N MET B 532 2.03 -7.18 16.96
CA MET B 532 2.67 -5.90 16.67
C MET B 532 3.25 -5.25 17.92
N LEU B 533 2.89 -5.75 19.11
CA LEU B 533 3.44 -5.19 20.34
C LEU B 533 4.92 -5.51 20.49
N LEU B 534 5.39 -6.61 19.89
CA LEU B 534 6.80 -6.96 19.95
C LEU B 534 7.67 -5.95 19.21
N ASP B 535 7.11 -5.25 18.22
CA ASP B 535 7.86 -4.20 17.54
C ASP B 535 7.96 -2.93 18.37
N ILE B 536 7.05 -2.74 19.32
CA ILE B 536 7.14 -1.58 20.22
C ILE B 536 8.32 -1.72 21.16
N LEU B 537 8.65 -2.95 21.57
CA LEU B 537 9.72 -3.16 22.53
C LEU B 537 11.09 -2.72 22.01
N LYS B 538 11.24 -2.59 20.69
CA LYS B 538 12.53 -2.18 20.13
C LYS B 538 12.73 -0.67 20.14
N PHE B 539 11.65 0.12 20.12
CA PHE B 539 11.78 1.56 20.29
C PHE B 539 12.06 1.96 21.73
N LEU B 540 11.77 1.08 22.69
N LEU B 540 11.77 1.08 22.69
CA LEU B 540 12.10 1.38 24.08
CA LEU B 540 12.10 1.38 24.08
C LEU B 540 13.61 1.44 24.29
C LEU B 540 13.61 1.44 24.29
N PHE B 541 14.37 0.62 23.55
CA PHE B 541 15.82 0.61 23.71
C PHE B 541 16.48 1.91 23.30
N ILE B 542 15.81 2.73 22.47
CA ILE B 542 16.37 4.02 22.08
C ILE B 542 15.71 5.11 22.90
N TYR B 543 14.43 4.93 23.24
CA TYR B 543 13.76 5.91 24.08
C TYR B 543 14.42 6.02 25.45
N CYS B 544 14.75 4.89 26.07
CA CYS B 544 15.41 4.91 27.37
C CYS B 544 16.81 5.50 27.29
N LEU B 545 17.54 5.25 26.22
CA LEU B 545 18.85 5.86 26.02
C LEU B 545 18.74 7.39 25.92
N VAL B 546 17.77 7.89 25.14
CA VAL B 546 17.57 9.33 25.04
C VAL B 546 17.19 9.91 26.40
N LEU B 547 16.30 9.21 27.11
CA LEU B 547 15.86 9.66 28.43
C LEU B 547 17.05 9.78 29.39
N LEU B 548 17.89 8.75 29.44
CA LEU B 548 19.06 8.78 30.32
C LEU B 548 20.04 9.87 29.90
N ALA B 549 20.26 10.03 28.59
CA ALA B 549 21.19 11.05 28.11
C ALA B 549 20.75 12.44 28.51
N PHE B 550 19.46 12.74 28.40
CA PHE B 550 19.00 14.07 28.79
C PHE B 550 18.91 14.24 30.30
N ALA B 551 18.56 13.19 31.02
CA ALA B 551 18.51 13.27 32.48
C ALA B 551 19.89 13.54 33.07
N ASN B 552 20.93 12.92 32.49
CA ASN B 552 22.29 13.17 32.96
C ASN B 552 22.62 14.66 32.89
N GLY B 553 22.39 15.28 31.72
CA GLY B 553 22.70 16.69 31.58
C GLY B 553 21.86 17.59 32.45
N LEU B 554 20.56 17.30 32.54
CA LEU B 554 19.68 18.14 33.35
C LEU B 554 20.08 18.08 34.83
N ASN B 555 20.36 16.87 35.34
CA ASN B 555 20.80 16.76 36.72
C ASN B 555 22.14 17.45 36.94
N GLN B 556 23.08 17.26 36.01
CA GLN B 556 24.39 17.88 36.19
C GLN B 556 24.28 19.40 36.21
N LEU B 557 23.36 19.96 35.43
CA LEU B 557 23.19 21.41 35.43
C LEU B 557 22.49 21.90 36.68
N TYR B 558 21.45 21.19 37.14
CA TYR B 558 20.56 21.72 38.16
C TYR B 558 20.80 21.18 39.57
N PHE B 559 21.80 20.32 39.77
CA PHE B 559 21.97 19.71 41.09
C PHE B 559 22.57 20.66 42.13
N TYR B 560 23.12 21.79 41.72
CA TYR B 560 23.76 22.71 42.65
C TYR B 560 22.82 23.79 43.17
N TYR B 561 21.55 23.77 42.78
CA TYR B 561 20.60 24.82 43.15
C TYR B 561 19.46 24.31 44.03
N GLU B 562 19.54 23.07 44.52
CA GLU B 562 18.44 22.52 45.30
C GLU B 562 18.35 23.18 46.66
N ASN B 563 17.12 23.30 47.16
CA ASN B 563 16.86 23.90 48.46
C ASN B 563 15.69 23.17 49.12
N SER B 564 15.66 23.19 50.45
CA SER B 564 14.63 22.48 51.19
C SER B 564 14.07 23.29 52.36
N GLU B 565 14.30 24.59 52.39
CA GLU B 565 13.77 25.44 53.45
C GLU B 565 12.51 26.14 52.96
N GLY B 566 11.52 26.24 53.84
CA GLY B 566 10.25 26.81 53.49
C GLY B 566 9.36 25.92 52.64
N MET B 567 9.73 24.66 52.46
CA MET B 567 9.00 23.72 51.60
C MET B 567 8.49 22.58 52.47
N THR B 568 7.21 22.65 52.86
CA THR B 568 6.61 21.52 53.57
C THR B 568 6.50 20.30 52.67
N CYS B 569 6.19 20.52 51.39
CA CYS B 569 6.09 19.45 50.40
C CYS B 569 7.20 19.62 49.37
N LYS B 570 7.78 18.50 48.93
CA LYS B 570 8.95 18.52 48.07
C LYS B 570 8.74 17.54 46.91
N GLY B 571 9.02 18.00 45.70
CA GLY B 571 8.92 17.19 44.51
C GLY B 571 8.02 17.81 43.46
N ILE B 572 7.82 17.06 42.38
CA ILE B 572 6.93 17.51 41.30
C ILE B 572 5.51 17.02 41.47
N ARG B 573 5.27 16.07 42.36
CA ARG B 573 3.91 15.61 42.67
C ARG B 573 3.33 16.48 43.78
N CYS B 574 3.30 17.77 43.52
CA CYS B 574 2.91 18.76 44.52
C CYS B 574 2.17 19.90 43.82
N GLU B 575 1.44 20.67 44.62
CA GLU B 575 0.70 21.80 44.07
C GLU B 575 1.64 22.84 43.46
N ARG B 576 2.76 23.10 44.12
CA ARG B 576 3.80 23.98 43.60
C ARG B 576 5.06 23.15 43.39
N GLN B 577 5.27 22.71 42.15
CA GLN B 577 6.44 21.91 41.82
C GLN B 577 7.71 22.75 41.95
N ASN B 578 8.70 22.22 42.66
CA ASN B 578 9.83 23.05 43.05
C ASN B 578 11.20 22.43 42.78
N ASN B 579 11.29 21.10 42.76
CA ASN B 579 12.57 20.41 42.75
C ASN B 579 12.60 19.34 41.65
N ALA B 580 12.22 19.75 40.44
CA ALA B 580 12.09 18.78 39.34
C ALA B 580 13.43 18.12 39.02
N PHE B 581 14.50 18.90 38.93
CA PHE B 581 15.79 18.43 38.44
C PHE B 581 16.86 18.50 39.51
N SER B 582 16.51 18.18 40.76
CA SER B 582 17.48 18.27 41.84
C SER B 582 18.30 16.99 41.99
N THR B 583 17.67 15.83 41.89
CA THR B 583 18.35 14.54 42.01
C THR B 583 18.10 13.71 40.77
N LEU B 584 18.88 12.63 40.63
CA LEU B 584 18.73 11.76 39.47
C LEU B 584 17.40 11.03 39.49
N PHE B 585 16.97 10.58 40.67
CA PHE B 585 15.68 9.87 40.76
C PHE B 585 14.52 10.80 40.45
N GLU B 586 14.62 12.08 40.81
CA GLU B 586 13.57 13.04 40.48
C GLU B 586 13.65 13.49 39.02
N THR B 587 14.87 13.65 38.50
CA THR B 587 15.04 14.04 37.11
C THR B 587 14.54 12.95 36.15
N LEU B 588 14.73 11.68 36.52
CA LEU B 588 14.33 10.60 35.64
C LEU B 588 12.82 10.50 35.50
N GLN B 589 12.07 10.88 36.53
CA GLN B 589 10.62 10.80 36.49
C GLN B 589 9.93 12.13 36.21
N SER B 590 10.66 13.26 36.29
CA SER B 590 10.10 14.52 35.82
C SER B 590 10.19 14.66 34.30
N LEU B 591 11.03 13.86 33.65
CA LEU B 591 11.07 13.79 32.20
C LEU B 591 10.04 12.81 31.64
N PHE B 592 9.62 11.84 32.44
CA PHE B 592 8.57 10.92 32.01
C PHE B 592 7.21 11.61 32.02
N TRP B 593 6.95 12.41 33.06
CA TRP B 593 5.67 13.10 33.17
C TRP B 593 5.53 14.24 32.19
N SER B 594 6.62 14.67 31.55
CA SER B 594 6.55 15.73 30.56
C SER B 594 6.05 15.25 29.21
N ILE B 595 6.01 13.93 28.98
CA ILE B 595 5.42 13.40 27.76
C ILE B 595 3.93 13.72 27.71
N PHE B 596 3.26 13.64 28.85
CA PHE B 596 1.83 13.89 28.93
C PHE B 596 1.50 15.35 29.28
N GLY B 597 2.51 16.21 29.39
CA GLY B 597 2.27 17.62 29.65
C GLY B 597 1.86 17.95 31.06
N LEU B 598 2.31 17.18 32.04
CA LEU B 598 1.95 17.40 33.43
C LEU B 598 3.03 18.12 34.23
N ILE B 599 4.06 18.65 33.56
CA ILE B 599 5.13 19.38 34.21
C ILE B 599 5.07 20.82 33.74
N SER B 600 4.96 21.75 34.69
CA SER B 600 4.81 23.17 34.36
C SER B 600 6.15 23.77 33.96
N LEU B 601 6.09 24.97 33.39
CA LEU B 601 7.27 25.62 32.84
C LEU B 601 8.10 26.36 33.88
N TYR B 602 7.57 26.60 35.07
CA TYR B 602 8.32 27.35 36.08
C TYR B 602 9.23 26.47 36.92
N VAL B 603 9.26 25.16 36.66
CA VAL B 603 10.17 24.28 37.38
C VAL B 603 11.60 24.44 36.92
N THR B 604 11.85 25.17 35.84
CA THR B 604 13.19 25.43 35.34
C THR B 604 13.81 26.67 35.96
N ASN B 605 13.09 27.38 36.82
CA ASN B 605 13.60 28.58 37.47
C ASN B 605 14.35 28.23 38.74
N VAL B 606 15.35 29.04 39.06
CA VAL B 606 16.12 28.90 40.29
C VAL B 606 15.91 30.15 41.13
N LYS B 607 16.16 30.02 42.44
CA LYS B 607 15.98 31.13 43.35
C LYS B 607 17.19 32.06 43.32
N ALA B 608 17.54 32.52 42.13
CA ALA B 608 18.66 33.44 41.96
C ALA B 608 18.51 34.14 40.61
N ASP B 609 19.23 35.24 40.46
CA ASP B 609 19.18 36.02 39.22
C ASP B 609 20.21 35.53 38.20
N HIS B 610 20.15 34.23 37.89
CA HIS B 610 21.06 33.60 36.94
C HIS B 610 20.25 33.28 35.69
N LYS B 611 20.20 34.23 34.76
CA LYS B 611 19.40 34.05 33.55
C LYS B 611 20.05 33.10 32.56
N PHE B 612 21.38 32.97 32.58
CA PHE B 612 22.05 32.16 31.58
C PHE B 612 21.81 30.66 31.82
N THR B 613 21.91 30.21 33.07
CA THR B 613 21.69 28.80 33.37
C THR B 613 20.23 28.41 33.19
N GLU B 614 19.31 29.31 33.57
CA GLU B 614 17.89 29.04 33.40
C GLU B 614 17.54 28.84 31.93
N PHE B 615 18.08 29.71 31.06
CA PHE B 615 17.81 29.58 29.63
C PHE B 615 18.37 28.27 29.08
N VAL B 616 19.57 27.88 29.52
CA VAL B 616 20.15 26.63 29.06
C VAL B 616 19.29 25.44 29.49
N GLY B 617 18.86 25.44 30.74
CA GLY B 617 18.00 24.35 31.22
C GLY B 617 16.68 24.29 30.47
N ALA B 618 16.06 25.44 30.21
CA ALA B 618 14.84 25.47 29.44
C ALA B 618 15.06 24.98 28.02
N THR B 619 16.20 25.34 27.42
CA THR B 619 16.49 24.89 26.06
C THR B 619 16.67 23.37 26.01
N MET B 620 17.38 22.79 26.97
CA MET B 620 17.52 21.33 26.98
C MET B 620 16.19 20.63 27.24
N PHE B 621 15.35 21.21 28.12
CA PHE B 621 14.03 20.62 28.34
C PHE B 621 13.18 20.66 27.07
N GLY B 622 13.22 21.79 26.35
CA GLY B 622 12.47 21.89 25.11
C GLY B 622 13.01 20.98 24.03
N THR B 623 14.34 20.81 23.98
CA THR B 623 14.93 19.90 23.00
C THR B 623 14.53 18.46 23.30
N TYR B 624 14.49 18.08 24.57
CA TYR B 624 13.98 16.76 24.93
C TYR B 624 12.52 16.61 24.52
N ASN B 625 11.72 17.66 24.72
CA ASN B 625 10.31 17.61 24.34
C ASN B 625 10.15 17.42 22.83
N VAL B 626 10.97 18.11 22.04
CA VAL B 626 10.87 18.02 20.58
C VAL B 626 11.26 16.63 20.11
N ILE B 627 12.36 16.09 20.63
CA ILE B 627 12.87 14.81 20.14
C ILE B 627 11.90 13.68 20.45
N SER B 628 11.39 13.64 21.69
CA SER B 628 10.58 12.51 22.11
C SER B 628 9.14 12.58 21.60
N LEU B 629 8.58 13.78 21.46
CA LEU B 629 7.17 13.92 21.11
C LEU B 629 6.90 14.28 19.66
N VAL B 630 7.87 14.89 18.97
CA VAL B 630 7.69 15.27 17.57
C VAL B 630 8.43 14.33 16.62
N VAL B 631 9.53 13.73 17.06
CA VAL B 631 10.34 12.85 16.21
C VAL B 631 10.22 11.39 16.64
N LEU B 632 10.54 11.09 17.90
CA LEU B 632 10.64 9.70 18.33
C LEU B 632 9.29 9.00 18.32
N LEU B 633 8.27 9.62 18.91
CA LEU B 633 6.94 9.02 18.95
C LEU B 633 6.19 9.16 17.63
N ASN B 634 6.60 10.08 16.76
CA ASN B 634 5.96 10.22 15.46
C ASN B 634 6.33 9.08 14.53
N MET B 635 7.53 8.53 14.67
CA MET B 635 7.98 7.42 13.83
C MET B 635 7.81 6.07 14.51
N LEU B 636 7.26 6.02 15.72
CA LEU B 636 6.85 4.75 16.28
C LEU B 636 5.56 4.25 15.63
N ILE B 637 4.64 5.17 15.34
CA ILE B 637 3.44 4.82 14.60
C ILE B 637 3.71 4.70 13.11
N ALA B 638 4.77 5.34 12.61
CA ALA B 638 5.06 5.30 11.19
C ALA B 638 5.49 3.93 10.70
N MET B 639 5.90 3.03 11.61
CA MET B 639 6.23 1.67 11.23
C MET B 639 5.18 0.65 11.65
N MET B 640 4.36 0.97 12.65
CA MET B 640 3.39 0.00 13.15
C MET B 640 2.36 -0.35 12.09
N ASN B 641 1.92 0.64 11.32
CA ASN B 641 1.03 0.35 10.20
C ASN B 641 1.75 -0.33 9.06
N ASN B 642 3.04 -0.05 8.87
CA ASN B 642 3.83 -0.73 7.85
C ASN B 642 4.24 -2.13 8.29
N SER B 643 4.18 -2.44 9.58
CA SER B 643 4.34 -3.80 10.05
C SER B 643 3.00 -4.50 10.30
N TYR B 644 1.91 -3.73 10.42
CA TYR B 644 0.59 -4.32 10.52
C TYR B 644 0.19 -5.00 9.20
N GLN B 645 0.73 -4.53 8.08
CA GLN B 645 0.40 -5.13 6.79
C GLN B 645 0.86 -6.57 6.71
N HIS B 646 2.09 -6.84 7.18
CA HIS B 646 2.60 -8.20 7.14
C HIS B 646 1.92 -9.10 8.16
N ILE B 647 1.64 -8.56 9.34
CA ILE B 647 0.99 -9.35 10.39
C ILE B 647 -0.42 -9.74 9.98
N ALA B 648 -1.17 -8.80 9.41
CA ALA B 648 -2.57 -9.04 9.06
C ALA B 648 -2.74 -9.84 7.77
N ASP B 649 -1.66 -10.13 7.05
CA ASP B 649 -1.77 -10.92 5.83
C ASP B 649 -2.31 -12.31 6.15
N HIS B 650 -1.55 -13.10 6.90
CA HIS B 650 -2.03 -14.38 7.41
C HIS B 650 -2.41 -14.23 8.89
N ALA B 651 -3.54 -13.56 9.10
CA ALA B 651 -4.07 -13.33 10.44
C ALA B 651 -5.19 -14.28 10.81
N ASP B 652 -5.65 -15.11 9.87
CA ASP B 652 -6.70 -16.08 10.15
C ASP B 652 -6.13 -17.43 10.56
N ILE B 653 -4.94 -17.78 10.07
CA ILE B 653 -4.31 -19.03 10.46
C ILE B 653 -3.85 -18.98 11.92
N GLU B 654 -3.22 -17.87 12.31
CA GLU B 654 -2.73 -17.73 13.69
C GLU B 654 -3.88 -17.70 14.68
N TRP B 655 -4.96 -16.99 14.36
CA TRP B 655 -6.11 -16.95 15.26
C TRP B 655 -6.73 -18.33 15.41
N LYS B 656 -6.84 -19.09 14.31
CA LYS B 656 -7.39 -20.44 14.39
C LYS B 656 -6.49 -21.35 15.20
N PHE B 657 -5.17 -21.19 15.07
CA PHE B 657 -4.24 -21.98 15.88
C PHE B 657 -4.41 -21.67 17.36
N ALA B 658 -4.53 -20.38 17.71
CA ALA B 658 -4.76 -20.01 19.11
C ALA B 658 -6.08 -20.57 19.60
N ARG B 659 -7.13 -20.49 18.78
CA ARG B 659 -8.43 -20.96 19.20
C ARG B 659 -8.46 -22.47 19.41
N THR B 660 -7.78 -23.23 18.53
CA THR B 660 -7.74 -24.67 18.74
C THR B 660 -6.85 -25.04 19.93
N LYS B 661 -5.80 -24.27 20.20
CA LYS B 661 -5.02 -24.50 21.40
C LYS B 661 -5.87 -24.27 22.64
N LEU B 662 -6.71 -23.24 22.63
CA LEU B 662 -7.64 -23.01 23.73
C LEU B 662 -8.67 -24.15 23.83
N TRP B 663 -9.18 -24.61 22.69
CA TRP B 663 -10.21 -25.63 22.69
C TRP B 663 -9.68 -26.95 23.25
N MET B 664 -8.48 -27.36 22.84
CA MET B 664 -7.96 -28.66 23.23
C MET B 664 -7.65 -28.77 24.71
N SER B 665 -7.62 -27.66 25.44
CA SER B 665 -7.42 -27.68 26.88
C SER B 665 -8.69 -28.01 27.64
N TYR B 666 -9.83 -28.10 26.97
CA TYR B 666 -11.10 -28.44 27.60
C TYR B 666 -11.66 -29.76 27.12
N PHE B 667 -10.87 -30.56 26.40
CA PHE B 667 -11.33 -31.81 25.81
C PHE B 667 -11.09 -33.03 26.71
N GLU B 668 -10.37 -32.86 27.82
CA GLU B 668 -9.95 -33.98 28.65
C GLU B 668 -10.57 -33.88 30.04
N GLU B 669 -10.28 -34.87 30.88
CA GLU B 669 -10.76 -34.92 32.24
C GLU B 669 -9.65 -34.50 33.21
N GLY B 670 -10.03 -33.78 34.25
CA GLY B 670 -9.08 -33.31 35.24
C GLY B 670 -9.30 -31.86 35.61
N GLY B 671 -9.75 -31.07 34.64
CA GLY B 671 -10.08 -29.67 34.84
C GLY B 671 -11.54 -29.37 34.95
N THR B 672 -12.40 -30.38 35.06
CA THR B 672 -13.84 -30.15 35.17
C THR B 672 -14.22 -29.85 36.62
N LEU B 673 -13.54 -28.88 37.22
CA LEU B 673 -13.78 -28.47 38.59
C LEU B 673 -13.27 -27.04 38.78
N PRO B 674 -14.17 -26.06 38.81
CA PRO B 674 -13.72 -24.67 38.93
C PRO B 674 -12.90 -24.47 40.18
N PRO B 675 -11.98 -23.50 40.17
CA PRO B 675 -11.05 -23.31 41.30
C PRO B 675 -11.76 -23.12 42.63
N PRO B 676 -12.90 -22.40 42.69
CA PRO B 676 -13.61 -22.33 43.98
C PRO B 676 -14.04 -23.68 44.52
N PHE B 677 -14.34 -24.65 43.65
CA PHE B 677 -14.72 -25.99 44.07
C PHE B 677 -13.62 -27.01 43.78
N ASN B 678 -12.35 -26.60 43.91
CA ASN B 678 -11.24 -27.51 43.70
C ASN B 678 -10.28 -27.46 44.87
N ILE B 679 -10.19 -26.29 45.52
CA ILE B 679 -9.23 -25.97 46.59
C ILE B 679 -7.93 -26.75 46.49
N ASN B 718 -0.83 -52.68 17.46
CA ASN B 718 -1.61 -52.06 16.40
C ASN B 718 -1.39 -52.77 15.07
N VAL B 719 -1.71 -54.08 15.04
CA VAL B 719 -1.50 -54.85 13.82
C VAL B 719 -2.49 -54.43 12.74
N ARG B 720 -3.74 -54.18 13.10
CA ARG B 720 -4.76 -53.78 12.14
C ARG B 720 -4.84 -52.28 11.97
N LEU B 721 -4.51 -51.51 13.02
CA LEU B 721 -4.48 -50.07 12.90
C LEU B 721 -3.47 -49.62 11.85
N ASN B 722 -2.29 -50.23 11.85
CA ASN B 722 -1.31 -49.95 10.80
C ASN B 722 -1.86 -50.31 9.42
N HIS B 723 -2.54 -51.46 9.32
CA HIS B 723 -3.11 -51.87 8.04
C HIS B 723 -4.05 -50.81 7.50
N GLN B 724 -5.01 -50.38 8.32
CA GLN B 724 -5.97 -49.36 7.87
C GLN B 724 -5.28 -48.04 7.57
N TYR B 725 -4.34 -47.63 8.42
CA TYR B 725 -3.70 -46.33 8.22
C TYR B 725 -2.89 -46.30 6.92
N GLN B 726 -2.11 -47.36 6.65
CA GLN B 726 -1.34 -47.38 5.41
C GLN B 726 -2.24 -47.54 4.19
N GLU B 727 -3.32 -48.31 4.29
CA GLU B 727 -4.18 -48.44 3.11
C GLU B 727 -4.91 -47.13 2.81
N VAL B 728 -5.20 -46.32 3.84
CA VAL B 728 -5.75 -44.99 3.58
C VAL B 728 -4.68 -44.04 3.03
N LEU B 729 -3.47 -44.10 3.60
CA LEU B 729 -2.41 -43.19 3.20
C LEU B 729 -1.96 -43.45 1.78
N ARG B 730 -1.97 -44.71 1.33
CA ARG B 730 -1.61 -45.01 -0.05
C ARG B 730 -2.56 -44.31 -1.02
N ASN B 731 -3.86 -44.40 -0.75
CA ASN B 731 -4.84 -43.71 -1.59
C ASN B 731 -4.67 -42.20 -1.53
N LEU B 732 -4.40 -41.67 -0.34
CA LEU B 732 -4.19 -40.22 -0.22
C LEU B 732 -3.00 -39.76 -1.05
N VAL B 733 -1.89 -40.49 -0.98
CA VAL B 733 -0.70 -40.14 -1.74
C VAL B 733 -0.96 -40.28 -3.24
N LYS B 734 -1.70 -41.33 -3.64
CA LYS B 734 -2.00 -41.51 -5.05
C LYS B 734 -2.85 -40.36 -5.58
N ARG B 735 -3.88 -39.95 -4.83
CA ARG B 735 -4.68 -38.80 -5.25
C ARG B 735 -3.85 -37.54 -5.32
N TYR B 736 -2.97 -37.32 -4.34
CA TYR B 736 -2.14 -36.12 -4.35
C TYR B 736 -1.24 -36.08 -5.56
N VAL B 737 -0.55 -37.19 -5.85
CA VAL B 737 0.37 -37.19 -6.98
C VAL B 737 -0.38 -37.06 -8.29
N ALA B 738 -1.56 -37.70 -8.40
CA ALA B 738 -2.35 -37.55 -9.62
C ALA B 738 -2.74 -36.10 -9.84
N ALA B 739 -3.30 -35.46 -8.81
CA ALA B 739 -3.67 -34.05 -8.93
C ALA B 739 -2.46 -33.14 -9.11
N MET B 740 -1.26 -33.61 -8.75
CA MET B 740 -0.07 -32.78 -8.90
C MET B 740 0.57 -32.88 -10.28
N ILE B 741 0.48 -34.03 -10.96
CA ILE B 741 1.09 -34.15 -12.28
C ILE B 741 0.05 -34.03 -13.39
N ARG B 742 -1.04 -34.79 -13.32
CA ARG B 742 -2.00 -34.80 -14.42
C ARG B 742 -2.90 -33.57 -14.44
N ASP B 743 -2.86 -32.73 -13.40
CA ASP B 743 -3.70 -31.54 -13.33
C ASP B 743 -2.87 -30.27 -13.18
N ALA B 744 -1.60 -30.31 -13.55
CA ALA B 744 -0.75 -29.13 -13.49
C ALA B 744 -0.06 -28.81 -14.81
N LYS B 745 -0.25 -29.62 -15.85
CA LYS B 745 0.33 -29.31 -17.15
C LYS B 745 -0.33 -28.08 -17.77
N THR B 746 -1.63 -27.90 -17.53
CA THR B 746 -2.33 -26.73 -18.05
C THR B 746 -1.86 -25.46 -17.36
N GLU B 747 -1.64 -25.51 -16.05
CA GLU B 747 -1.22 -24.35 -15.28
C GLU B 747 0.22 -23.94 -15.63
N THR B 751 -2.06 -22.92 -20.69
CA THR B 751 -1.34 -22.53 -21.91
C THR B 751 -0.48 -23.68 -22.41
N GLU B 752 0.27 -24.29 -21.50
CA GLU B 752 1.14 -25.42 -21.86
C GLU B 752 0.35 -26.67 -22.23
N GLU B 753 -0.95 -26.72 -21.91
CA GLU B 753 -1.74 -27.89 -22.26
C GLU B 753 -2.05 -27.95 -23.75
N ASN B 754 -2.13 -26.79 -24.42
CA ASN B 754 -2.38 -26.74 -25.84
C ASN B 754 -1.11 -26.64 -26.67
N PHE B 755 0.05 -26.44 -26.03
CA PHE B 755 1.30 -26.44 -26.77
C PHE B 755 1.60 -27.81 -27.36
N LYS B 756 1.34 -28.88 -26.60
CA LYS B 756 1.55 -30.22 -27.11
C LYS B 756 0.47 -30.66 -28.08
N GLU B 757 -0.65 -29.93 -28.14
CA GLU B 757 -1.69 -30.25 -29.13
C GLU B 757 -1.22 -29.96 -30.54
N LEU B 758 -0.56 -28.81 -30.76
CA LEU B 758 0.00 -28.52 -32.07
C LEU B 758 1.08 -29.53 -32.44
N LYS B 759 1.90 -29.94 -31.46
CA LYS B 759 2.90 -30.96 -31.72
C LYS B 759 2.25 -32.29 -32.10
N GLN B 760 1.15 -32.64 -31.43
CA GLN B 760 0.44 -33.86 -31.79
C GLN B 760 -0.11 -33.79 -33.20
N ASP B 761 -0.70 -32.66 -33.58
CA ASP B 761 -1.21 -32.50 -34.93
C ASP B 761 -0.09 -32.61 -35.97
N ILE B 762 1.04 -31.96 -35.70
CA ILE B 762 2.16 -32.00 -36.64
C ILE B 762 2.73 -33.41 -36.74
N SER B 763 2.82 -34.11 -35.62
CA SER B 763 3.32 -35.48 -35.63
C SER B 763 2.38 -36.41 -36.41
N SER B 764 1.08 -36.23 -36.23
CA SER B 764 0.12 -37.03 -36.99
C SER B 764 0.24 -36.74 -38.48
N PHE B 765 0.37 -35.47 -38.84
CA PHE B 765 0.57 -35.10 -40.24
C PHE B 765 1.82 -35.76 -40.81
N ARG B 766 2.93 -35.69 -40.07
CA ARG B 766 4.19 -36.26 -40.53
C ARG B 766 4.07 -37.76 -40.70
N TYR B 767 3.46 -38.44 -39.72
CA TYR B 767 3.31 -39.89 -39.81
C TYR B 767 2.45 -40.28 -40.99
N GLU B 768 1.35 -39.56 -41.22
CA GLU B 768 0.48 -39.89 -42.34
C GLU B 768 1.19 -39.70 -43.67
N VAL B 769 1.92 -38.58 -43.83
CA VAL B 769 2.62 -38.33 -45.07
C VAL B 769 3.72 -39.38 -45.29
N ILE B 770 4.48 -39.70 -44.25
CA ILE B 770 5.57 -40.65 -44.40
C ILE B 770 5.04 -42.04 -44.74
N GLY B 771 4.01 -42.49 -44.02
CA GLY B 771 3.47 -43.83 -44.25
C GLY B 771 2.69 -43.96 -45.55
N MET B 772 2.10 -42.87 -46.04
CA MET B 772 1.35 -42.94 -47.29
C MET B 772 2.27 -43.26 -48.47
N MET B 773 3.45 -42.65 -48.51
CA MET B 773 4.40 -42.90 -49.59
C MET B 773 5.40 -43.99 -49.21
N PRO C 39 20.62 -41.41 3.22
CA PRO C 39 19.76 -42.58 3.41
C PRO C 39 19.63 -43.42 2.15
N LEU C 40 19.08 -44.62 2.28
CA LEU C 40 18.85 -45.52 1.15
C LEU C 40 17.38 -45.47 0.77
N ARG C 41 17.12 -45.19 -0.50
CA ARG C 41 15.75 -45.01 -1.00
C ARG C 41 15.41 -46.10 -1.99
N ILE C 42 14.21 -46.69 -1.82
CA ILE C 42 13.65 -47.65 -2.75
C ILE C 42 12.20 -47.26 -2.99
N VAL C 43 11.63 -47.77 -4.09
CA VAL C 43 10.24 -47.47 -4.40
C VAL C 43 9.33 -48.08 -3.35
N ARG C 44 8.16 -47.46 -3.16
CA ARG C 44 7.21 -47.88 -2.14
C ARG C 44 5.84 -48.04 -2.78
N ALA C 45 5.41 -49.30 -2.93
CA ALA C 45 4.09 -49.65 -3.45
C ALA C 45 3.85 -49.05 -4.83
N GLU C 46 4.70 -49.44 -5.77
CA GLU C 46 4.57 -49.03 -7.17
C GLU C 46 5.05 -50.17 -8.05
N SER C 47 4.16 -50.71 -8.87
CA SER C 47 4.44 -51.86 -9.71
C SER C 47 4.73 -51.45 -11.14
N GLU C 48 5.46 -52.31 -11.84
CA GLU C 48 5.80 -52.10 -13.24
C GLU C 48 4.70 -52.66 -14.14
N LEU C 49 4.44 -51.97 -15.25
CA LEU C 49 3.31 -52.32 -16.09
C LEU C 49 3.63 -53.47 -17.05
N SER C 50 4.57 -53.25 -17.98
CA SER C 50 4.82 -54.18 -19.07
C SER C 50 6.00 -53.74 -19.91
N THR C 51 6.32 -54.51 -20.95
CA THR C 51 7.33 -54.16 -21.93
C THR C 51 6.74 -53.89 -23.30
N GLN C 52 5.86 -54.77 -23.78
CA GLN C 52 5.28 -54.60 -25.11
C GLN C 52 4.35 -53.39 -25.17
N GLU C 53 3.59 -53.13 -24.11
CA GLU C 53 2.60 -52.06 -24.12
C GLU C 53 3.23 -50.67 -24.18
N LYS C 54 4.53 -50.55 -23.93
CA LYS C 54 5.18 -49.25 -24.04
C LYS C 54 5.13 -48.73 -25.47
N SER C 55 5.35 -49.62 -26.44
CA SER C 55 5.27 -49.21 -27.84
C SER C 55 3.85 -48.77 -28.19
N TYR C 56 2.84 -49.49 -27.70
CA TYR C 56 1.45 -49.11 -27.96
C TYR C 56 1.13 -47.76 -27.36
N LEU C 57 1.59 -47.50 -26.13
CA LEU C 57 1.34 -46.21 -25.50
C LEU C 57 2.06 -45.09 -26.23
N SER C 58 3.30 -45.32 -26.67
CA SER C 58 4.01 -44.31 -27.45
C SER C 58 3.29 -44.03 -28.75
N ALA C 59 2.76 -45.07 -29.40
CA ALA C 59 2.04 -44.89 -30.66
C ALA C 59 0.76 -44.09 -30.45
N VAL C 60 0.01 -44.39 -29.40
CA VAL C 60 -1.22 -43.62 -29.15
C VAL C 60 -0.91 -42.21 -28.70
N GLU C 61 0.28 -41.98 -28.13
CA GLU C 61 0.62 -40.63 -27.69
C GLU C 61 1.10 -39.76 -28.85
N LYS C 62 1.99 -40.28 -29.69
CA LYS C 62 2.55 -39.48 -30.78
C LYS C 62 1.49 -39.13 -31.81
N GLY C 63 0.74 -40.13 -32.29
CA GLY C 63 -0.30 -39.88 -33.27
C GLY C 63 -0.19 -40.74 -34.51
N ASP C 64 0.62 -41.79 -34.46
CA ASP C 64 0.78 -42.71 -35.58
C ASP C 64 -0.49 -43.55 -35.69
N TYR C 65 -1.33 -43.23 -36.68
CA TYR C 65 -2.61 -43.91 -36.81
C TYR C 65 -2.46 -45.31 -37.36
N ALA C 66 -1.41 -45.57 -38.15
CA ALA C 66 -1.22 -46.91 -38.71
C ALA C 66 -0.80 -47.91 -37.63
N SER C 67 0.19 -47.54 -36.81
CA SER C 67 0.73 -48.47 -35.83
C SER C 67 -0.31 -48.82 -34.77
N VAL C 68 -1.11 -47.85 -34.33
CA VAL C 68 -2.14 -48.14 -33.35
C VAL C 68 -3.17 -49.10 -33.94
N LYS C 69 -3.52 -48.91 -35.22
CA LYS C 69 -4.44 -49.83 -35.87
C LYS C 69 -3.86 -51.23 -35.94
N LEU C 70 -2.55 -51.33 -36.18
CA LEU C 70 -1.89 -52.63 -36.08
C LEU C 70 -1.98 -53.21 -34.67
N ALA C 71 -1.95 -52.34 -33.66
CA ALA C 71 -2.00 -52.82 -32.27
C ALA C 71 -3.36 -53.46 -31.96
N LEU C 72 -4.45 -52.77 -32.27
CA LEU C 72 -5.78 -53.33 -32.02
C LEU C 72 -6.16 -54.45 -32.97
N GLU C 73 -5.35 -54.70 -34.01
CA GLU C 73 -5.67 -55.75 -34.99
C GLU C 73 -5.41 -57.11 -34.35
N GLU C 74 -6.35 -57.54 -33.50
CA GLU C 74 -6.33 -58.84 -32.86
C GLU C 74 -7.51 -59.66 -33.37
N ALA C 75 -7.22 -60.85 -33.89
CA ALA C 75 -8.24 -61.73 -34.45
C ALA C 75 -8.06 -63.13 -33.89
N GLU C 76 -9.05 -63.60 -33.14
CA GLU C 76 -9.14 -64.92 -32.54
C GLU C 76 -8.10 -65.16 -31.44
N ILE C 77 -7.22 -64.20 -31.19
CA ILE C 77 -6.21 -64.34 -30.13
C ILE C 77 -5.72 -62.95 -29.74
N TYR C 78 -5.60 -62.70 -28.44
CA TYR C 78 -5.11 -61.42 -27.94
C TYR C 78 -3.59 -61.42 -27.88
N PHE C 79 -3.01 -60.26 -28.15
CA PHE C 79 -1.57 -60.09 -28.23
C PHE C 79 -0.89 -60.06 -26.87
N LYS C 80 -1.61 -60.36 -25.79
CA LYS C 80 -1.12 -60.25 -24.42
C LYS C 80 -0.82 -58.80 -24.07
N ILE C 81 -1.07 -57.89 -25.01
CA ILE C 81 -0.92 -56.45 -24.81
C ILE C 81 -2.25 -55.95 -24.25
N ASN C 82 -2.27 -55.62 -22.95
CA ASN C 82 -3.48 -55.10 -22.33
C ASN C 82 -3.86 -53.77 -22.95
N ILE C 83 -4.96 -53.74 -23.72
CA ILE C 83 -5.40 -52.49 -24.32
C ILE C 83 -5.88 -51.52 -23.25
N ASN C 84 -6.50 -52.03 -22.19
CA ASN C 84 -6.94 -51.21 -21.06
C ASN C 84 -5.85 -51.16 -19.98
N CYS C 85 -4.64 -50.79 -20.38
CA CYS C 85 -3.51 -50.75 -19.45
C CYS C 85 -3.32 -49.35 -18.91
N ILE C 86 -2.76 -49.28 -17.69
CA ILE C 86 -2.48 -48.01 -17.05
C ILE C 86 -1.01 -47.67 -17.27
N ASP C 87 -0.65 -46.41 -17.04
CA ASP C 87 0.70 -45.89 -17.23
C ASP C 87 1.15 -45.21 -15.94
N PRO C 88 2.46 -45.05 -15.73
CA PRO C 88 2.92 -44.47 -14.47
C PRO C 88 2.40 -43.06 -14.22
N LEU C 89 2.10 -42.31 -15.27
CA LEU C 89 1.41 -41.03 -15.09
C LEU C 89 -0.03 -41.21 -14.63
N GLY C 90 -0.62 -42.38 -14.87
CA GLY C 90 -1.99 -42.64 -14.48
C GLY C 90 -3.03 -42.47 -15.57
N ARG C 91 -2.62 -42.36 -16.82
CA ARG C 91 -3.52 -42.07 -17.93
C ARG C 91 -3.75 -43.32 -18.76
N THR C 92 -5.02 -43.66 -18.97
CA THR C 92 -5.39 -44.73 -19.88
C THR C 92 -5.19 -44.26 -21.32
N ALA C 93 -4.98 -45.22 -22.22
CA ALA C 93 -4.76 -44.89 -23.64
C ALA C 93 -5.87 -43.99 -24.18
N LEU C 94 -7.12 -44.25 -23.79
CA LEU C 94 -8.21 -43.36 -24.19
C LEU C 94 -8.03 -41.97 -23.59
N LEU C 95 -7.60 -41.89 -22.33
N LEU C 95 -7.61 -41.90 -22.33
CA LEU C 95 -7.38 -40.59 -21.71
CA LEU C 95 -7.37 -40.60 -21.70
C LEU C 95 -6.26 -39.82 -22.40
C LEU C 95 -6.26 -39.83 -22.40
N ILE C 96 -5.26 -40.53 -22.93
CA ILE C 96 -4.20 -39.86 -23.66
C ILE C 96 -4.72 -39.30 -24.98
N ALA C 97 -5.58 -40.06 -25.67
CA ALA C 97 -6.11 -39.59 -26.94
C ALA C 97 -6.96 -38.34 -26.76
N ILE C 98 -7.78 -38.30 -25.70
CA ILE C 98 -8.55 -37.10 -25.41
C ILE C 98 -7.63 -35.95 -25.01
N GLU C 99 -6.53 -36.25 -24.34
CA GLU C 99 -5.60 -35.21 -23.91
C GLU C 99 -5.03 -34.45 -25.09
N ASN C 100 -4.70 -35.16 -26.17
CA ASN C 100 -4.15 -34.53 -27.37
C ASN C 100 -5.23 -34.12 -28.37
N GLU C 101 -6.51 -34.31 -28.02
CA GLU C 101 -7.64 -33.78 -28.78
C GLU C 101 -7.87 -34.53 -30.08
N ASN C 102 -6.93 -35.42 -30.43
CA ASN C 102 -7.04 -36.15 -31.69
C ASN C 102 -8.21 -37.12 -31.64
N LEU C 103 -9.22 -36.88 -32.48
CA LEU C 103 -10.45 -37.66 -32.47
C LEU C 103 -10.41 -38.88 -33.37
N GLU C 104 -9.58 -38.84 -34.41
CA GLU C 104 -9.51 -39.98 -35.33
C GLU C 104 -9.05 -41.24 -34.64
N ILE C 105 -8.12 -41.12 -33.69
CA ILE C 105 -7.74 -42.27 -32.88
C ILE C 105 -8.84 -42.62 -31.89
N ILE C 106 -9.54 -41.61 -31.37
CA ILE C 106 -10.58 -41.85 -30.36
C ILE C 106 -11.67 -42.75 -30.94
N GLU C 107 -12.10 -42.45 -32.16
CA GLU C 107 -13.09 -43.31 -32.80
C GLU C 107 -12.55 -44.73 -32.99
N LEU C 108 -11.26 -44.85 -33.28
CA LEU C 108 -10.66 -46.17 -33.50
C LEU C 108 -10.70 -47.00 -32.22
N LEU C 109 -10.27 -46.42 -31.09
CA LEU C 109 -10.34 -47.17 -29.85
C LEU C 109 -11.79 -47.41 -29.41
N LEU C 110 -12.69 -46.48 -29.71
CA LEU C 110 -14.10 -46.70 -29.36
C LEU C 110 -14.71 -47.85 -30.17
N SER C 111 -14.23 -48.06 -31.40
CA SER C 111 -14.76 -49.14 -32.23
C SER C 111 -14.40 -50.51 -31.69
N PHE C 112 -13.40 -50.61 -30.81
CA PHE C 112 -12.97 -51.89 -30.26
C PHE C 112 -13.50 -52.13 -28.85
N ASN C 113 -14.45 -51.31 -28.39
CA ASN C 113 -15.11 -51.49 -27.10
C ASN C 113 -14.10 -51.45 -25.95
N VAL C 114 -13.42 -50.32 -25.82
CA VAL C 114 -12.49 -50.08 -24.72
C VAL C 114 -13.29 -49.75 -23.47
N TYR C 115 -12.63 -49.76 -22.32
CA TYR C 115 -13.31 -49.47 -21.06
C TYR C 115 -13.73 -48.00 -21.01
N VAL C 116 -14.97 -47.77 -20.61
CA VAL C 116 -15.57 -46.44 -20.60
C VAL C 116 -16.34 -46.27 -19.30
N GLY C 117 -16.44 -45.04 -18.83
CA GLY C 117 -17.15 -44.75 -17.59
C GLY C 117 -16.57 -43.61 -16.80
N ASP C 118 -15.35 -43.18 -17.14
CA ASP C 118 -14.75 -42.01 -16.52
C ASP C 118 -14.12 -41.07 -17.54
N ALA C 119 -14.11 -41.43 -18.82
CA ALA C 119 -13.55 -40.55 -19.85
C ALA C 119 -14.46 -39.38 -20.18
N LEU C 120 -15.77 -39.55 -20.01
CA LEU C 120 -16.70 -38.46 -20.31
C LEU C 120 -16.47 -37.27 -19.39
N LEU C 121 -16.27 -37.53 -18.09
CA LEU C 121 -16.01 -36.45 -17.15
C LEU C 121 -14.68 -35.77 -17.46
N HIS C 122 -13.66 -36.54 -17.85
CA HIS C 122 -12.40 -35.94 -18.23
C HIS C 122 -12.55 -35.05 -19.45
N ALA C 123 -13.30 -35.50 -20.45
CA ALA C 123 -13.51 -34.70 -21.64
C ALA C 123 -14.30 -33.43 -21.32
N ILE C 124 -15.28 -33.53 -20.43
CA ILE C 124 -16.04 -32.36 -20.01
C ILE C 124 -15.12 -31.37 -19.30
N ARG C 125 -14.25 -31.87 -18.41
CA ARG C 125 -13.32 -30.98 -17.72
C ARG C 125 -12.38 -30.29 -18.70
N LYS C 126 -11.87 -31.03 -19.68
CA LYS C 126 -11.02 -30.43 -20.70
C LYS C 126 -11.81 -29.58 -21.69
N GLU C 127 -13.14 -29.65 -21.64
CA GLU C 127 -14.01 -28.84 -22.51
C GLU C 127 -13.72 -29.10 -23.99
N VAL C 128 -13.51 -30.36 -24.34
CA VAL C 128 -13.34 -30.77 -25.73
C VAL C 128 -14.72 -31.12 -26.28
N VAL C 129 -15.26 -30.26 -27.13
CA VAL C 129 -16.61 -30.46 -27.64
C VAL C 129 -16.67 -31.68 -28.56
N GLY C 130 -15.62 -31.92 -29.35
CA GLY C 130 -15.65 -33.00 -30.30
C GLY C 130 -15.79 -34.37 -29.66
N ALA C 131 -15.00 -34.62 -28.60
CA ALA C 131 -15.02 -35.93 -27.96
C ALA C 131 -16.33 -36.18 -27.22
N VAL C 132 -16.97 -35.11 -26.72
CA VAL C 132 -18.18 -35.26 -25.92
C VAL C 132 -19.29 -35.89 -26.75
N GLU C 133 -19.40 -35.48 -28.02
CA GLU C 133 -20.49 -35.98 -28.86
C GLU C 133 -20.41 -37.49 -29.02
N LEU C 134 -19.23 -38.02 -29.35
CA LEU C 134 -19.09 -39.46 -29.51
C LEU C 134 -19.05 -40.20 -28.18
N LEU C 135 -18.68 -39.53 -27.09
CA LEU C 135 -18.79 -40.15 -25.78
C LEU C 135 -20.22 -40.16 -25.26
N LEU C 136 -21.12 -39.43 -25.89
CA LEU C 136 -22.52 -39.41 -25.46
C LEU C 136 -23.36 -40.46 -26.19
N ASN C 137 -23.22 -40.54 -27.52
CA ASN C 137 -24.00 -41.49 -28.33
C ASN C 137 -23.15 -42.73 -28.61
N HIS C 138 -23.01 -43.56 -27.59
CA HIS C 138 -22.27 -44.81 -27.73
C HIS C 138 -23.05 -45.98 -27.13
N GLN C 155 -11.05 -49.52 -7.66
CA GLN C 155 -11.94 -48.37 -7.71
C GLN C 155 -11.17 -47.07 -7.44
N PHE C 156 -10.67 -46.45 -8.51
CA PHE C 156 -9.96 -45.19 -8.41
C PHE C 156 -10.59 -44.19 -9.37
N SER C 157 -10.88 -42.99 -8.87
CA SER C 157 -11.45 -41.93 -9.69
C SER C 157 -10.80 -40.60 -9.32
N ASP C 158 -10.67 -39.72 -10.32
CA ASP C 158 -10.15 -38.38 -10.11
C ASP C 158 -11.26 -37.37 -9.84
N PHE C 159 -12.41 -37.83 -9.37
CA PHE C 159 -13.55 -36.96 -9.12
C PHE C 159 -14.27 -37.41 -7.86
N THR C 160 -14.99 -36.49 -7.25
CA THR C 160 -15.79 -36.82 -6.08
C THR C 160 -16.89 -37.80 -6.47
N PRO C 161 -17.13 -38.85 -5.65
CA PRO C 161 -18.10 -39.88 -6.05
C PRO C 161 -19.54 -39.39 -6.17
N ASP C 162 -19.78 -38.10 -5.91
CA ASP C 162 -21.12 -37.52 -6.02
C ASP C 162 -21.23 -36.54 -7.17
N ILE C 163 -20.24 -36.51 -8.07
CA ILE C 163 -20.19 -35.54 -9.16
C ILE C 163 -20.82 -36.17 -10.40
N THR C 164 -21.80 -35.47 -10.97
CA THR C 164 -22.47 -35.85 -12.20
C THR C 164 -21.97 -35.00 -13.35
N PRO C 165 -22.09 -35.48 -14.60
CA PRO C 165 -21.57 -34.70 -15.73
C PRO C 165 -22.19 -33.33 -15.87
N ILE C 166 -23.48 -33.16 -15.54
CA ILE C 166 -24.12 -31.86 -15.70
C ILE C 166 -23.53 -30.85 -14.72
N ILE C 167 -23.25 -31.28 -13.49
CA ILE C 167 -22.66 -30.37 -12.50
C ILE C 167 -21.27 -29.93 -12.93
N LEU C 168 -20.45 -30.86 -13.43
CA LEU C 168 -19.12 -30.51 -13.90
C LEU C 168 -19.20 -29.58 -15.11
N ALA C 169 -20.14 -29.84 -16.02
CA ALA C 169 -20.30 -28.98 -17.19
C ALA C 169 -20.70 -27.57 -16.78
N ALA C 170 -21.60 -27.45 -15.81
CA ALA C 170 -21.96 -26.13 -15.29
C ALA C 170 -20.78 -25.46 -14.62
N HIS C 171 -19.92 -26.24 -13.95
CA HIS C 171 -18.69 -25.68 -13.40
C HIS C 171 -17.79 -25.12 -14.49
N THR C 172 -17.66 -25.84 -15.60
CA THR C 172 -16.80 -25.37 -16.70
C THR C 172 -17.36 -24.10 -17.34
N ASN C 173 -18.67 -23.91 -17.31
CA ASN C 173 -19.33 -22.73 -17.87
C ASN C 173 -19.05 -22.60 -19.37
N ASN C 174 -19.45 -23.65 -20.10
CA ASN C 174 -19.36 -23.67 -21.55
C ASN C 174 -20.76 -23.80 -22.12
N TYR C 175 -21.14 -22.85 -23.00
CA TYR C 175 -22.51 -22.80 -23.50
C TYR C 175 -22.86 -24.05 -24.30
N GLU C 176 -21.89 -24.59 -25.04
CA GLU C 176 -22.17 -25.73 -25.91
C GLU C 176 -22.50 -26.98 -25.10
N ILE C 177 -21.57 -27.43 -24.25
CA ILE C 177 -21.69 -28.73 -23.60
C ILE C 177 -22.93 -28.79 -22.73
N ILE C 178 -23.24 -27.70 -22.01
CA ILE C 178 -24.45 -27.67 -21.20
C ILE C 178 -25.69 -27.84 -22.09
N LYS C 179 -25.69 -27.20 -23.25
CA LYS C 179 -26.82 -27.34 -24.17
C LYS C 179 -26.95 -28.79 -24.66
N MET C 180 -25.81 -29.42 -25.00
CA MET C 180 -25.88 -30.82 -25.45
C MET C 180 -26.43 -31.72 -24.35
N LEU C 181 -26.01 -31.50 -23.11
CA LEU C 181 -26.53 -32.34 -22.02
C LEU C 181 -28.01 -32.10 -21.77
N VAL C 182 -28.43 -30.82 -21.73
CA VAL C 182 -29.84 -30.55 -21.44
C VAL C 182 -30.74 -30.98 -22.58
N GLN C 183 -30.23 -31.07 -23.81
CA GLN C 183 -31.03 -31.60 -24.91
C GLN C 183 -31.37 -33.07 -24.68
N LYS C 184 -30.44 -33.84 -24.13
CA LYS C 184 -30.66 -35.26 -23.87
C LYS C 184 -31.37 -35.52 -22.55
N GLY C 185 -31.53 -34.51 -21.71
CA GLY C 185 -32.27 -34.68 -20.46
C GLY C 185 -31.39 -34.85 -19.23
N VAL C 186 -31.30 -33.79 -18.43
CA VAL C 186 -30.53 -33.81 -17.18
C VAL C 186 -31.41 -33.23 -16.08
N SER C 187 -30.99 -33.47 -14.83
CA SER C 187 -31.73 -32.99 -13.67
C SER C 187 -30.76 -32.69 -12.55
N VAL C 188 -30.68 -31.43 -12.16
CA VAL C 188 -29.84 -31.01 -11.04
C VAL C 188 -30.61 -31.25 -9.74
N PRO C 189 -30.06 -32.00 -8.78
CA PRO C 189 -30.77 -32.24 -7.53
C PRO C 189 -30.98 -30.95 -6.75
N GLN C 190 -32.09 -30.89 -6.02
CA GLN C 190 -32.41 -29.71 -5.21
C GLN C 190 -31.71 -29.79 -3.87
N PRO C 191 -30.92 -28.79 -3.50
CA PRO C 191 -30.29 -28.79 -2.17
C PRO C 191 -31.30 -28.48 -1.08
N HIS C 192 -31.20 -29.20 0.02
CA HIS C 192 -32.10 -29.00 1.15
C HIS C 192 -31.65 -27.82 2.01
N VAL C 207 -24.15 -37.72 10.96
CA VAL C 207 -23.75 -38.62 9.88
C VAL C 207 -22.38 -38.22 9.34
N ASP C 208 -22.17 -38.43 8.05
CA ASP C 208 -20.91 -38.07 7.40
C ASP C 208 -21.00 -36.59 7.04
N SER C 209 -20.44 -35.74 7.90
CA SER C 209 -20.50 -34.30 7.70
C SER C 209 -19.47 -33.78 6.71
N LEU C 210 -18.53 -34.62 6.27
CA LEU C 210 -17.54 -34.18 5.30
C LEU C 210 -18.09 -34.24 3.88
N ARG C 211 -18.83 -35.30 3.56
CA ARG C 211 -19.41 -35.43 2.23
C ARG C 211 -20.61 -34.49 2.05
N HIS C 212 -21.42 -34.34 3.09
CA HIS C 212 -22.61 -33.50 2.99
C HIS C 212 -22.25 -32.04 2.76
N SER C 213 -21.21 -31.55 3.45
CA SER C 213 -20.79 -30.16 3.28
C SER C 213 -20.18 -29.90 1.91
N ARG C 214 -19.62 -30.93 1.27
CA ARG C 214 -19.06 -30.77 -0.07
C ARG C 214 -20.10 -30.97 -1.15
N SER C 215 -21.06 -31.86 -0.92
CA SER C 215 -22.16 -32.04 -1.88
C SER C 215 -23.01 -30.78 -2.00
N ARG C 216 -23.28 -30.11 -0.87
CA ARG C 216 -24.08 -28.89 -0.90
C ARG C 216 -23.38 -27.78 -1.68
N LEU C 217 -22.07 -27.64 -1.49
CA LEU C 217 -21.34 -26.56 -2.16
C LEU C 217 -21.19 -26.82 -3.65
N ASN C 218 -21.05 -28.09 -4.05
CA ASN C 218 -20.89 -28.40 -5.47
C ASN C 218 -22.16 -28.06 -6.25
N ILE C 219 -23.33 -28.35 -5.69
CA ILE C 219 -24.58 -28.04 -6.37
C ILE C 219 -24.77 -26.54 -6.52
N TYR C 220 -24.48 -25.79 -5.47
CA TYR C 220 -24.65 -24.33 -5.52
C TYR C 220 -23.66 -23.69 -6.48
N LYS C 221 -22.43 -24.20 -6.54
CA LYS C 221 -21.44 -23.64 -7.45
C LYS C 221 -21.81 -23.92 -8.90
N ALA C 222 -22.57 -24.98 -9.15
CA ALA C 222 -23.05 -25.28 -10.49
C ALA C 222 -24.35 -24.56 -10.83
N LEU C 223 -25.19 -24.27 -9.84
CA LEU C 223 -26.45 -23.59 -10.06
C LEU C 223 -26.27 -22.08 -10.25
N ALA C 224 -25.11 -21.54 -9.92
CA ALA C 224 -24.84 -20.11 -10.06
C ALA C 224 -24.12 -19.76 -11.34
N SER C 225 -23.89 -20.73 -12.22
CA SER C 225 -23.19 -20.45 -13.47
C SER C 225 -24.08 -19.62 -14.39
N PRO C 226 -23.56 -18.53 -14.97
CA PRO C 226 -24.39 -17.71 -15.86
C PRO C 226 -24.94 -18.46 -17.06
N SER C 227 -24.20 -19.44 -17.59
CA SER C 227 -24.66 -20.17 -18.76
C SER C 227 -25.93 -20.96 -18.46
N LEU C 228 -25.97 -21.65 -17.31
CA LEU C 228 -27.15 -22.43 -16.96
C LEU C 228 -28.35 -21.55 -16.68
N ILE C 229 -28.15 -20.40 -16.04
CA ILE C 229 -29.25 -19.48 -15.80
C ILE C 229 -29.78 -18.90 -17.10
N ALA C 230 -28.87 -18.47 -17.98
CA ALA C 230 -29.27 -17.89 -19.26
C ALA C 230 -29.91 -18.90 -20.21
N LEU C 231 -29.83 -20.19 -19.90
CA LEU C 231 -30.34 -21.23 -20.77
C LEU C 231 -31.59 -21.93 -20.23
N SER C 232 -31.74 -22.02 -18.91
CA SER C 232 -32.81 -22.81 -18.32
C SER C 232 -33.50 -22.06 -17.19
N SER C 233 -33.79 -20.78 -17.42
CA SER C 233 -34.52 -19.98 -16.45
C SER C 233 -35.63 -19.19 -17.15
N GLU C 234 -36.80 -19.15 -16.53
CA GLU C 234 -37.91 -18.38 -17.08
C GLU C 234 -37.62 -16.89 -17.01
N ASP C 235 -37.17 -16.41 -15.84
CA ASP C 235 -36.84 -15.01 -15.62
C ASP C 235 -35.46 -14.94 -14.97
N PRO C 236 -34.40 -14.82 -15.77
CA PRO C 236 -33.05 -14.78 -15.19
C PRO C 236 -32.81 -13.58 -14.27
N PHE C 237 -33.57 -12.50 -14.43
CA PHE C 237 -33.40 -11.35 -13.55
C PHE C 237 -33.84 -11.64 -12.13
N LEU C 238 -34.67 -12.67 -11.92
CA LEU C 238 -35.15 -13.03 -10.59
C LEU C 238 -34.32 -14.12 -9.93
N THR C 239 -33.82 -15.08 -10.70
CA THR C 239 -32.95 -16.11 -10.12
C THR C 239 -31.60 -15.53 -9.71
N ALA C 240 -31.11 -14.52 -10.43
CA ALA C 240 -29.91 -13.83 -10.02
C ALA C 240 -30.12 -12.97 -8.78
N PHE C 241 -31.37 -12.69 -8.42
CA PHE C 241 -31.70 -11.97 -7.20
C PHE C 241 -31.94 -12.91 -6.03
N GLN C 242 -32.72 -13.97 -6.25
CA GLN C 242 -33.07 -14.89 -5.18
C GLN C 242 -31.86 -15.72 -4.76
N LEU C 243 -31.11 -16.25 -5.72
CA LEU C 243 -29.99 -17.12 -5.39
C LEU C 243 -28.82 -16.33 -4.80
N SER C 244 -28.66 -15.06 -5.19
CA SER C 244 -27.61 -14.24 -4.61
C SER C 244 -27.92 -13.85 -3.17
N TRP C 245 -29.19 -13.88 -2.77
CA TRP C 245 -29.54 -13.57 -1.38
C TRP C 245 -29.32 -14.77 -0.48
N GLU C 246 -29.77 -15.94 -0.89
CA GLU C 246 -29.65 -17.14 -0.07
C GLU C 246 -28.25 -17.74 -0.11
N LEU C 247 -27.38 -17.27 -1.01
CA LEU C 247 -25.97 -17.63 -0.98
C LEU C 247 -25.15 -16.69 -0.11
N GLN C 248 -25.75 -15.59 0.35
CA GLN C 248 -25.08 -14.65 1.25
C GLN C 248 -25.34 -14.98 2.72
N GLU C 249 -26.58 -15.34 3.06
CA GLU C 249 -26.91 -15.76 4.41
C GLU C 249 -26.48 -17.19 4.70
N LEU C 250 -26.18 -17.99 3.65
CA LEU C 250 -25.64 -19.33 3.86
C LEU C 250 -24.17 -19.31 4.22
N SER C 251 -23.47 -18.20 3.96
CA SER C 251 -22.07 -18.05 4.30
C SER C 251 -21.84 -17.75 5.76
N LYS C 252 -22.88 -17.81 6.59
CA LYS C 252 -22.76 -17.56 8.02
C LYS C 252 -22.98 -18.81 8.87
N VAL C 253 -23.93 -19.67 8.48
CA VAL C 253 -24.11 -20.92 9.21
C VAL C 253 -22.93 -21.86 8.97
N GLU C 254 -22.40 -21.88 7.75
CA GLU C 254 -21.20 -22.64 7.43
C GLU C 254 -19.98 -21.73 7.47
N ASN C 255 -19.62 -21.33 8.69
CA ASN C 255 -18.51 -20.39 8.88
C ASN C 255 -17.18 -20.99 8.48
N GLU C 256 -17.06 -22.33 8.53
CA GLU C 256 -15.81 -22.97 8.14
C GLU C 256 -15.52 -22.73 6.66
N PHE C 257 -16.53 -22.84 5.81
CA PHE C 257 -16.40 -22.56 4.38
C PHE C 257 -17.25 -21.32 4.10
N LYS C 258 -16.64 -20.15 4.28
CA LYS C 258 -17.34 -18.88 4.12
C LYS C 258 -16.70 -17.96 3.09
N ALA C 259 -15.37 -17.98 2.95
CA ALA C 259 -14.72 -17.13 1.96
C ALA C 259 -15.06 -17.53 0.53
N GLU C 260 -15.51 -18.76 0.31
CA GLU C 260 -15.92 -19.20 -1.03
C GLU C 260 -17.41 -19.08 -1.27
N TYR C 261 -18.23 -19.10 -0.22
CA TYR C 261 -19.65 -18.85 -0.39
C TYR C 261 -19.93 -17.39 -0.69
N GLU C 262 -19.18 -16.49 -0.04
CA GLU C 262 -19.35 -15.06 -0.29
C GLU C 262 -18.98 -14.69 -1.71
N GLU C 263 -17.90 -15.27 -2.24
CA GLU C 263 -17.51 -15.01 -3.62
C GLU C 263 -18.54 -15.57 -4.59
N LEU C 264 -19.14 -16.72 -4.27
CA LEU C 264 -20.17 -17.29 -5.12
C LEU C 264 -21.38 -16.36 -5.22
N SER C 265 -21.77 -15.74 -4.10
CA SER C 265 -22.87 -14.79 -4.13
C SER C 265 -22.49 -13.51 -4.87
N HIS C 266 -21.23 -13.11 -4.82
CA HIS C 266 -20.81 -11.89 -5.51
C HIS C 266 -20.88 -12.05 -7.02
N GLN C 267 -20.60 -13.25 -7.55
CA GLN C 267 -20.67 -13.46 -8.98
C GLN C 267 -22.10 -13.47 -9.51
N CYS C 268 -23.08 -13.73 -8.64
CA CYS C 268 -24.48 -13.66 -9.02
C CYS C 268 -25.01 -12.23 -9.07
N LYS C 269 -24.27 -11.27 -8.52
CA LYS C 269 -24.65 -9.86 -8.55
C LYS C 269 -24.13 -9.16 -9.80
N HIS C 270 -22.92 -9.51 -10.24
CA HIS C 270 -22.39 -8.91 -11.46
C HIS C 270 -23.11 -9.42 -12.70
N PHE C 271 -23.64 -10.64 -12.64
CA PHE C 271 -24.37 -11.19 -13.78
C PHE C 271 -25.61 -10.34 -14.09
N ALA C 272 -26.34 -9.93 -13.05
CA ALA C 272 -27.52 -9.09 -13.27
C ALA C 272 -27.14 -7.75 -13.88
N LYS C 273 -26.06 -7.13 -13.39
CA LYS C 273 -25.63 -5.85 -13.94
C LYS C 273 -25.21 -6.00 -15.40
N ASP C 274 -24.49 -7.07 -15.73
CA ASP C 274 -24.08 -7.29 -17.11
C ASP C 274 -25.28 -7.56 -18.00
N LEU C 275 -26.27 -8.30 -17.51
CA LEU C 275 -27.49 -8.56 -18.28
C LEU C 275 -28.26 -7.27 -18.54
N LEU C 276 -28.36 -6.40 -17.53
CA LEU C 276 -29.05 -5.13 -17.71
C LEU C 276 -28.24 -4.12 -18.51
N ASP C 277 -26.96 -4.39 -18.75
CA ASP C 277 -26.11 -3.51 -19.55
C ASP C 277 -26.27 -3.73 -21.05
N GLN C 278 -27.11 -4.68 -21.47
CA GLN C 278 -27.32 -4.98 -22.87
C GLN C 278 -28.46 -4.18 -23.49
N THR C 279 -29.07 -3.27 -22.74
CA THR C 279 -30.15 -2.46 -23.28
C THR C 279 -29.63 -1.52 -24.37
N ARG C 280 -30.41 -1.36 -25.43
CA ARG C 280 -30.04 -0.54 -26.57
C ARG C 280 -30.78 0.79 -26.62
N SER C 281 -32.05 0.82 -26.23
CA SER C 281 -32.86 2.03 -26.29
C SER C 281 -33.51 2.27 -24.93
N SER C 282 -33.87 3.53 -24.68
CA SER C 282 -34.50 3.90 -23.42
C SER C 282 -35.92 3.36 -23.29
N ARG C 283 -36.56 2.95 -24.40
CA ARG C 283 -37.91 2.41 -24.31
C ARG C 283 -37.92 1.06 -23.63
N GLU C 284 -36.96 0.19 -23.96
CA GLU C 284 -36.90 -1.13 -23.33
C GLU C 284 -36.35 -1.06 -21.91
N LEU C 285 -35.51 -0.07 -21.61
CA LEU C 285 -35.01 0.08 -20.24
C LEU C 285 -36.14 0.44 -19.29
N GLU C 286 -37.03 1.34 -19.70
CA GLU C 286 -38.18 1.69 -18.89
C GLU C 286 -39.18 0.54 -18.75
N LEU C 287 -39.10 -0.47 -19.61
CA LEU C 287 -39.93 -1.65 -19.50
C LEU C 287 -39.38 -2.67 -18.52
N ILE C 288 -38.05 -2.79 -18.43
CA ILE C 288 -37.45 -3.72 -17.48
C ILE C 288 -37.64 -3.24 -16.05
N LEU C 289 -37.42 -1.94 -15.82
CA LEU C 289 -37.48 -1.40 -14.46
C LEU C 289 -38.91 -1.22 -13.96
N ASN C 290 -39.91 -1.33 -14.82
CA ASN C 290 -41.30 -1.11 -14.44
C ASN C 290 -42.14 -2.38 -14.48
N PHE C 291 -41.52 -3.55 -14.56
CA PHE C 291 -42.26 -4.80 -14.63
C PHE C 291 -42.94 -5.10 -13.30
N ARG C 292 -44.12 -5.72 -13.39
CA ARG C 292 -44.92 -6.06 -12.22
C ARG C 292 -45.24 -4.83 -11.38
N ASN C 304 -46.63 0.01 -8.36
CA ASN C 304 -46.91 1.06 -9.33
C ASN C 304 -45.71 1.29 -10.25
N GLU C 305 -45.09 2.46 -10.13
CA GLU C 305 -43.94 2.81 -10.94
C GLU C 305 -42.66 2.27 -10.30
N LEU C 306 -41.71 1.90 -11.15
CA LEU C 306 -40.41 1.39 -10.72
C LEU C 306 -40.55 0.21 -9.77
N ALA C 307 -41.44 -0.73 -10.12
CA ALA C 307 -41.71 -1.85 -9.24
C ALA C 307 -40.50 -2.77 -9.08
N ARG C 308 -39.67 -2.89 -10.11
CA ARG C 308 -38.50 -3.78 -10.02
C ARG C 308 -37.27 -3.08 -9.47
N LEU C 309 -37.17 -1.75 -9.61
CA LEU C 309 -36.07 -1.03 -8.98
C LEU C 309 -36.18 -1.08 -7.46
N LYS C 310 -37.41 -1.02 -6.93
CA LYS C 310 -37.61 -1.18 -5.50
C LYS C 310 -37.32 -2.62 -5.06
N LEU C 311 -37.61 -3.59 -5.91
CA LEU C 311 -37.33 -4.99 -5.58
C LEU C 311 -35.82 -5.25 -5.53
N ALA C 312 -35.05 -4.59 -6.40
CA ALA C 312 -33.60 -4.76 -6.37
C ALA C 312 -32.98 -4.12 -5.14
N ILE C 313 -33.54 -3.00 -4.68
CA ILE C 313 -33.03 -2.36 -3.46
C ILE C 313 -33.26 -3.25 -2.25
N LYS C 314 -34.42 -3.91 -2.20
CA LYS C 314 -34.72 -4.82 -1.09
C LYS C 314 -33.73 -5.99 -1.05
N TYR C 315 -33.25 -6.43 -2.21
CA TYR C 315 -32.31 -7.54 -2.30
C TYR C 315 -30.86 -7.09 -2.22
N ARG C 316 -30.61 -5.79 -2.00
CA ARG C 316 -29.25 -5.27 -1.80
C ARG C 316 -28.36 -5.52 -3.02
N GLN C 317 -28.91 -5.34 -4.21
CA GLN C 317 -28.13 -5.43 -5.44
C GLN C 317 -27.57 -4.05 -5.77
N LYS C 318 -26.43 -3.74 -5.15
CA LYS C 318 -25.83 -2.42 -5.32
C LYS C 318 -25.30 -2.19 -6.73
N GLU C 319 -24.92 -3.25 -7.44
CA GLU C 319 -24.43 -3.12 -8.81
C GLU C 319 -25.56 -2.91 -9.81
N PHE C 320 -26.70 -3.58 -9.61
CA PHE C 320 -27.85 -3.37 -10.47
C PHE C 320 -28.41 -1.96 -10.34
N VAL C 321 -28.28 -1.35 -9.17
CA VAL C 321 -28.84 -0.02 -8.92
C VAL C 321 -27.87 1.08 -9.34
N ALA C 322 -26.57 0.89 -9.12
CA ALA C 322 -25.59 1.92 -9.45
C ALA C 322 -25.05 1.74 -10.87
N GLN C 323 -25.96 1.65 -11.84
CA GLN C 323 -25.59 1.56 -13.24
C GLN C 323 -25.83 2.90 -13.93
N PRO C 324 -24.96 3.30 -14.86
CA PRO C 324 -25.12 4.63 -15.48
C PRO C 324 -26.46 4.86 -16.17
N ASN C 325 -27.01 3.86 -16.87
CA ASN C 325 -28.25 4.06 -17.62
C ASN C 325 -29.42 4.31 -16.67
N CYS C 326 -29.52 3.50 -15.61
CA CYS C 326 -30.63 3.66 -14.68
C CYS C 326 -30.41 4.85 -13.73
N GLN C 327 -29.16 5.18 -13.44
CA GLN C 327 -28.84 6.44 -12.79
C GLN C 327 -29.31 7.63 -13.60
N GLN C 328 -29.06 7.61 -14.90
CA GLN C 328 -29.43 8.74 -15.74
C GLN C 328 -30.95 8.85 -15.86
N LEU C 329 -31.64 7.71 -15.94
CA LEU C 329 -33.10 7.73 -15.95
C LEU C 329 -33.65 8.26 -14.63
N LEU C 330 -33.04 7.87 -13.50
CA LEU C 330 -33.54 8.31 -12.20
C LEU C 330 -33.32 9.80 -12.00
N ALA C 331 -32.19 10.33 -12.49
CA ALA C 331 -31.90 11.75 -12.35
C ALA C 331 -32.91 12.62 -13.07
N SER C 332 -33.45 12.16 -14.20
CA SER C 332 -34.49 12.90 -14.91
C SER C 332 -35.77 13.00 -14.09
N ARG C 333 -36.17 11.91 -13.42
CA ARG C 333 -37.31 11.99 -12.52
C ARG C 333 -37.02 12.90 -11.33
N TRP C 334 -35.80 12.82 -10.79
CA TRP C 334 -35.45 13.64 -9.64
C TRP C 334 -35.52 15.12 -9.95
N TYR C 335 -34.85 15.55 -11.02
CA TYR C 335 -34.84 16.97 -11.37
C TYR C 335 -36.12 17.41 -12.06
N ASP C 336 -36.75 16.52 -12.84
CA ASP C 336 -38.00 16.80 -13.52
C ASP C 336 -37.91 18.04 -14.40
N ARG C 344 -26.67 25.43 -15.21
CA ARG C 344 -26.44 26.11 -13.94
C ARG C 344 -24.98 25.99 -13.52
N HIS C 345 -24.50 26.99 -12.78
CA HIS C 345 -23.11 27.07 -12.36
C HIS C 345 -23.04 27.03 -10.82
N TRP C 346 -21.83 27.24 -10.31
CA TRP C 346 -21.63 27.20 -8.86
C TRP C 346 -22.42 28.29 -8.15
N ALA C 347 -22.41 29.51 -8.70
CA ALA C 347 -23.12 30.63 -8.11
C ALA C 347 -24.53 30.80 -8.65
N GLY C 348 -24.94 29.99 -9.62
CA GLY C 348 -26.28 30.08 -10.18
C GLY C 348 -27.23 29.06 -9.58
N LYS C 349 -26.69 28.13 -8.80
CA LYS C 349 -27.49 27.09 -8.16
C LYS C 349 -27.81 27.40 -6.71
N LEU C 350 -26.81 27.83 -5.93
CA LEU C 350 -27.04 28.15 -4.53
C LEU C 350 -27.98 29.34 -4.38
N ILE C 351 -27.80 30.38 -5.19
CA ILE C 351 -28.61 31.58 -5.10
C ILE C 351 -30.07 31.30 -5.48
N THR C 352 -30.32 30.26 -6.27
CA THR C 352 -31.69 29.86 -6.59
C THR C 352 -32.27 28.94 -5.54
N CYS C 353 -31.45 28.02 -5.00
CA CYS C 353 -31.91 27.14 -3.95
C CYS C 353 -32.30 27.91 -2.69
N VAL C 354 -31.51 28.92 -2.33
CA VAL C 354 -31.85 29.69 -1.13
C VAL C 354 -33.14 30.48 -1.35
N PHE C 355 -33.34 31.01 -2.56
CA PHE C 355 -34.57 31.73 -2.85
C PHE C 355 -35.78 30.79 -2.80
N ILE C 356 -35.64 29.57 -3.32
CA ILE C 356 -36.74 28.62 -3.26
C ILE C 356 -37.03 28.23 -1.82
N GLY C 357 -35.99 27.99 -1.01
CA GLY C 357 -36.18 27.61 0.37
C GLY C 357 -36.68 28.73 1.26
N LEU C 358 -36.48 29.97 0.85
CA LEU C 358 -36.94 31.12 1.62
C LEU C 358 -38.39 31.48 1.34
N MET C 359 -39.04 30.79 0.40
CA MET C 359 -40.44 31.04 0.08
C MET C 359 -41.24 29.74 0.10
N PHE C 360 -40.85 28.82 0.97
CA PHE C 360 -41.50 27.51 1.07
C PHE C 360 -42.89 27.56 1.72
N PRO C 361 -43.15 28.42 2.73
CA PRO C 361 -44.50 28.40 3.32
C PRO C 361 -45.61 28.71 2.33
N LEU C 362 -45.38 29.63 1.39
CA LEU C 362 -46.43 30.00 0.45
C LEU C 362 -46.79 28.85 -0.47
N LEU C 363 -45.79 28.23 -1.11
CA LEU C 363 -46.07 27.13 -2.02
C LEU C 363 -46.46 25.86 -1.27
N SER C 364 -46.16 25.78 0.03
CA SER C 364 -46.71 24.69 0.83
C SER C 364 -48.18 24.90 1.16
N LEU C 365 -48.57 26.16 1.39
CA LEU C 365 -49.98 26.47 1.60
C LEU C 365 -50.79 26.31 0.33
N CYS C 366 -50.19 26.60 -0.83
CA CYS C 366 -50.89 26.43 -2.09
C CYS C 366 -51.26 24.97 -2.34
N TYR C 367 -50.48 24.03 -1.79
CA TYR C 367 -50.81 22.61 -1.92
C TYR C 367 -52.09 22.25 -1.20
N LEU C 368 -52.51 23.05 -0.22
CA LEU C 368 -53.77 22.83 0.48
C LEU C 368 -54.90 23.72 -0.03
N VAL C 369 -54.60 24.97 -0.37
CA VAL C 369 -55.64 25.89 -0.83
C VAL C 369 -56.20 25.44 -2.18
N ALA C 370 -55.32 25.14 -3.13
CA ALA C 370 -55.74 24.76 -4.47
C ALA C 370 -54.65 23.95 -5.17
N PRO C 371 -54.70 22.62 -5.11
CA PRO C 371 -53.68 21.81 -5.79
C PRO C 371 -53.85 21.83 -7.30
N LYS C 372 -53.34 22.87 -7.96
CA LYS C 372 -53.48 22.98 -9.40
C LYS C 372 -52.17 23.41 -10.06
N SER C 373 -52.24 23.80 -11.33
CA SER C 373 -51.03 23.93 -12.14
C SER C 373 -50.19 25.14 -11.74
N ARG C 374 -50.83 26.27 -11.39
CA ARG C 374 -50.10 27.52 -11.34
C ARG C 374 -49.07 27.53 -10.21
N TYR C 375 -49.44 27.07 -9.02
CA TYR C 375 -48.50 26.97 -7.92
C TYR C 375 -48.70 25.76 -7.02
N GLY C 376 -49.65 24.88 -7.33
CA GLY C 376 -49.88 23.70 -6.51
C GLY C 376 -49.17 22.45 -6.97
N LEU C 377 -48.64 22.46 -8.19
CA LEU C 377 -47.87 21.33 -8.71
C LEU C 377 -46.37 21.51 -8.57
N PHE C 378 -45.91 22.72 -8.21
CA PHE C 378 -44.48 22.97 -8.05
C PHE C 378 -43.90 22.26 -6.83
N ILE C 379 -44.74 21.88 -5.88
CA ILE C 379 -44.26 21.18 -4.69
C ILE C 379 -44.10 19.68 -4.91
N ARG C 380 -44.84 19.10 -5.87
CA ARG C 380 -44.79 17.68 -6.11
C ARG C 380 -43.50 17.20 -6.76
N LYS C 381 -42.69 18.11 -7.30
CA LYS C 381 -41.41 17.72 -7.87
C LYS C 381 -40.47 17.25 -6.77
N PRO C 382 -39.82 16.09 -6.93
CA PRO C 382 -38.97 15.58 -5.84
C PRO C 382 -37.85 16.51 -5.43
N PHE C 383 -37.20 17.19 -6.38
CA PHE C 383 -36.09 18.06 -6.02
C PHE C 383 -36.56 19.28 -5.23
N ILE C 384 -37.65 19.90 -5.67
CA ILE C 384 -38.19 21.05 -4.94
C ILE C 384 -38.76 20.60 -3.60
N LYS C 385 -39.37 19.43 -3.54
CA LYS C 385 -39.88 18.91 -2.27
C LYS C 385 -38.75 18.68 -1.28
N PHE C 386 -37.60 18.18 -1.76
CA PHE C 386 -36.45 18.00 -0.89
C PHE C 386 -35.95 19.33 -0.34
N ILE C 387 -35.94 20.36 -1.17
CA ILE C 387 -35.46 21.67 -0.73
C ILE C 387 -36.36 22.23 0.36
N CYS C 388 -37.68 22.12 0.17
CA CYS C 388 -38.62 22.67 1.16
C CYS C 388 -38.53 21.92 2.48
N HIS C 389 -38.36 20.60 2.44
CA HIS C 389 -38.20 19.84 3.68
C HIS C 389 -36.93 20.25 4.41
N THR C 390 -35.84 20.46 3.68
CA THR C 390 -34.60 20.90 4.31
C THR C 390 -34.74 22.28 4.94
N ALA C 391 -35.41 23.21 4.23
CA ALA C 391 -35.57 24.56 4.76
C ALA C 391 -36.47 24.57 5.99
N SER C 392 -37.41 23.63 6.09
CA SER C 392 -38.26 23.55 7.28
C SER C 392 -37.45 23.05 8.48
N TYR C 393 -36.59 22.06 8.27
CA TYR C 393 -35.75 21.56 9.36
C TYR C 393 -34.71 22.59 9.78
N LEU C 394 -34.23 23.41 8.84
CA LEU C 394 -33.27 24.45 9.17
C LEU C 394 -33.91 25.61 9.90
N THR C 395 -35.21 25.83 9.73
CA THR C 395 -35.94 26.82 10.51
C THR C 395 -36.22 26.34 11.92
N PHE C 396 -36.51 25.05 12.08
CA PHE C 396 -36.67 24.47 13.41
C PHE C 396 -35.40 24.64 14.23
N LEU C 397 -34.25 24.48 13.60
CA LEU C 397 -32.98 24.64 14.31
C LEU C 397 -32.74 26.10 14.71
N PHE C 398 -33.16 27.05 13.86
CA PHE C 398 -32.89 28.45 14.13
C PHE C 398 -33.65 28.94 15.36
N LEU C 399 -34.95 28.64 15.43
CA LEU C 399 -35.72 28.98 16.62
C LEU C 399 -35.38 28.08 17.80
N LEU C 400 -34.75 26.93 17.55
CA LEU C 400 -34.18 26.13 18.64
C LEU C 400 -33.00 26.84 19.28
N LEU C 401 -32.28 27.66 18.50
CA LEU C 401 -31.21 28.49 19.03
C LEU C 401 -31.75 29.68 19.83
N LEU C 402 -32.99 30.07 19.61
CA LEU C 402 -33.59 31.22 20.30
C LEU C 402 -34.23 30.85 21.63
N ALA C 403 -34.39 29.56 21.92
CA ALA C 403 -34.97 29.15 23.19
C ALA C 403 -34.04 29.38 24.37
N SER C 404 -32.77 29.69 24.12
CA SER C 404 -31.79 29.93 25.16
C SER C 404 -31.23 31.34 25.08
N GLN C 405 -32.11 32.31 24.83
CA GLN C 405 -31.72 33.71 24.73
C GLN C 405 -32.12 34.47 25.98
N HIS C 406 -31.34 35.50 26.30
CA HIS C 406 -31.61 36.30 27.50
C HIS C 406 -32.84 37.17 27.36
N ILE C 407 -33.22 37.53 26.13
CA ILE C 407 -34.39 38.39 25.92
C ILE C 407 -35.66 37.66 26.33
N VAL C 408 -35.79 36.40 25.91
CA VAL C 408 -36.98 35.61 26.23
C VAL C 408 -36.61 34.45 27.15
N ASN C 411 -37.47 36.37 30.78
CA ASN C 411 -37.99 35.28 31.60
C ASN C 411 -37.11 35.05 32.82
N PRO C 412 -37.64 35.37 34.00
CA PRO C 412 -36.89 35.17 35.25
C PRO C 412 -36.90 33.70 35.66
N ASP C 413 -36.33 33.45 36.83
CA ASP C 413 -36.23 32.10 37.38
C ASP C 413 -37.35 31.91 38.41
N ARG C 414 -38.27 30.99 38.12
CA ARG C 414 -39.39 30.72 39.02
C ARG C 414 -39.87 29.30 38.77
N GLN C 415 -40.34 28.65 39.84
CA GLN C 415 -40.76 27.25 39.75
C GLN C 415 -42.03 27.12 38.92
N GLY C 416 -42.08 26.08 38.11
CA GLY C 416 -43.24 25.75 37.31
C GLY C 416 -43.69 26.90 36.41
N PRO C 417 -42.89 27.23 35.41
CA PRO C 417 -43.25 28.33 34.50
C PRO C 417 -44.09 27.87 33.33
N LYS C 418 -44.94 28.77 32.86
CA LYS C 418 -45.71 28.49 31.66
C LYS C 418 -44.82 28.57 30.43
N PRO C 419 -45.11 27.78 29.40
CA PRO C 419 -44.27 27.81 28.19
C PRO C 419 -44.27 29.20 27.54
N THR C 420 -43.11 29.57 27.02
CA THR C 420 -42.96 30.87 26.38
C THR C 420 -43.47 30.80 24.94
N THR C 421 -43.34 31.92 24.22
CA THR C 421 -43.82 31.99 22.85
C THR C 421 -42.95 31.18 21.89
N VAL C 422 -41.68 30.93 22.24
CA VAL C 422 -40.81 30.15 21.37
C VAL C 422 -41.24 28.68 21.37
N GLU C 423 -41.53 28.13 22.56
CA GLU C 423 -41.93 26.73 22.64
C GLU C 423 -43.29 26.49 21.97
N TRP C 424 -44.14 27.52 21.91
CA TRP C 424 -45.42 27.37 21.24
C TRP C 424 -45.23 27.08 19.76
N MET C 425 -44.27 27.75 19.12
CA MET C 425 -43.91 27.41 17.74
C MET C 425 -43.13 26.11 17.65
N ILE C 426 -42.47 25.70 18.75
CA ILE C 426 -41.73 24.45 18.75
C ILE C 426 -42.69 23.27 18.70
N LEU C 427 -43.80 23.36 19.40
CA LEU C 427 -44.72 22.23 19.53
C LEU C 427 -45.20 21.64 18.20
N PRO C 428 -45.61 22.42 17.18
CA PRO C 428 -46.01 21.77 15.92
C PRO C 428 -44.92 20.94 15.28
N TRP C 429 -43.67 21.40 15.33
CA TRP C 429 -42.57 20.63 14.76
C TRP C 429 -42.38 19.30 15.48
N VAL C 430 -42.42 19.33 16.82
CA VAL C 430 -42.26 18.10 17.59
C VAL C 430 -43.42 17.15 17.32
N LEU C 431 -44.65 17.68 17.24
CA LEU C 431 -45.79 16.83 16.95
C LEU C 431 -45.68 16.20 15.57
N GLY C 432 -45.25 16.97 14.57
CA GLY C 432 -45.06 16.42 13.23
C GLY C 432 -43.99 15.34 13.20
N PHE C 433 -42.86 15.59 13.88
CA PHE C 433 -41.80 14.58 13.92
C PHE C 433 -42.28 13.31 14.61
N ILE C 434 -43.05 13.45 15.69
CA ILE C 434 -43.57 12.27 16.38
C ILE C 434 -44.53 11.50 15.49
N TRP C 435 -45.45 12.21 14.81
CA TRP C 435 -46.44 11.54 13.99
C TRP C 435 -45.84 10.90 12.74
N THR C 436 -44.74 11.47 12.23
CA THR C 436 -44.08 10.88 11.07
C THR C 436 -43.58 9.47 11.39
N GLU C 437 -43.02 9.28 12.58
CA GLU C 437 -42.57 7.95 12.97
C GLU C 437 -43.74 6.97 13.09
N ILE C 438 -44.88 7.44 13.59
CA ILE C 438 -46.05 6.57 13.70
C ILE C 438 -46.53 6.13 12.31
N LYS C 439 -46.60 7.07 11.37
CA LYS C 439 -46.97 6.68 10.01
C LYS C 439 -45.89 5.85 9.34
N GLN C 440 -44.64 5.93 9.82
CA GLN C 440 -43.58 5.07 9.31
C GLN C 440 -43.60 3.69 9.94
N MET C 441 -44.30 3.53 11.06
CA MET C 441 -44.32 2.25 11.77
C MET C 441 -45.19 1.21 11.10
N TRP C 442 -46.27 1.63 10.42
CA TRP C 442 -47.25 0.67 9.92
C TRP C 442 -46.69 -0.23 8.82
N ASP C 443 -45.56 0.13 8.23
CA ASP C 443 -44.88 -0.71 7.24
C ASP C 443 -43.69 -1.45 7.83
N GLY C 444 -43.52 -1.39 9.15
CA GLY C 444 -42.38 -2.00 9.79
C GLY C 444 -42.74 -3.09 10.79
N GLY C 445 -42.43 -2.85 12.06
CA GLY C 445 -42.62 -3.85 13.09
C GLY C 445 -41.29 -4.28 13.68
N PHE C 446 -40.35 -3.34 13.73
CA PHE C 446 -38.95 -3.52 14.17
C PHE C 446 -38.14 -4.35 13.19
N GLN C 447 -38.73 -4.83 12.11
CA GLN C 447 -38.00 -5.58 11.08
C GLN C 447 -37.42 -4.58 10.09
N ASP C 448 -36.12 -4.31 10.21
CA ASP C 448 -35.39 -3.35 9.39
C ASP C 448 -35.89 -1.93 9.60
N TYR C 449 -36.85 -1.74 10.52
CA TYR C 449 -37.28 -0.40 10.87
C TYR C 449 -36.41 0.19 11.96
N ILE C 450 -35.95 -0.63 12.91
CA ILE C 450 -35.08 -0.17 13.99
C ILE C 450 -33.61 -0.46 13.70
N HIS C 451 -33.31 -1.29 12.70
CA HIS C 451 -31.91 -1.56 12.37
C HIS C 451 -31.22 -0.33 11.82
N ASP C 452 -31.96 0.51 11.08
CA ASP C 452 -31.38 1.74 10.55
C ASP C 452 -30.96 2.66 11.68
N TRP C 453 -29.78 3.26 11.55
CA TRP C 453 -29.25 4.12 12.60
C TRP C 453 -30.13 5.35 12.80
N TRP C 454 -30.49 6.03 11.71
CA TRP C 454 -31.34 7.21 11.82
C TRP C 454 -32.80 6.78 11.88
N ASN C 455 -33.09 5.79 12.69
CA ASN C 455 -34.42 5.47 13.20
C ASN C 455 -34.40 5.26 14.70
N LEU C 456 -33.37 4.60 15.22
CA LEU C 456 -33.13 4.63 16.67
C LEU C 456 -32.74 6.03 17.12
N MET C 457 -31.95 6.74 16.30
CA MET C 457 -31.61 8.12 16.63
C MET C 457 -32.84 9.02 16.64
N ASP C 458 -33.88 8.66 15.89
CA ASP C 458 -35.14 9.40 15.92
C ASP C 458 -36.02 8.98 17.09
N PHE C 459 -36.08 7.68 17.38
CA PHE C 459 -36.88 7.19 18.49
C PHE C 459 -36.39 7.75 19.82
N VAL C 460 -35.08 7.78 20.01
CA VAL C 460 -34.52 8.31 21.25
C VAL C 460 -34.87 9.78 21.41
N MET C 461 -34.71 10.56 20.33
CA MET C 461 -35.01 11.99 20.38
C MET C 461 -36.49 12.25 20.66
N ASN C 462 -37.38 11.50 20.01
CA ASN C 462 -38.81 11.70 20.23
C ASN C 462 -39.20 11.29 21.65
N SER C 463 -38.63 10.20 22.16
CA SER C 463 -38.90 9.80 23.54
C SER C 463 -38.42 10.87 24.52
N LEU C 464 -37.25 11.45 24.27
CA LEU C 464 -36.74 12.51 25.14
C LEU C 464 -37.64 13.74 25.09
N TYR C 465 -38.13 14.11 23.90
CA TYR C 465 -39.03 15.25 23.80
C TYR C 465 -40.34 14.98 24.52
N LEU C 466 -40.88 13.77 24.39
CA LEU C 466 -42.10 13.41 25.10
C LEU C 466 -41.89 13.47 26.61
N ALA C 467 -40.74 12.98 27.08
CA ALA C 467 -40.44 13.07 28.51
C ALA C 467 -40.33 14.52 28.96
N THR C 468 -39.73 15.38 28.12
CA THR C 468 -39.65 16.80 28.44
C THR C 468 -41.04 17.39 28.62
N ILE C 469 -41.93 17.12 27.66
CA ILE C 469 -43.29 17.66 27.73
C ILE C 469 -44.02 17.14 28.95
N SER C 470 -43.89 15.83 29.23
CA SER C 470 -44.58 15.25 30.38
C SER C 470 -44.10 15.85 31.69
N LEU C 471 -42.77 15.97 31.86
CA LEU C 471 -42.25 16.53 33.09
C LEU C 471 -42.64 17.99 33.25
N LYS C 472 -42.63 18.75 32.15
CA LYS C 472 -43.05 20.15 32.23
C LYS C 472 -44.52 20.25 32.65
N ILE C 473 -45.37 19.40 32.08
CA ILE C 473 -46.79 19.43 32.43
C ILE C 473 -47.00 19.06 33.89
N VAL C 474 -46.30 18.03 34.37
CA VAL C 474 -46.45 17.63 35.76
C VAL C 474 -45.96 18.72 36.70
N ALA C 475 -44.82 19.35 36.37
CA ALA C 475 -44.27 20.39 37.24
C ALA C 475 -45.11 21.66 37.23
N TYR C 476 -45.82 21.95 36.12
CA TYR C 476 -46.62 23.16 36.06
C TYR C 476 -47.75 23.16 37.08
N VAL C 477 -48.45 22.03 37.20
CA VAL C 477 -49.69 22.00 37.99
C VAL C 477 -49.47 21.77 39.48
N LYS C 478 -48.25 21.43 39.90
CA LYS C 478 -48.00 21.17 41.32
C LYS C 478 -46.80 21.97 41.83
N TYR C 479 -46.54 23.14 41.24
CA TYR C 479 -45.45 23.99 41.70
C TYR C 479 -45.72 25.43 41.29
N SER C 480 -45.34 26.35 42.17
CA SER C 480 -45.49 27.78 41.90
C SER C 480 -44.63 28.55 42.89
N GLY C 481 -44.37 29.81 42.56
CA GLY C 481 -43.61 30.68 43.43
C GLY C 481 -42.29 31.09 42.79
N CYS C 482 -41.90 32.34 43.03
CA CYS C 482 -40.64 32.87 42.51
C CYS C 482 -39.50 32.71 43.51
N LYS C 483 -39.29 31.48 43.98
CA LYS C 483 -38.21 31.20 44.89
C LYS C 483 -36.86 31.35 44.17
N PRO C 484 -35.83 31.85 44.85
CA PRO C 484 -34.51 31.93 44.22
C PRO C 484 -34.03 30.56 43.77
N ARG C 485 -33.37 30.53 42.61
CA ARG C 485 -32.98 29.27 41.99
C ARG C 485 -31.90 28.53 42.78
N ASP C 486 -31.09 29.24 43.56
CA ASP C 486 -30.04 28.61 44.33
C ASP C 486 -30.57 27.73 45.46
N THR C 487 -31.82 27.95 45.88
CA THR C 487 -32.39 27.22 47.01
C THR C 487 -33.20 26.00 46.60
N TRP C 488 -33.29 25.71 45.31
CA TRP C 488 -34.03 24.54 44.87
C TRP C 488 -33.24 23.26 45.14
N GLU C 489 -33.95 22.14 45.12
CA GLU C 489 -33.33 20.83 45.26
C GLU C 489 -32.86 20.33 43.90
N MET C 490 -31.83 19.49 43.93
CA MET C 490 -31.22 19.00 42.69
C MET C 490 -32.12 18.05 41.92
N TRP C 491 -33.18 17.53 42.54
CA TRP C 491 -34.12 16.64 41.87
C TRP C 491 -35.43 17.34 41.53
N HIS C 492 -35.42 18.65 41.41
CA HIS C 492 -36.63 19.38 41.05
C HIS C 492 -37.07 19.00 39.64
N PRO C 493 -38.35 18.75 39.41
CA PRO C 493 -38.80 18.36 38.06
C PRO C 493 -38.48 19.39 37.00
N THR C 494 -38.54 20.69 37.34
CA THR C 494 -38.24 21.72 36.37
C THR C 494 -36.76 21.78 36.00
N LEU C 495 -35.89 21.11 36.77
CA LEU C 495 -34.49 20.98 36.42
C LEU C 495 -34.25 19.79 35.49
N VAL C 496 -34.85 18.65 35.81
CA VAL C 496 -34.76 17.48 34.94
C VAL C 496 -35.38 17.79 33.58
N ALA C 497 -36.43 18.61 33.55
CA ALA C 497 -37.04 18.99 32.28
C ALA C 497 -36.05 19.72 31.37
N GLU C 498 -35.35 20.71 31.92
CA GLU C 498 -34.32 21.40 31.14
C GLU C 498 -33.20 20.46 30.76
N ALA C 499 -32.82 19.55 31.64
CA ALA C 499 -31.75 18.61 31.33
C ALA C 499 -32.11 17.74 30.12
N VAL C 500 -33.31 17.14 30.13
CA VAL C 500 -33.70 16.27 29.03
C VAL C 500 -33.96 17.07 27.76
N PHE C 501 -34.44 18.32 27.90
CA PHE C 501 -34.61 19.16 26.72
C PHE C 501 -33.27 19.49 26.07
N ALA C 502 -32.26 19.77 26.89
CA ALA C 502 -30.92 20.04 26.36
C ALA C 502 -30.27 18.80 25.76
N ILE C 503 -30.47 17.63 26.38
CA ILE C 503 -29.88 16.41 25.84
C ILE C 503 -30.48 16.10 24.47
N ALA C 504 -31.81 16.21 24.34
CA ALA C 504 -32.45 15.99 23.05
C ALA C 504 -32.14 17.09 22.06
N ASN C 505 -31.72 18.26 22.53
CA ASN C 505 -31.37 19.37 21.64
C ASN C 505 -30.11 19.06 20.83
N ILE C 506 -29.30 18.10 21.27
CA ILE C 506 -28.10 17.72 20.54
C ILE C 506 -28.40 16.70 19.46
N PHE C 507 -29.28 15.72 19.76
CA PHE C 507 -29.63 14.72 18.77
C PHE C 507 -30.35 15.33 17.56
N SER C 508 -31.11 16.40 17.78
CA SER C 508 -31.83 17.03 16.69
C SER C 508 -30.87 17.65 15.67
N SER C 509 -29.81 18.31 16.14
CA SER C 509 -28.85 18.94 15.24
C SER C 509 -27.83 17.96 14.69
N LEU C 510 -27.71 16.77 15.26
CA LEU C 510 -26.78 15.76 14.77
C LEU C 510 -27.41 14.87 13.70
N ARG C 511 -28.68 15.06 13.38
CA ARG C 511 -29.33 14.33 12.31
C ARG C 511 -29.20 15.01 10.96
N LEU C 512 -28.68 16.24 10.93
CA LEU C 512 -28.47 16.95 9.67
C LEU C 512 -27.35 16.35 8.84
N ILE C 513 -26.52 15.49 9.43
CA ILE C 513 -25.44 14.86 8.68
C ILE C 513 -25.97 13.82 7.70
N SER C 514 -27.16 13.25 7.98
CA SER C 514 -27.76 12.29 7.06
C SER C 514 -28.13 12.91 5.73
N LEU C 515 -28.21 14.24 5.66
CA LEU C 515 -28.47 14.94 4.41
C LEU C 515 -27.21 15.12 3.57
N PHE C 516 -26.04 14.74 4.08
CA PHE C 516 -24.82 14.85 3.31
C PHE C 516 -24.76 13.88 2.14
N THR C 517 -25.58 12.82 2.15
CA THR C 517 -25.57 11.87 1.05
C THR C 517 -26.45 12.38 -0.09
N ALA C 518 -26.28 13.65 -0.44
CA ALA C 518 -26.93 14.23 -1.61
C ALA C 518 -26.00 15.11 -2.41
N ASN C 519 -24.77 15.30 -1.96
CA ASN C 519 -23.76 16.10 -2.65
C ASN C 519 -22.67 15.17 -3.16
N SER C 520 -22.17 15.47 -4.37
CA SER C 520 -21.17 14.61 -4.99
C SER C 520 -19.84 14.63 -4.25
N HIS C 521 -19.60 15.66 -3.43
CA HIS C 521 -18.35 15.78 -2.69
C HIS C 521 -18.44 15.28 -1.26
N LEU C 522 -19.44 15.74 -0.50
CA LEU C 522 -19.60 15.32 0.87
C LEU C 522 -20.34 13.99 1.02
N GLY C 523 -20.84 13.44 -0.07
CA GLY C 523 -21.57 12.19 -0.04
C GLY C 523 -20.70 10.98 0.22
N PRO C 524 -19.78 10.69 -0.71
CA PRO C 524 -18.92 9.52 -0.52
C PRO C 524 -18.07 9.58 0.74
N LEU C 525 -17.66 10.77 1.17
CA LEU C 525 -16.83 10.88 2.37
C LEU C 525 -17.60 10.43 3.61
N GLN C 526 -18.88 10.80 3.72
CA GLN C 526 -19.66 10.42 4.89
C GLN C 526 -19.95 8.91 4.92
N ILE C 527 -20.14 8.31 3.75
CA ILE C 527 -20.40 6.87 3.70
C ILE C 527 -19.20 6.08 4.18
N SER C 528 -17.99 6.46 3.73
CA SER C 528 -16.78 5.81 4.18
C SER C 528 -16.48 6.08 5.64
N LEU C 529 -16.98 7.20 6.19
CA LEU C 529 -16.77 7.49 7.60
C LEU C 529 -17.55 6.55 8.49
N GLY C 530 -18.78 6.22 8.10
CA GLY C 530 -19.60 5.32 8.89
C GLY C 530 -19.21 3.87 8.79
N ARG C 531 -18.30 3.52 7.89
CA ARG C 531 -17.81 2.15 7.77
C ARG C 531 -16.53 1.91 8.55
N MET C 532 -15.71 2.94 8.77
CA MET C 532 -14.62 2.83 9.74
C MET C 532 -15.08 3.26 11.13
N LEU C 533 -16.22 2.70 11.53
CA LEU C 533 -16.79 2.94 12.85
C LEU C 533 -17.16 1.65 13.58
N LEU C 534 -17.39 0.55 12.87
CA LEU C 534 -17.50 -0.75 13.49
C LEU C 534 -16.13 -1.29 13.93
N ASP C 535 -15.05 -0.73 13.38
CA ASP C 535 -13.71 -1.09 13.86
C ASP C 535 -13.43 -0.45 15.21
N ILE C 536 -13.85 0.81 15.39
CA ILE C 536 -13.63 1.50 16.65
C ILE C 536 -14.42 0.84 17.77
N LEU C 537 -15.62 0.34 17.46
CA LEU C 537 -16.43 -0.33 18.48
C LEU C 537 -15.74 -1.60 18.98
N LYS C 538 -15.10 -2.34 18.07
CA LYS C 538 -14.36 -3.52 18.49
C LYS C 538 -13.16 -3.17 19.35
N PHE C 539 -12.53 -2.02 19.10
CA PHE C 539 -11.37 -1.60 19.87
C PHE C 539 -11.74 -0.98 21.22
N LEU C 540 -13.03 -0.75 21.48
N LEU C 540 -13.03 -0.75 21.48
CA LEU C 540 -13.47 -0.19 22.75
CA LEU C 540 -13.47 -0.19 22.75
C LEU C 540 -13.75 -1.27 23.79
C LEU C 540 -13.75 -1.27 23.79
N PHE C 541 -13.68 -2.54 23.42
CA PHE C 541 -13.80 -3.63 24.39
C PHE C 541 -12.50 -3.87 25.14
N ILE C 542 -11.39 -3.32 24.66
CA ILE C 542 -10.09 -3.45 25.33
C ILE C 542 -9.84 -2.28 26.26
N TYR C 543 -10.13 -1.06 25.81
CA TYR C 543 -9.93 0.12 26.64
C TYR C 543 -10.81 0.07 27.89
N CYS C 544 -12.05 -0.39 27.74
CA CYS C 544 -12.94 -0.50 28.90
C CYS C 544 -12.39 -1.49 29.91
N LEU C 545 -11.89 -2.64 29.45
CA LEU C 545 -11.33 -3.63 30.36
C LEU C 545 -10.07 -3.09 31.05
N VAL C 546 -9.22 -2.37 30.31
CA VAL C 546 -8.02 -1.79 30.92
C VAL C 546 -8.41 -0.76 31.97
N LEU C 547 -9.40 0.08 31.65
CA LEU C 547 -9.88 1.08 32.59
C LEU C 547 -10.40 0.44 33.86
N LEU C 548 -11.22 -0.61 33.71
CA LEU C 548 -11.75 -1.30 34.89
C LEU C 548 -10.64 -1.93 35.71
N ALA C 549 -9.66 -2.57 35.04
CA ALA C 549 -8.57 -3.23 35.75
C ALA C 549 -7.74 -2.23 36.55
N PHE C 550 -7.44 -1.07 35.96
CA PHE C 550 -6.63 -0.10 36.69
C PHE C 550 -7.41 0.64 37.76
N ALA C 551 -8.71 0.89 37.53
CA ALA C 551 -9.53 1.52 38.55
C ALA C 551 -9.69 0.61 39.77
N ASN C 552 -9.86 -0.70 39.53
CA ASN C 552 -10.03 -1.62 40.65
C ASN C 552 -8.79 -1.64 41.55
N GLY C 553 -7.63 -1.32 41.00
CA GLY C 553 -6.42 -1.26 41.80
C GLY C 553 -6.21 0.08 42.46
N LEU C 554 -6.41 1.17 41.71
CA LEU C 554 -6.21 2.50 42.27
C LEU C 554 -7.19 2.78 43.41
N ASN C 555 -8.47 2.45 43.21
CA ASN C 555 -9.45 2.66 44.27
C ASN C 555 -9.14 1.79 45.48
N GLN C 556 -8.73 0.55 45.25
CA GLN C 556 -8.39 -0.33 46.37
C GLN C 556 -7.22 0.22 47.17
N LEU C 557 -6.25 0.83 46.49
CA LEU C 557 -5.10 1.38 47.19
C LEU C 557 -5.47 2.66 47.94
N TYR C 558 -6.31 3.50 47.36
CA TYR C 558 -6.55 4.84 47.89
C TYR C 558 -7.83 4.99 48.70
N PHE C 559 -8.62 3.92 48.87
CA PHE C 559 -9.91 4.07 49.53
C PHE C 559 -9.82 4.25 51.04
N TYR C 560 -8.65 4.05 51.65
CA TYR C 560 -8.51 4.21 53.08
C TYR C 560 -8.04 5.60 53.49
N TYR C 561 -7.93 6.53 52.55
CA TYR C 561 -7.43 7.88 52.83
C TYR C 561 -8.46 8.95 52.45
N GLU C 562 -9.74 8.60 52.48
CA GLU C 562 -10.79 9.54 52.10
C GLU C 562 -11.01 10.55 53.22
N ASN C 563 -10.80 11.83 52.91
CA ASN C 563 -11.03 12.91 53.86
C ASN C 563 -11.95 13.96 53.25
N SER C 564 -12.76 14.58 54.10
CA SER C 564 -13.69 15.62 53.68
C SER C 564 -13.75 16.73 54.72
N GLU C 565 -12.60 17.14 55.23
CA GLU C 565 -12.52 18.12 56.30
C GLU C 565 -12.10 19.47 55.73
N GLY C 566 -12.89 20.50 55.99
CA GLY C 566 -12.53 21.86 55.61
C GLY C 566 -12.38 22.10 54.13
N MET C 567 -13.28 21.54 53.32
CA MET C 567 -13.27 21.77 51.88
C MET C 567 -14.67 22.18 51.43
N THR C 568 -14.74 23.26 50.66
CA THR C 568 -16.03 23.71 50.13
C THR C 568 -16.62 22.70 49.16
N CYS C 569 -15.78 22.12 48.31
CA CYS C 569 -16.19 21.15 47.31
C CYS C 569 -15.49 19.81 47.56
N LYS C 570 -15.83 18.82 46.76
CA LYS C 570 -15.26 17.48 46.90
C LYS C 570 -15.36 16.77 45.56
N GLY C 571 -14.23 16.56 44.91
CA GLY C 571 -14.20 15.85 43.65
C GLY C 571 -13.09 16.37 42.76
N ILE C 572 -13.06 15.84 41.54
CA ILE C 572 -12.04 16.24 40.58
C ILE C 572 -12.43 17.48 39.80
N ARG C 573 -13.73 17.77 39.69
CA ARG C 573 -14.21 18.97 38.99
C ARG C 573 -14.23 20.15 39.97
N CYS C 574 -13.03 20.59 40.33
CA CYS C 574 -12.86 21.67 41.29
C CYS C 574 -11.61 22.46 40.93
N GLU C 575 -11.52 23.66 41.49
CA GLU C 575 -10.32 24.47 41.30
C GLU C 575 -9.12 23.81 41.95
N ARG C 576 -9.31 23.22 43.14
CA ARG C 576 -8.27 22.47 43.84
C ARG C 576 -8.75 21.02 43.91
N GLN C 577 -8.29 20.21 42.95
CA GLN C 577 -8.77 18.84 42.84
C GLN C 577 -8.35 18.01 44.05
N ASN C 578 -9.25 17.14 44.49
CA ASN C 578 -9.00 16.28 45.64
C ASN C 578 -9.93 15.09 45.57
N ASN C 579 -9.59 14.06 46.35
CA ASN C 579 -10.38 12.83 46.43
C ASN C 579 -10.58 12.21 45.04
N ALA C 580 -9.50 12.18 44.26
CA ALA C 580 -9.59 11.66 42.89
C ALA C 580 -9.88 10.16 42.88
N PHE C 581 -9.26 9.40 43.77
CA PHE C 581 -9.37 7.94 43.78
C PHE C 581 -10.08 7.43 45.03
N SER C 582 -10.91 8.28 45.65
CA SER C 582 -11.55 7.90 46.91
C SER C 582 -12.60 6.82 46.69
N THR C 583 -13.40 6.94 45.64
CA THR C 583 -14.49 6.01 45.38
C THR C 583 -14.40 5.50 43.95
N LEU C 584 -15.12 4.39 43.70
CA LEU C 584 -15.10 3.78 42.38
C LEU C 584 -15.69 4.72 41.32
N PHE C 585 -16.77 5.42 41.65
CA PHE C 585 -17.36 6.35 40.70
C PHE C 585 -16.40 7.47 40.34
N GLU C 586 -15.68 8.00 41.33
CA GLU C 586 -14.70 9.04 41.05
C GLU C 586 -13.45 8.49 40.39
N THR C 587 -13.04 7.27 40.74
CA THR C 587 -11.86 6.67 40.13
C THR C 587 -12.09 6.39 38.64
N LEU C 588 -13.29 5.92 38.29
CA LEU C 588 -13.56 5.55 36.90
C LEU C 588 -13.61 6.78 36.00
N GLN C 589 -14.04 7.92 36.53
CA GLN C 589 -14.17 9.13 35.73
C GLN C 589 -12.97 10.07 35.84
N SER C 590 -12.12 9.89 36.86
CA SER C 590 -10.86 10.62 36.91
C SER C 590 -9.82 10.00 36.00
N LEU C 591 -9.89 8.70 35.76
CA LEU C 591 -9.01 8.06 34.78
C LEU C 591 -9.40 8.44 33.36
N PHE C 592 -10.70 8.61 33.11
CA PHE C 592 -11.16 9.01 31.78
C PHE C 592 -10.67 10.41 31.42
N TRP C 593 -10.74 11.35 32.36
CA TRP C 593 -10.34 12.72 32.09
C TRP C 593 -8.83 12.87 31.95
N SER C 594 -8.05 11.87 32.34
CA SER C 594 -6.60 11.94 32.21
C SER C 594 -6.12 11.68 30.79
N ILE C 595 -6.98 11.16 29.91
CA ILE C 595 -6.60 10.99 28.51
C ILE C 595 -6.38 12.34 27.85
N PHE C 596 -7.18 13.34 28.24
CA PHE C 596 -7.07 14.68 27.70
C PHE C 596 -6.17 15.58 28.54
N GLY C 597 -5.53 15.05 29.58
CA GLY C 597 -4.61 15.82 30.37
C GLY C 597 -5.25 16.83 31.29
N LEU C 598 -6.42 16.53 31.83
CA LEU C 598 -7.15 17.45 32.71
C LEU C 598 -7.12 17.02 34.17
N ILE C 599 -6.20 16.12 34.53
CA ILE C 599 -6.02 15.68 35.91
C ILE C 599 -4.61 16.03 36.34
N SER C 600 -4.50 16.73 37.47
CA SER C 600 -3.20 17.20 37.96
C SER C 600 -2.46 16.07 38.68
N LEU C 601 -1.15 16.28 38.85
CA LEU C 601 -0.29 15.26 39.45
C LEU C 601 -0.45 15.17 40.95
N TYR C 602 -0.82 16.26 41.62
CA TYR C 602 -0.86 16.26 43.07
C TYR C 602 -2.05 15.49 43.65
N VAL C 603 -2.97 15.01 42.81
CA VAL C 603 -4.09 14.23 43.31
C VAL C 603 -3.68 12.85 43.81
N THR C 604 -2.42 12.47 43.60
CA THR C 604 -1.91 11.18 44.09
C THR C 604 -1.36 11.26 45.50
N ASN C 605 -1.38 12.44 46.12
CA ASN C 605 -0.86 12.62 47.46
C ASN C 605 -1.94 12.33 48.51
N VAL C 606 -1.49 12.10 49.75
CA VAL C 606 -2.37 11.85 50.87
C VAL C 606 -1.95 12.76 52.01
N LYS C 607 -2.87 12.93 52.97
CA LYS C 607 -2.60 13.79 54.12
C LYS C 607 -1.81 13.04 55.19
N ALA C 608 -0.70 12.45 54.80
CA ALA C 608 0.16 11.72 55.72
C ALA C 608 1.53 11.55 55.05
N ASP C 609 2.52 11.20 55.86
CA ASP C 609 3.88 10.99 55.37
C ASP C 609 4.12 9.53 54.97
N HIS C 610 3.23 9.00 54.13
CA HIS C 610 3.34 7.63 53.64
C HIS C 610 3.91 7.68 52.21
N LYS C 611 5.22 7.90 52.13
CA LYS C 611 5.87 8.07 50.84
C LYS C 611 5.85 6.81 50.00
N PHE C 612 5.72 5.63 50.62
CA PHE C 612 5.76 4.39 49.86
C PHE C 612 4.47 4.17 49.06
N THR C 613 3.31 4.42 49.68
CA THR C 613 2.05 4.21 48.98
C THR C 613 1.82 5.25 47.88
N GLU C 614 2.26 6.49 48.10
CA GLU C 614 2.12 7.52 47.08
C GLU C 614 2.89 7.14 45.82
N PHE C 615 4.10 6.60 45.99
CA PHE C 615 4.88 6.19 44.82
C PHE C 615 4.19 5.07 44.05
N VAL C 616 3.60 4.11 44.78
CA VAL C 616 2.89 3.01 44.11
C VAL C 616 1.69 3.55 43.35
N GLY C 617 0.93 4.47 43.96
CA GLY C 617 -0.20 5.05 43.26
C GLY C 617 0.20 5.84 42.03
N ALA C 618 1.27 6.61 42.14
CA ALA C 618 1.75 7.38 40.99
C ALA C 618 2.26 6.45 39.89
N THR C 619 2.90 5.34 40.27
CA THR C 619 3.34 4.36 39.29
C THR C 619 2.16 3.70 38.59
N MET C 620 1.09 3.40 39.34
CA MET C 620 -0.11 2.88 38.72
C MET C 620 -0.69 3.87 37.72
N PHE C 621 -0.76 5.15 38.12
CA PHE C 621 -1.29 6.18 37.23
C PHE C 621 -0.45 6.31 35.97
N GLY C 622 0.88 6.32 36.11
CA GLY C 622 1.75 6.42 34.95
C GLY C 622 1.66 5.22 34.04
N THR C 623 1.57 4.02 34.63
CA THR C 623 1.43 2.81 33.82
C THR C 623 0.12 2.81 33.06
N TYR C 624 -0.96 3.29 33.67
CA TYR C 624 -2.21 3.44 32.94
C TYR C 624 -2.05 4.46 31.82
N ASN C 625 -1.34 5.54 32.08
CA ASN C 625 -1.16 6.58 31.05
C ASN C 625 -0.38 6.04 29.85
N VAL C 626 0.65 5.23 30.11
CA VAL C 626 1.47 4.72 29.02
C VAL C 626 0.68 3.74 28.15
N ILE C 627 -0.02 2.79 28.79
CA ILE C 627 -0.72 1.77 28.04
C ILE C 627 -1.82 2.37 27.18
N SER C 628 -2.57 3.31 27.73
CA SER C 628 -3.76 3.82 27.06
C SER C 628 -3.48 4.88 26.01
N LEU C 629 -2.31 5.55 26.06
CA LEU C 629 -2.08 6.71 25.22
C LEU C 629 -0.98 6.53 24.17
N VAL C 630 -0.05 5.60 24.36
CA VAL C 630 1.02 5.42 23.38
C VAL C 630 1.07 3.96 22.93
N VAL C 631 0.24 3.11 23.54
CA VAL C 631 0.23 1.70 23.20
C VAL C 631 -1.15 1.29 22.69
N LEU C 632 -2.18 2.01 23.12
CA LEU C 632 -3.55 1.66 22.76
C LEU C 632 -4.19 2.61 21.75
N LEU C 633 -3.91 3.90 21.83
CA LEU C 633 -4.43 4.85 20.87
C LEU C 633 -3.60 4.94 19.60
N ASN C 634 -2.41 4.34 19.60
CA ASN C 634 -1.57 4.33 18.40
C ASN C 634 -1.87 3.15 17.48
N MET C 635 -2.39 2.05 18.02
CA MET C 635 -2.82 0.93 17.20
C MET C 635 -4.29 0.99 16.84
N LEU C 636 -5.01 2.01 17.32
CA LEU C 636 -6.32 2.31 16.76
C LEU C 636 -6.19 2.99 15.41
N ILE C 637 -5.18 3.86 15.27
CA ILE C 637 -4.90 4.47 13.97
C ILE C 637 -4.34 3.45 13.00
N ALA C 638 -3.53 2.51 13.49
CA ALA C 638 -2.86 1.57 12.60
C ALA C 638 -3.87 0.69 11.86
N MET C 639 -4.91 0.22 12.55
CA MET C 639 -5.90 -0.61 11.92
C MET C 639 -6.98 0.19 11.19
N MET C 640 -7.19 1.44 11.58
CA MET C 640 -8.13 2.29 10.85
C MET C 640 -7.56 2.67 9.49
N ASN C 641 -6.25 2.94 9.43
CA ASN C 641 -5.62 3.29 8.15
C ASN C 641 -5.53 2.08 7.23
N ASN C 642 -5.42 0.87 7.80
CA ASN C 642 -5.33 -0.34 7.01
C ASN C 642 -6.69 -0.96 6.72
N SER C 643 -7.78 -0.31 7.13
CA SER C 643 -9.13 -0.69 6.74
C SER C 643 -9.77 0.29 5.78
N TYR C 644 -9.29 1.54 5.72
CA TYR C 644 -9.76 2.48 4.72
C TYR C 644 -9.39 2.03 3.31
N GLN C 645 -8.29 1.29 3.16
CA GLN C 645 -7.89 0.80 1.84
C GLN C 645 -8.91 -0.20 1.30
N HIS C 646 -9.40 -1.11 2.14
CA HIS C 646 -10.36 -2.10 1.73
C HIS C 646 -11.78 -1.57 1.66
N ILE C 647 -12.01 -0.34 2.14
CA ILE C 647 -13.34 0.25 2.08
C ILE C 647 -13.53 1.11 0.83
N ALA C 648 -12.50 1.84 0.42
CA ALA C 648 -12.59 2.74 -0.71
C ALA C 648 -12.56 2.03 -2.07
N ASP C 649 -12.26 0.73 -2.10
CA ASP C 649 -12.28 0.02 -3.37
C ASP C 649 -13.69 -0.07 -3.94
N HIS C 650 -14.68 -0.28 -3.08
CA HIS C 650 -16.10 -0.24 -3.44
C HIS C 650 -16.73 0.89 -2.64
N ALA C 651 -16.65 2.10 -3.16
CA ALA C 651 -17.19 3.27 -2.49
C ALA C 651 -18.15 4.09 -3.34
N ASP C 652 -18.13 3.96 -4.66
CA ASP C 652 -19.09 4.66 -5.51
C ASP C 652 -20.37 3.88 -5.71
N ILE C 653 -20.35 2.55 -5.57
CA ILE C 653 -21.57 1.76 -5.67
C ILE C 653 -22.35 1.74 -4.37
N GLU C 654 -21.76 2.23 -3.28
CA GLU C 654 -22.46 2.35 -2.00
C GLU C 654 -23.05 3.74 -1.79
N TRP C 655 -22.28 4.79 -2.09
CA TRP C 655 -22.82 6.15 -2.03
C TRP C 655 -23.97 6.32 -3.00
N LYS C 656 -23.84 5.78 -4.22
CA LYS C 656 -24.92 5.89 -5.18
C LYS C 656 -26.14 5.10 -4.75
N PHE C 657 -25.94 3.93 -4.13
CA PHE C 657 -27.06 3.16 -3.60
C PHE C 657 -27.80 3.95 -2.54
N ALA C 658 -27.06 4.56 -1.61
CA ALA C 658 -27.67 5.40 -0.58
C ALA C 658 -28.39 6.59 -1.19
N ARG C 659 -27.80 7.19 -2.22
CA ARG C 659 -28.43 8.35 -2.87
C ARG C 659 -29.72 7.97 -3.56
N THR C 660 -29.76 6.79 -4.20
CA THR C 660 -31.01 6.31 -4.78
C THR C 660 -32.06 6.06 -3.71
N LYS C 661 -31.64 5.47 -2.58
CA LYS C 661 -32.59 5.20 -1.51
C LYS C 661 -33.17 6.49 -0.95
N LEU C 662 -32.34 7.55 -0.88
CA LEU C 662 -32.83 8.85 -0.42
C LEU C 662 -33.72 9.50 -1.48
N TRP C 663 -33.36 9.36 -2.76
CA TRP C 663 -34.13 9.97 -3.83
C TRP C 663 -35.53 9.37 -3.92
N MET C 664 -35.63 8.05 -3.78
CA MET C 664 -36.91 7.35 -3.97
C MET C 664 -37.91 7.68 -2.88
N SER C 665 -37.49 8.33 -1.79
CA SER C 665 -38.42 8.71 -0.73
C SER C 665 -39.18 9.98 -1.04
N TYR C 666 -38.78 10.74 -2.05
CA TYR C 666 -39.46 11.96 -2.46
C TYR C 666 -40.20 11.80 -3.78
N PHE C 667 -40.47 10.57 -4.21
CA PHE C 667 -41.04 10.33 -5.52
C PHE C 667 -42.57 10.25 -5.50
N GLU C 668 -43.16 9.85 -4.38
CA GLU C 668 -44.60 9.63 -4.30
C GLU C 668 -45.19 10.55 -3.24
N GLU C 669 -46.52 10.61 -3.23
CA GLU C 669 -47.25 11.37 -2.23
C GLU C 669 -47.17 10.67 -0.87
N GLY C 670 -47.73 11.31 0.15
CA GLY C 670 -47.65 10.77 1.48
C GLY C 670 -46.45 11.30 2.25
N GLY C 671 -46.36 12.62 2.35
CA GLY C 671 -45.18 13.25 2.94
C GLY C 671 -44.81 14.53 2.23
N THR C 672 -45.60 14.91 1.22
CA THR C 672 -45.33 16.14 0.48
C THR C 672 -45.41 17.36 1.39
N LEU C 673 -46.19 17.28 2.47
CA LEU C 673 -46.39 18.42 3.36
C LEU C 673 -45.37 18.39 4.48
N PRO C 674 -44.60 19.45 4.68
CA PRO C 674 -43.50 19.42 5.67
C PRO C 674 -44.04 19.35 7.08
N PRO C 675 -43.19 19.02 8.06
CA PRO C 675 -43.64 18.90 9.46
C PRO C 675 -44.26 20.18 10.00
N PRO C 676 -43.81 21.40 9.58
CA PRO C 676 -44.53 22.60 10.01
C PRO C 676 -46.01 22.55 9.68
N PHE C 677 -46.34 22.45 8.40
CA PHE C 677 -47.72 22.28 7.96
C PHE C 677 -47.99 20.79 7.71
N ASN C 678 -47.94 20.02 8.80
CA ASN C 678 -48.12 18.58 8.72
C ASN C 678 -49.52 18.13 9.12
N ILE C 679 -50.13 18.78 10.10
CA ILE C 679 -51.46 18.38 10.56
C ILE C 679 -52.45 19.52 10.31
N ASN C 718 -50.19 -10.89 -17.44
CA ASN C 718 -51.08 -9.99 -18.17
C ASN C 718 -51.40 -10.55 -19.55
N VAL C 719 -51.92 -9.69 -20.43
CA VAL C 719 -52.29 -10.12 -21.77
C VAL C 719 -51.18 -9.84 -22.78
N ARG C 720 -50.56 -8.67 -22.72
CA ARG C 720 -49.50 -8.29 -23.65
C ARG C 720 -48.25 -7.72 -22.99
N LEU C 721 -48.35 -7.21 -21.77
CA LEU C 721 -47.17 -6.74 -21.07
C LEU C 721 -46.18 -7.87 -20.83
N ASN C 722 -46.69 -9.05 -20.46
CA ASN C 722 -45.83 -10.21 -20.29
C ASN C 722 -45.14 -10.59 -21.59
N HIS C 723 -45.88 -10.53 -22.71
CA HIS C 723 -45.29 -10.86 -24.00
C HIS C 723 -44.18 -9.89 -24.36
N GLN C 724 -44.42 -8.59 -24.17
CA GLN C 724 -43.39 -7.60 -24.47
C GLN C 724 -42.17 -7.79 -23.58
N TYR C 725 -42.38 -8.05 -22.28
CA TYR C 725 -41.27 -8.27 -21.37
C TYR C 725 -40.48 -9.50 -21.78
N GLN C 726 -41.16 -10.58 -22.17
CA GLN C 726 -40.48 -11.80 -22.58
C GLN C 726 -39.68 -11.58 -23.85
N GLU C 727 -40.22 -10.81 -24.81
CA GLU C 727 -39.45 -10.52 -26.02
C GLU C 727 -38.21 -9.71 -25.71
N VAL C 728 -38.34 -8.68 -24.86
CA VAL C 728 -37.18 -7.87 -24.48
C VAL C 728 -36.14 -8.73 -23.76
N LEU C 729 -36.61 -9.61 -22.87
CA LEU C 729 -35.72 -10.50 -22.14
C LEU C 729 -35.00 -11.46 -23.08
N ARG C 730 -35.71 -11.98 -24.08
CA ARG C 730 -35.09 -12.87 -25.05
C ARG C 730 -33.97 -12.14 -25.81
N ASN C 731 -34.24 -10.91 -26.24
CA ASN C 731 -33.20 -10.14 -26.92
C ASN C 731 -32.01 -9.90 -26.02
N LEU C 732 -32.26 -9.54 -24.76
CA LEU C 732 -31.18 -9.27 -23.82
C LEU C 732 -30.33 -10.51 -23.58
N VAL C 733 -30.97 -11.66 -23.38
CA VAL C 733 -30.23 -12.89 -23.13
C VAL C 733 -29.43 -13.30 -24.36
N LYS C 734 -30.00 -13.14 -25.56
CA LYS C 734 -29.26 -13.47 -26.77
C LYS C 734 -28.02 -12.59 -26.92
N ARG C 735 -28.16 -11.29 -26.69
CA ARG C 735 -27.01 -10.40 -26.78
C ARG C 735 -25.97 -10.72 -25.72
N TYR C 736 -26.41 -11.05 -24.50
CA TYR C 736 -25.47 -11.40 -23.45
C TYR C 736 -24.71 -12.68 -23.79
N VAL C 737 -25.40 -13.67 -24.34
CA VAL C 737 -24.73 -14.92 -24.72
C VAL C 737 -23.70 -14.66 -25.81
N ALA C 738 -24.07 -13.85 -26.81
CA ALA C 738 -23.11 -13.52 -27.87
C ALA C 738 -21.89 -12.82 -27.31
N ALA C 739 -22.10 -11.84 -26.43
CA ALA C 739 -20.97 -11.13 -25.83
C ALA C 739 -20.11 -12.06 -24.99
N MET C 740 -20.74 -12.95 -24.23
CA MET C 740 -20.00 -13.88 -23.38
C MET C 740 -19.11 -14.80 -24.20
N ILE C 741 -19.67 -15.39 -25.27
CA ILE C 741 -18.88 -16.30 -26.09
C ILE C 741 -17.78 -15.54 -26.81
N ARG C 742 -18.07 -14.30 -27.27
CA ARG C 742 -17.05 -13.51 -27.96
C ARG C 742 -15.89 -13.17 -27.02
N ASP C 743 -16.20 -12.80 -25.77
CA ASP C 743 -15.14 -12.44 -24.85
C ASP C 743 -14.38 -13.66 -24.35
N ALA C 744 -15.05 -14.80 -24.16
CA ALA C 744 -14.37 -15.98 -23.66
C ALA C 744 -13.50 -16.63 -24.72
N LYS C 745 -14.00 -16.75 -25.95
CA LYS C 745 -13.24 -17.45 -26.98
C LYS C 745 -12.04 -16.62 -27.45
N THR C 746 -12.26 -15.33 -27.70
CA THR C 746 -11.20 -14.49 -28.24
C THR C 746 -10.08 -14.27 -27.21
N GLU C 747 -10.44 -13.97 -25.98
CA GLU C 747 -9.44 -13.72 -24.94
C GLU C 747 -9.24 -14.94 -24.06
N THR C 751 -4.54 -13.79 -27.42
CA THR C 751 -3.50 -14.80 -27.55
C THR C 751 -4.12 -16.19 -27.73
N GLU C 752 -5.17 -16.47 -26.96
CA GLU C 752 -5.85 -17.75 -27.07
C GLU C 752 -6.49 -17.94 -28.45
N GLU C 753 -6.89 -16.84 -29.10
CA GLU C 753 -7.43 -16.94 -30.45
C GLU C 753 -6.34 -17.22 -31.47
N ASN C 754 -5.10 -16.84 -31.18
CA ASN C 754 -4.00 -17.09 -32.11
C ASN C 754 -3.72 -18.56 -32.30
N PHE C 755 -4.11 -19.41 -31.34
CA PHE C 755 -3.95 -20.85 -31.50
C PHE C 755 -4.83 -21.38 -32.63
N LYS C 756 -6.05 -20.85 -32.77
CA LYS C 756 -7.00 -21.42 -33.72
C LYS C 756 -6.55 -21.24 -35.16
N GLU C 757 -5.99 -20.07 -35.50
CA GLU C 757 -5.58 -19.83 -36.88
C GLU C 757 -4.37 -20.67 -37.29
N LEU C 758 -3.63 -21.21 -36.31
CA LEU C 758 -2.55 -22.15 -36.66
C LEU C 758 -3.12 -23.53 -36.97
N LYS C 759 -4.03 -24.02 -36.12
CA LYS C 759 -4.65 -25.32 -36.36
C LYS C 759 -5.44 -25.32 -37.65
N GLN C 760 -6.13 -24.22 -37.95
CA GLN C 760 -6.92 -24.15 -39.18
C GLN C 760 -6.03 -24.26 -40.42
N ASP C 761 -4.91 -23.54 -40.44
CA ASP C 761 -4.04 -23.60 -41.61
C ASP C 761 -3.33 -24.94 -41.70
N ILE C 762 -2.94 -25.53 -40.57
CA ILE C 762 -2.35 -26.87 -40.59
C ILE C 762 -3.33 -27.87 -41.18
N SER C 763 -4.59 -27.81 -40.74
CA SER C 763 -5.61 -28.72 -41.24
C SER C 763 -5.87 -28.49 -42.73
N SER C 764 -5.91 -27.23 -43.16
CA SER C 764 -6.13 -26.95 -44.57
C SER C 764 -5.01 -27.50 -45.43
N PHE C 765 -3.75 -27.30 -45.00
CA PHE C 765 -2.62 -27.83 -45.76
C PHE C 765 -2.65 -29.35 -45.78
N ARG C 766 -2.99 -29.98 -44.65
CA ARG C 766 -3.06 -31.44 -44.60
C ARG C 766 -4.13 -31.96 -45.54
N TYR C 767 -5.31 -31.31 -45.56
CA TYR C 767 -6.39 -31.74 -46.43
C TYR C 767 -6.01 -31.56 -47.90
N GLU C 768 -5.34 -30.46 -48.23
CA GLU C 768 -4.89 -30.26 -49.60
C GLU C 768 -3.89 -31.33 -50.01
N VAL C 769 -2.96 -31.67 -49.11
CA VAL C 769 -1.96 -32.70 -49.40
C VAL C 769 -2.63 -34.04 -49.66
N ILE C 770 -3.59 -34.40 -48.80
CA ILE C 770 -4.31 -35.66 -49.01
C ILE C 770 -5.11 -35.63 -50.31
N GLY C 771 -5.71 -34.48 -50.63
CA GLY C 771 -6.48 -34.37 -51.86
C GLY C 771 -5.63 -34.55 -53.11
N MET C 772 -4.43 -33.97 -53.12
CA MET C 772 -3.55 -34.18 -54.26
C MET C 772 -3.05 -35.61 -54.36
N MET C 773 -2.68 -36.22 -53.24
CA MET C 773 -2.18 -37.59 -53.23
C MET C 773 -3.32 -38.59 -53.39
N PRO D 39 -34.93 -29.74 -9.19
CA PRO D 39 -35.53 -29.21 -10.42
C PRO D 39 -35.23 -30.06 -11.65
N LEU D 40 -35.90 -29.74 -12.75
CA LEU D 40 -35.72 -30.45 -14.02
C LEU D 40 -35.35 -29.41 -15.07
N ARG D 41 -34.05 -29.30 -15.37
CA ARG D 41 -33.59 -28.29 -16.33
C ARG D 41 -34.06 -28.63 -17.73
N ILE D 42 -34.54 -27.61 -18.45
CA ILE D 42 -35.04 -27.74 -19.80
C ILE D 42 -34.47 -26.60 -20.64
N VAL D 43 -34.90 -26.53 -21.90
CA VAL D 43 -34.47 -25.50 -22.84
C VAL D 43 -35.64 -24.56 -23.09
N ARG D 44 -35.36 -23.26 -23.09
CA ARG D 44 -36.37 -22.24 -23.29
C ARG D 44 -36.03 -21.41 -24.52
N ALA D 45 -37.05 -21.15 -25.35
CA ALA D 45 -36.96 -20.22 -26.48
C ALA D 45 -35.77 -20.50 -27.38
N GLU D 46 -35.68 -21.74 -27.84
CA GLU D 46 -34.61 -22.14 -28.73
C GLU D 46 -35.08 -23.33 -29.58
N SER D 47 -34.35 -23.57 -30.68
CA SER D 47 -34.69 -24.64 -31.59
C SER D 47 -33.45 -25.42 -32.01
N GLU D 48 -33.60 -26.33 -32.96
CA GLU D 48 -32.51 -27.16 -33.47
C GLU D 48 -32.15 -26.70 -34.88
N LEU D 49 -30.88 -26.93 -35.26
CA LEU D 49 -30.40 -26.43 -36.55
C LEU D 49 -30.79 -27.37 -37.70
N SER D 50 -30.20 -28.57 -37.72
CA SER D 50 -30.37 -29.49 -38.84
C SER D 50 -29.61 -30.79 -38.58
N THR D 51 -29.70 -31.72 -39.54
CA THR D 51 -28.85 -32.92 -39.54
C THR D 51 -27.88 -32.95 -40.71
N GLN D 52 -28.15 -32.21 -41.78
CA GLN D 52 -27.28 -32.20 -42.96
C GLN D 52 -26.36 -30.99 -43.02
N GLU D 53 -26.73 -29.88 -42.37
CA GLU D 53 -25.91 -28.67 -42.41
C GLU D 53 -24.73 -28.72 -41.42
N LYS D 54 -24.71 -29.70 -40.52
CA LYS D 54 -23.58 -29.82 -39.59
C LYS D 54 -22.28 -30.09 -40.33
N SER D 55 -22.31 -30.97 -41.32
CA SER D 55 -21.11 -31.24 -42.11
C SER D 55 -20.69 -30.01 -42.90
N TYR D 56 -21.64 -29.28 -43.46
CA TYR D 56 -21.33 -28.07 -44.21
C TYR D 56 -20.68 -27.03 -43.31
N LEU D 57 -21.18 -26.88 -42.08
CA LEU D 57 -20.61 -25.91 -41.15
C LEU D 57 -19.26 -26.36 -40.60
N SER D 58 -19.04 -27.67 -40.49
CA SER D 58 -17.74 -28.17 -40.03
C SER D 58 -16.69 -28.10 -41.12
N ALA D 59 -17.09 -28.18 -42.39
CA ALA D 59 -16.13 -28.13 -43.48
C ALA D 59 -15.42 -26.78 -43.53
N VAL D 60 -16.16 -25.67 -43.35
CA VAL D 60 -15.52 -24.37 -43.31
C VAL D 60 -14.77 -24.16 -42.00
N GLU D 61 -15.10 -24.92 -40.96
CA GLU D 61 -14.41 -24.78 -39.68
C GLU D 61 -13.05 -25.47 -39.68
N LYS D 62 -12.95 -26.63 -40.33
CA LYS D 62 -11.73 -27.41 -40.33
C LYS D 62 -10.81 -27.06 -41.50
N GLY D 63 -11.10 -25.98 -42.22
CA GLY D 63 -10.22 -25.51 -43.29
C GLY D 63 -10.34 -26.25 -44.60
N ASP D 64 -11.30 -27.16 -44.74
CA ASP D 64 -11.48 -27.87 -45.99
C ASP D 64 -11.96 -26.92 -47.08
N TYR D 65 -11.52 -27.19 -48.31
CA TYR D 65 -11.88 -26.36 -49.46
C TYR D 65 -12.62 -27.14 -50.54
N ALA D 66 -12.24 -28.40 -50.79
CA ALA D 66 -12.97 -29.19 -51.77
C ALA D 66 -14.40 -29.46 -51.33
N SER D 67 -14.59 -29.76 -50.04
CA SER D 67 -15.93 -30.04 -49.53
C SER D 67 -16.82 -28.81 -49.64
N VAL D 68 -16.30 -27.63 -49.30
CA VAL D 68 -17.10 -26.42 -49.41
C VAL D 68 -17.33 -26.05 -50.86
N LYS D 69 -16.39 -26.40 -51.74
CA LYS D 69 -16.60 -26.20 -53.17
C LYS D 69 -17.74 -27.07 -53.68
N LEU D 70 -17.80 -28.31 -53.23
CA LEU D 70 -18.85 -29.22 -53.69
C LEU D 70 -20.20 -28.85 -53.09
N ALA D 71 -20.21 -28.41 -51.84
CA ALA D 71 -21.48 -28.15 -51.15
C ALA D 71 -22.26 -27.02 -51.81
N LEU D 72 -21.58 -25.92 -52.13
CA LEU D 72 -22.27 -24.79 -52.74
C LEU D 72 -22.58 -25.03 -54.22
N GLU D 73 -21.70 -25.75 -54.93
CA GLU D 73 -21.96 -26.04 -56.34
C GLU D 73 -23.20 -26.91 -56.52
N GLU D 74 -23.36 -27.93 -55.67
CA GLU D 74 -24.50 -28.82 -55.79
C GLU D 74 -25.79 -28.15 -55.35
N ALA D 75 -25.71 -27.15 -54.47
CA ALA D 75 -26.88 -26.48 -53.93
C ALA D 75 -27.43 -25.39 -54.85
N GLU D 76 -27.05 -25.40 -56.13
CA GLU D 76 -27.49 -24.34 -57.03
C GLU D 76 -29.00 -24.40 -57.27
N ILE D 77 -29.52 -25.56 -57.62
CA ILE D 77 -30.95 -25.70 -57.95
C ILE D 77 -31.66 -26.07 -56.65
N TYR D 78 -31.89 -25.05 -55.82
CA TYR D 78 -32.77 -25.10 -54.64
C TYR D 78 -32.74 -26.43 -53.90
N PHE D 79 -31.56 -26.89 -53.49
CA PHE D 79 -31.45 -28.17 -52.83
C PHE D 79 -31.78 -28.12 -51.33
N LYS D 80 -32.33 -26.99 -50.87
CA LYS D 80 -32.79 -26.85 -49.48
C LYS D 80 -31.71 -27.17 -48.47
N ILE D 81 -30.49 -26.69 -48.74
CA ILE D 81 -29.41 -26.83 -47.78
C ILE D 81 -29.24 -25.59 -46.92
N ASN D 82 -29.80 -24.45 -47.33
CA ASN D 82 -29.80 -23.21 -46.55
C ASN D 82 -28.38 -22.78 -46.21
N ILE D 83 -27.63 -22.42 -47.26
CA ILE D 83 -26.21 -22.07 -47.16
C ILE D 83 -25.98 -21.00 -46.10
N ASN D 84 -27.03 -20.28 -45.71
CA ASN D 84 -26.97 -19.33 -44.60
C ASN D 84 -27.53 -20.03 -43.37
N CYS D 85 -26.68 -20.82 -42.72
CA CYS D 85 -27.08 -21.57 -41.54
C CYS D 85 -26.93 -20.71 -40.29
N ILE D 86 -27.05 -21.34 -39.12
CA ILE D 86 -26.83 -20.69 -37.83
C ILE D 86 -25.92 -21.60 -37.01
N ASP D 87 -25.41 -21.06 -35.91
CA ASP D 87 -24.50 -21.77 -35.02
C ASP D 87 -25.01 -21.61 -33.60
N PRO D 88 -24.61 -22.52 -32.69
CA PRO D 88 -24.90 -22.28 -31.27
C PRO D 88 -24.38 -20.95 -30.77
N LEU D 89 -23.25 -20.48 -31.30
CA LEU D 89 -22.75 -19.15 -31.00
C LEU D 89 -23.39 -18.07 -31.86
N GLY D 90 -24.13 -18.45 -32.89
CA GLY D 90 -24.75 -17.47 -33.77
C GLY D 90 -23.92 -17.05 -34.95
N ARG D 91 -22.99 -17.89 -35.41
CA ARG D 91 -22.08 -17.58 -36.50
C ARG D 91 -22.50 -18.31 -37.76
N THR D 92 -22.66 -17.57 -38.85
CA THR D 92 -23.03 -18.17 -40.13
C THR D 92 -21.78 -18.75 -40.79
N ALA D 93 -21.93 -19.25 -42.02
CA ALA D 93 -20.79 -19.81 -42.74
C ALA D 93 -19.75 -18.73 -43.04
N LEU D 94 -20.20 -17.55 -43.46
CA LEU D 94 -19.27 -16.46 -43.76
C LEU D 94 -18.58 -15.96 -42.50
N LEU D 95 -19.26 -15.98 -41.36
N LEU D 95 -19.26 -15.98 -41.36
CA LEU D 95 -18.67 -15.47 -40.13
CA LEU D 95 -18.67 -15.47 -40.13
C LEU D 95 -17.48 -16.32 -39.68
C LEU D 95 -17.48 -16.32 -39.68
N ILE D 96 -17.60 -17.64 -39.80
CA ILE D 96 -16.52 -18.52 -39.37
C ILE D 96 -15.27 -18.32 -40.24
N ALA D 97 -15.45 -18.10 -41.54
CA ALA D 97 -14.31 -17.84 -42.42
C ALA D 97 -13.56 -16.58 -42.03
N ILE D 98 -14.18 -15.69 -41.26
CA ILE D 98 -13.49 -14.47 -40.81
C ILE D 98 -12.80 -14.69 -39.47
N GLU D 99 -13.37 -15.52 -38.59
CA GLU D 99 -12.71 -15.84 -37.32
C GLU D 99 -11.32 -16.43 -37.58
N ASN D 100 -11.26 -17.57 -38.25
CA ASN D 100 -10.00 -18.11 -38.76
C ASN D 100 -9.80 -17.53 -40.15
N GLU D 101 -8.94 -16.53 -40.26
CA GLU D 101 -8.77 -15.79 -41.49
C GLU D 101 -8.37 -16.70 -42.65
N ASN D 102 -9.28 -16.86 -43.62
CA ASN D 102 -9.06 -17.70 -44.80
C ASN D 102 -9.64 -16.95 -45.99
N LEU D 103 -8.77 -16.21 -46.69
CA LEU D 103 -9.24 -15.39 -47.79
C LEU D 103 -9.75 -16.23 -48.96
N GLU D 104 -9.25 -17.45 -49.12
CA GLU D 104 -9.72 -18.30 -50.21
C GLU D 104 -11.16 -18.75 -49.99
N ILE D 105 -11.46 -19.19 -48.77
CA ILE D 105 -12.84 -19.59 -48.45
C ILE D 105 -13.77 -18.40 -48.56
N ILE D 106 -13.31 -17.22 -48.12
CA ILE D 106 -14.14 -16.02 -48.21
C ILE D 106 -14.42 -15.68 -49.67
N GLU D 107 -13.40 -15.75 -50.53
CA GLU D 107 -13.59 -15.45 -51.94
C GLU D 107 -14.53 -16.45 -52.59
N LEU D 108 -14.38 -17.74 -52.25
CA LEU D 108 -15.28 -18.75 -52.79
C LEU D 108 -16.71 -18.50 -52.36
N LEU D 109 -16.92 -18.11 -51.10
CA LEU D 109 -18.26 -17.83 -50.62
C LEU D 109 -18.87 -16.63 -51.33
N LEU D 110 -18.12 -15.52 -51.41
CA LEU D 110 -18.64 -14.34 -52.09
C LEU D 110 -18.78 -14.53 -53.59
N SER D 111 -18.14 -15.55 -54.16
CA SER D 111 -18.37 -15.86 -55.57
C SER D 111 -19.82 -16.24 -55.82
N PHE D 112 -20.40 -17.04 -54.92
CA PHE D 112 -21.83 -17.31 -54.95
C PHE D 112 -22.59 -16.15 -54.31
N ASN D 113 -23.90 -16.14 -54.55
CA ASN D 113 -24.77 -15.09 -54.00
C ASN D 113 -25.11 -15.43 -52.55
N VAL D 114 -24.36 -14.85 -51.62
CA VAL D 114 -24.57 -15.06 -50.19
C VAL D 114 -24.80 -13.70 -49.53
N TYR D 115 -25.69 -13.69 -48.55
CA TYR D 115 -25.99 -12.46 -47.82
C TYR D 115 -24.80 -12.04 -46.97
N VAL D 116 -24.41 -10.78 -47.09
CA VAL D 116 -23.29 -10.25 -46.32
C VAL D 116 -23.76 -9.59 -45.04
N GLY D 117 -24.81 -8.78 -45.11
CA GLY D 117 -25.32 -8.12 -43.92
C GLY D 117 -24.28 -7.21 -43.30
N ASP D 118 -23.98 -7.46 -42.02
CA ASP D 118 -22.98 -6.70 -41.28
C ASP D 118 -21.63 -7.40 -41.25
N ALA D 119 -21.29 -8.12 -42.31
CA ALA D 119 -20.01 -8.82 -42.35
C ALA D 119 -18.83 -7.86 -42.43
N LEU D 120 -19.02 -6.69 -43.04
CA LEU D 120 -17.94 -5.71 -43.09
C LEU D 120 -17.57 -5.22 -41.70
N LEU D 121 -18.57 -4.96 -40.85
CA LEU D 121 -18.30 -4.56 -39.47
C LEU D 121 -17.59 -5.67 -38.71
N HIS D 122 -18.01 -6.92 -38.92
CA HIS D 122 -17.36 -8.05 -38.26
C HIS D 122 -15.90 -8.17 -38.69
N ALA D 123 -15.62 -7.98 -39.99
CA ALA D 123 -14.25 -8.04 -40.47
C ALA D 123 -13.42 -6.89 -39.91
N ILE D 124 -14.01 -5.70 -39.82
CA ILE D 124 -13.29 -4.54 -39.26
C ILE D 124 -12.94 -4.79 -37.81
N ARG D 125 -13.90 -5.31 -37.03
CA ARG D 125 -13.63 -5.56 -35.61
C ARG D 125 -12.71 -6.74 -35.40
N LYS D 126 -12.72 -7.72 -36.30
CA LYS D 126 -11.91 -8.91 -36.18
C LYS D 126 -10.50 -8.74 -36.75
N GLU D 127 -10.17 -7.55 -37.23
CA GLU D 127 -8.79 -7.16 -37.56
C GLU D 127 -8.26 -7.94 -38.76
N VAL D 128 -9.10 -8.12 -39.78
CA VAL D 128 -8.72 -8.84 -40.99
C VAL D 128 -8.69 -7.84 -42.14
N VAL D 129 -7.47 -7.48 -42.58
CA VAL D 129 -7.33 -6.51 -43.67
C VAL D 129 -7.79 -7.11 -44.99
N GLY D 130 -7.47 -8.38 -45.23
CA GLY D 130 -7.86 -9.02 -46.48
C GLY D 130 -9.36 -9.12 -46.65
N ALA D 131 -10.06 -9.53 -45.59
CA ALA D 131 -11.52 -9.63 -45.66
C ALA D 131 -12.14 -8.25 -45.85
N VAL D 132 -11.60 -7.23 -45.18
CA VAL D 132 -12.11 -5.87 -45.34
C VAL D 132 -11.93 -5.39 -46.78
N GLU D 133 -10.75 -5.65 -47.35
CA GLU D 133 -10.50 -5.27 -48.74
C GLU D 133 -11.44 -6.01 -49.68
N LEU D 134 -11.66 -7.30 -49.44
CA LEU D 134 -12.56 -8.07 -50.30
C LEU D 134 -13.99 -7.55 -50.23
N LEU D 135 -14.47 -7.24 -49.01
CA LEU D 135 -15.85 -6.83 -48.83
C LEU D 135 -16.10 -5.39 -49.26
N LEU D 136 -15.07 -4.54 -49.20
CA LEU D 136 -15.27 -3.12 -49.51
C LEU D 136 -15.68 -2.92 -50.96
N ASN D 137 -15.05 -3.63 -51.87
CA ASN D 137 -15.40 -3.58 -53.30
C ASN D 137 -15.93 -4.95 -53.70
N HIS D 138 -17.24 -5.14 -53.54
CA HIS D 138 -17.88 -6.40 -53.85
C HIS D 138 -19.30 -6.18 -54.37
N GLN D 155 -34.62 -9.45 -37.34
CA GLN D 155 -33.59 -8.44 -37.14
C GLN D 155 -32.79 -8.73 -35.89
N PHE D 156 -31.50 -9.03 -36.06
CA PHE D 156 -30.60 -9.28 -34.94
C PHE D 156 -29.20 -8.89 -35.35
N SER D 157 -28.64 -7.87 -34.69
CA SER D 157 -27.29 -7.42 -34.92
C SER D 157 -26.56 -7.27 -33.59
N ASP D 158 -25.25 -7.48 -33.62
CA ASP D 158 -24.42 -7.34 -32.43
C ASP D 158 -23.83 -5.95 -32.28
N PHE D 159 -24.20 -5.01 -33.16
CA PHE D 159 -23.70 -3.65 -33.12
C PHE D 159 -24.86 -2.69 -32.95
N THR D 160 -24.61 -1.59 -32.23
CA THR D 160 -25.63 -0.59 -32.02
C THR D 160 -25.98 0.11 -33.34
N PRO D 161 -27.21 0.61 -33.49
CA PRO D 161 -27.61 1.20 -34.77
C PRO D 161 -26.81 2.43 -35.17
N ASP D 162 -26.15 3.10 -34.23
CA ASP D 162 -25.40 4.31 -34.54
C ASP D 162 -24.01 4.04 -35.09
N ILE D 163 -23.57 2.78 -35.11
CA ILE D 163 -22.20 2.45 -35.50
C ILE D 163 -22.10 2.44 -37.03
N THR D 164 -21.13 3.17 -37.55
CA THR D 164 -20.76 3.17 -38.96
C THR D 164 -19.38 2.55 -39.14
N PRO D 165 -19.05 2.06 -40.34
CA PRO D 165 -17.75 1.40 -40.51
C PRO D 165 -16.56 2.28 -40.15
N ILE D 166 -16.61 3.58 -40.47
CA ILE D 166 -15.51 4.47 -40.12
C ILE D 166 -15.40 4.64 -38.60
N ILE D 167 -16.55 4.74 -37.92
CA ILE D 167 -16.53 4.90 -36.47
C ILE D 167 -15.93 3.67 -35.80
N LEU D 168 -16.35 2.48 -36.24
CA LEU D 168 -15.82 1.25 -35.68
C LEU D 168 -14.34 1.09 -35.99
N ALA D 169 -13.93 1.47 -37.20
CA ALA D 169 -12.51 1.39 -37.56
C ALA D 169 -11.68 2.32 -36.69
N ALA D 170 -12.15 3.54 -36.47
CA ALA D 170 -11.45 4.46 -35.58
C ALA D 170 -11.44 3.94 -34.15
N HIS D 171 -12.47 3.20 -33.75
CA HIS D 171 -12.45 2.53 -32.45
C HIS D 171 -11.34 1.49 -32.40
N THR D 172 -11.16 0.73 -33.48
CA THR D 172 -10.12 -0.29 -33.51
C THR D 172 -8.71 0.28 -33.59
N ASN D 173 -8.57 1.49 -34.12
CA ASN D 173 -7.28 2.19 -34.19
C ASN D 173 -6.26 1.40 -35.04
N ASN D 174 -6.60 1.23 -36.32
CA ASN D 174 -5.70 0.63 -37.30
C ASN D 174 -5.48 1.60 -38.44
N TYR D 175 -4.21 1.86 -38.74
CA TYR D 175 -3.87 2.85 -39.76
C TYR D 175 -4.30 2.39 -41.16
N GLU D 176 -4.14 1.10 -41.45
CA GLU D 176 -4.40 0.61 -42.81
C GLU D 176 -5.89 0.61 -43.12
N ILE D 177 -6.71 0.10 -42.20
CA ILE D 177 -8.15 0.01 -42.45
C ILE D 177 -8.77 1.41 -42.50
N ILE D 178 -8.37 2.29 -41.59
CA ILE D 178 -8.89 3.66 -41.59
C ILE D 178 -8.51 4.37 -42.89
N LYS D 179 -7.27 4.20 -43.33
CA LYS D 179 -6.84 4.80 -44.59
C LYS D 179 -7.66 4.25 -45.75
N MET D 180 -7.86 2.94 -45.80
CA MET D 180 -8.60 2.32 -46.89
C MET D 180 -10.02 2.85 -46.94
N LEU D 181 -10.68 2.99 -45.79
CA LEU D 181 -12.03 3.54 -45.75
C LEU D 181 -12.03 5.01 -46.14
N VAL D 182 -11.03 5.77 -45.72
CA VAL D 182 -10.99 7.21 -45.98
C VAL D 182 -10.82 7.48 -47.46
N GLN D 183 -10.01 6.67 -48.16
CA GLN D 183 -9.77 6.90 -49.58
C GLN D 183 -11.06 6.84 -50.38
N LYS D 184 -11.95 5.91 -50.05
CA LYS D 184 -13.20 5.78 -50.79
C LYS D 184 -14.18 6.91 -50.48
N GLY D 185 -14.02 7.58 -49.35
CA GLY D 185 -14.87 8.71 -49.02
C GLY D 185 -15.91 8.41 -47.96
N VAL D 186 -15.64 8.83 -46.73
CA VAL D 186 -16.54 8.65 -45.60
C VAL D 186 -16.64 9.96 -44.83
N SER D 187 -17.64 10.03 -43.95
CA SER D 187 -17.84 11.21 -43.11
C SER D 187 -18.33 10.78 -41.74
N VAL D 188 -18.14 11.65 -40.75
CA VAL D 188 -18.56 11.43 -39.38
C VAL D 188 -19.48 12.56 -38.98
N PRO D 189 -20.64 12.29 -38.38
CA PRO D 189 -21.55 13.38 -38.00
C PRO D 189 -20.92 14.32 -36.98
N GLN D 190 -21.29 15.58 -37.09
CA GLN D 190 -20.76 16.60 -36.18
C GLN D 190 -21.35 16.40 -34.78
N PRO D 191 -20.53 16.29 -33.74
CA PRO D 191 -21.06 16.14 -32.39
C PRO D 191 -21.62 17.46 -31.86
N HIS D 192 -22.77 17.37 -31.21
CA HIS D 192 -23.42 18.57 -30.67
C HIS D 192 -23.32 18.60 -29.15
N VAL D 207 -35.25 13.03 -27.77
CA VAL D 207 -36.31 12.33 -27.06
C VAL D 207 -35.74 11.13 -26.30
N ASP D 208 -35.11 10.22 -27.03
CA ASP D 208 -34.51 9.04 -26.43
C ASP D 208 -33.20 9.44 -25.75
N SER D 209 -33.12 9.18 -24.44
CA SER D 209 -31.94 9.56 -23.67
C SER D 209 -30.84 8.50 -23.73
N LEU D 210 -31.21 7.23 -23.68
CA LEU D 210 -30.20 6.17 -23.75
C LEU D 210 -29.48 6.17 -25.09
N ARG D 211 -30.23 6.32 -26.19
CA ARG D 211 -29.62 6.29 -27.52
C ARG D 211 -28.84 7.55 -27.81
N HIS D 212 -29.30 8.71 -27.34
CA HIS D 212 -28.57 9.95 -27.56
C HIS D 212 -27.31 10.02 -26.70
N SER D 213 -27.24 9.23 -25.62
CA SER D 213 -26.04 9.21 -24.80
C SER D 213 -24.95 8.35 -25.43
N ARG D 214 -25.28 7.12 -25.81
CA ARG D 214 -24.34 6.25 -26.51
C ARG D 214 -24.43 6.49 -28.02
N SER D 215 -24.41 7.76 -28.40
CA SER D 215 -24.19 8.16 -29.78
C SER D 215 -23.25 9.34 -29.90
N ARG D 216 -23.00 10.08 -28.80
CA ARG D 216 -21.99 11.13 -28.78
C ARG D 216 -20.71 10.68 -28.11
N LEU D 217 -20.77 9.65 -27.26
CA LEU D 217 -19.56 9.03 -26.74
C LEU D 217 -18.86 8.22 -27.83
N ASN D 218 -19.63 7.55 -28.69
CA ASN D 218 -19.04 6.81 -29.79
C ASN D 218 -18.39 7.74 -30.81
N ILE D 219 -19.03 8.88 -31.09
CA ILE D 219 -18.45 9.84 -32.02
C ILE D 219 -17.16 10.41 -31.44
N TYR D 220 -17.17 10.79 -30.16
CA TYR D 220 -15.98 11.34 -29.54
C TYR D 220 -14.88 10.30 -29.40
N LYS D 221 -15.25 9.04 -29.13
CA LYS D 221 -14.26 7.98 -29.06
C LYS D 221 -13.57 7.79 -30.41
N ALA D 222 -14.35 7.81 -31.50
CA ALA D 222 -13.78 7.68 -32.83
C ALA D 222 -13.05 8.93 -33.29
N LEU D 223 -13.39 10.09 -32.73
CA LEU D 223 -12.76 11.36 -33.11
C LEU D 223 -11.45 11.60 -32.38
N ALA D 224 -11.15 10.85 -31.33
CA ALA D 224 -9.96 11.04 -30.52
C ALA D 224 -8.92 9.95 -30.72
N SER D 225 -9.05 9.16 -31.79
CA SER D 225 -8.08 8.11 -32.06
C SER D 225 -6.83 8.72 -32.68
N PRO D 226 -5.63 8.35 -32.19
CA PRO D 226 -4.40 8.95 -32.74
C PRO D 226 -4.21 8.71 -34.23
N SER D 227 -4.63 7.55 -34.74
CA SER D 227 -4.45 7.26 -36.15
C SER D 227 -5.28 8.19 -37.04
N LEU D 228 -6.52 8.48 -36.64
CA LEU D 228 -7.36 9.35 -37.45
C LEU D 228 -6.88 10.79 -37.40
N ILE D 229 -6.38 11.23 -36.24
CA ILE D 229 -5.83 12.58 -36.14
C ILE D 229 -4.60 12.73 -37.02
N ALA D 230 -3.72 11.74 -37.00
CA ALA D 230 -2.51 11.80 -37.82
C ALA D 230 -2.81 11.66 -39.31
N LEU D 231 -4.03 11.24 -39.67
CA LEU D 231 -4.37 10.95 -41.06
C LEU D 231 -5.16 12.07 -41.73
N SER D 232 -6.11 12.69 -41.03
CA SER D 232 -7.02 13.64 -41.65
C SER D 232 -7.20 14.89 -40.81
N SER D 233 -6.09 15.44 -40.31
CA SER D 233 -6.12 16.67 -39.55
C SER D 233 -5.08 17.65 -40.11
N GLU D 234 -5.51 18.90 -40.32
CA GLU D 234 -4.60 19.90 -40.85
C GLU D 234 -3.48 20.21 -39.86
N ASP D 235 -3.82 20.36 -38.58
CA ASP D 235 -2.85 20.64 -37.52
C ASP D 235 -3.14 19.71 -36.35
N PRO D 236 -2.48 18.55 -36.29
CA PRO D 236 -2.78 17.58 -35.24
C PRO D 236 -2.51 18.09 -33.82
N PHE D 237 -1.65 19.10 -33.67
CA PHE D 237 -1.38 19.61 -32.32
C PHE D 237 -2.58 20.36 -31.76
N LEU D 238 -3.18 21.24 -32.55
CA LEU D 238 -4.31 22.04 -32.06
C LEU D 238 -5.53 21.17 -31.81
N THR D 239 -5.84 20.25 -32.72
CA THR D 239 -7.01 19.40 -32.55
C THR D 239 -6.86 18.40 -31.42
N ALA D 240 -5.65 18.22 -30.88
CA ALA D 240 -5.48 17.45 -29.66
C ALA D 240 -5.58 18.33 -28.42
N PHE D 241 -5.23 19.62 -28.54
CA PHE D 241 -5.41 20.55 -27.44
C PHE D 241 -6.89 20.83 -27.20
N GLN D 242 -7.64 21.09 -28.28
CA GLN D 242 -9.05 21.44 -28.14
C GLN D 242 -9.89 20.23 -27.76
N LEU D 243 -9.56 19.06 -28.30
CA LEU D 243 -10.35 17.87 -28.02
C LEU D 243 -10.30 17.51 -26.54
N SER D 244 -9.13 17.62 -25.92
CA SER D 244 -9.02 17.33 -24.49
C SER D 244 -9.76 18.37 -23.66
N TRP D 245 -9.89 19.60 -24.16
CA TRP D 245 -10.64 20.62 -23.43
C TRP D 245 -12.13 20.33 -23.45
N GLU D 246 -12.68 19.99 -24.63
CA GLU D 246 -14.10 19.68 -24.71
C GLU D 246 -14.45 18.40 -23.95
N LEU D 247 -13.58 17.39 -24.02
CA LEU D 247 -13.86 16.14 -23.33
C LEU D 247 -13.81 16.31 -21.82
N GLN D 248 -12.93 17.17 -21.31
CA GLN D 248 -12.87 17.40 -19.88
C GLN D 248 -14.04 18.25 -19.39
N GLU D 249 -14.55 19.15 -20.23
CA GLU D 249 -15.74 19.91 -19.87
C GLU D 249 -16.98 19.01 -19.85
N LEU D 250 -17.08 18.11 -20.81
CA LEU D 250 -18.24 17.23 -20.90
C LEU D 250 -18.34 16.27 -19.72
N SER D 251 -17.22 15.96 -19.05
CA SER D 251 -17.26 15.09 -17.89
C SER D 251 -18.03 15.72 -16.74
N LYS D 252 -18.00 17.06 -16.63
CA LYS D 252 -18.75 17.72 -15.58
C LYS D 252 -20.25 17.60 -15.81
N VAL D 253 -20.72 17.89 -17.00
CA VAL D 253 -22.14 17.77 -17.35
C VAL D 253 -22.28 16.45 -18.10
N GLU D 254 -22.47 15.37 -17.33
CA GLU D 254 -22.56 13.98 -17.76
C GLU D 254 -22.11 13.11 -16.58
N ASN D 255 -22.76 13.29 -15.42
CA ASN D 255 -22.27 12.67 -14.19
C ASN D 255 -22.23 11.15 -14.30
N GLU D 256 -23.14 10.56 -15.07
CA GLU D 256 -23.16 9.10 -15.18
C GLU D 256 -21.95 8.59 -15.95
N PHE D 257 -21.67 9.19 -17.10
CA PHE D 257 -20.51 8.82 -17.91
C PHE D 257 -19.35 9.78 -17.66
N LYS D 258 -18.85 9.78 -16.43
CA LYS D 258 -17.75 10.66 -16.05
C LYS D 258 -16.39 10.01 -16.20
N ALA D 259 -16.27 8.73 -15.82
CA ALA D 259 -14.99 8.03 -15.98
C ALA D 259 -14.64 7.86 -17.44
N GLU D 260 -15.63 7.56 -18.29
CA GLU D 260 -15.36 7.36 -19.70
C GLU D 260 -14.86 8.63 -20.38
N TYR D 261 -15.46 9.78 -20.04
CA TYR D 261 -15.05 11.03 -20.67
C TYR D 261 -13.69 11.50 -20.18
N GLU D 262 -13.38 11.28 -18.90
CA GLU D 262 -12.10 11.72 -18.36
C GLU D 262 -10.95 10.85 -18.83
N GLU D 263 -11.21 9.61 -19.26
CA GLU D 263 -10.15 8.77 -19.79
C GLU D 263 -9.76 9.17 -21.21
N LEU D 264 -10.74 9.60 -22.00
CA LEU D 264 -10.44 10.06 -23.36
C LEU D 264 -9.68 11.37 -23.34
N SER D 265 -9.95 12.25 -22.36
CA SER D 265 -9.20 13.48 -22.24
C SER D 265 -7.73 13.21 -21.94
N HIS D 266 -7.46 12.23 -21.08
CA HIS D 266 -6.08 11.86 -20.79
C HIS D 266 -5.39 11.25 -22.01
N GLN D 267 -6.13 10.50 -22.83
CA GLN D 267 -5.54 9.90 -24.01
C GLN D 267 -5.07 10.96 -25.00
N CYS D 268 -5.86 12.03 -25.19
CA CYS D 268 -5.46 13.10 -26.10
C CYS D 268 -4.28 13.90 -25.58
N LYS D 269 -4.06 13.92 -24.27
CA LYS D 269 -2.91 14.63 -23.71
C LYS D 269 -1.61 13.86 -23.92
N HIS D 270 -1.67 12.53 -23.88
CA HIS D 270 -0.47 11.73 -24.12
C HIS D 270 -0.09 11.69 -25.60
N PHE D 271 -1.07 11.85 -26.49
CA PHE D 271 -0.76 11.86 -27.92
C PHE D 271 0.13 13.03 -28.29
N ALA D 272 -0.14 14.21 -27.73
CA ALA D 272 0.69 15.38 -28.01
C ALA D 272 2.12 15.19 -27.51
N LYS D 273 2.27 14.63 -26.31
CA LYS D 273 3.60 14.38 -25.77
C LYS D 273 4.35 13.35 -26.62
N ASP D 274 3.66 12.28 -27.05
CA ASP D 274 4.30 11.28 -27.87
C ASP D 274 4.68 11.82 -29.24
N LEU D 275 3.88 12.73 -29.79
CA LEU D 275 4.23 13.36 -31.05
C LEU D 275 5.38 14.34 -30.90
N LEU D 276 5.50 15.01 -29.75
CA LEU D 276 6.64 15.87 -29.49
C LEU D 276 7.91 15.08 -29.18
N ASP D 277 7.78 13.82 -28.79
CA ASP D 277 8.94 13.00 -28.47
C ASP D 277 9.76 12.63 -29.70
N GLN D 278 9.26 12.88 -30.90
CA GLN D 278 9.92 12.50 -32.14
C GLN D 278 10.70 13.65 -32.77
N THR D 279 11.16 14.60 -31.95
CA THR D 279 12.00 15.68 -32.44
C THR D 279 13.46 15.28 -32.30
N ARG D 280 14.18 15.23 -33.42
CA ARG D 280 15.55 14.75 -33.46
C ARG D 280 16.59 15.87 -33.48
N SER D 281 16.15 17.12 -33.36
CA SER D 281 17.07 18.24 -33.42
C SER D 281 16.52 19.40 -32.60
N SER D 282 17.41 20.33 -32.27
CA SER D 282 17.01 21.53 -31.55
C SER D 282 16.42 22.60 -32.47
N ARG D 283 16.54 22.43 -33.78
CA ARG D 283 15.91 23.34 -34.73
C ARG D 283 14.46 23.00 -34.99
N GLU D 284 14.10 21.72 -34.90
CA GLU D 284 12.70 21.32 -35.04
C GLU D 284 11.89 21.68 -33.79
N LEU D 285 12.50 21.58 -32.61
CA LEU D 285 11.80 21.95 -31.38
C LEU D 285 11.62 23.46 -31.26
N GLU D 286 12.58 24.24 -31.73
CA GLU D 286 12.46 25.69 -31.72
C GLU D 286 11.48 26.19 -32.77
N LEU D 287 11.03 25.33 -33.69
CA LEU D 287 10.07 25.72 -34.70
C LEU D 287 8.64 25.34 -34.35
N ILE D 288 8.45 24.36 -33.46
CA ILE D 288 7.11 23.96 -33.05
C ILE D 288 6.60 24.87 -31.93
N LEU D 289 7.46 25.18 -30.96
CA LEU D 289 7.06 25.97 -29.80
C LEU D 289 6.96 27.46 -30.12
N ASN D 290 7.48 27.92 -31.25
CA ASN D 290 7.46 29.33 -31.62
C ASN D 290 6.45 29.63 -32.72
N PHE D 291 5.57 28.68 -33.04
CA PHE D 291 4.62 28.88 -34.13
C PHE D 291 3.59 29.95 -33.77
N ARG D 292 3.25 30.78 -34.76
CA ARG D 292 2.25 31.82 -34.61
C ARG D 292 2.59 32.78 -33.47
N ASN D 304 4.25 36.18 -29.18
CA ASN D 304 5.59 36.35 -29.75
C ASN D 304 6.44 35.10 -29.53
N GLU D 305 7.48 35.23 -28.70
CA GLU D 305 8.35 34.11 -28.41
C GLU D 305 7.60 33.06 -27.59
N LEU D 306 7.86 31.78 -27.90
CA LEU D 306 7.22 30.66 -27.22
C LEU D 306 5.70 30.76 -27.27
N ALA D 307 5.18 31.16 -28.43
CA ALA D 307 3.74 31.41 -28.56
C ALA D 307 2.93 30.13 -28.34
N ARG D 308 3.37 29.02 -28.93
CA ARG D 308 2.63 27.77 -28.78
C ARG D 308 2.86 27.09 -27.44
N LEU D 309 3.94 27.44 -26.74
CA LEU D 309 4.13 26.93 -25.39
C LEU D 309 3.19 27.61 -24.40
N LYS D 310 2.95 28.91 -24.58
CA LYS D 310 1.98 29.61 -23.74
C LYS D 310 0.56 29.14 -24.02
N LEU D 311 0.25 28.82 -25.28
CA LEU D 311 -1.08 28.30 -25.61
C LEU D 311 -1.28 26.90 -25.05
N ALA D 312 -0.20 26.12 -24.94
CA ALA D 312 -0.31 24.78 -24.37
C ALA D 312 -0.60 24.80 -22.88
N ILE D 313 -0.38 25.93 -22.21
CA ILE D 313 -0.67 26.04 -20.79
C ILE D 313 -2.11 26.49 -20.55
N LYS D 314 -2.64 27.34 -21.44
CA LYS D 314 -4.04 27.74 -21.33
C LYS D 314 -4.97 26.55 -21.38
N TYR D 315 -4.60 25.50 -22.11
CA TYR D 315 -5.39 24.28 -22.20
C TYR D 315 -5.00 23.25 -21.14
N ARG D 316 -4.10 23.60 -20.23
CA ARG D 316 -3.66 22.72 -19.14
C ARG D 316 -3.09 21.41 -19.68
N GLN D 317 -2.10 21.52 -20.56
CA GLN D 317 -1.40 20.36 -21.12
C GLN D 317 -0.15 20.13 -20.27
N LYS D 318 -0.31 19.38 -19.17
CA LYS D 318 0.80 19.18 -18.26
C LYS D 318 1.87 18.28 -18.87
N GLU D 319 1.46 17.24 -19.60
CA GLU D 319 2.42 16.32 -20.18
C GLU D 319 3.23 16.97 -21.30
N PHE D 320 2.59 17.82 -22.11
CA PHE D 320 3.29 18.48 -23.19
C PHE D 320 4.38 19.42 -22.66
N VAL D 321 4.05 20.18 -21.60
CA VAL D 321 5.01 21.12 -21.04
C VAL D 321 6.14 20.39 -20.33
N ALA D 322 5.81 19.36 -19.56
CA ALA D 322 6.80 18.64 -18.76
C ALA D 322 7.49 17.54 -19.56
N GLN D 323 8.06 17.91 -20.70
CA GLN D 323 8.84 17.02 -21.53
C GLN D 323 10.32 17.33 -21.37
N PRO D 324 11.19 16.32 -21.30
CA PRO D 324 12.61 16.59 -21.01
C PRO D 324 13.27 17.57 -21.97
N ASN D 325 12.95 17.48 -23.26
CA ASN D 325 13.52 18.43 -24.22
C ASN D 325 12.99 19.83 -23.99
N CYS D 326 11.69 19.95 -23.72
CA CYS D 326 11.09 21.25 -23.43
C CYS D 326 11.71 21.87 -22.18
N GLN D 327 11.87 21.06 -21.12
CA GLN D 327 12.46 21.57 -19.89
C GLN D 327 13.91 21.98 -20.11
N GLN D 328 14.65 21.19 -20.88
CA GLN D 328 16.05 21.52 -21.16
C GLN D 328 16.17 22.81 -21.95
N LEU D 329 15.25 23.02 -22.91
CA LEU D 329 15.26 24.28 -23.66
C LEU D 329 14.88 25.46 -22.77
N LEU D 330 13.92 25.27 -21.87
CA LEU D 330 13.48 26.35 -20.99
C LEU D 330 14.57 26.73 -19.99
N ALA D 331 15.30 25.74 -19.48
CA ALA D 331 16.39 26.01 -18.55
C ALA D 331 17.54 26.78 -19.20
N SER D 332 17.67 26.73 -20.52
CA SER D 332 18.68 27.53 -21.20
C SER D 332 18.33 29.00 -21.26
N ARG D 333 17.04 29.34 -21.21
CA ARG D 333 16.62 30.73 -21.11
C ARG D 333 16.52 31.20 -19.67
N TRP D 334 16.21 30.29 -18.75
CA TRP D 334 16.19 30.67 -17.34
C TRP D 334 17.55 31.14 -16.86
N TYR D 335 18.60 30.34 -17.12
CA TYR D 335 19.94 30.68 -16.69
C TYR D 335 20.70 31.55 -17.68
N ASP D 336 20.15 31.76 -18.88
CA ASP D 336 20.77 32.58 -19.91
C ASP D 336 22.20 32.13 -20.22
N ARG D 344 29.04 22.82 -9.78
CA ARG D 344 29.14 23.72 -8.64
C ARG D 344 28.48 23.10 -7.40
N HIS D 345 29.07 23.36 -6.24
CA HIS D 345 28.56 22.85 -4.98
C HIS D 345 27.64 23.87 -4.32
N TRP D 346 26.96 23.43 -3.26
CA TRP D 346 25.95 24.28 -2.62
C TRP D 346 26.57 25.54 -2.04
N ALA D 347 27.72 25.42 -1.36
CA ALA D 347 28.41 26.60 -0.86
C ALA D 347 29.43 27.12 -1.87
N GLY D 348 28.98 27.22 -3.12
CA GLY D 348 29.67 27.94 -4.15
C GLY D 348 28.63 28.72 -4.94
N LYS D 349 27.37 28.38 -4.68
CA LYS D 349 26.22 29.04 -5.30
C LYS D 349 25.37 29.81 -4.32
N LEU D 350 25.25 29.34 -3.08
CA LEU D 350 24.52 30.12 -2.07
C LEU D 350 25.20 31.46 -1.82
N ILE D 351 26.54 31.44 -1.71
CA ILE D 351 27.30 32.68 -1.52
C ILE D 351 27.12 33.60 -2.73
N THR D 352 27.14 33.02 -3.93
CA THR D 352 26.96 33.81 -5.14
C THR D 352 25.57 34.45 -5.18
N CYS D 353 24.54 33.69 -4.81
CA CYS D 353 23.19 34.24 -4.79
C CYS D 353 23.06 35.36 -3.77
N VAL D 354 23.64 35.17 -2.57
CA VAL D 354 23.58 36.20 -1.55
C VAL D 354 24.30 37.47 -2.03
N PHE D 355 25.49 37.29 -2.62
CA PHE D 355 26.24 38.44 -3.12
C PHE D 355 25.47 39.17 -4.22
N ILE D 356 24.86 38.43 -5.14
CA ILE D 356 24.10 39.05 -6.23
C ILE D 356 22.91 39.82 -5.67
N GLY D 357 22.20 39.23 -4.72
CA GLY D 357 21.05 39.91 -4.14
C GLY D 357 21.41 41.02 -3.18
N LEU D 358 22.68 41.13 -2.78
CA LEU D 358 23.08 42.18 -1.84
C LEU D 358 22.89 43.58 -2.42
N MET D 359 23.25 43.78 -3.70
CA MET D 359 23.25 45.11 -4.30
C MET D 359 22.21 45.24 -5.41
N PHE D 360 21.01 44.69 -5.17
CA PHE D 360 19.91 44.91 -6.11
C PHE D 360 19.60 46.39 -6.38
N PRO D 361 19.68 47.32 -5.41
CA PRO D 361 19.45 48.73 -5.78
C PRO D 361 20.45 49.26 -6.78
N LEU D 362 21.70 48.79 -6.75
CA LEU D 362 22.68 49.24 -7.73
C LEU D 362 22.29 48.84 -9.15
N LEU D 363 21.91 47.57 -9.32
CA LEU D 363 21.48 47.11 -10.64
C LEU D 363 20.20 47.82 -11.08
N SER D 364 19.27 48.05 -10.14
CA SER D 364 18.06 48.78 -10.48
C SER D 364 18.37 50.19 -10.94
N LEU D 365 19.27 50.88 -10.24
CA LEU D 365 19.66 52.23 -10.65
C LEU D 365 20.33 52.21 -12.01
N CYS D 366 21.22 51.25 -12.25
CA CYS D 366 21.90 51.17 -13.54
C CYS D 366 20.91 50.93 -14.67
N TYR D 367 19.91 50.06 -14.44
CA TYR D 367 18.89 49.83 -15.45
C TYR D 367 17.98 51.05 -15.63
N LEU D 368 17.81 51.85 -14.58
CA LEU D 368 16.91 53.00 -14.66
C LEU D 368 17.57 54.23 -15.29
N VAL D 369 18.89 54.36 -15.21
CA VAL D 369 19.58 55.54 -15.72
C VAL D 369 20.19 55.31 -17.09
N ALA D 370 20.73 54.11 -17.34
CA ALA D 370 21.39 53.85 -18.61
C ALA D 370 21.44 52.35 -18.89
N PRO D 371 20.44 51.79 -19.57
CA PRO D 371 20.44 50.34 -19.82
C PRO D 371 21.25 49.96 -21.06
N LYS D 372 22.45 50.51 -21.21
CA LYS D 372 23.23 50.27 -22.43
C LYS D 372 24.04 48.98 -22.36
N SER D 373 25.05 48.94 -21.49
CA SER D 373 25.95 47.79 -21.44
C SER D 373 26.08 47.17 -20.06
N ARG D 374 26.32 48.00 -19.04
CA ARG D 374 26.84 47.53 -17.77
C ARG D 374 25.89 46.57 -17.06
N TYR D 375 24.74 47.06 -16.62
CA TYR D 375 23.77 46.21 -15.93
C TYR D 375 22.35 46.43 -16.42
N GLY D 376 22.14 47.17 -17.50
CA GLY D 376 20.81 47.31 -18.06
C GLY D 376 20.27 46.03 -18.64
N LEU D 377 21.15 45.08 -19.00
CA LEU D 377 20.74 43.75 -19.42
C LEU D 377 21.03 42.69 -18.37
N PHE D 378 21.86 42.99 -17.38
CA PHE D 378 22.10 42.04 -16.29
C PHE D 378 20.82 41.78 -15.50
N ILE D 379 20.05 42.84 -15.23
CA ILE D 379 18.77 42.67 -14.56
C ILE D 379 17.75 42.00 -15.45
N ARG D 380 17.95 42.01 -16.77
CA ARG D 380 17.00 41.41 -17.70
C ARG D 380 17.08 39.89 -17.71
N LYS D 381 18.17 39.30 -17.25
CA LYS D 381 18.26 37.85 -17.19
C LYS D 381 17.23 37.31 -16.20
N PRO D 382 16.46 36.29 -16.56
CA PRO D 382 15.37 35.83 -15.68
C PRO D 382 15.84 35.40 -14.30
N PHE D 383 16.99 34.72 -14.20
CA PHE D 383 17.45 34.25 -12.90
C PHE D 383 17.95 35.41 -12.03
N ILE D 384 18.62 36.38 -12.64
CA ILE D 384 19.07 37.55 -11.89
C ILE D 384 17.87 38.39 -11.47
N LYS D 385 16.85 38.51 -12.33
CA LYS D 385 15.66 39.24 -11.99
C LYS D 385 14.90 38.56 -10.86
N PHE D 386 14.85 37.23 -10.85
CA PHE D 386 14.21 36.51 -9.76
C PHE D 386 14.92 36.76 -8.43
N ILE D 387 16.26 36.74 -8.44
CA ILE D 387 17.02 36.95 -7.21
C ILE D 387 16.81 38.37 -6.69
N CYS D 388 16.84 39.36 -7.58
CA CYS D 388 16.66 40.74 -7.15
C CYS D 388 15.25 41.00 -6.64
N HIS D 389 14.24 40.33 -7.19
CA HIS D 389 12.88 40.47 -6.70
C HIS D 389 12.67 39.78 -5.36
N THR D 390 13.45 38.75 -5.06
CA THR D 390 13.35 38.08 -3.77
C THR D 390 14.01 38.90 -2.67
N ALA D 391 15.15 39.53 -2.97
CA ALA D 391 15.83 40.35 -1.98
C ALA D 391 15.02 41.58 -1.62
N SER D 392 14.30 42.16 -2.58
CA SER D 392 13.44 43.29 -2.28
C SER D 392 12.31 42.90 -1.33
N TYR D 393 11.73 41.72 -1.53
CA TYR D 393 10.66 41.27 -0.64
C TYR D 393 11.19 40.89 0.73
N LEU D 394 12.40 40.34 0.79
CA LEU D 394 13.00 40.03 2.08
C LEU D 394 13.34 41.28 2.87
N THR D 395 13.75 42.34 2.17
CA THR D 395 13.98 43.63 2.85
C THR D 395 12.67 44.20 3.38
N PHE D 396 11.58 44.04 2.63
CA PHE D 396 10.28 44.51 3.09
C PHE D 396 9.86 43.80 4.37
N LEU D 397 10.06 42.48 4.44
CA LEU D 397 9.72 41.74 5.64
C LEU D 397 10.58 42.16 6.82
N PHE D 398 11.81 42.59 6.56
CA PHE D 398 12.68 43.04 7.65
C PHE D 398 12.25 44.40 8.18
N LEU D 399 11.65 45.24 7.34
CA LEU D 399 11.14 46.52 7.81
C LEU D 399 9.92 46.34 8.71
N LEU D 400 9.07 45.36 8.41
CA LEU D 400 7.94 45.08 9.28
C LEU D 400 8.36 44.57 10.64
N LEU D 401 9.55 43.97 10.74
CA LEU D 401 10.06 43.52 12.04
C LEU D 401 10.59 44.68 12.87
N LEU D 402 11.09 45.73 12.22
CA LEU D 402 11.61 46.89 12.93
C LEU D 402 10.53 47.86 13.37
N ALA D 403 9.30 47.72 12.86
CA ALA D 403 8.23 48.61 13.26
C ALA D 403 7.80 48.39 14.71
N SER D 404 8.09 47.21 15.27
CA SER D 404 7.72 46.89 16.64
C SER D 404 8.81 47.20 17.66
N GLN D 405 10.00 47.59 17.21
CA GLN D 405 11.06 47.94 18.13
C GLN D 405 10.74 49.26 18.84
N HIS D 406 11.07 49.32 20.13
CA HIS D 406 10.76 50.50 20.92
C HIS D 406 11.60 51.71 20.54
N ILE D 407 12.68 51.53 19.78
CA ILE D 407 13.42 52.67 19.25
C ILE D 407 12.55 53.47 18.29
N VAL D 408 11.82 52.77 17.43
CA VAL D 408 10.92 53.42 16.47
C VAL D 408 9.57 53.69 17.11
N ASN D 411 8.49 56.13 20.36
CA ASN D 411 7.13 56.66 20.20
C ASN D 411 6.31 56.48 21.48
N PRO D 412 5.66 57.54 21.92
CA PRO D 412 4.77 57.46 23.08
C PRO D 412 3.39 56.98 22.66
N ASP D 413 2.47 56.96 23.62
CA ASP D 413 1.09 56.54 23.38
C ASP D 413 0.23 57.79 23.33
N ARG D 414 0.09 58.36 22.13
CA ARG D 414 -0.71 59.55 21.90
C ARG D 414 -1.70 59.28 20.77
N GLN D 415 -2.91 59.81 20.91
CA GLN D 415 -3.94 59.60 19.91
C GLN D 415 -3.60 60.36 18.63
N GLY D 416 -3.80 59.68 17.49
CA GLY D 416 -3.53 60.25 16.20
C GLY D 416 -2.10 60.70 16.02
N PRO D 417 -1.15 59.77 16.01
CA PRO D 417 0.26 60.14 15.88
C PRO D 417 0.67 60.32 14.43
N LYS D 418 1.75 61.08 14.25
CA LYS D 418 2.34 61.22 12.93
C LYS D 418 3.10 59.94 12.57
N PRO D 419 3.11 59.56 11.30
CA PRO D 419 3.82 58.32 10.91
C PRO D 419 5.30 58.38 11.26
N THR D 420 5.82 57.24 11.70
CA THR D 420 7.23 57.15 12.07
C THR D 420 8.10 57.08 10.82
N THR D 421 9.42 57.08 11.04
CA THR D 421 10.35 57.04 9.92
C THR D 421 10.33 55.69 9.23
N VAL D 422 10.01 54.61 9.95
CA VAL D 422 9.98 53.29 9.33
C VAL D 422 8.80 53.16 8.38
N GLU D 423 7.63 53.65 8.78
CA GLU D 423 6.44 53.54 7.94
C GLU D 423 6.60 54.34 6.65
N TRP D 424 7.35 55.44 6.68
CA TRP D 424 7.63 56.19 5.47
C TRP D 424 8.37 55.33 4.46
N MET D 425 9.25 54.44 4.93
CA MET D 425 9.93 53.51 4.05
C MET D 425 9.02 52.36 3.62
N ILE D 426 8.05 51.99 4.45
CA ILE D 426 7.13 50.91 4.11
C ILE D 426 6.17 51.35 3.02
N LEU D 427 5.78 52.63 3.01
CA LEU D 427 4.77 53.10 2.06
C LEU D 427 5.11 52.81 0.60
N PRO D 428 6.34 53.05 0.11
CA PRO D 428 6.61 52.74 -1.31
C PRO D 428 6.39 51.28 -1.69
N TRP D 429 6.71 50.35 -0.80
CA TRP D 429 6.47 48.94 -1.09
C TRP D 429 4.98 48.65 -1.28
N VAL D 430 4.15 49.20 -0.39
CA VAL D 430 2.71 49.00 -0.51
C VAL D 430 2.17 49.64 -1.79
N LEU D 431 2.65 50.84 -2.12
CA LEU D 431 2.22 51.49 -3.35
C LEU D 431 2.62 50.69 -4.57
N GLY D 432 3.83 50.13 -4.57
CA GLY D 432 4.27 49.32 -5.68
C GLY D 432 3.46 48.05 -5.82
N PHE D 433 3.13 47.39 -4.71
CA PHE D 433 2.28 46.21 -4.76
C PHE D 433 0.91 46.54 -5.31
N ILE D 434 0.33 47.66 -4.86
CA ILE D 434 -0.98 48.07 -5.35
C ILE D 434 -0.93 48.36 -6.84
N TRP D 435 0.11 49.06 -7.29
CA TRP D 435 0.24 49.36 -8.72
C TRP D 435 0.40 48.09 -9.54
N THR D 436 1.20 47.13 -9.06
CA THR D 436 1.37 45.87 -9.77
C THR D 436 0.06 45.12 -9.88
N GLU D 437 -0.69 45.05 -8.77
CA GLU D 437 -1.97 44.36 -8.80
C GLU D 437 -2.95 45.06 -9.73
N ILE D 438 -2.93 46.39 -9.74
CA ILE D 438 -3.83 47.14 -10.62
C ILE D 438 -3.50 46.87 -12.08
N LYS D 439 -2.20 46.92 -12.43
CA LYS D 439 -1.82 46.69 -13.82
C LYS D 439 -1.98 45.22 -14.23
N GLN D 440 -2.07 44.31 -13.26
CA GLN D 440 -2.37 42.92 -13.57
C GLN D 440 -3.88 42.63 -13.60
N MET D 441 -4.69 43.50 -13.00
CA MET D 441 -6.13 43.24 -12.93
C MET D 441 -6.77 43.26 -14.31
N TRP D 442 -6.45 44.26 -15.14
CA TRP D 442 -7.16 44.45 -16.39
C TRP D 442 -6.75 43.48 -17.48
N ASP D 443 -5.58 42.83 -17.35
CA ASP D 443 -5.17 41.86 -18.36
C ASP D 443 -6.14 40.68 -18.41
N GLY D 444 -6.55 40.18 -17.25
CA GLY D 444 -7.55 39.12 -17.21
C GLY D 444 -8.99 39.60 -17.28
N GLY D 445 -9.22 40.90 -17.15
CA GLY D 445 -10.57 41.44 -17.20
C GLY D 445 -11.47 40.91 -16.11
N PHE D 446 -10.94 40.70 -14.91
CA PHE D 446 -11.65 40.16 -13.76
C PHE D 446 -12.15 38.73 -13.98
N GLN D 447 -11.79 38.11 -15.10
CA GLN D 447 -12.12 36.72 -15.38
C GLN D 447 -10.87 35.88 -15.20
N ASP D 448 -10.98 34.84 -14.36
CA ASP D 448 -9.88 33.93 -14.04
C ASP D 448 -8.77 34.63 -13.26
N TYR D 449 -8.95 35.92 -12.95
CA TYR D 449 -8.01 36.58 -12.05
C TYR D 449 -8.13 36.03 -10.65
N ILE D 450 -9.34 35.96 -10.12
CA ILE D 450 -9.58 35.31 -8.82
C ILE D 450 -9.86 33.85 -9.13
N HIS D 451 -8.78 33.10 -9.35
CA HIS D 451 -8.87 31.68 -9.66
C HIS D 451 -7.92 30.90 -8.77
N ASP D 452 -6.78 31.50 -8.47
CA ASP D 452 -5.76 30.89 -7.62
C ASP D 452 -5.79 31.52 -6.22
N TRP D 453 -5.22 30.79 -5.28
CA TRP D 453 -5.21 31.24 -3.88
C TRP D 453 -4.41 32.53 -3.71
N TRP D 454 -3.27 32.63 -4.40
CA TRP D 454 -2.35 33.74 -4.19
C TRP D 454 -2.93 35.08 -4.62
N ASN D 455 -3.70 35.13 -5.71
CA ASN D 455 -4.31 36.38 -6.13
C ASN D 455 -5.34 36.89 -5.12
N LEU D 456 -6.16 35.98 -4.58
CA LEU D 456 -7.10 36.36 -3.52
C LEU D 456 -6.36 36.83 -2.28
N MET D 457 -5.28 36.14 -1.91
CA MET D 457 -4.48 36.56 -0.77
C MET D 457 -3.90 37.95 -0.98
N ASP D 458 -3.40 38.22 -2.18
CA ASP D 458 -2.89 39.55 -2.51
C ASP D 458 -3.97 40.60 -2.40
N PHE D 459 -5.17 40.30 -2.90
CA PHE D 459 -6.27 41.25 -2.80
C PHE D 459 -6.62 41.56 -1.35
N VAL D 460 -6.70 40.53 -0.50
CA VAL D 460 -7.03 40.73 0.89
C VAL D 460 -5.95 41.57 1.59
N MET D 461 -4.68 41.25 1.33
CA MET D 461 -3.59 41.99 1.97
C MET D 461 -3.58 43.46 1.53
N ASN D 462 -3.80 43.71 0.23
CA ASN D 462 -3.82 45.07 -0.27
C ASN D 462 -4.99 45.85 0.31
N SER D 463 -6.16 45.22 0.42
CA SER D 463 -7.31 45.88 1.01
C SER D 463 -7.05 46.21 2.48
N LEU D 464 -6.41 45.30 3.21
CA LEU D 464 -6.08 45.58 4.61
C LEU D 464 -5.11 46.73 4.74
N TYR D 465 -4.10 46.78 3.86
CA TYR D 465 -3.15 47.90 3.89
C TYR D 465 -3.84 49.22 3.58
N LEU D 466 -4.74 49.22 2.59
CA LEU D 466 -5.48 50.43 2.25
C LEU D 466 -6.36 50.89 3.41
N ALA D 467 -7.00 49.94 4.09
CA ALA D 467 -7.80 50.28 5.26
C ALA D 467 -6.93 50.87 6.37
N THR D 468 -5.74 50.32 6.56
CA THR D 468 -4.80 50.87 7.54
C THR D 468 -4.47 52.31 7.22
N ILE D 469 -4.14 52.59 5.96
CA ILE D 469 -3.79 53.95 5.56
C ILE D 469 -4.98 54.89 5.77
N SER D 470 -6.18 54.45 5.39
CA SER D 470 -7.36 55.28 5.55
C SER D 470 -7.63 55.61 7.01
N LEU D 471 -7.56 54.59 7.89
CA LEU D 471 -7.82 54.83 9.30
C LEU D 471 -6.75 55.73 9.91
N LYS D 472 -5.48 55.54 9.52
CA LYS D 472 -4.42 56.40 10.03
C LYS D 472 -4.60 57.84 9.58
N ILE D 473 -5.10 58.04 8.36
CA ILE D 473 -5.37 59.40 7.89
C ILE D 473 -6.53 60.00 8.68
N VAL D 474 -7.60 59.23 8.91
CA VAL D 474 -8.76 59.75 9.62
C VAL D 474 -8.40 60.13 11.05
N ALA D 475 -7.63 59.27 11.73
CA ALA D 475 -7.32 59.52 13.14
C ALA D 475 -6.42 60.72 13.37
N TYR D 476 -5.73 61.21 12.32
CA TYR D 476 -4.79 62.31 12.51
C TYR D 476 -5.48 63.67 12.59
N VAL D 477 -6.60 63.85 11.87
CA VAL D 477 -7.21 65.17 11.75
C VAL D 477 -8.39 65.36 12.71
N LYS D 478 -8.91 64.29 13.31
CA LYS D 478 -10.06 64.39 14.19
C LYS D 478 -9.74 64.02 15.63
N TYR D 479 -9.25 62.81 15.87
CA TYR D 479 -8.96 62.34 17.23
C TYR D 479 -7.48 62.54 17.55
N SER D 480 -7.14 63.81 17.75
CA SER D 480 -5.77 64.18 18.09
C SER D 480 -5.64 64.31 19.61
N GLY D 481 -4.48 64.78 20.07
CA GLY D 481 -4.23 64.98 21.48
C GLY D 481 -3.42 63.86 22.09
N CYS D 482 -3.15 64.02 23.39
CA CYS D 482 -2.40 63.04 24.17
C CYS D 482 -3.23 62.59 25.36
N LYS D 483 -3.20 61.29 25.64
CA LYS D 483 -3.99 60.71 26.71
C LYS D 483 -3.39 59.36 27.07
N PRO D 484 -3.44 58.94 28.33
CA PRO D 484 -2.99 57.59 28.69
C PRO D 484 -3.78 56.53 27.94
N ARG D 485 -3.08 55.48 27.51
CA ARG D 485 -3.72 54.46 26.69
C ARG D 485 -4.73 53.63 27.48
N ASP D 486 -4.59 53.55 28.80
CA ASP D 486 -5.58 52.84 29.61
C ASP D 486 -6.92 53.55 29.64
N THR D 487 -6.95 54.86 29.39
CA THR D 487 -8.18 55.62 29.40
C THR D 487 -8.85 55.72 28.03
N TRP D 488 -8.21 55.20 26.98
CA TRP D 488 -8.83 55.21 25.66
C TRP D 488 -10.05 54.32 25.62
N GLU D 489 -11.02 54.69 24.79
CA GLU D 489 -12.22 53.90 24.58
C GLU D 489 -12.00 52.95 23.41
N MET D 490 -12.35 51.68 23.60
CA MET D 490 -12.21 50.71 22.53
C MET D 490 -13.15 51.06 21.39
N TRP D 491 -12.74 50.68 20.17
CA TRP D 491 -13.20 51.16 18.86
C TRP D 491 -12.57 52.50 18.51
N HIS D 492 -11.54 52.93 19.23
CA HIS D 492 -10.81 54.12 18.83
C HIS D 492 -10.13 53.88 17.49
N PRO D 493 -10.13 54.86 16.58
CA PRO D 493 -9.50 54.64 15.27
C PRO D 493 -8.04 54.25 15.35
N THR D 494 -7.30 54.83 16.30
CA THR D 494 -5.88 54.49 16.46
C THR D 494 -5.68 53.04 16.86
N LEU D 495 -6.67 52.41 17.48
CA LEU D 495 -6.58 51.00 17.83
C LEU D 495 -6.96 50.08 16.67
N VAL D 496 -8.02 50.43 15.95
CA VAL D 496 -8.43 49.63 14.79
C VAL D 496 -7.38 49.68 13.70
N ALA D 497 -6.73 50.84 13.50
CA ALA D 497 -5.66 50.91 12.51
C ALA D 497 -4.49 49.99 12.85
N GLU D 498 -4.06 49.97 14.11
CA GLU D 498 -2.99 49.07 14.53
C GLU D 498 -3.39 47.61 14.43
N ALA D 499 -4.64 47.27 14.79
CA ALA D 499 -5.09 45.89 14.65
C ALA D 499 -5.08 45.45 13.19
N VAL D 500 -5.60 46.30 12.30
CA VAL D 500 -5.66 45.96 10.88
C VAL D 500 -4.26 45.84 10.30
N PHE D 501 -3.34 46.71 10.73
CA PHE D 501 -1.95 46.59 10.31
C PHE D 501 -1.32 45.29 10.80
N ALA D 502 -1.63 44.89 12.04
CA ALA D 502 -1.08 43.65 12.58
C ALA D 502 -1.58 42.44 11.81
N ILE D 503 -2.87 42.42 11.45
CA ILE D 503 -3.39 41.30 10.68
C ILE D 503 -2.75 41.26 9.28
N ALA D 504 -2.46 42.42 8.69
CA ALA D 504 -1.90 42.44 7.35
C ALA D 504 -0.47 41.92 7.30
N ASN D 505 0.27 41.97 8.40
CA ASN D 505 1.64 41.50 8.41
C ASN D 505 1.71 39.98 8.33
N ILE D 506 0.68 39.28 8.81
CA ILE D 506 0.68 37.82 8.74
C ILE D 506 0.54 37.36 7.30
N PHE D 507 -0.31 38.04 6.51
CA PHE D 507 -0.55 37.62 5.14
C PHE D 507 0.65 37.89 4.25
N SER D 508 1.35 39.01 4.48
CA SER D 508 2.50 39.35 3.65
C SER D 508 3.70 38.43 3.90
N SER D 509 3.82 37.87 5.09
CA SER D 509 4.90 36.92 5.37
C SER D 509 4.58 35.51 4.92
N LEU D 510 3.30 35.14 4.89
CA LEU D 510 2.88 33.84 4.37
C LEU D 510 2.94 33.79 2.85
N ARG D 511 3.07 34.93 2.18
CA ARG D 511 3.21 34.98 0.72
C ARG D 511 4.54 34.39 0.26
N LEU D 512 5.50 34.19 1.18
CA LEU D 512 6.80 33.63 0.83
C LEU D 512 6.72 32.15 0.48
N ILE D 513 5.56 31.50 0.70
CA ILE D 513 5.42 30.09 0.36
C ILE D 513 5.51 29.90 -1.16
N SER D 514 5.00 30.86 -1.93
CA SER D 514 4.93 30.70 -3.38
C SER D 514 6.30 30.65 -4.04
N LEU D 515 7.37 31.00 -3.34
CA LEU D 515 8.71 30.93 -3.87
C LEU D 515 9.34 29.55 -3.70
N PHE D 516 8.64 28.61 -3.08
CA PHE D 516 9.18 27.28 -2.84
C PHE D 516 9.19 26.40 -4.09
N THR D 517 8.38 26.75 -5.11
CA THR D 517 8.32 25.93 -6.31
C THR D 517 9.58 26.01 -7.15
N ALA D 518 10.47 26.95 -6.88
CA ALA D 518 11.70 27.10 -7.65
C ALA D 518 12.82 26.20 -7.15
N ASN D 519 12.60 25.46 -6.07
CA ASN D 519 13.62 24.59 -5.49
C ASN D 519 13.32 23.13 -5.84
N SER D 520 14.38 22.35 -6.05
CA SER D 520 14.21 20.96 -6.44
C SER D 520 13.72 20.10 -5.28
N HIS D 521 14.07 20.47 -4.06
CA HIS D 521 13.69 19.69 -2.88
C HIS D 521 12.43 20.21 -2.19
N LEU D 522 12.30 21.52 -2.04
CA LEU D 522 11.11 22.11 -1.43
C LEU D 522 9.97 22.28 -2.42
N GLY D 523 10.21 22.06 -3.71
CA GLY D 523 9.19 22.23 -4.72
C GLY D 523 8.12 21.16 -4.67
N PRO D 524 8.50 19.90 -4.91
CA PRO D 524 7.50 18.82 -4.89
C PRO D 524 6.78 18.69 -3.56
N LEU D 525 7.46 19.00 -2.45
CA LEU D 525 6.81 18.94 -1.15
C LEU D 525 5.66 19.95 -1.05
N GLN D 526 5.88 21.17 -1.55
CA GLN D 526 4.84 22.19 -1.46
C GLN D 526 3.64 21.87 -2.33
N ILE D 527 3.87 21.23 -3.49
CA ILE D 527 2.76 20.86 -4.36
C ILE D 527 1.90 19.79 -3.71
N SER D 528 2.53 18.78 -3.12
CA SER D 528 1.78 17.74 -2.42
C SER D 528 1.14 18.26 -1.14
N LEU D 529 1.65 19.36 -0.59
CA LEU D 529 1.11 19.96 0.62
C LEU D 529 -0.04 20.91 0.35
N GLY D 530 -0.33 21.22 -0.91
CA GLY D 530 -1.41 22.13 -1.24
C GLY D 530 -2.56 21.43 -1.95
N ARG D 531 -2.29 20.26 -2.52
CA ARG D 531 -3.35 19.48 -3.16
C ARG D 531 -4.13 18.62 -2.18
N MET D 532 -3.53 18.25 -1.05
CA MET D 532 -4.26 17.60 0.03
C MET D 532 -4.82 18.59 1.03
N LEU D 533 -4.54 19.89 0.86
CA LEU D 533 -5.18 20.91 1.68
C LEU D 533 -6.66 21.01 1.35
N LEU D 534 -7.01 20.90 0.07
CA LEU D 534 -8.42 20.84 -0.32
C LEU D 534 -9.10 19.57 0.20
N ASP D 535 -8.32 18.53 0.47
CA ASP D 535 -8.87 17.32 1.07
C ASP D 535 -9.30 17.57 2.51
N ILE D 536 -8.53 18.39 3.24
CA ILE D 536 -8.88 18.71 4.63
C ILE D 536 -10.16 19.52 4.69
N LEU D 537 -10.37 20.41 3.72
CA LEU D 537 -11.49 21.35 3.76
C LEU D 537 -12.84 20.65 3.73
N LYS D 538 -12.89 19.38 3.33
CA LYS D 538 -14.15 18.65 3.32
C LYS D 538 -14.48 18.04 4.68
N PHE D 539 -13.48 17.68 5.47
CA PHE D 539 -13.71 17.22 6.84
C PHE D 539 -14.05 18.34 7.81
N LEU D 540 -13.82 19.59 7.43
N LEU D 540 -13.82 19.59 7.43
CA LEU D 540 -14.17 20.71 8.29
CA LEU D 540 -14.17 20.71 8.29
C LEU D 540 -15.63 21.11 8.17
C LEU D 540 -15.63 21.11 8.17
N PHE D 541 -16.37 20.50 7.26
CA PHE D 541 -17.81 20.69 7.19
C PHE D 541 -18.55 19.91 8.27
N ILE D 542 -18.03 18.74 8.65
CA ILE D 542 -18.65 17.93 9.69
C ILE D 542 -18.27 18.45 11.07
N TYR D 543 -17.06 18.96 11.23
CA TYR D 543 -16.65 19.53 12.51
C TYR D 543 -17.52 20.72 12.88
N CYS D 544 -17.85 21.56 11.90
CA CYS D 544 -18.73 22.70 12.16
C CYS D 544 -20.10 22.23 12.63
N LEU D 545 -20.64 21.19 11.99
CA LEU D 545 -21.94 20.67 12.39
C LEU D 545 -21.92 20.10 13.79
N VAL D 546 -20.86 19.34 14.13
CA VAL D 546 -20.75 18.77 15.47
C VAL D 546 -20.61 19.86 16.51
N LEU D 547 -19.78 20.87 16.21
CA LEU D 547 -19.58 21.98 17.14
C LEU D 547 -20.88 22.73 17.38
N LEU D 548 -21.63 23.01 16.30
CA LEU D 548 -22.91 23.70 16.45
C LEU D 548 -23.90 22.85 17.25
N ALA D 549 -23.94 21.54 16.98
CA ALA D 549 -24.86 20.66 17.69
C ALA D 549 -24.58 20.64 19.19
N PHE D 550 -23.31 20.56 19.57
CA PHE D 550 -22.98 20.51 20.99
C PHE D 550 -23.08 21.87 21.68
N ALA D 551 -22.76 22.96 20.98
CA ALA D 551 -22.97 24.29 21.56
C ALA D 551 -24.44 24.65 21.68
N ASN D 552 -25.31 24.05 20.86
CA ASN D 552 -26.74 24.22 21.03
C ASN D 552 -27.20 23.65 22.37
N GLY D 553 -26.70 22.47 22.73
CA GLY D 553 -27.13 21.81 23.95
C GLY D 553 -26.41 22.24 25.22
N LEU D 554 -25.21 22.79 25.11
CA LEU D 554 -24.52 23.25 26.31
C LEU D 554 -25.05 24.60 26.80
N ASN D 555 -25.19 25.56 25.88
CA ASN D 555 -25.71 26.87 26.26
C ASN D 555 -27.15 26.78 26.77
N GLN D 556 -27.97 25.95 26.11
CA GLN D 556 -29.36 25.81 26.53
C GLN D 556 -29.47 25.35 27.98
N LEU D 557 -28.52 24.56 28.45
CA LEU D 557 -28.51 24.09 29.83
C LEU D 557 -27.87 25.09 30.78
N TYR D 558 -26.81 25.77 30.36
CA TYR D 558 -26.03 26.60 31.27
C TYR D 558 -26.34 28.09 31.21
N PHE D 559 -27.32 28.51 30.40
CA PHE D 559 -27.56 29.94 30.27
C PHE D 559 -28.29 30.54 31.47
N TYR D 560 -29.09 29.74 32.18
CA TYR D 560 -29.86 30.26 33.31
C TYR D 560 -29.00 30.51 34.55
N TYR D 561 -27.74 30.08 34.56
CA TYR D 561 -26.88 30.20 35.72
C TYR D 561 -25.86 31.33 35.57
N GLU D 562 -26.04 32.22 34.61
CA GLU D 562 -25.09 33.30 34.40
C GLU D 562 -25.07 34.24 35.61
N ASN D 563 -23.86 34.60 36.03
CA ASN D 563 -23.68 35.54 37.13
C ASN D 563 -22.35 36.25 36.98
N SER D 564 -22.31 37.51 37.40
CA SER D 564 -21.10 38.33 37.30
C SER D 564 -20.92 39.17 38.55
N GLU D 565 -21.18 38.58 39.71
CA GLU D 565 -21.04 39.29 40.98
C GLU D 565 -19.59 39.20 41.45
N GLY D 566 -19.02 40.34 41.83
CA GLY D 566 -17.65 40.37 42.31
C GLY D 566 -16.64 39.82 41.33
N MET D 567 -16.81 40.11 40.04
CA MET D 567 -15.99 39.52 38.98
C MET D 567 -15.48 40.63 38.08
N THR D 568 -14.16 40.86 38.10
CA THR D 568 -13.55 41.79 37.15
C THR D 568 -13.41 41.20 35.76
N CYS D 569 -13.47 39.88 35.63
CA CYS D 569 -13.41 39.19 34.35
C CYS D 569 -14.72 38.48 34.08
N LYS D 570 -15.01 38.29 32.79
CA LYS D 570 -16.21 37.57 32.36
C LYS D 570 -15.85 36.79 31.10
N GLY D 571 -15.51 35.52 31.27
CA GLY D 571 -15.17 34.68 30.15
C GLY D 571 -14.11 33.67 30.54
N ILE D 572 -13.58 32.99 29.52
CA ILE D 572 -12.58 31.94 29.72
C ILE D 572 -11.15 32.44 29.60
N ARG D 573 -10.94 33.67 29.12
CA ARG D 573 -9.59 34.19 28.89
C ARG D 573 -9.12 35.02 30.09
N CYS D 574 -9.09 34.38 31.25
CA CYS D 574 -8.49 34.96 32.45
C CYS D 574 -8.13 33.82 33.40
N GLU D 575 -7.46 34.18 34.49
CA GLU D 575 -6.89 33.17 35.40
C GLU D 575 -7.98 32.31 36.02
N ARG D 576 -9.08 32.92 36.47
CA ARG D 576 -10.23 32.19 36.97
C ARG D 576 -11.29 32.19 35.88
N GLN D 577 -11.35 31.08 35.14
CA GLN D 577 -12.29 30.96 34.04
C GLN D 577 -13.72 30.82 34.57
N ASN D 578 -14.64 31.59 34.03
CA ASN D 578 -16.02 31.59 34.47
C ASN D 578 -16.92 31.95 33.29
N ASN D 579 -18.20 31.60 33.43
CA ASN D 579 -19.22 31.85 32.40
C ASN D 579 -18.78 31.28 31.06
N ALA D 580 -18.28 30.05 31.10
CA ALA D 580 -17.81 29.40 29.88
C ALA D 580 -18.96 29.06 28.95
N PHE D 581 -20.12 28.70 29.49
CA PHE D 581 -21.25 28.25 28.69
C PHE D 581 -22.48 29.14 28.91
N SER D 582 -22.26 30.39 29.32
CA SER D 582 -23.35 31.29 29.64
C SER D 582 -23.93 32.00 28.43
N THR D 583 -23.26 31.95 27.28
CA THR D 583 -23.78 32.56 26.07
C THR D 583 -23.25 31.80 24.87
N LEU D 584 -23.96 31.94 23.73
CA LEU D 584 -23.62 31.17 22.54
C LEU D 584 -22.24 31.52 22.02
N PHE D 585 -21.88 32.81 22.05
CA PHE D 585 -20.57 33.22 21.55
C PHE D 585 -19.45 32.60 22.39
N GLU D 586 -19.56 32.68 23.72
CA GLU D 586 -18.53 32.10 24.57
C GLU D 586 -18.62 30.57 24.62
N THR D 587 -19.81 30.00 24.40
CA THR D 587 -19.90 28.55 24.29
C THR D 587 -19.17 28.06 23.05
N LEU D 588 -19.29 28.78 21.93
CA LEU D 588 -18.54 28.43 20.74
C LEU D 588 -17.05 28.67 20.92
N GLN D 589 -16.68 29.73 21.64
CA GLN D 589 -15.26 29.99 21.89
C GLN D 589 -14.63 28.91 22.76
N SER D 590 -15.32 28.51 23.82
CA SER D 590 -14.75 27.57 24.79
C SER D 590 -14.80 26.13 24.33
N LEU D 591 -15.62 25.81 23.34
CA LEU D 591 -15.63 24.47 22.76
C LEU D 591 -14.56 24.28 21.70
N PHE D 592 -13.92 25.36 21.27
CA PHE D 592 -12.80 25.31 20.33
C PHE D 592 -11.46 25.24 21.04
N TRP D 593 -11.32 25.96 22.15
CA TRP D 593 -10.09 25.93 22.92
C TRP D 593 -9.91 24.61 23.66
N SER D 594 -10.97 23.82 23.81
CA SER D 594 -10.87 22.52 24.47
C SER D 594 -10.21 21.47 23.59
N ILE D 595 -10.06 21.73 22.29
CA ILE D 595 -9.35 20.80 21.42
C ILE D 595 -7.88 20.75 21.81
N PHE D 596 -7.32 21.87 22.25
CA PHE D 596 -5.92 21.95 22.66
C PHE D 596 -5.75 21.81 24.17
N GLY D 597 -6.83 21.50 24.89
CA GLY D 597 -6.75 21.30 26.33
C GLY D 597 -6.42 22.55 27.13
N LEU D 598 -6.96 23.70 26.72
CA LEU D 598 -6.72 24.96 27.41
C LEU D 598 -7.89 25.38 28.29
N ILE D 599 -8.88 24.52 28.47
CA ILE D 599 -10.05 24.82 29.29
C ILE D 599 -10.05 23.85 30.47
N SER D 600 -10.08 24.41 31.68
CA SER D 600 -10.04 23.62 32.89
C SER D 600 -11.38 22.92 33.15
N LEU D 601 -11.37 21.96 34.08
CA LEU D 601 -12.54 21.14 34.35
C LEU D 601 -13.53 21.80 35.30
N TYR D 602 -13.16 22.86 35.99
CA TYR D 602 -14.08 23.48 36.95
C TYR D 602 -15.02 24.48 36.30
N VAL D 603 -14.88 24.74 34.99
CA VAL D 603 -15.80 25.62 34.29
C VAL D 603 -17.19 25.01 34.13
N THR D 604 -17.33 23.71 34.39
CA THR D 604 -18.61 23.02 34.32
C THR D 604 -19.35 23.02 35.66
N ASN D 605 -19.07 24.01 36.51
CA ASN D 605 -19.67 24.10 37.84
C ASN D 605 -20.51 25.37 37.93
N VAL D 606 -21.49 25.34 38.83
CA VAL D 606 -22.38 26.47 39.05
C VAL D 606 -22.41 26.77 40.54
N LYS D 607 -22.74 28.03 40.87
CA LYS D 607 -22.83 28.47 42.26
C LYS D 607 -24.18 28.05 42.79
N ALA D 608 -24.29 26.76 43.09
CA ALA D 608 -25.52 26.15 43.60
C ALA D 608 -25.19 24.73 44.03
N ASP D 609 -26.20 24.07 44.61
CA ASP D 609 -26.07 22.68 45.03
C ASP D 609 -26.66 21.71 44.02
N HIS D 610 -27.03 22.19 42.84
CA HIS D 610 -27.59 21.31 41.81
C HIS D 610 -26.49 20.44 41.21
N LYS D 611 -26.33 19.23 41.75
CA LYS D 611 -25.29 18.32 41.31
C LYS D 611 -25.72 17.41 40.19
N PHE D 612 -26.96 17.55 39.69
CA PHE D 612 -27.43 16.75 38.57
C PHE D 612 -27.22 17.46 37.24
N THR D 613 -27.45 18.77 37.20
CA THR D 613 -27.16 19.53 35.99
C THR D 613 -25.66 19.65 35.74
N GLU D 614 -24.87 19.75 36.81
CA GLU D 614 -23.41 19.80 36.66
C GLU D 614 -22.89 18.52 36.01
N PHE D 615 -23.39 17.37 36.47
CA PHE D 615 -22.95 16.10 35.89
C PHE D 615 -23.38 15.98 34.43
N VAL D 616 -24.59 16.46 34.10
CA VAL D 616 -25.06 16.41 32.72
C VAL D 616 -24.20 17.28 31.83
N GLY D 617 -23.87 18.48 32.29
CA GLY D 617 -22.99 19.36 31.51
C GLY D 617 -21.60 18.77 31.33
N ALA D 618 -21.05 18.18 32.40
CA ALA D 618 -19.75 17.53 32.30
C ALA D 618 -19.79 16.37 31.34
N THR D 619 -20.90 15.61 31.32
CA THR D 619 -21.03 14.50 30.39
C THR D 619 -21.11 14.99 28.95
N MET D 620 -21.83 16.09 28.71
CA MET D 620 -21.84 16.67 27.36
C MET D 620 -20.44 17.10 26.95
N PHE D 621 -19.71 17.76 27.85
CA PHE D 621 -18.36 18.20 27.53
C PHE D 621 -17.46 17.00 27.23
N GLY D 622 -17.56 15.95 28.03
CA GLY D 622 -16.76 14.76 27.80
C GLY D 622 -17.11 14.05 26.50
N THR D 623 -18.40 13.97 26.19
CA THR D 623 -18.82 13.35 24.94
C THR D 623 -18.33 14.14 23.74
N TYR D 624 -18.38 15.47 23.82
CA TYR D 624 -17.80 16.29 22.76
C TYR D 624 -16.30 16.05 22.64
N ASN D 625 -15.61 15.93 23.78
CA ASN D 625 -14.17 15.68 23.74
C ASN D 625 -13.87 14.32 23.12
N VAL D 626 -14.72 13.32 23.36
CA VAL D 626 -14.47 11.98 22.83
C VAL D 626 -14.54 12.00 21.31
N ILE D 627 -15.71 12.33 20.76
CA ILE D 627 -15.79 12.41 19.30
C ILE D 627 -15.46 13.83 18.85
N SER D 628 -14.21 14.22 19.06
CA SER D 628 -13.54 15.27 18.31
C SER D 628 -12.05 14.98 18.08
N LEU D 629 -11.42 14.19 18.94
CA LEU D 629 -10.00 13.87 18.90
C LEU D 629 -9.74 12.40 18.71
N VAL D 630 -10.37 11.55 19.53
CA VAL D 630 -10.18 10.11 19.41
C VAL D 630 -10.80 9.58 18.14
N VAL D 631 -11.94 10.14 17.73
CA VAL D 631 -12.71 9.64 16.59
C VAL D 631 -12.57 10.56 15.37
N LEU D 632 -13.01 11.80 15.50
CA LEU D 632 -13.11 12.67 14.32
C LEU D 632 -11.75 13.09 13.80
N LEU D 633 -10.79 13.34 14.68
CA LEU D 633 -9.44 13.74 14.26
C LEU D 633 -8.55 12.56 13.93
N ASN D 634 -9.04 11.32 14.12
CA ASN D 634 -8.28 10.14 13.74
C ASN D 634 -8.57 9.70 12.31
N MET D 635 -9.81 9.89 11.84
CA MET D 635 -10.12 9.62 10.44
C MET D 635 -9.70 10.76 9.52
N LEU D 636 -9.34 11.91 10.07
CA LEU D 636 -8.78 12.96 9.24
C LEU D 636 -7.41 12.57 8.71
N ILE D 637 -6.61 11.90 9.54
CA ILE D 637 -5.30 11.43 9.10
C ILE D 637 -5.36 10.07 8.43
N ALA D 638 -6.44 9.32 8.63
CA ALA D 638 -6.59 8.02 7.97
C ALA D 638 -6.81 8.21 6.47
N MET D 639 -7.59 9.22 6.08
CA MET D 639 -7.83 9.50 4.68
C MET D 639 -6.75 10.38 4.07
N MET D 640 -6.04 11.16 4.89
CA MET D 640 -4.90 11.92 4.39
C MET D 640 -3.80 11.00 3.88
N ASN D 641 -3.61 9.87 4.57
CA ASN D 641 -2.60 8.91 4.15
C ASN D 641 -2.94 8.32 2.78
N ASN D 642 -4.21 7.98 2.57
CA ASN D 642 -4.63 7.29 1.35
C ASN D 642 -4.99 8.23 0.22
N SER D 643 -5.00 9.54 0.46
CA SER D 643 -5.10 10.51 -0.62
C SER D 643 -3.74 11.09 -1.01
N TYR D 644 -2.73 10.95 -0.14
CA TYR D 644 -1.37 11.31 -0.49
C TYR D 644 -0.75 10.29 -1.44
N GLN D 645 -1.23 9.05 -1.44
CA GLN D 645 -0.70 8.04 -2.35
C GLN D 645 -1.01 8.38 -3.80
N HIS D 646 -2.24 8.83 -4.08
CA HIS D 646 -2.59 9.21 -5.44
C HIS D 646 -1.96 10.54 -5.84
N ILE D 647 -1.84 11.47 -4.91
CA ILE D 647 -1.24 12.77 -5.22
C ILE D 647 0.23 12.60 -5.58
N ALA D 648 0.96 11.78 -4.81
CA ALA D 648 2.38 11.60 -5.06
C ALA D 648 2.67 10.74 -6.28
N ASP D 649 1.66 10.09 -6.86
CA ASP D 649 1.87 9.27 -8.04
C ASP D 649 2.37 10.12 -9.20
N HIS D 650 1.54 11.06 -9.67
CA HIS D 650 1.96 12.04 -10.67
C HIS D 650 2.22 13.37 -9.97
N ALA D 651 3.38 13.47 -9.34
CA ALA D 651 3.77 14.67 -8.61
C ALA D 651 4.98 15.37 -9.22
N ASP D 652 5.58 14.80 -10.26
CA ASP D 652 6.71 15.43 -10.93
C ASP D 652 6.30 16.24 -12.16
N ILE D 653 5.13 15.97 -12.73
CA ILE D 653 4.65 16.77 -13.84
C ILE D 653 3.97 18.03 -13.33
N GLU D 654 3.26 17.94 -12.20
CA GLU D 654 2.60 19.11 -11.64
C GLU D 654 3.62 20.12 -11.12
N TRP D 655 4.66 19.65 -10.43
CA TRP D 655 5.69 20.56 -9.94
C TRP D 655 6.41 21.25 -11.10
N LYS D 656 6.71 20.50 -12.16
CA LYS D 656 7.38 21.10 -13.31
C LYS D 656 6.47 22.08 -14.04
N PHE D 657 5.17 21.78 -14.11
CA PHE D 657 4.22 22.74 -14.67
C PHE D 657 4.21 24.04 -13.88
N ALA D 658 4.16 23.93 -12.55
CA ALA D 658 4.19 25.11 -11.71
C ALA D 658 5.49 25.88 -11.86
N ARG D 659 6.61 25.17 -11.94
CA ARG D 659 7.91 25.83 -12.07
C ARG D 659 8.03 26.54 -13.41
N THR D 660 7.51 25.94 -14.48
CA THR D 660 7.53 26.61 -15.78
C THR D 660 6.64 27.84 -15.78
N LYS D 661 5.48 27.76 -15.12
CA LYS D 661 4.61 28.93 -15.00
C LYS D 661 5.31 30.04 -14.22
N LEU D 662 6.05 29.69 -13.16
CA LEU D 662 6.82 30.68 -12.42
C LEU D 662 7.95 31.25 -13.26
N TRP D 663 8.61 30.40 -14.07
CA TRP D 663 9.73 30.85 -14.87
C TRP D 663 9.31 31.85 -15.93
N MET D 664 8.27 31.51 -16.71
CA MET D 664 7.90 32.38 -17.83
C MET D 664 7.29 33.69 -17.38
N SER D 665 6.96 33.84 -16.10
CA SER D 665 6.52 35.14 -15.60
C SER D 665 7.66 36.14 -15.52
N TYR D 666 8.91 35.70 -15.69
CA TYR D 666 10.07 36.57 -15.67
C TYR D 666 10.72 36.71 -17.04
N PHE D 667 10.24 35.98 -18.05
CA PHE D 667 10.85 36.06 -19.37
C PHE D 667 10.54 37.38 -20.07
N GLU D 668 9.28 37.80 -20.01
CA GLU D 668 8.83 38.97 -20.76
C GLU D 668 9.32 40.27 -20.10
N GLU D 669 9.17 41.36 -20.84
CA GLU D 669 9.50 42.70 -20.36
C GLU D 669 8.25 43.34 -19.78
N GLY D 670 8.41 44.04 -18.66
CA GLY D 670 7.29 44.59 -17.94
C GLY D 670 7.19 44.00 -16.55
N GLY D 671 7.46 44.82 -15.54
CA GLY D 671 7.58 44.32 -14.18
C GLY D 671 8.99 43.88 -13.81
N THR D 672 10.00 44.32 -14.56
CA THR D 672 11.38 43.96 -14.29
C THR D 672 12.02 44.83 -13.21
N LEU D 673 11.30 45.85 -12.72
CA LEU D 673 11.80 46.70 -11.65
C LEU D 673 11.23 46.27 -10.33
N PRO D 674 12.02 46.20 -9.27
CA PRO D 674 11.53 45.74 -7.97
C PRO D 674 10.50 46.70 -7.40
N PRO D 675 9.62 46.22 -6.52
CA PRO D 675 8.55 47.06 -5.97
C PRO D 675 9.06 48.32 -5.28
N PRO D 676 10.23 48.30 -4.61
CA PRO D 676 10.76 49.57 -4.08
C PRO D 676 10.92 50.65 -5.15
N PHE D 677 11.39 50.27 -6.33
CA PHE D 677 11.46 51.18 -7.47
C PHE D 677 10.17 51.03 -8.29
N ASN D 678 10.17 51.57 -9.51
CA ASN D 678 9.09 51.55 -10.51
C ASN D 678 7.97 52.52 -10.16
N ILE D 679 8.00 53.18 -9.00
CA ILE D 679 6.98 54.17 -8.65
C ILE D 679 7.50 55.56 -8.99
N ASN D 718 2.70 35.98 -42.69
CA ASN D 718 3.30 34.67 -42.41
C ASN D 718 3.45 33.86 -43.69
N VAL D 719 4.19 34.42 -44.66
CA VAL D 719 4.36 33.74 -45.94
C VAL D 719 5.46 32.69 -45.84
N ARG D 720 6.69 33.12 -45.53
CA ARG D 720 7.82 32.20 -45.37
C ARG D 720 7.91 31.70 -43.93
N LEU D 721 6.79 31.23 -43.40
CA LEU D 721 6.74 30.72 -42.03
C LEU D 721 5.99 29.40 -41.88
N ASN D 722 5.11 29.03 -42.81
CA ASN D 722 4.29 27.84 -42.67
C ASN D 722 4.86 26.61 -43.37
N HIS D 723 5.66 26.79 -44.42
CA HIS D 723 6.19 25.65 -45.16
C HIS D 723 7.14 24.82 -44.31
N GLN D 724 8.03 25.49 -43.57
CA GLN D 724 8.96 24.77 -42.70
C GLN D 724 8.20 24.03 -41.61
N TYR D 725 7.19 24.67 -41.01
CA TYR D 725 6.39 24.02 -39.99
C TYR D 725 5.64 22.82 -40.57
N GLN D 726 5.13 22.94 -41.78
CA GLN D 726 4.41 21.82 -42.40
C GLN D 726 5.35 20.65 -42.69
N GLU D 727 6.57 20.93 -43.16
CA GLU D 727 7.53 19.87 -43.38
C GLU D 727 7.91 19.18 -42.07
N VAL D 728 8.13 19.97 -41.02
CA VAL D 728 8.46 19.40 -39.71
C VAL D 728 7.32 18.53 -39.21
N LEU D 729 6.08 19.01 -39.37
CA LEU D 729 4.91 18.25 -38.93
C LEU D 729 4.77 16.95 -39.71
N ARG D 730 5.00 17.00 -41.03
CA ARG D 730 4.94 15.78 -41.84
C ARG D 730 5.96 14.77 -41.35
N ASN D 731 7.20 15.22 -41.11
CA ASN D 731 8.22 14.31 -40.63
C ASN D 731 7.85 13.73 -39.27
N LEU D 732 7.34 14.57 -38.37
CA LEU D 732 6.98 14.10 -37.03
C LEU D 732 5.87 13.06 -37.09
N VAL D 733 4.85 13.31 -37.91
CA VAL D 733 3.75 12.35 -38.04
C VAL D 733 4.25 11.05 -38.65
N LYS D 734 5.13 11.13 -39.65
CA LYS D 734 5.66 9.92 -40.26
C LYS D 734 6.46 9.10 -39.25
N ARG D 735 7.31 9.74 -38.45
CA ARG D 735 8.04 9.02 -37.42
C ARG D 735 7.09 8.43 -36.38
N TYR D 736 6.04 9.17 -36.02
CA TYR D 736 5.09 8.66 -35.03
C TYR D 736 4.38 7.40 -35.53
N VAL D 737 3.93 7.41 -36.79
CA VAL D 737 3.26 6.23 -37.31
C VAL D 737 4.24 5.07 -37.47
N ALA D 738 5.48 5.37 -37.86
CA ALA D 738 6.50 4.32 -37.96
C ALA D 738 6.76 3.68 -36.62
N ALA D 739 6.76 4.48 -35.54
CA ALA D 739 6.96 3.92 -34.22
C ALA D 739 5.72 3.17 -33.73
N MET D 740 4.52 3.66 -34.05
CA MET D 740 3.31 3.04 -33.52
C MET D 740 2.99 1.72 -34.21
N ILE D 741 3.40 1.55 -35.47
CA ILE D 741 3.17 0.25 -36.11
C ILE D 741 4.05 -0.82 -35.46
N ARG D 742 5.28 -0.46 -35.06
CA ARG D 742 6.15 -1.40 -34.39
C ARG D 742 5.75 -1.62 -32.93
N ASP D 743 5.18 -0.60 -32.28
CA ASP D 743 4.76 -0.76 -30.90
C ASP D 743 3.61 -1.74 -30.74
N ALA D 744 2.92 -2.09 -31.82
CA ALA D 744 1.80 -3.02 -31.77
C ALA D 744 2.06 -4.30 -32.55
N LYS D 745 2.57 -4.20 -33.78
CA LYS D 745 2.81 -5.39 -34.59
C LYS D 745 3.92 -6.27 -34.02
N THR D 746 4.78 -5.72 -33.16
CA THR D 746 5.84 -6.48 -32.53
C THR D 746 5.56 -6.84 -31.09
N GLU D 747 4.91 -5.95 -30.33
CA GLU D 747 4.60 -6.22 -28.93
C GLU D 747 3.09 -6.27 -28.73
N THR D 751 4.63 -11.77 -26.74
CA THR D 751 4.94 -12.94 -27.54
C THR D 751 4.03 -13.00 -28.76
N GLU D 752 3.98 -11.90 -29.50
CA GLU D 752 3.16 -11.80 -30.70
C GLU D 752 3.95 -11.63 -31.98
N GLU D 753 5.13 -11.01 -31.92
CA GLU D 753 5.98 -10.88 -33.09
C GLU D 753 6.41 -12.25 -33.61
N ASN D 754 6.79 -13.14 -32.70
CA ASN D 754 7.17 -14.50 -33.09
C ASN D 754 5.94 -15.38 -33.25
N PHE D 755 4.96 -14.90 -34.04
CA PHE D 755 3.77 -15.67 -34.35
C PHE D 755 3.54 -15.63 -35.85
N LYS D 756 3.94 -14.53 -36.49
CA LYS D 756 3.84 -14.42 -37.94
C LYS D 756 4.94 -15.21 -38.64
N GLU D 757 6.11 -15.34 -38.02
CA GLU D 757 7.17 -16.15 -38.62
C GLU D 757 6.79 -17.62 -38.66
N LEU D 758 6.12 -18.12 -37.62
CA LEU D 758 5.70 -19.51 -37.61
C LEU D 758 4.67 -19.79 -38.70
N LYS D 759 3.78 -18.84 -38.97
CA LYS D 759 2.83 -19.00 -40.07
C LYS D 759 3.52 -18.86 -41.42
N GLN D 760 4.51 -17.97 -41.52
CA GLN D 760 5.23 -17.81 -42.78
C GLN D 760 6.01 -19.06 -43.14
N ASP D 761 6.58 -19.73 -42.13
CA ASP D 761 7.34 -20.96 -42.39
C ASP D 761 6.44 -22.03 -42.99
N ILE D 762 5.27 -22.26 -42.39
CA ILE D 762 4.37 -23.30 -42.91
C ILE D 762 3.77 -22.86 -44.24
N SER D 763 3.56 -21.56 -44.45
CA SER D 763 3.10 -21.09 -45.75
C SER D 763 4.12 -21.38 -46.84
N SER D 764 5.40 -21.12 -46.56
CA SER D 764 6.44 -21.42 -47.53
C SER D 764 6.55 -22.92 -47.77
N PHE D 765 6.39 -23.72 -46.72
CA PHE D 765 6.41 -25.17 -46.87
C PHE D 765 5.26 -25.63 -47.79
N ARG D 766 4.06 -25.09 -47.57
CA ARG D 766 2.91 -25.46 -48.38
C ARG D 766 3.11 -25.04 -49.83
N TYR D 767 3.64 -23.84 -50.06
CA TYR D 767 3.91 -23.38 -51.41
C TYR D 767 4.94 -24.26 -52.11
N GLU D 768 6.00 -24.64 -51.39
CA GLU D 768 7.02 -25.53 -51.96
C GLU D 768 6.43 -26.89 -52.32
N VAL D 769 5.63 -27.46 -51.43
CA VAL D 769 5.01 -28.76 -51.71
C VAL D 769 4.10 -28.66 -52.92
N ILE D 770 3.33 -27.58 -53.04
CA ILE D 770 2.49 -27.40 -54.20
C ILE D 770 3.33 -27.28 -55.47
N GLY D 771 4.42 -26.52 -55.40
CA GLY D 771 5.26 -26.34 -56.57
C GLY D 771 5.87 -27.63 -57.07
N MET D 772 6.40 -28.45 -56.15
CA MET D 772 6.94 -29.75 -56.56
C MET D 772 5.82 -30.68 -57.03
N MET D 773 4.68 -30.67 -56.35
CA MET D 773 3.56 -31.52 -56.71
C MET D 773 2.60 -30.78 -57.64
#